data_7UZ9
#
_entry.id   7UZ9
#
_cell.length_a   1.00
_cell.length_b   1.00
_cell.length_c   1.00
_cell.angle_alpha   90.00
_cell.angle_beta   90.00
_cell.angle_gamma   90.00
#
_symmetry.space_group_name_H-M   'P 1'
#
loop_
_entity.id
_entity.type
_entity.pdbx_description
1 polymer 'Spike glycoprotein'
2 polymer 'M8a-34 Fab heavy chain'
3 polymer 'M8a-34 Fab light chain'
4 non-polymer 2-acetamido-2-deoxy-beta-D-glucopyranose
#
loop_
_entity_poly.entity_id
_entity_poly.type
_entity_poly.pdbx_seq_one_letter_code
_entity_poly.pdbx_strand_id
1 'polypeptide(L)'
;MFVFLVLLPLVSSQCVNLTTRTQLPPAYTNSFTRGVYYPDKVFRSSVLHSTQDLFLPFFSNVTWFHAIHVSGTNGTKRFD
NPVLPFNDGVYFASTEKSNIIRGWIFGTTLDSKTQSLLIVNNATNVVIKVCEFQFCNDPFLGVYYHKNNKSWMESEFRVY
SSANNCTFEYVSQPFLMDLEGKQGNFKNLREFVFKNIDGYFKIYSKHTPINLVRDLPQGFSALEPLVDLPIGINITRFQT
LLALHRSYLTPGDSSSGWTAGAAAYYVGYLQPRTFLLKYNENGTITDAVDCALDPLSETKCTLKSFTVEKGIYQTSNFRV
QPTESIVRFPNITNLCPFGEVFNATRFASVYAWNRKRISNCVADYSVLYNSASFSTFKCYGVSPTKLNDLCFTNVYADSF
VIRGDEVRQIAPGQTGKIADYNYKLPDDFTGCVIAWNSNNLDSKVGGNYNYLYRLFRKSNLKPFERDISTEIYQAGSTPC
NGVEGFNCYFPLQSYGFQPTNGVGYQPYRVVVLSFELLHAPATVCGPKKSTNLVKNKCVNFNFNGLTGTGVLTESNKKFL
PFQQFGRDIADTTDAVRDPQTLEILDITPCSFGGVSVITPGTNTSNQVAVLYQDVNCTEVPVAIHADQLTPTWRVYSTGS
NVFQTRAGCLIGAEHVNNSYECDIPIGAGICASYQTQTNSPASVASQSIIAYTMSLGAENSVAYSNNSIAIPTNFTISVT
TEILPVSMTKTSVDCTMYICGDSTECSNLLLQYGSFCTQLNRALTGIAVEQDKNTQEVFAQVKQIYKTPPIKDFGGFNFS
QILPDPSKPSKRSPIEDLLFNKVTLADAGFIKQYGDCLGDIAARDLICAQKFNGLTVLPPLLTDEMIAQYTSALLAGTIT
SGWTFGAGPALQIPFPMQMAYRFNGIGVTQNVLYENQKLIANQFNSAIGKIQDSLSSTPSALGKLQDVVNQNAQALNTLV
KQLSSNFGAISSVLNDILSRLDPPEAEVQIDRLITGRLQSLQTYVTQQLIRAAEIRASANLAATKMSECVLGQSKRVDFC
GKGYHLMSFPQSAPHGVVFLHVTYVPAQEKNFTTAPAICHDGKAHFPREGVFVSNGTHWFVTQRNFYEPQIITTDNTFVS
GNCDVVIGIVNNTVYDPLQPELDSFKEELDKYFKNHTSPDVDLGDISGINASVVNIQKEIDRLNEVAKNLNESLIDLQEL
GKYEQYIKWPSGRLVPRGSPGSGYIPEAPRDGQAYVRKDGEWVLLSTFLGHHHHHH
;
A,B,C
2 'polypeptide(L)'
;QVQLQQPGAELVKPGASVKMSCKASGYTFITYWITWVKQRPGQGLEWIGDIYPGGGRTNYNEKFKSKATLTVDTSSSTAY
MQLRSLTSEDSAVYYCARYDGNYVGYYYAMDYWGQGTSVTVSSASTKGPSVFPLAPSSKSTSGGTAALGCLVKDYFPEPV
TVSWNSGALTSGVHTFPAVLQSSGLYSLSSVVTVPSSSLGTQTYICNVNHKPSNTKVDKRVEPKSCDKTHHHHHH
;
H,M,P
3 'polypeptide(L)'
;DIVLTQSPVSLAVSLGQRATISCRASESVDFYGNSFIYWYQQKPGQAPKLLIYRASNLESGIPARFSGSGSRTDFTLTIH
PVEADDVATYYCQQSIEDPRTFGGGTKLEIKRTVAAPSVFIFPPSDEQLKSGTASVVCLLNNFYPREAKVQWKVDNALQS
GNSQESVTEQDSKDSTYSLSSTLTLSKADYEKHKVYACEVTHQGLSSPVTKSFNRGEC
;
L,N,Q
#
loop_
_chem_comp.id
_chem_comp.type
_chem_comp.name
_chem_comp.formula
NAG D-saccharide, beta linking 2-acetamido-2-deoxy-beta-D-glucopyranose 'C8 H15 N O6'
#
# COMPACT_ATOMS: atom_id res chain seq x y z
N PRO A 26 44.33 31.91 -17.74
CA PRO A 26 43.41 31.31 -16.76
C PRO A 26 44.12 30.47 -15.71
N ALA A 27 44.62 31.12 -14.66
CA ALA A 27 45.29 30.41 -13.59
C ALA A 27 44.29 29.59 -12.78
N TYR A 28 44.81 28.67 -11.98
CA TYR A 28 43.99 27.76 -11.20
C TYR A 28 44.45 27.76 -9.75
N THR A 29 43.49 27.76 -8.83
CA THR A 29 43.78 27.68 -7.40
C THR A 29 42.71 26.81 -6.73
N ASN A 30 43.07 26.14 -5.63
CA ASN A 30 42.17 25.25 -4.92
C ASN A 30 41.02 26.04 -4.30
N SER A 31 39.87 25.38 -4.16
CA SER A 31 38.74 26.02 -3.50
C SER A 31 39.05 26.32 -2.04
N PHE A 32 39.93 25.51 -1.43
CA PHE A 32 40.42 25.75 -0.08
C PHE A 32 39.28 25.77 0.94
N THR A 33 38.49 24.69 0.95
CA THR A 33 37.42 24.42 1.94
C THR A 33 36.63 25.68 2.31
N ARG A 34 36.21 26.41 1.29
CA ARG A 34 35.33 27.56 1.47
C ARG A 34 34.23 27.53 0.44
N GLY A 35 33.11 28.18 0.76
CA GLY A 35 31.99 28.28 -0.13
C GLY A 35 30.67 27.76 0.40
N VAL A 36 30.51 27.64 1.72
CA VAL A 36 29.27 27.11 2.28
C VAL A 36 28.37 28.26 2.68
N TYR A 37 27.13 28.24 2.20
CA TYR A 37 26.12 29.22 2.55
C TYR A 37 24.95 28.54 3.26
N TYR A 38 24.08 29.35 3.84
CA TYR A 38 22.92 28.82 4.54
C TYR A 38 21.94 28.22 3.54
N PRO A 39 21.57 26.94 3.69
CA PRO A 39 20.60 26.35 2.77
C PRO A 39 19.25 27.03 2.80
N ASP A 40 18.85 27.54 3.96
CA ASP A 40 17.56 28.21 4.12
C ASP A 40 17.68 29.16 5.29
N LYS A 41 16.54 29.68 5.76
CA LYS A 41 16.50 30.54 6.92
C LYS A 41 16.33 29.77 8.23
N VAL A 42 16.32 28.44 8.16
CA VAL A 42 16.08 27.63 9.34
C VAL A 42 17.30 27.66 10.25
N PHE A 43 17.06 27.57 11.56
CA PHE A 43 18.11 27.54 12.57
C PHE A 43 18.02 26.24 13.36
N ARG A 44 19.17 25.66 13.67
CA ARG A 44 19.25 24.46 14.47
C ARG A 44 20.33 24.65 15.53
N SER A 45 20.15 23.97 16.67
CA SER A 45 21.06 24.07 17.80
C SER A 45 21.75 22.74 18.01
N SER A 46 23.03 22.66 17.64
CA SER A 46 23.83 21.43 17.77
C SER A 46 23.14 20.26 17.10
N VAL A 47 22.59 20.50 15.91
CA VAL A 47 21.86 19.51 15.14
C VAL A 47 22.60 19.31 13.82
N LEU A 48 22.84 18.06 13.46
CA LEU A 48 23.47 17.73 12.19
C LEU A 48 22.38 17.44 11.17
N HIS A 49 22.33 18.23 10.10
CA HIS A 49 21.32 18.09 9.07
C HIS A 49 22.00 17.72 7.75
N SER A 50 21.38 16.80 7.01
CA SER A 50 21.83 16.42 5.68
C SER A 50 20.94 17.08 4.65
N THR A 51 21.54 17.85 3.74
CA THR A 51 20.78 18.56 2.73
C THR A 51 21.57 18.57 1.43
N GLN A 52 20.86 18.74 0.31
CA GLN A 52 21.47 18.77 -1.01
C GLN A 52 20.97 20.00 -1.76
N ASP A 53 21.89 20.71 -2.39
CA ASP A 53 21.56 21.88 -3.20
C ASP A 53 22.81 22.22 -4.01
N LEU A 54 22.76 23.34 -4.73
CA LEU A 54 23.93 23.82 -5.45
C LEU A 54 24.98 24.35 -4.48
N PHE A 55 26.16 23.75 -4.49
CA PHE A 55 27.30 24.27 -3.76
C PHE A 55 28.56 24.07 -4.59
N LEU A 56 29.60 24.80 -4.20
CA LEU A 56 30.93 24.54 -4.74
C LEU A 56 31.45 23.22 -4.20
N PRO A 57 31.85 22.28 -5.05
CA PRO A 57 32.45 21.04 -4.54
C PRO A 57 33.70 21.34 -3.74
N PHE A 58 33.88 20.59 -2.66
CA PHE A 58 35.02 20.81 -1.78
C PHE A 58 36.31 20.41 -2.48
N PHE A 59 37.37 21.17 -2.21
CA PHE A 59 38.69 20.97 -2.80
C PHE A 59 38.61 20.94 -4.32
N SER A 60 37.88 21.90 -4.89
CA SER A 60 37.75 22.02 -6.33
C SER A 60 38.72 23.06 -6.86
N ASN A 61 38.64 23.34 -8.16
CA ASN A 61 39.55 24.25 -8.84
C ASN A 61 38.83 25.57 -9.10
N VAL A 62 39.49 26.67 -8.76
CA VAL A 62 38.95 28.01 -8.92
C VAL A 62 39.83 28.77 -9.90
N THR A 63 39.22 29.34 -10.93
CA THR A 63 39.97 30.08 -11.94
C THR A 63 40.29 31.48 -11.44
N TRP A 64 41.57 31.73 -11.14
CA TRP A 64 41.99 33.01 -10.55
C TRP A 64 42.42 33.96 -11.66
N PHE A 65 41.42 34.62 -12.24
CA PHE A 65 41.67 35.55 -13.33
C PHE A 65 42.32 36.83 -12.81
N HIS A 66 43.03 37.52 -13.70
CA HIS A 66 43.71 38.76 -13.36
C HIS A 66 42.98 40.01 -13.85
N ALA A 67 42.04 39.86 -14.77
CA ALA A 67 41.26 40.98 -15.34
C ALA A 67 42.26 42.00 -15.89
N ILE A 68 42.11 43.29 -15.57
CA ILE A 68 43.05 44.29 -16.06
C ILE A 68 44.34 44.23 -15.26
N HIS A 69 45.46 44.09 -15.95
CA HIS A 69 46.78 44.08 -15.33
C HIS A 69 47.65 45.14 -15.99
N VAL A 70 48.33 45.93 -15.16
CA VAL A 70 49.21 46.97 -15.67
C VAL A 70 50.54 46.35 -16.11
N SER A 71 50.91 46.60 -17.36
CA SER A 71 52.16 46.06 -17.90
C SER A 71 53.36 46.91 -17.48
N ASN A 74 55.81 51.06 -18.78
CA ASN A 74 54.85 50.67 -19.81
C ASN A 74 53.46 51.19 -19.48
N GLY A 75 52.85 50.62 -18.44
CA GLY A 75 51.52 51.02 -18.04
C GLY A 75 50.47 50.74 -19.09
N THR A 76 50.51 49.54 -19.67
CA THR A 76 49.58 49.14 -20.72
C THR A 76 48.48 48.27 -20.13
N LYS A 77 47.23 48.66 -20.37
CA LYS A 77 46.09 47.91 -19.86
C LYS A 77 45.98 46.57 -20.58
N ARG A 78 45.51 45.56 -19.84
CA ARG A 78 45.26 44.23 -20.39
C ARG A 78 43.83 43.82 -19.98
N PHE A 79 42.86 44.22 -20.80
CA PHE A 79 41.47 43.94 -20.50
C PHE A 79 41.19 42.45 -20.61
N ASP A 80 40.84 41.82 -19.49
CA ASP A 80 40.63 40.37 -19.43
C ASP A 80 39.37 40.05 -18.65
N ASN A 81 38.26 40.72 -18.97
CA ASN A 81 36.99 40.42 -18.34
C ASN A 81 36.07 39.74 -19.34
N PRO A 82 36.03 38.40 -19.39
CA PRO A 82 35.17 37.72 -20.36
C PRO A 82 33.80 37.42 -19.79
N VAL A 83 32.89 36.93 -20.63
CA VAL A 83 31.55 36.58 -20.18
C VAL A 83 31.55 35.10 -19.78
N LEU A 84 31.80 34.85 -18.50
CA LEU A 84 31.90 33.48 -18.03
C LEU A 84 30.50 32.85 -17.97
N PRO A 85 30.37 31.56 -18.29
CA PRO A 85 29.05 30.92 -18.21
C PRO A 85 28.58 30.78 -16.77
N PHE A 86 27.41 31.38 -16.50
CA PHE A 86 26.86 31.33 -15.14
C PHE A 86 26.50 29.91 -14.73
N ASN A 87 25.90 29.14 -15.64
CA ASN A 87 25.47 27.77 -15.37
C ASN A 87 24.48 27.83 -14.20
N ASP A 88 24.72 27.10 -13.10
CA ASP A 88 23.88 27.16 -11.92
C ASP A 88 24.77 27.48 -10.72
N GLY A 89 25.03 28.77 -10.52
CA GLY A 89 25.81 29.20 -9.37
C GLY A 89 27.24 29.59 -9.68
N VAL A 90 27.68 30.73 -9.14
CA VAL A 90 29.07 31.16 -9.22
C VAL A 90 29.51 31.60 -7.83
N TYR A 91 30.60 31.02 -7.34
CA TYR A 91 31.22 31.47 -6.09
C TYR A 91 32.22 32.58 -6.40
N PHE A 92 31.70 33.79 -6.55
CA PHE A 92 32.54 34.95 -6.76
C PHE A 92 33.25 35.33 -5.47
N ALA A 93 34.44 35.90 -5.60
CA ALA A 93 35.20 36.36 -4.45
C ALA A 93 36.21 37.40 -4.90
N SER A 94 36.45 38.39 -4.05
CA SER A 94 37.39 39.46 -4.34
C SER A 94 38.22 39.76 -3.12
N THR A 95 39.52 39.96 -3.33
CA THR A 95 40.45 40.35 -2.28
C THR A 95 40.94 41.78 -2.43
N GLU A 96 40.36 42.55 -3.35
CA GLU A 96 40.81 43.91 -3.59
C GLU A 96 40.50 44.80 -2.38
N LYS A 97 41.52 45.52 -1.91
CA LYS A 97 41.36 46.44 -0.81
C LYS A 97 41.00 47.86 -1.24
N SER A 98 40.98 48.12 -2.54
CA SER A 98 40.62 49.43 -3.08
C SER A 98 39.20 49.49 -3.60
N ASN A 99 38.39 48.46 -3.37
CA ASN A 99 37.00 48.41 -3.81
C ASN A 99 36.90 48.58 -5.33
N ILE A 100 37.85 47.98 -6.06
CA ILE A 100 37.81 48.05 -7.51
C ILE A 100 36.64 47.24 -8.05
N ILE A 101 36.33 46.11 -7.41
CA ILE A 101 35.17 45.32 -7.80
C ILE A 101 33.91 46.11 -7.53
N ARG A 102 33.12 46.35 -8.58
CA ARG A 102 31.91 47.17 -8.49
C ARG A 102 30.80 46.48 -9.30
N GLY A 103 30.05 45.60 -8.66
CA GLY A 103 28.86 45.03 -9.27
C GLY A 103 29.15 43.88 -10.22
N TRP A 104 28.06 43.34 -10.77
CA TRP A 104 28.11 42.21 -11.68
C TRP A 104 26.96 42.30 -12.67
N ILE A 105 27.11 41.62 -13.81
CA ILE A 105 26.10 41.60 -14.85
C ILE A 105 25.66 40.15 -15.06
N PHE A 106 24.35 39.93 -15.06
CA PHE A 106 23.76 38.62 -15.31
C PHE A 106 22.80 38.72 -16.47
N GLY A 107 22.87 37.77 -17.39
CA GLY A 107 21.95 37.76 -18.51
C GLY A 107 21.96 36.44 -19.25
N THR A 108 20.82 36.13 -19.86
CA THR A 108 20.71 34.95 -20.71
C THR A 108 21.53 35.12 -21.99
N THR A 109 21.37 36.27 -22.66
CA THR A 109 22.09 36.55 -23.89
C THR A 109 22.89 37.84 -23.77
N LEU A 110 22.72 38.60 -22.68
CA LEU A 110 23.47 39.83 -22.46
C LEU A 110 23.20 40.82 -23.59
N ASP A 111 21.91 41.00 -23.91
CA ASP A 111 21.47 41.83 -25.02
C ASP A 111 20.14 42.48 -24.68
N SER A 112 19.71 43.38 -25.56
CA SER A 112 18.43 44.07 -25.34
C SER A 112 17.24 43.15 -25.63
N LYS A 113 17.46 42.12 -26.46
CA LYS A 113 16.36 41.23 -26.81
C LYS A 113 15.84 40.45 -25.60
N THR A 114 16.75 40.02 -24.74
CA THR A 114 16.41 39.24 -23.56
C THR A 114 16.49 40.10 -22.30
N GLN A 115 15.66 39.76 -21.31
CA GLN A 115 15.69 40.46 -20.05
C GLN A 115 17.05 40.28 -19.38
N SER A 116 17.62 41.39 -18.89
CA SER A 116 18.98 41.41 -18.37
C SER A 116 18.99 41.87 -16.93
N LEU A 117 19.82 41.23 -16.12
CA LEU A 117 19.99 41.62 -14.72
C LEU A 117 21.28 42.43 -14.56
N LEU A 118 21.18 43.56 -13.87
CA LEU A 118 22.30 44.48 -13.69
C LEU A 118 22.43 44.82 -12.22
N ILE A 119 23.66 44.79 -11.71
CA ILE A 119 23.96 45.15 -10.33
C ILE A 119 25.10 46.14 -10.32
N VAL A 120 24.89 47.29 -9.69
CA VAL A 120 25.93 48.28 -9.46
C VAL A 120 25.85 48.74 -8.00
N ASN A 121 27.01 48.82 -7.35
CA ASN A 121 27.12 49.20 -5.95
C ASN A 121 27.94 50.48 -5.87
N ASN A 122 27.28 51.64 -5.87
CA ASN A 122 28.02 52.88 -5.69
C ASN A 122 28.05 53.28 -4.22
N ALA A 123 28.78 54.35 -3.93
CA ALA A 123 29.15 54.67 -2.55
C ALA A 123 27.93 54.86 -1.66
N THR A 124 26.84 55.39 -2.21
CA THR A 124 25.66 55.65 -1.39
C THR A 124 24.88 54.36 -1.13
N ASN A 125 24.38 53.72 -2.18
CA ASN A 125 23.50 52.56 -2.01
C ASN A 125 23.65 51.65 -3.22
N VAL A 126 23.20 50.41 -3.04
CA VAL A 126 23.21 49.44 -4.13
C VAL A 126 22.14 49.82 -5.15
N VAL A 127 22.49 49.71 -6.43
CA VAL A 127 21.58 50.01 -7.53
C VAL A 127 21.33 48.70 -8.28
N ILE A 128 20.11 48.20 -8.23
CA ILE A 128 19.70 47.00 -8.93
C ILE A 128 18.54 47.35 -9.84
N LYS A 129 18.76 47.25 -11.15
CA LYS A 129 17.75 47.62 -12.14
C LYS A 129 17.58 46.46 -13.12
N VAL A 130 16.33 46.08 -13.38
CA VAL A 130 16.00 44.95 -14.23
C VAL A 130 15.23 45.47 -15.44
N CYS A 131 15.92 45.62 -16.56
CA CYS A 131 15.32 46.08 -17.80
C CYS A 131 16.01 45.38 -18.96
N GLU A 132 15.52 45.65 -20.17
CA GLU A 132 16.13 45.11 -21.38
C GLU A 132 17.30 45.99 -21.82
N PHE A 133 18.36 45.99 -21.02
CA PHE A 133 19.54 46.77 -21.35
C PHE A 133 20.23 46.20 -22.58
N GLN A 134 20.79 47.08 -23.40
CA GLN A 134 21.65 46.67 -24.52
C GLN A 134 23.09 46.93 -24.12
N PHE A 135 23.70 45.95 -23.46
CA PHE A 135 25.07 46.11 -22.99
C PHE A 135 26.05 46.05 -24.17
N CYS A 136 27.05 46.92 -24.12
CA CYS A 136 28.13 46.85 -25.10
C CYS A 136 29.06 45.69 -24.79
N ASN A 137 29.90 45.35 -25.77
CA ASN A 137 30.80 44.21 -25.61
C ASN A 137 31.82 44.46 -24.51
N ASP A 138 32.22 45.71 -24.31
CA ASP A 138 33.19 46.05 -23.28
C ASP A 138 32.48 46.75 -22.13
N PRO A 139 32.04 46.03 -21.10
CA PRO A 139 31.32 46.70 -20.00
C PRO A 139 32.26 47.34 -19.00
N PHE A 140 32.15 48.66 -18.82
CA PHE A 140 32.96 49.40 -17.88
C PHE A 140 32.14 50.54 -17.31
N LEU A 141 32.31 50.78 -16.01
CA LEU A 141 31.59 51.83 -15.31
C LEU A 141 32.54 53.00 -15.11
N GLY A 142 32.47 53.99 -15.99
CA GLY A 142 33.40 55.09 -15.95
C GLY A 142 33.13 56.02 -14.78
N VAL A 143 34.18 56.61 -14.25
CA VAL A 143 34.09 57.66 -13.24
C VAL A 143 34.98 58.81 -13.67
N TYR A 144 34.71 60.01 -13.15
CA TYR A 144 35.51 61.19 -13.44
C TYR A 144 36.00 61.78 -12.13
N TYR A 145 37.27 62.16 -12.10
CA TYR A 145 37.83 62.76 -10.90
C TYR A 145 37.48 64.24 -10.82
N HIS A 146 36.92 64.65 -9.69
CA HIS A 146 36.52 66.02 -9.46
C HIS A 146 37.51 66.66 -8.50
N LYS A 147 38.12 67.76 -8.92
CA LYS A 147 39.12 68.43 -8.09
C LYS A 147 38.49 69.03 -6.83
N ASN A 148 37.27 69.57 -6.96
CA ASN A 148 36.61 70.17 -5.82
C ASN A 148 36.30 69.13 -4.74
N ASN A 149 35.82 67.96 -5.15
CA ASN A 149 35.44 66.91 -4.22
C ASN A 149 36.57 65.96 -3.89
N LYS A 150 37.63 65.92 -4.70
CA LYS A 150 38.79 65.06 -4.47
C LYS A 150 38.39 63.59 -4.36
N SER A 151 37.43 63.17 -5.18
CA SER A 151 36.96 61.79 -5.17
C SER A 151 36.52 61.42 -6.58
N TRP A 152 36.48 60.11 -6.85
CA TRP A 152 36.15 59.59 -8.17
C TRP A 152 34.69 59.12 -8.21
N MET A 153 33.79 60.11 -8.24
CA MET A 153 32.36 59.78 -8.32
C MET A 153 32.02 59.24 -9.70
N GLU A 154 30.95 58.43 -9.74
CA GLU A 154 30.52 57.76 -10.97
C GLU A 154 30.16 58.80 -12.02
N SER A 155 30.72 58.65 -13.22
CA SER A 155 30.43 59.60 -14.29
C SER A 155 29.16 59.23 -15.04
N GLU A 156 29.14 58.04 -15.65
CA GLU A 156 28.00 57.61 -16.44
C GLU A 156 27.99 56.09 -16.49
N PHE A 157 26.80 55.53 -16.60
CA PHE A 157 26.60 54.10 -16.69
C PHE A 157 26.77 53.68 -18.15
N ARG A 158 28.01 53.44 -18.55
CA ARG A 158 28.35 53.15 -19.93
C ARG A 158 28.31 51.67 -20.26
N VAL A 159 27.99 50.81 -19.29
CA VAL A 159 27.99 49.37 -19.55
C VAL A 159 26.87 49.00 -20.52
N TYR A 160 25.74 49.69 -20.44
CA TYR A 160 24.62 49.45 -21.34
C TYR A 160 24.41 50.67 -22.23
N SER A 161 23.91 50.43 -23.44
CA SER A 161 23.57 51.53 -24.33
C SER A 161 22.29 52.24 -23.87
N SER A 162 21.27 51.47 -23.50
CA SER A 162 19.98 52.06 -23.13
C SER A 162 19.20 51.08 -22.27
N ALA A 163 18.12 51.58 -21.67
CA ALA A 163 17.22 50.79 -20.85
C ALA A 163 15.84 50.79 -21.48
N ASN A 164 15.25 49.60 -21.61
CA ASN A 164 13.96 49.43 -22.26
C ASN A 164 13.18 48.33 -21.54
N ASN A 165 11.86 48.49 -21.51
CA ASN A 165 10.95 47.50 -20.90
C ASN A 165 11.39 47.13 -19.48
N CYS A 166 11.51 48.14 -18.63
CA CYS A 166 11.88 47.89 -17.24
C CYS A 166 10.78 47.13 -16.52
N THR A 167 11.19 46.11 -15.76
CA THR A 167 10.26 45.22 -15.06
C THR A 167 10.40 45.30 -13.55
N PHE A 168 11.61 45.16 -13.02
CA PHE A 168 11.85 45.14 -11.59
C PHE A 168 12.91 46.17 -11.22
N GLU A 169 12.71 46.85 -10.10
CA GLU A 169 13.67 47.81 -9.59
C GLU A 169 13.75 47.65 -8.07
N TYR A 170 14.97 47.65 -7.53
CA TYR A 170 15.17 47.44 -6.10
C TYR A 170 16.35 48.27 -5.63
N VAL A 171 16.17 48.93 -4.48
CA VAL A 171 17.22 49.73 -3.85
C VAL A 171 17.30 49.32 -2.39
N SER A 172 18.53 49.21 -1.88
CA SER A 172 18.74 48.82 -0.50
C SER A 172 20.10 49.35 -0.04
N GLN A 173 20.49 48.97 1.15
CA GLN A 173 21.80 49.39 1.66
C GLN A 173 22.90 48.65 0.90
N PRO A 174 24.03 49.30 0.62
CA PRO A 174 25.08 48.67 -0.17
C PRO A 174 25.74 47.52 0.59
N PHE A 175 26.18 46.51 -0.17
CA PHE A 175 26.84 45.35 0.43
C PHE A 175 28.26 45.12 -0.08
N LEU A 176 28.65 45.72 -1.20
CA LEU A 176 29.93 45.40 -1.84
C LEU A 176 31.05 46.36 -1.46
N MET A 177 30.78 47.33 -0.60
CA MET A 177 31.80 48.23 -0.06
C MET A 177 31.86 48.07 1.44
N ASP A 178 33.09 47.98 1.97
CA ASP A 178 33.35 47.88 3.41
C ASP A 178 32.69 46.65 4.03
N LYS A 187 43.48 43.52 2.56
CA LYS A 187 43.68 42.56 3.65
C LYS A 187 42.35 41.95 4.08
N ASN A 188 41.27 42.34 3.41
CA ASN A 188 39.94 41.85 3.70
C ASN A 188 39.41 41.07 2.50
N LEU A 189 38.89 39.87 2.76
CA LEU A 189 38.37 38.99 1.72
C LEU A 189 36.85 38.99 1.78
N ARG A 190 36.22 39.11 0.62
CA ARG A 190 34.77 39.21 0.51
C ARG A 190 34.26 38.14 -0.44
N GLU A 191 33.25 37.40 0.00
CA GLU A 191 32.77 36.22 -0.72
C GLU A 191 31.28 36.35 -0.99
N PHE A 192 30.84 35.79 -2.10
CA PHE A 192 29.44 35.87 -2.54
C PHE A 192 29.11 34.61 -3.33
N VAL A 193 27.93 34.05 -3.08
CA VAL A 193 27.38 32.96 -3.89
C VAL A 193 26.14 33.48 -4.59
N PHE A 194 26.10 33.31 -5.90
CA PHE A 194 25.03 33.82 -6.74
C PHE A 194 24.26 32.64 -7.33
N LYS A 195 22.95 32.60 -7.08
CA LYS A 195 22.16 31.45 -7.47
C LYS A 195 20.79 31.91 -7.98
N ASN A 196 20.31 31.22 -9.01
CA ASN A 196 19.00 31.49 -9.62
C ASN A 196 18.23 30.18 -9.69
N ILE A 197 17.23 30.03 -8.82
CA ILE A 197 16.41 28.82 -8.77
C ILE A 197 14.95 29.23 -8.63
N ASP A 198 14.09 28.57 -9.40
CA ASP A 198 12.63 28.76 -9.36
C ASP A 198 12.23 30.24 -9.37
N GLY A 199 12.95 31.02 -10.18
CA GLY A 199 12.62 32.43 -10.32
C GLY A 199 13.02 33.29 -9.15
N TYR A 200 14.00 32.85 -8.37
CA TYR A 200 14.53 33.65 -7.26
C TYR A 200 16.04 33.80 -7.44
N PHE A 201 16.51 35.04 -7.32
CA PHE A 201 17.92 35.37 -7.40
C PHE A 201 18.39 35.74 -6.00
N LYS A 202 19.35 34.99 -5.47
CA LYS A 202 19.74 35.10 -4.07
C LYS A 202 21.20 35.49 -3.97
N ILE A 203 21.51 36.44 -3.09
CA ILE A 203 22.86 36.93 -2.87
C ILE A 203 23.17 36.83 -1.38
N TYR A 204 24.32 36.27 -1.05
CA TYR A 204 24.76 36.08 0.34
C TYR A 204 26.14 36.71 0.50
N SER A 205 26.36 37.37 1.64
CA SER A 205 27.59 38.13 1.86
C SER A 205 28.21 37.77 3.19
N LYS A 206 29.55 37.80 3.24
CA LYS A 206 30.31 37.59 4.45
C LYS A 206 31.70 38.17 4.27
N HIS A 207 32.18 38.86 5.29
CA HIS A 207 33.45 39.56 5.24
C HIS A 207 34.39 38.94 6.27
N THR A 208 35.63 38.67 5.85
CA THR A 208 36.62 38.09 6.73
C THR A 208 38.01 38.62 6.38
N PRO A 209 38.71 39.23 7.33
CA PRO A 209 40.09 39.66 7.06
C PRO A 209 41.00 38.45 6.82
N ILE A 210 42.01 38.66 5.98
CA ILE A 210 42.95 37.60 5.63
C ILE A 210 44.36 38.17 5.60
N ASN A 211 45.31 37.42 6.17
CA ASN A 211 46.71 37.84 6.12
C ASN A 211 47.32 37.62 4.74
N LEU A 212 47.01 36.48 4.12
CA LEU A 212 47.57 36.12 2.82
C LEU A 212 46.55 36.42 1.74
N VAL A 213 46.75 37.54 1.03
CA VAL A 213 45.78 37.97 0.02
C VAL A 213 45.81 37.03 -1.18
N ARG A 214 46.98 36.53 -1.55
CA ARG A 214 47.11 35.76 -2.79
C ARG A 214 46.33 34.45 -2.72
N ASP A 215 46.32 33.80 -1.56
CA ASP A 215 45.67 32.50 -1.39
C ASP A 215 44.40 32.65 -0.56
N LEU A 216 43.35 31.97 -0.98
CA LEU A 216 42.14 31.91 -0.19
C LEU A 216 42.42 31.16 1.10
N PRO A 217 41.88 31.59 2.24
CA PRO A 217 42.26 30.97 3.51
C PRO A 217 41.72 29.56 3.65
N GLN A 218 42.47 28.74 4.41
CA GLN A 218 42.04 27.38 4.72
C GLN A 218 41.25 27.40 6.03
N GLY A 219 40.26 28.28 6.07
CA GLY A 219 39.39 28.40 7.22
C GLY A 219 37.94 28.40 6.78
N PHE A 220 37.08 27.87 7.64
CA PHE A 220 35.67 27.69 7.34
C PHE A 220 34.90 28.87 7.91
N SER A 221 34.14 29.55 7.05
CA SER A 221 33.29 30.67 7.46
C SER A 221 31.97 30.57 6.73
N ALA A 222 30.87 30.66 7.46
CA ALA A 222 29.56 30.60 6.85
C ALA A 222 29.29 31.84 6.02
N LEU A 223 28.43 31.68 5.01
CA LEU A 223 28.04 32.78 4.14
C LEU A 223 26.55 33.07 4.37
N GLU A 224 26.27 34.06 5.21
CA GLU A 224 24.90 34.31 5.65
C GLU A 224 24.13 35.11 4.59
N PRO A 225 22.81 34.94 4.52
CA PRO A 225 22.03 35.70 3.54
C PRO A 225 21.94 37.17 3.92
N LEU A 226 21.94 38.02 2.90
CA LEU A 226 21.70 39.44 3.09
C LEU A 226 20.47 39.92 2.34
N VAL A 227 20.33 39.59 1.06
CA VAL A 227 19.21 40.02 0.24
C VAL A 227 18.73 38.84 -0.59
N ASP A 228 17.41 38.73 -0.72
CA ASP A 228 16.77 37.74 -1.58
C ASP A 228 15.88 38.50 -2.55
N LEU A 229 15.98 38.15 -3.84
CA LEU A 229 15.24 38.87 -4.86
C LEU A 229 14.45 37.90 -5.73
N PRO A 230 13.12 37.96 -5.71
CA PRO A 230 12.30 37.10 -6.58
C PRO A 230 12.03 37.75 -7.93
N ILE A 231 13.12 38.05 -8.66
CA ILE A 231 12.99 38.73 -9.94
C ILE A 231 12.34 37.80 -10.97
N GLY A 232 12.70 36.53 -10.95
CA GLY A 232 12.12 35.57 -11.88
C GLY A 232 12.48 35.80 -13.33
N ILE A 233 13.76 36.06 -13.61
CA ILE A 233 14.24 36.32 -14.95
C ILE A 233 15.33 35.30 -15.29
N ASN A 234 15.33 34.82 -16.52
CA ASN A 234 16.30 33.81 -16.95
C ASN A 234 17.69 34.42 -17.02
N ILE A 235 18.67 33.69 -16.49
CA ILE A 235 20.08 34.10 -16.52
C ILE A 235 20.92 32.88 -16.87
N THR A 236 21.78 33.01 -17.87
CA THR A 236 22.65 31.92 -18.30
C THR A 236 24.13 32.26 -18.29
N ARG A 237 24.52 33.52 -18.49
CA ARG A 237 25.92 33.91 -18.58
C ARG A 237 26.21 35.02 -17.58
N PHE A 238 27.45 35.02 -17.07
CA PHE A 238 27.87 35.90 -15.99
C PHE A 238 29.09 36.70 -16.42
N GLN A 239 29.14 37.96 -16.02
CA GLN A 239 30.28 38.83 -16.27
C GLN A 239 30.50 39.75 -15.09
N THR A 240 31.71 39.71 -14.53
CA THR A 240 32.06 40.67 -13.49
C THR A 240 32.22 42.06 -14.09
N LEU A 241 31.68 43.06 -13.42
CA LEU A 241 31.70 44.45 -13.88
C LEU A 241 32.74 45.20 -13.06
N LEU A 242 33.65 45.90 -13.74
CA LEU A 242 34.69 46.67 -13.08
C LEU A 242 34.52 48.14 -13.42
N ALA A 243 34.52 48.98 -12.40
CA ALA A 243 34.47 50.43 -12.63
C ALA A 243 35.84 50.93 -13.06
N LEU A 244 35.92 51.41 -14.29
CA LEU A 244 37.18 51.86 -14.87
C LEU A 244 37.18 53.39 -14.92
N HIS A 245 38.22 53.99 -14.37
CA HIS A 245 38.22 55.42 -14.07
C HIS A 245 38.38 56.26 -15.34
N ARG A 246 38.49 57.57 -15.15
CA ARG A 246 38.65 58.49 -16.27
C ARG A 246 39.94 58.22 -17.03
N SER A 247 40.93 57.63 -16.36
CA SER A 247 42.14 57.22 -17.04
C SER A 247 41.83 56.19 -18.12
N TYR A 248 40.94 55.24 -17.82
CA TYR A 248 40.52 54.28 -18.84
C TYR A 248 39.55 54.91 -19.83
N LEU A 249 38.79 55.91 -19.39
CA LEU A 249 37.85 56.57 -20.29
C LEU A 249 38.58 57.19 -21.48
N THR A 250 39.80 57.66 -21.26
CA THR A 250 40.62 58.09 -22.38
C THR A 250 40.96 56.89 -23.25
N PRO A 251 40.88 57.02 -24.58
CA PRO A 251 41.18 55.86 -25.45
C PRO A 251 42.62 55.37 -25.32
N GLY A 252 43.52 56.21 -24.83
CA GLY A 252 44.90 55.77 -24.66
C GLY A 252 45.01 54.72 -23.57
N ASP A 253 46.04 53.87 -23.69
CA ASP A 253 46.25 52.79 -22.74
C ASP A 253 46.97 53.22 -21.48
N SER A 254 47.39 54.49 -21.39
CA SER A 254 48.14 54.97 -20.24
C SER A 254 47.16 55.38 -19.14
N SER A 255 46.96 54.49 -18.17
CA SER A 255 46.09 54.76 -17.02
C SER A 255 46.96 55.23 -15.85
N SER A 256 47.60 56.37 -16.04
CA SER A 256 48.48 56.92 -15.02
C SER A 256 47.70 57.41 -13.81
N GLY A 257 46.52 57.97 -14.03
CA GLY A 257 45.77 58.56 -12.93
C GLY A 257 45.29 57.54 -11.91
N TRP A 258 44.81 56.40 -12.39
CA TRP A 258 44.22 55.38 -11.52
C TRP A 258 44.86 54.03 -11.78
N THR A 259 45.12 53.28 -10.71
CA THR A 259 45.77 51.98 -10.78
C THR A 259 44.70 50.89 -10.82
N ALA A 260 44.75 50.05 -11.85
CA ALA A 260 43.81 48.94 -12.01
C ALA A 260 44.50 47.58 -12.02
N GLY A 261 45.76 47.52 -11.57
CA GLY A 261 46.50 46.27 -11.66
C GLY A 261 45.94 45.17 -10.78
N ALA A 262 45.55 45.51 -9.55
CA ALA A 262 45.09 44.52 -8.58
C ALA A 262 43.61 44.22 -8.84
N ALA A 263 43.33 43.75 -10.06
CA ALA A 263 41.98 43.36 -10.45
C ALA A 263 41.84 41.84 -10.27
N ALA A 264 41.97 41.41 -9.02
CA ALA A 264 41.97 39.99 -8.68
C ALA A 264 40.58 39.58 -8.25
N TYR A 265 39.99 38.62 -8.96
CA TYR A 265 38.68 38.07 -8.61
C TYR A 265 38.67 36.59 -8.93
N TYR A 266 38.11 35.80 -8.01
CA TYR A 266 38.10 34.34 -8.10
C TYR A 266 36.72 33.88 -8.55
N VAL A 267 36.67 32.86 -9.39
CA VAL A 267 35.43 32.31 -9.92
C VAL A 267 35.43 30.80 -9.75
N GLY A 268 34.38 30.28 -9.13
CA GLY A 268 34.20 28.84 -9.04
C GLY A 268 32.78 28.48 -9.47
N TYR A 269 32.62 27.23 -9.87
CA TYR A 269 31.36 26.75 -10.43
C TYR A 269 30.72 25.73 -9.49
N LEU A 270 29.44 25.93 -9.21
CA LEU A 270 28.71 25.10 -8.25
C LEU A 270 28.18 23.83 -8.91
N GLN A 271 27.87 22.85 -8.08
CA GLN A 271 27.51 21.51 -8.51
C GLN A 271 26.60 20.89 -7.45
N PRO A 272 25.49 20.29 -7.85
CA PRO A 272 24.62 19.63 -6.86
C PRO A 272 25.35 18.53 -6.10
N ARG A 273 25.43 18.69 -4.79
CA ARG A 273 26.20 17.81 -3.94
C ARG A 273 25.46 17.61 -2.62
N THR A 274 25.82 16.55 -1.91
CA THR A 274 25.24 16.30 -0.58
C THR A 274 26.25 16.65 0.50
N PHE A 275 25.86 17.51 1.43
CA PHE A 275 26.74 17.94 2.51
C PHE A 275 26.15 17.59 3.87
N LEU A 276 27.01 17.72 4.89
CA LEU A 276 26.63 17.72 6.29
C LEU A 276 27.23 18.98 6.91
N LEU A 277 26.48 20.06 6.83
CA LEU A 277 26.87 21.27 7.54
C LEU A 277 26.43 21.19 8.99
N LYS A 278 27.21 21.82 9.87
CA LYS A 278 27.01 21.72 11.31
C LYS A 278 26.61 23.07 11.88
N TYR A 279 25.59 23.08 12.73
CA TYR A 279 25.15 24.28 13.42
C TYR A 279 25.55 24.20 14.89
N ASN A 280 26.06 25.30 15.42
CA ASN A 280 26.35 25.39 16.84
C ASN A 280 25.12 25.89 17.59
N GLU A 281 25.28 26.15 18.88
CA GLU A 281 24.16 26.65 19.68
C GLU A 281 23.72 28.04 19.23
N ASN A 282 24.67 28.91 18.86
CA ASN A 282 24.30 30.26 18.45
C ASN A 282 23.82 30.30 17.01
N GLY A 283 24.00 29.22 16.25
CA GLY A 283 23.47 29.13 14.91
C GLY A 283 24.44 29.49 13.79
N THR A 284 25.73 29.60 14.09
CA THR A 284 26.71 29.89 13.05
C THR A 284 27.38 28.60 12.59
N ILE A 285 27.45 28.40 11.28
CA ILE A 285 28.09 27.20 10.75
C ILE A 285 29.58 27.26 11.04
N THR A 286 30.12 26.17 11.59
CA THR A 286 31.55 26.12 11.91
C THR A 286 32.35 25.30 10.92
N ASP A 287 31.77 24.22 10.38
CA ASP A 287 32.48 23.39 9.40
C ASP A 287 31.47 22.46 8.72
N ALA A 288 31.90 21.89 7.60
CA ALA A 288 31.06 21.01 6.80
C ALA A 288 31.92 19.96 6.11
N VAL A 289 31.28 18.90 5.64
CA VAL A 289 31.96 17.77 5.01
C VAL A 289 31.25 17.43 3.72
N ASP A 290 32.01 17.33 2.63
CA ASP A 290 31.47 16.85 1.37
C ASP A 290 31.64 15.33 1.26
N CYS A 291 30.53 14.60 1.33
CA CYS A 291 30.63 13.15 1.25
C CYS A 291 30.80 12.67 -0.18
N ALA A 292 30.93 13.60 -1.12
CA ALA A 292 31.38 13.27 -2.47
C ALA A 292 32.88 13.45 -2.64
N LEU A 293 33.57 13.95 -1.61
CA LEU A 293 35.00 14.23 -1.74
C LEU A 293 35.83 12.96 -1.64
N ASP A 294 35.64 12.19 -0.58
CA ASP A 294 36.51 11.07 -0.26
C ASP A 294 35.71 10.01 0.48
N PRO A 295 36.14 8.75 0.42
CA PRO A 295 35.37 7.69 1.12
C PRO A 295 35.24 7.91 2.62
N LEU A 296 36.26 8.50 3.27
CA LEU A 296 36.11 8.84 4.68
C LEU A 296 34.99 9.85 4.87
N SER A 297 34.93 10.85 3.99
CA SER A 297 33.84 11.80 4.03
C SER A 297 32.51 11.12 3.73
N GLU A 298 32.53 10.07 2.90
CA GLU A 298 31.31 9.31 2.65
C GLU A 298 30.83 8.61 3.92
N THR A 299 31.75 8.06 4.70
CA THR A 299 31.38 7.46 5.97
C THR A 299 30.82 8.50 6.93
N LYS A 300 31.47 9.66 6.99
CA LYS A 300 30.93 10.76 7.80
C LYS A 300 29.51 11.10 7.37
N CYS A 301 29.28 11.11 6.06
CA CYS A 301 27.96 11.41 5.52
C CYS A 301 26.94 10.38 5.94
N THR A 302 27.32 9.10 5.89
CA THR A 302 26.37 8.03 6.22
C THR A 302 26.06 8.02 7.71
N LEU A 303 27.07 8.13 8.56
CA LEU A 303 26.84 8.04 10.00
C LEU A 303 26.45 9.37 10.63
N LYS A 304 26.40 10.45 9.85
CA LYS A 304 25.85 11.74 10.31
C LYS A 304 26.61 12.29 11.51
N SER A 305 27.89 11.95 11.62
CA SER A 305 28.73 12.43 12.71
C SER A 305 30.08 12.86 12.15
N PHE A 306 30.61 13.96 12.70
CA PHE A 306 31.91 14.44 12.25
C PHE A 306 33.01 13.44 12.57
N THR A 307 33.05 12.95 13.80
CA THR A 307 34.05 11.98 14.22
C THR A 307 33.42 10.60 14.28
N VAL A 308 34.03 9.64 13.60
CA VAL A 308 33.55 8.27 13.56
C VAL A 308 34.58 7.37 14.24
N GLU A 309 34.09 6.44 15.04
CA GLU A 309 34.97 5.55 15.79
C GLU A 309 35.56 4.49 14.86
N LYS A 310 36.63 3.86 15.33
CA LYS A 310 37.32 2.83 14.56
C LYS A 310 36.40 1.65 14.29
N GLY A 311 36.38 1.21 13.04
CA GLY A 311 35.52 0.11 12.65
C GLY A 311 35.34 0.07 11.15
N ILE A 312 34.29 -0.66 10.74
CA ILE A 312 33.92 -0.80 9.35
C ILE A 312 32.47 -0.37 9.18
N TYR A 313 32.18 0.34 8.08
CA TYR A 313 30.85 0.86 7.82
C TYR A 313 30.55 0.77 6.33
N GLN A 314 29.32 0.38 6.01
CA GLN A 314 28.87 0.29 4.62
C GLN A 314 28.25 1.62 4.22
N THR A 315 28.96 2.39 3.39
CA THR A 315 28.51 3.72 3.02
C THR A 315 27.77 3.77 1.69
N SER A 316 28.07 2.85 0.77
CA SER A 316 27.45 2.88 -0.55
C SER A 316 27.64 1.52 -1.20
N ASN A 317 27.19 1.42 -2.44
CA ASN A 317 27.29 0.18 -3.22
C ASN A 317 27.90 0.48 -4.58
N PHE A 318 28.69 -0.46 -5.09
CA PHE A 318 29.39 -0.32 -6.35
C PHE A 318 28.65 -1.07 -7.44
N ARG A 319 28.66 -0.49 -8.65
CA ARG A 319 28.00 -1.08 -9.80
C ARG A 319 28.84 -0.82 -11.05
N VAL A 320 28.93 -1.83 -11.90
CA VAL A 320 29.69 -1.71 -13.15
C VAL A 320 28.69 -1.36 -14.25
N GLN A 321 28.75 -0.12 -14.72
CA GLN A 321 27.86 0.29 -15.80
C GLN A 321 28.36 -0.31 -17.12
N PRO A 322 27.48 -0.96 -17.89
CA PRO A 322 27.92 -1.55 -19.16
C PRO A 322 28.45 -0.49 -20.11
N THR A 323 29.49 -0.84 -20.84
CA THR A 323 30.14 0.12 -21.74
C THR A 323 29.26 0.42 -22.94
N GLU A 324 28.72 -0.62 -23.59
CA GLU A 324 27.94 -0.44 -24.81
C GLU A 324 26.89 -1.55 -24.88
N SER A 325 26.06 -1.47 -25.91
CA SER A 325 25.02 -2.46 -26.16
C SER A 325 25.39 -3.30 -27.38
N ILE A 326 25.04 -4.57 -27.34
CA ILE A 326 25.34 -5.50 -28.43
C ILE A 326 24.06 -6.21 -28.84
N VAL A 327 23.90 -6.41 -30.14
CA VAL A 327 22.71 -7.05 -30.70
C VAL A 327 23.15 -8.01 -31.79
N ARG A 328 22.60 -9.24 -31.76
CA ARG A 328 22.92 -10.26 -32.75
C ARG A 328 21.64 -10.92 -33.24
N PHE A 329 21.58 -11.16 -34.54
CA PHE A 329 20.47 -11.84 -35.18
C PHE A 329 21.00 -12.97 -36.05
N PRO A 330 20.25 -14.06 -36.20
CA PRO A 330 20.73 -15.20 -36.99
C PRO A 330 20.79 -14.87 -38.46
N ASN A 331 21.41 -15.77 -39.21
CA ASN A 331 21.49 -15.62 -40.66
C ASN A 331 20.08 -15.58 -41.24
N ILE A 332 19.83 -14.62 -42.12
CA ILE A 332 18.49 -14.37 -42.63
C ILE A 332 18.21 -15.35 -43.76
N THR A 333 17.08 -16.06 -43.66
CA THR A 333 16.66 -17.00 -44.68
C THR A 333 15.43 -16.56 -45.45
N ASN A 334 14.69 -15.56 -44.95
CA ASN A 334 13.52 -15.06 -45.66
C ASN A 334 13.92 -14.04 -46.72
N LEU A 335 14.85 -14.43 -47.60
CA LEU A 335 15.30 -13.54 -48.65
C LEU A 335 14.23 -13.39 -49.71
N CYS A 336 14.06 -12.17 -50.20
CA CYS A 336 13.13 -11.93 -51.30
C CYS A 336 13.65 -12.61 -52.56
N PRO A 337 12.74 -13.11 -53.41
CA PRO A 337 13.16 -13.83 -54.62
C PRO A 337 13.69 -12.90 -55.71
N PHE A 338 14.76 -12.17 -55.38
CA PHE A 338 15.38 -11.30 -56.37
C PHE A 338 15.99 -12.10 -57.52
N GLY A 339 16.64 -13.23 -57.20
CA GLY A 339 17.19 -14.06 -58.25
C GLY A 339 16.13 -14.68 -59.14
N GLU A 340 14.96 -14.98 -58.58
CA GLU A 340 13.88 -15.55 -59.38
C GLU A 340 13.39 -14.57 -60.45
N VAL A 341 13.29 -13.29 -60.10
CA VAL A 341 12.79 -12.29 -61.04
C VAL A 341 13.89 -11.84 -61.99
N PHE A 342 15.04 -11.42 -61.44
CA PHE A 342 16.12 -10.92 -62.28
C PHE A 342 16.71 -12.01 -63.16
N ASN A 343 17.06 -13.15 -62.56
CA ASN A 343 17.67 -14.25 -63.30
C ASN A 343 16.62 -15.31 -63.57
N ALA A 344 15.79 -15.03 -64.58
CA ALA A 344 14.82 -16.00 -65.09
C ALA A 344 15.16 -16.31 -66.54
N THR A 345 15.02 -17.59 -66.90
CA THR A 345 15.43 -18.04 -68.23
C THR A 345 14.63 -17.34 -69.33
N ARG A 346 13.31 -17.21 -69.14
CA ARG A 346 12.43 -16.64 -70.15
C ARG A 346 11.77 -15.40 -69.59
N PHE A 347 11.89 -14.29 -70.31
CA PHE A 347 11.16 -13.06 -70.01
C PHE A 347 10.07 -12.84 -71.04
N ALA A 348 8.94 -12.30 -70.58
CA ALA A 348 7.84 -12.00 -71.47
C ALA A 348 8.12 -10.72 -72.26
N SER A 349 7.28 -10.46 -73.25
CA SER A 349 7.43 -9.29 -74.10
C SER A 349 7.12 -8.02 -73.32
N VAL A 350 7.50 -6.88 -73.90
CA VAL A 350 7.29 -5.59 -73.23
C VAL A 350 5.80 -5.27 -73.14
N TYR A 351 5.04 -5.60 -74.17
CA TYR A 351 3.60 -5.39 -74.13
C TYR A 351 2.90 -6.33 -73.15
N ALA A 352 3.52 -7.48 -72.85
CA ALA A 352 2.99 -8.46 -71.90
C ALA A 352 3.93 -8.61 -70.71
N TRP A 353 4.43 -7.49 -70.19
CA TRP A 353 5.42 -7.52 -69.12
C TRP A 353 4.89 -8.25 -67.90
N ASN A 354 5.71 -9.15 -67.36
CA ASN A 354 5.34 -9.90 -66.18
C ASN A 354 5.43 -9.02 -64.93
N ARG A 355 4.49 -9.22 -64.01
CA ARG A 355 4.45 -8.48 -62.76
C ARG A 355 4.58 -9.48 -61.60
N LYS A 356 5.52 -9.19 -60.70
CA LYS A 356 5.78 -10.03 -59.54
C LYS A 356 5.63 -9.21 -58.29
N ARG A 357 4.75 -9.65 -57.39
CA ARG A 357 4.53 -8.97 -56.12
C ARG A 357 5.48 -9.52 -55.07
N ILE A 358 6.18 -8.61 -54.39
CA ILE A 358 7.20 -8.97 -53.40
C ILE A 358 6.76 -8.42 -52.05
N SER A 359 6.66 -9.30 -51.06
CA SER A 359 6.26 -8.90 -49.72
C SER A 359 6.65 -10.01 -48.75
N ASN A 360 6.61 -9.67 -47.46
CA ASN A 360 6.91 -10.63 -46.38
C ASN A 360 8.30 -11.24 -46.52
N CYS A 361 9.26 -10.43 -46.95
CA CYS A 361 10.64 -10.87 -47.07
C CYS A 361 11.54 -9.64 -46.97
N VAL A 362 12.84 -9.90 -46.86
CA VAL A 362 13.85 -8.85 -46.73
C VAL A 362 14.43 -8.56 -48.11
N ALA A 363 14.47 -7.28 -48.47
CA ALA A 363 14.99 -6.85 -49.77
C ALA A 363 16.49 -6.68 -49.67
N ASP A 364 17.24 -7.70 -50.10
CA ASP A 364 18.69 -7.67 -50.05
C ASP A 364 19.20 -7.10 -51.36
N TYR A 365 19.52 -5.81 -51.36
CA TYR A 365 20.03 -5.12 -52.54
C TYR A 365 21.54 -5.28 -52.70
N SER A 366 22.20 -5.98 -51.77
CA SER A 366 23.65 -6.16 -51.86
C SER A 366 24.04 -6.91 -53.12
N VAL A 367 23.25 -7.93 -53.50
CA VAL A 367 23.53 -8.66 -54.73
C VAL A 367 23.35 -7.74 -55.94
N LEU A 368 22.38 -6.83 -55.88
CA LEU A 368 22.20 -5.86 -56.95
C LEU A 368 23.37 -4.89 -57.02
N TYR A 369 23.88 -4.45 -55.85
CA TYR A 369 25.03 -3.55 -55.84
C TYR A 369 26.27 -4.23 -56.40
N ASN A 370 26.49 -5.49 -56.04
CA ASN A 370 27.67 -6.22 -56.48
C ASN A 370 27.59 -6.65 -57.93
N SER A 371 26.44 -6.51 -58.58
CA SER A 371 26.29 -6.90 -59.97
C SER A 371 26.94 -5.85 -60.86
N ALA A 372 28.02 -6.22 -61.53
CA ALA A 372 28.77 -5.30 -62.38
C ALA A 372 28.28 -5.29 -63.82
N SER A 373 27.38 -6.19 -64.20
CA SER A 373 26.88 -6.24 -65.56
C SER A 373 25.75 -5.25 -65.83
N PHE A 374 25.22 -4.60 -64.79
CA PHE A 374 24.17 -3.61 -64.99
C PHE A 374 24.72 -2.41 -65.75
N SER A 375 23.93 -1.94 -66.73
CA SER A 375 24.31 -0.77 -67.51
C SER A 375 23.55 0.49 -67.12
N THR A 376 22.35 0.36 -66.56
CA THR A 376 21.55 1.50 -66.15
C THR A 376 20.91 1.20 -64.80
N PHE A 377 21.12 2.09 -63.84
CA PHE A 377 20.53 1.96 -62.50
C PHE A 377 20.13 3.36 -62.05
N LYS A 378 18.89 3.74 -62.35
CA LYS A 378 18.35 5.05 -62.00
C LYS A 378 17.13 4.86 -61.11
N CYS A 379 17.10 5.54 -59.98
CA CYS A 379 16.02 5.46 -59.02
C CYS A 379 15.30 6.80 -58.93
N TYR A 380 13.98 6.76 -58.93
CA TYR A 380 13.14 7.95 -58.84
C TYR A 380 12.43 7.95 -57.51
N GLY A 381 12.59 9.03 -56.74
CA GLY A 381 11.96 9.16 -55.45
C GLY A 381 12.65 8.42 -54.32
N VAL A 382 13.78 7.79 -54.57
CA VAL A 382 14.49 7.02 -53.55
C VAL A 382 15.97 7.04 -53.89
N SER A 383 16.80 7.12 -52.85
CA SER A 383 18.25 7.06 -53.04
C SER A 383 18.69 5.61 -53.20
N PRO A 384 19.48 5.29 -54.23
CA PRO A 384 19.93 3.90 -54.39
C PRO A 384 20.71 3.37 -53.19
N THR A 385 21.50 4.22 -52.54
CA THR A 385 22.23 3.81 -51.35
C THR A 385 21.33 3.68 -50.13
N LYS A 386 20.16 4.30 -50.16
CA LYS A 386 19.21 4.25 -49.05
C LYS A 386 18.16 3.16 -49.22
N LEU A 387 18.28 2.33 -50.26
CA LEU A 387 17.29 1.29 -50.50
C LEU A 387 17.23 0.29 -49.35
N ASN A 388 18.39 -0.12 -48.84
CA ASN A 388 18.42 -1.07 -47.74
C ASN A 388 17.98 -0.46 -46.42
N ASP A 389 18.04 0.87 -46.30
CA ASP A 389 17.67 1.55 -45.06
C ASP A 389 16.22 2.02 -45.05
N LEU A 390 15.46 1.75 -46.10
CA LEU A 390 14.08 2.18 -46.20
C LEU A 390 13.15 0.98 -46.29
N CYS A 391 11.94 1.16 -45.76
CA CYS A 391 10.93 0.11 -45.73
C CYS A 391 9.76 0.51 -46.63
N PHE A 392 9.17 -0.48 -47.30
CA PHE A 392 8.03 -0.27 -48.18
C PHE A 392 6.94 -1.26 -47.85
N THR A 393 5.68 -0.82 -47.97
CA THR A 393 4.55 -1.69 -47.69
C THR A 393 4.49 -2.86 -48.65
N ASN A 394 4.73 -2.61 -49.94
CA ASN A 394 4.71 -3.67 -50.95
C ASN A 394 5.69 -3.32 -52.06
N VAL A 395 6.24 -4.36 -52.67
CA VAL A 395 7.20 -4.22 -53.76
C VAL A 395 6.69 -5.01 -54.96
N TYR A 396 6.63 -4.36 -56.12
CA TYR A 396 6.20 -4.99 -57.35
C TYR A 396 7.36 -5.01 -58.33
N ALA A 397 7.62 -6.18 -58.92
CA ALA A 397 8.73 -6.36 -59.85
C ALA A 397 8.16 -6.55 -61.25
N ASP A 398 8.59 -5.70 -62.18
CA ASP A 398 8.17 -5.76 -63.57
C ASP A 398 9.39 -6.06 -64.44
N SER A 399 9.28 -7.10 -65.27
CA SER A 399 10.38 -7.55 -66.12
C SER A 399 9.91 -7.67 -67.57
N PHE A 400 10.75 -7.22 -68.48
CA PHE A 400 10.48 -7.32 -69.91
C PHE A 400 11.80 -7.18 -70.66
N VAL A 401 11.74 -7.36 -71.98
CA VAL A 401 12.91 -7.29 -72.85
C VAL A 401 12.65 -6.25 -73.93
N ILE A 402 13.55 -5.28 -74.05
CA ILE A 402 13.49 -4.24 -75.07
C ILE A 402 14.88 -4.05 -75.66
N ARG A 403 14.94 -3.30 -76.76
CA ARG A 403 16.20 -3.05 -77.43
C ARG A 403 17.00 -1.99 -76.68
N GLY A 404 18.23 -1.76 -77.16
CA GLY A 404 19.14 -0.87 -76.46
C GLY A 404 18.69 0.59 -76.48
N ASP A 405 18.21 1.07 -77.63
CA ASP A 405 17.85 2.47 -77.76
C ASP A 405 16.52 2.82 -77.10
N GLU A 406 15.72 1.82 -76.74
CA GLU A 406 14.44 2.06 -76.09
C GLU A 406 14.52 1.98 -74.56
N VAL A 407 15.72 1.82 -74.02
CA VAL A 407 15.87 1.75 -72.56
C VAL A 407 15.49 3.07 -71.92
N ARG A 408 15.85 4.20 -72.55
CA ARG A 408 15.55 5.50 -72.00
C ARG A 408 14.05 5.79 -71.95
N GLN A 409 13.24 5.01 -72.67
CA GLN A 409 11.79 5.23 -72.66
C GLN A 409 11.14 4.75 -71.37
N ILE A 410 11.82 3.91 -70.59
CA ILE A 410 11.26 3.38 -69.35
C ILE A 410 11.65 4.38 -68.25
N ALA A 411 10.85 5.44 -68.13
CA ALA A 411 11.03 6.47 -67.13
C ALA A 411 9.79 7.36 -67.08
N PRO A 412 9.47 7.96 -65.94
CA PRO A 412 8.30 8.85 -65.87
C PRO A 412 8.44 10.03 -66.81
N GLY A 413 7.32 10.42 -67.43
CA GLY A 413 7.30 11.56 -68.30
C GLY A 413 7.95 11.37 -69.66
N GLN A 414 8.29 10.15 -70.02
CA GLN A 414 8.94 9.88 -71.30
C GLN A 414 7.90 9.66 -72.40
N THR A 415 8.37 9.70 -73.64
CA THR A 415 7.54 9.49 -74.82
C THR A 415 8.21 8.48 -75.74
N GLY A 416 7.42 7.91 -76.64
CA GLY A 416 7.88 6.93 -77.59
C GLY A 416 6.90 5.78 -77.72
N LYS A 417 7.29 4.82 -78.57
CA LYS A 417 6.43 3.67 -78.81
C LYS A 417 6.29 2.80 -77.56
N ILE A 418 7.42 2.44 -76.95
CA ILE A 418 7.38 1.58 -75.77
C ILE A 418 6.70 2.29 -74.60
N ALA A 419 7.04 3.57 -74.39
CA ALA A 419 6.52 4.30 -73.25
C ALA A 419 5.01 4.46 -73.33
N ASP A 420 4.48 4.74 -74.53
CA ASP A 420 3.06 5.05 -74.67
C ASP A 420 2.20 3.83 -74.96
N TYR A 421 2.74 2.81 -75.62
CA TYR A 421 1.96 1.67 -76.07
C TYR A 421 2.30 0.36 -75.39
N ASN A 422 3.44 0.25 -74.72
CA ASN A 422 3.88 -1.00 -74.13
C ASN A 422 4.04 -0.94 -72.62
N TYR A 423 4.67 0.11 -72.09
CA TYR A 423 4.90 0.22 -70.64
C TYR A 423 4.97 1.70 -70.29
N LYS A 424 4.00 2.17 -69.51
CA LYS A 424 3.91 3.57 -69.12
C LYS A 424 4.07 3.69 -67.61
N LEU A 425 4.90 4.63 -67.17
CA LEU A 425 5.13 4.87 -65.75
C LEU A 425 4.43 6.14 -65.30
N PRO A 426 3.92 6.18 -64.08
CA PRO A 426 3.25 7.38 -63.59
C PRO A 426 4.23 8.51 -63.32
N ASP A 427 3.69 9.73 -63.23
CA ASP A 427 4.53 10.90 -62.98
C ASP A 427 5.21 10.81 -61.62
N ASP A 428 4.48 10.35 -60.61
CA ASP A 428 5.01 10.22 -59.25
C ASP A 428 5.53 8.80 -58.96
N PHE A 429 6.05 8.13 -59.99
CA PHE A 429 6.55 6.77 -59.81
C PHE A 429 7.71 6.74 -58.82
N THR A 430 7.65 5.79 -57.89
CA THR A 430 8.69 5.61 -56.88
C THR A 430 9.29 4.22 -57.08
N GLY A 431 10.56 4.19 -57.47
CA GLY A 431 11.23 2.91 -57.71
C GLY A 431 12.52 3.12 -58.47
N CYS A 432 13.05 2.02 -59.00
CA CYS A 432 14.31 2.02 -59.73
C CYS A 432 14.15 1.28 -61.05
N VAL A 433 14.90 1.72 -62.04
CA VAL A 433 14.89 1.11 -63.37
C VAL A 433 16.27 0.49 -63.59
N ILE A 434 16.29 -0.81 -63.89
CA ILE A 434 17.53 -1.57 -64.06
C ILE A 434 17.49 -2.23 -65.44
N ALA A 435 18.56 -2.07 -66.20
CA ALA A 435 18.66 -2.66 -67.52
C ALA A 435 20.10 -3.09 -67.77
N TRP A 436 20.25 -4.12 -68.62
CA TRP A 436 21.57 -4.62 -68.96
C TRP A 436 21.49 -5.35 -70.31
N ASN A 437 22.64 -5.51 -70.94
CA ASN A 437 22.71 -6.17 -72.23
C ASN A 437 22.33 -7.65 -72.11
N SER A 438 21.55 -8.13 -73.07
CA SER A 438 21.08 -9.51 -73.08
C SER A 438 21.18 -10.10 -74.48
N ASN A 439 22.25 -9.77 -75.20
CA ASN A 439 22.43 -10.30 -76.55
C ASN A 439 22.73 -11.80 -76.54
N ASN A 440 23.41 -12.28 -75.50
CA ASN A 440 23.84 -13.67 -75.47
C ASN A 440 22.69 -14.64 -75.27
N LEU A 441 21.59 -14.21 -74.67
CA LEU A 441 20.47 -15.11 -74.36
C LEU A 441 19.19 -14.79 -75.12
N ASP A 442 18.93 -13.53 -75.44
CA ASP A 442 17.71 -13.14 -76.13
C ASP A 442 17.88 -13.04 -77.64
N SER A 443 19.05 -13.39 -78.16
CA SER A 443 19.30 -13.37 -79.60
C SER A 443 19.93 -14.69 -80.02
N LYS A 444 19.63 -15.09 -81.25
CA LYS A 444 20.15 -16.33 -81.82
C LYS A 444 20.65 -16.07 -83.23
N VAL A 445 21.24 -17.09 -83.84
CA VAL A 445 21.82 -16.94 -85.18
C VAL A 445 20.72 -16.64 -86.20
N GLY A 446 19.60 -17.36 -86.11
CA GLY A 446 18.51 -17.19 -87.06
C GLY A 446 17.59 -16.03 -86.81
N GLY A 447 17.80 -15.27 -85.74
CA GLY A 447 16.95 -14.14 -85.43
C GLY A 447 15.84 -14.49 -84.48
N ASN A 448 15.86 -13.92 -83.28
CA ASN A 448 14.88 -14.21 -82.25
C ASN A 448 13.72 -13.23 -82.37
N TYR A 449 12.59 -13.71 -82.88
CA TYR A 449 11.38 -12.91 -83.00
C TYR A 449 10.37 -13.19 -81.91
N ASN A 450 10.77 -13.92 -80.86
CA ASN A 450 9.85 -14.25 -79.77
C ASN A 450 9.45 -13.03 -78.94
N TYR A 451 10.14 -11.91 -79.10
CA TYR A 451 9.84 -10.69 -78.35
C TYR A 451 9.09 -9.72 -79.24
N LEU A 452 7.94 -9.24 -78.77
CA LEU A 452 7.08 -8.37 -79.55
C LEU A 452 6.79 -7.09 -78.77
N TYR A 453 6.52 -6.03 -79.51
CA TYR A 453 6.16 -4.74 -78.93
C TYR A 453 4.92 -4.20 -79.62
N ARG A 454 4.11 -3.47 -78.86
CA ARG A 454 2.86 -2.93 -79.37
C ARG A 454 3.16 -1.75 -80.29
N LEU A 455 3.17 -2.02 -81.60
CA LEU A 455 3.49 -0.97 -82.57
C LEU A 455 2.35 0.03 -82.70
N PHE A 456 1.10 -0.44 -82.76
CA PHE A 456 -0.06 0.41 -82.98
C PHE A 456 -1.04 0.23 -81.83
N ARG A 457 -1.52 1.35 -81.28
CA ARG A 457 -2.56 1.36 -80.27
C ARG A 457 -3.36 2.63 -80.40
N LYS A 458 -4.68 2.53 -80.20
CA LYS A 458 -5.55 3.69 -80.39
C LYS A 458 -5.34 4.73 -79.30
N SER A 459 -5.03 4.30 -78.07
CA SER A 459 -4.82 5.22 -76.96
C SER A 459 -3.54 4.85 -76.23
N ASN A 460 -2.89 5.87 -75.65
CA ASN A 460 -1.68 5.65 -74.89
C ASN A 460 -1.99 4.85 -73.63
N LEU A 461 -1.06 3.99 -73.24
CA LEU A 461 -1.25 3.15 -72.07
C LEU A 461 -1.27 3.98 -70.80
N LYS A 462 -2.19 3.64 -69.90
CA LYS A 462 -2.22 4.24 -68.58
C LYS A 462 -1.02 3.74 -67.76
N PRO A 463 -0.63 4.48 -66.73
CA PRO A 463 0.46 4.01 -65.87
C PRO A 463 0.15 2.65 -65.26
N PHE A 464 1.15 1.77 -65.28
CA PHE A 464 1.03 0.41 -64.75
C PHE A 464 -0.13 -0.34 -65.39
N GLU A 465 -0.25 -0.23 -66.71
CA GLU A 465 -1.27 -0.94 -67.47
C GLU A 465 -0.60 -1.93 -68.42
N ARG A 466 -1.09 -3.16 -68.40
CA ARG A 466 -0.58 -4.22 -69.27
C ARG A 466 -1.67 -4.60 -70.27
N ASP A 467 -1.43 -4.32 -71.54
CA ASP A 467 -2.39 -4.59 -72.61
C ASP A 467 -1.83 -5.71 -73.49
N ILE A 468 -2.59 -6.78 -73.63
CA ILE A 468 -2.19 -7.94 -74.42
C ILE A 468 -3.22 -8.26 -75.51
N SER A 469 -4.08 -7.29 -75.84
CA SER A 469 -5.10 -7.53 -76.85
C SER A 469 -4.47 -7.69 -78.23
N THR A 470 -5.01 -8.62 -79.01
CA THR A 470 -4.53 -8.89 -80.36
C THR A 470 -5.54 -8.46 -81.42
N GLU A 471 -6.45 -7.54 -81.09
CA GLU A 471 -7.42 -7.06 -82.05
C GLU A 471 -6.74 -6.32 -83.19
N ILE A 472 -7.31 -6.45 -84.39
CA ILE A 472 -6.73 -5.81 -85.57
C ILE A 472 -6.89 -4.30 -85.46
N TYR A 473 -5.78 -3.59 -85.65
CA TYR A 473 -5.81 -2.13 -85.56
C TYR A 473 -6.50 -1.55 -86.79
N GLN A 474 -7.44 -0.64 -86.57
CA GLN A 474 -8.20 0.00 -87.63
C GLN A 474 -7.57 1.38 -87.91
N ALA A 475 -6.78 1.46 -88.98
CA ALA A 475 -6.10 2.69 -89.34
C ALA A 475 -6.91 3.58 -90.27
N GLY A 476 -8.07 3.12 -90.74
CA GLY A 476 -8.89 3.91 -91.65
C GLY A 476 -10.37 3.77 -91.39
N SER A 477 -11.18 4.30 -92.31
CA SER A 477 -12.63 4.22 -92.17
C SER A 477 -13.15 2.82 -92.48
N THR A 478 -12.45 2.07 -93.32
CA THR A 478 -12.90 0.72 -93.68
C THR A 478 -12.72 -0.21 -92.50
N PRO A 479 -13.77 -0.92 -92.07
CA PRO A 479 -13.62 -1.88 -90.96
C PRO A 479 -12.73 -3.04 -91.35
N CYS A 480 -12.02 -3.57 -90.35
CA CYS A 480 -11.10 -4.68 -90.57
C CYS A 480 -11.81 -6.03 -90.63
N ASN A 481 -12.81 -6.23 -89.76
CA ASN A 481 -13.56 -7.49 -89.69
C ASN A 481 -12.63 -8.68 -89.45
N GLY A 482 -11.58 -8.45 -88.67
CA GLY A 482 -10.65 -9.51 -88.34
C GLY A 482 -9.66 -9.86 -89.43
N VAL A 483 -9.64 -9.13 -90.54
CA VAL A 483 -8.74 -9.39 -91.66
C VAL A 483 -7.93 -8.14 -91.92
N GLU A 484 -6.60 -8.29 -91.91
CA GLU A 484 -5.72 -7.16 -92.19
C GLU A 484 -5.79 -6.78 -93.66
N GLY A 485 -5.64 -5.49 -93.92
CA GLY A 485 -5.71 -4.98 -95.28
C GLY A 485 -4.91 -3.71 -95.43
N PHE A 486 -5.37 -2.85 -96.33
CA PHE A 486 -4.66 -1.59 -96.61
C PHE A 486 -4.64 -0.70 -95.38
N ASN A 487 -5.76 -0.61 -94.66
CA ASN A 487 -5.87 0.23 -93.48
C ASN A 487 -6.01 -0.59 -92.20
N CYS A 488 -5.44 -1.80 -92.20
CA CYS A 488 -5.50 -2.69 -91.05
C CYS A 488 -4.16 -3.36 -90.89
N TYR A 489 -3.56 -3.22 -89.70
CA TYR A 489 -2.25 -3.79 -89.41
C TYR A 489 -2.26 -4.41 -88.02
N PHE A 490 -1.39 -5.40 -87.83
CA PHE A 490 -1.30 -6.06 -86.52
C PHE A 490 -0.73 -5.09 -85.49
N PRO A 491 -1.34 -4.99 -84.31
CA PRO A 491 -0.83 -4.04 -83.30
C PRO A 491 0.54 -4.40 -82.75
N LEU A 492 0.99 -5.63 -82.92
CA LEU A 492 2.26 -6.09 -82.38
C LEU A 492 3.25 -6.37 -83.51
N GLN A 493 4.52 -6.04 -83.26
CA GLN A 493 5.58 -6.29 -84.22
C GLN A 493 6.68 -7.09 -83.52
N SER A 494 7.14 -8.16 -84.16
CA SER A 494 8.17 -9.00 -83.59
C SER A 494 9.53 -8.34 -83.73
N TYR A 495 10.27 -8.28 -82.62
CA TYR A 495 11.61 -7.72 -82.64
C TYR A 495 12.56 -8.62 -83.43
N GLY A 496 13.41 -8.00 -84.25
CA GLY A 496 14.43 -8.72 -84.95
C GLY A 496 15.77 -8.65 -84.24
N PHE A 497 16.10 -9.70 -83.49
CA PHE A 497 17.30 -9.71 -82.66
C PHE A 497 18.36 -10.58 -83.32
N GLN A 498 19.50 -9.98 -83.65
CA GLN A 498 20.64 -10.69 -84.21
C GLN A 498 21.90 -10.34 -83.43
N PRO A 499 22.86 -11.26 -83.36
CA PRO A 499 24.10 -10.97 -82.61
C PRO A 499 24.89 -9.79 -83.16
N THR A 500 24.84 -9.55 -84.47
CA THR A 500 25.63 -8.51 -85.10
C THR A 500 24.87 -7.20 -85.29
N ASN A 501 23.69 -7.08 -84.69
CA ASN A 501 22.93 -5.83 -84.81
C ASN A 501 23.68 -4.66 -84.17
N GLY A 502 24.29 -4.89 -83.02
CA GLY A 502 24.98 -3.85 -82.29
C GLY A 502 24.23 -3.45 -81.03
N VAL A 503 24.96 -2.79 -80.13
CA VAL A 503 24.39 -2.40 -78.84
C VAL A 503 23.21 -1.45 -79.03
N GLY A 504 23.19 -0.70 -80.12
CA GLY A 504 22.04 0.16 -80.40
C GLY A 504 20.77 -0.62 -80.67
N TYR A 505 20.89 -1.79 -81.29
CA TYR A 505 19.75 -2.64 -81.64
C TYR A 505 19.91 -4.04 -81.05
N GLN A 506 20.44 -4.13 -79.82
CA GLN A 506 20.57 -5.41 -79.14
C GLN A 506 19.50 -5.54 -78.06
N PRO A 507 19.01 -6.76 -77.81
CA PRO A 507 18.03 -6.95 -76.74
C PRO A 507 18.62 -6.64 -75.37
N TYR A 508 17.80 -6.05 -74.51
CA TYR A 508 18.21 -5.70 -73.15
C TYR A 508 17.18 -6.24 -72.18
N ARG A 509 17.65 -6.98 -71.17
CA ARG A 509 16.77 -7.45 -70.10
C ARG A 509 16.54 -6.31 -69.12
N VAL A 510 15.29 -5.91 -68.95
CA VAL A 510 14.93 -4.78 -68.09
C VAL A 510 14.02 -5.29 -66.98
N VAL A 511 14.42 -5.03 -65.74
CA VAL A 511 13.62 -5.35 -64.57
C VAL A 511 13.36 -4.04 -63.82
N VAL A 512 12.09 -3.74 -63.58
CA VAL A 512 11.68 -2.50 -62.93
C VAL A 512 11.04 -2.86 -61.60
N LEU A 513 11.57 -2.30 -60.52
CA LEU A 513 11.04 -2.48 -59.18
C LEU A 513 10.31 -1.21 -58.76
N SER A 514 9.03 -1.35 -58.40
CA SER A 514 8.21 -0.22 -58.00
C SER A 514 7.91 -0.33 -56.51
N PHE A 515 8.15 0.74 -55.77
CA PHE A 515 7.92 0.80 -54.34
C PHE A 515 6.77 1.75 -54.04
N GLU A 516 5.82 1.30 -53.24
CA GLU A 516 4.67 2.09 -52.84
C GLU A 516 4.64 2.22 -51.33
N LEU A 517 4.30 3.42 -50.85
CA LEU A 517 4.25 3.72 -49.42
C LEU A 517 2.80 3.99 -49.04
N LEU A 518 2.16 3.00 -48.44
CA LEU A 518 0.78 3.10 -47.99
C LEU A 518 0.73 3.13 -46.46
N HIS A 519 -0.49 3.19 -45.93
CA HIS A 519 -0.68 3.22 -44.49
C HIS A 519 -0.69 1.84 -43.86
N ALA A 520 -0.70 0.78 -44.66
CA ALA A 520 -0.65 -0.57 -44.14
C ALA A 520 0.74 -0.86 -43.55
N PRO A 521 0.83 -1.81 -42.62
CA PRO A 521 2.13 -2.16 -42.06
C PRO A 521 3.08 -2.64 -43.14
N ALA A 522 4.35 -2.24 -43.01
CA ALA A 522 5.35 -2.58 -44.01
C ALA A 522 5.65 -4.08 -44.00
N THR A 523 5.76 -4.65 -45.19
CA THR A 523 6.08 -6.06 -45.35
C THR A 523 7.45 -6.30 -45.97
N VAL A 524 8.10 -5.26 -46.50
CA VAL A 524 9.43 -5.37 -47.09
C VAL A 524 10.35 -4.42 -46.32
N CYS A 525 11.31 -5.00 -45.60
CA CYS A 525 12.27 -4.22 -44.83
C CYS A 525 13.64 -4.86 -44.95
N GLY A 526 14.67 -4.01 -44.86
CA GLY A 526 16.05 -4.47 -44.92
C GLY A 526 16.37 -5.40 -43.77
N PRO A 527 17.11 -6.47 -44.06
CA PRO A 527 17.47 -7.42 -42.99
C PRO A 527 18.35 -6.76 -41.94
N LYS A 528 18.17 -7.17 -40.69
CA LYS A 528 18.92 -6.59 -39.58
C LYS A 528 20.38 -7.02 -39.64
N LYS A 529 21.25 -6.20 -39.06
CA LYS A 529 22.68 -6.44 -39.06
C LYS A 529 23.12 -6.97 -37.71
N SER A 530 23.89 -8.06 -37.73
CA SER A 530 24.37 -8.69 -36.51
C SER A 530 25.72 -8.07 -36.14
N THR A 531 25.81 -7.52 -34.93
CA THR A 531 27.04 -6.90 -34.47
C THR A 531 28.05 -7.96 -34.05
N ASN A 532 29.30 -7.54 -33.89
CA ASN A 532 30.36 -8.46 -33.53
C ASN A 532 30.17 -8.98 -32.11
N LEU A 533 30.45 -10.27 -31.94
CA LEU A 533 30.32 -10.90 -30.63
C LEU A 533 31.40 -10.39 -29.68
N VAL A 534 31.05 -10.31 -28.40
CA VAL A 534 31.96 -9.83 -27.37
C VAL A 534 32.00 -10.84 -26.23
N LYS A 535 33.17 -10.95 -25.59
CA LYS A 535 33.37 -11.86 -24.49
C LYS A 535 34.13 -11.16 -23.38
N ASN A 536 33.90 -11.63 -22.15
CA ASN A 536 34.62 -11.19 -20.94
C ASN A 536 34.46 -9.70 -20.68
N LYS A 537 33.50 -9.03 -21.32
CA LYS A 537 33.27 -7.61 -21.13
C LYS A 537 31.78 -7.39 -20.92
N CYS A 538 31.43 -6.66 -19.86
CA CYS A 538 30.03 -6.41 -19.56
C CYS A 538 29.41 -5.50 -20.62
N VAL A 539 28.33 -5.95 -21.24
CA VAL A 539 27.65 -5.22 -22.30
C VAL A 539 26.14 -5.38 -22.11
N ASN A 540 25.38 -4.79 -23.02
CA ASN A 540 23.94 -4.99 -23.10
C ASN A 540 23.66 -5.86 -24.31
N PHE A 541 23.09 -7.04 -24.08
CA PHE A 541 22.82 -7.99 -25.13
C PHE A 541 21.32 -8.17 -25.31
N ASN A 542 20.89 -8.17 -26.58
CA ASN A 542 19.49 -8.40 -26.96
C ASN A 542 19.49 -9.53 -27.99
N PHE A 543 19.43 -10.77 -27.51
CA PHE A 543 19.46 -11.95 -28.38
C PHE A 543 18.02 -12.30 -28.76
N ASN A 544 17.54 -11.68 -29.84
CA ASN A 544 16.22 -11.97 -30.40
C ASN A 544 15.11 -11.77 -29.37
N GLY A 545 15.29 -10.82 -28.46
CA GLY A 545 14.28 -10.52 -27.45
C GLY A 545 14.71 -10.80 -26.02
N LEU A 546 15.89 -11.35 -25.76
CA LEU A 546 16.33 -11.54 -24.38
C LEU A 546 16.57 -10.21 -23.68
N THR A 547 17.11 -9.24 -24.41
CA THR A 547 17.40 -7.88 -23.93
C THR A 547 17.88 -7.87 -22.48
N GLY A 548 18.89 -8.69 -22.20
CA GLY A 548 19.48 -8.77 -20.88
C GLY A 548 20.71 -7.90 -20.75
N THR A 549 21.19 -7.79 -19.50
CA THR A 549 22.37 -7.02 -19.18
C THR A 549 23.35 -7.89 -18.41
N GLY A 550 24.64 -7.65 -18.62
CA GLY A 550 25.67 -8.41 -17.96
C GLY A 550 26.89 -8.67 -18.81
N VAL A 551 27.61 -9.74 -18.51
CA VAL A 551 28.82 -10.10 -19.24
C VAL A 551 28.68 -11.53 -19.75
N LEU A 552 29.13 -11.76 -20.98
CA LEU A 552 29.06 -13.07 -21.62
C LEU A 552 30.42 -13.73 -21.57
N THR A 553 30.47 -14.98 -21.14
CA THR A 553 31.71 -15.74 -20.98
C THR A 553 31.56 -17.10 -21.64
N GLU A 554 32.67 -17.62 -22.16
CA GLU A 554 32.66 -18.95 -22.72
C GLU A 554 32.30 -19.99 -21.66
N SER A 555 31.51 -20.98 -22.07
CA SER A 555 30.99 -21.98 -21.17
C SER A 555 31.44 -23.37 -21.60
N ASN A 556 31.17 -24.34 -20.72
CA ASN A 556 31.48 -25.74 -20.99
C ASN A 556 30.24 -26.62 -21.10
N LYS A 557 29.08 -26.14 -20.67
CA LYS A 557 27.87 -26.94 -20.72
C LYS A 557 27.41 -27.14 -22.17
N LYS A 558 26.74 -28.26 -22.40
CA LYS A 558 26.21 -28.60 -23.72
C LYS A 558 24.69 -28.57 -23.68
N PHE A 559 24.09 -27.98 -24.70
CA PHE A 559 22.65 -27.82 -24.79
C PHE A 559 22.03 -28.84 -25.73
N LEU A 560 20.70 -28.90 -25.68
CA LEU A 560 19.94 -29.68 -26.63
C LEU A 560 20.11 -29.08 -28.03
N PRO A 561 20.07 -29.90 -29.08
CA PRO A 561 20.17 -29.34 -30.43
C PRO A 561 19.12 -28.29 -30.75
N PHE A 562 17.93 -28.38 -30.15
CA PHE A 562 16.91 -27.35 -30.39
C PHE A 562 16.92 -26.26 -29.33
N GLN A 563 17.25 -26.61 -28.08
CA GLN A 563 17.21 -25.63 -27.00
C GLN A 563 18.17 -24.49 -27.26
N GLN A 564 17.70 -23.26 -27.08
CA GLN A 564 18.50 -22.07 -27.32
C GLN A 564 19.06 -21.48 -26.03
N PHE A 565 18.19 -21.09 -25.10
CA PHE A 565 18.61 -20.44 -23.88
C PHE A 565 18.02 -21.16 -22.68
N GLY A 566 18.74 -21.11 -21.55
CA GLY A 566 18.35 -21.79 -20.35
C GLY A 566 18.13 -20.84 -19.19
N ARG A 567 17.57 -21.38 -18.11
CA ARG A 567 17.26 -20.62 -16.91
C ARG A 567 17.81 -21.35 -15.69
N ASP A 568 17.86 -20.62 -14.58
CA ASP A 568 18.30 -21.17 -13.31
C ASP A 568 17.09 -21.69 -12.53
N ILE A 569 17.29 -22.01 -11.26
CA ILE A 569 16.17 -22.39 -10.40
C ILE A 569 15.24 -21.20 -10.19
N ALA A 570 15.80 -20.00 -10.10
CA ALA A 570 15.04 -18.79 -9.82
C ALA A 570 14.35 -18.20 -11.04
N ASP A 571 14.26 -18.96 -12.14
CA ASP A 571 13.58 -18.51 -13.36
C ASP A 571 14.19 -17.22 -13.90
N THR A 572 15.52 -17.15 -13.89
CA THR A 572 16.24 -16.02 -14.45
C THR A 572 17.13 -16.49 -15.60
N THR A 573 17.48 -15.55 -16.48
CA THR A 573 18.31 -15.88 -17.62
C THR A 573 19.66 -16.41 -17.17
N ASP A 574 20.09 -17.52 -17.78
CA ASP A 574 21.33 -18.18 -17.41
C ASP A 574 22.36 -18.19 -18.54
N ALA A 575 21.97 -18.66 -19.72
CA ALA A 575 22.90 -18.74 -20.84
C ALA A 575 22.12 -18.71 -22.14
N VAL A 576 22.74 -18.14 -23.17
CA VAL A 576 22.12 -18.03 -24.49
C VAL A 576 23.08 -18.60 -25.53
N ARG A 577 22.53 -19.33 -26.49
CA ARG A 577 23.28 -19.89 -27.60
C ARG A 577 23.37 -18.88 -28.73
N ASP A 578 24.51 -18.86 -29.39
CA ASP A 578 24.74 -17.89 -30.46
C ASP A 578 23.83 -18.19 -31.65
N PRO A 579 23.04 -17.22 -32.11
CA PRO A 579 22.30 -17.44 -33.37
C PRO A 579 23.22 -17.66 -34.57
N GLN A 580 24.45 -17.14 -34.54
CA GLN A 580 25.36 -17.31 -35.66
C GLN A 580 26.07 -18.65 -35.60
N THR A 581 26.88 -18.87 -34.56
CA THR A 581 27.63 -20.11 -34.41
C THR A 581 26.83 -21.08 -33.56
N LEU A 582 27.48 -22.15 -33.10
CA LEU A 582 26.85 -23.15 -32.23
C LEU A 582 27.72 -23.28 -30.98
N GLU A 583 27.47 -22.43 -29.98
CA GLU A 583 28.18 -22.51 -28.72
C GLU A 583 27.30 -21.91 -27.62
N ILE A 584 27.67 -22.21 -26.39
CA ILE A 584 26.92 -21.78 -25.21
C ILE A 584 27.77 -20.81 -24.43
N LEU A 585 27.18 -19.69 -24.02
CA LEU A 585 27.88 -18.64 -23.29
C LEU A 585 27.20 -18.41 -21.95
N ASP A 586 27.95 -18.57 -20.87
CA ASP A 586 27.41 -18.28 -19.54
C ASP A 586 27.12 -16.79 -19.41
N ILE A 587 26.06 -16.47 -18.68
CA ILE A 587 25.62 -15.10 -18.49
C ILE A 587 25.60 -14.84 -16.99
N THR A 588 26.70 -14.31 -16.46
CA THR A 588 26.50 -13.89 -15.09
C THR A 588 26.13 -12.41 -15.06
N PRO A 589 25.28 -11.99 -14.12
CA PRO A 589 24.93 -10.58 -14.03
C PRO A 589 26.15 -9.73 -13.69
N CYS A 590 26.11 -8.47 -14.12
CA CYS A 590 27.23 -7.56 -13.92
C CYS A 590 27.58 -7.46 -12.45
N SER A 591 28.88 -7.55 -12.16
CA SER A 591 29.35 -7.57 -10.78
C SER A 591 28.94 -6.30 -10.04
N PHE A 592 28.37 -6.47 -8.85
CA PHE A 592 27.98 -5.33 -8.04
C PHE A 592 27.93 -5.76 -6.58
N GLY A 593 28.22 -4.81 -5.70
CA GLY A 593 28.22 -5.09 -4.28
C GLY A 593 28.41 -3.81 -3.49
N GLY A 594 28.28 -3.94 -2.18
CA GLY A 594 28.42 -2.79 -1.31
C GLY A 594 29.84 -2.28 -1.27
N VAL A 595 29.97 -0.98 -1.02
CA VAL A 595 31.26 -0.32 -0.86
C VAL A 595 31.52 -0.15 0.62
N SER A 596 32.61 -0.71 1.11
CA SER A 596 32.98 -0.62 2.51
C SER A 596 34.23 0.22 2.66
N VAL A 597 34.33 0.91 3.79
CA VAL A 597 35.48 1.74 4.11
C VAL A 597 36.09 1.26 5.41
N ILE A 598 37.39 1.02 5.39
CA ILE A 598 38.15 0.62 6.58
C ILE A 598 38.87 1.86 7.08
N THR A 599 38.52 2.30 8.28
CA THR A 599 39.14 3.48 8.87
C THR A 599 39.46 3.24 10.34
N PRO A 600 40.57 3.77 10.82
CA PRO A 600 40.82 3.80 12.25
C PRO A 600 40.12 5.02 12.85
N GLY A 601 40.35 5.22 14.15
CA GLY A 601 39.78 6.37 14.82
C GLY A 601 40.21 7.69 14.22
N THR A 602 39.24 8.55 13.89
CA THR A 602 39.55 9.83 13.27
C THR A 602 40.38 10.70 14.20
N ASN A 603 40.19 10.56 15.52
CA ASN A 603 41.03 11.27 16.48
C ASN A 603 42.44 10.71 16.53
N THR A 604 42.70 9.56 15.91
CA THR A 604 44.03 8.96 15.86
C THR A 604 44.70 9.09 14.52
N SER A 605 43.97 8.89 13.42
CA SER A 605 44.54 8.96 12.08
C SER A 605 43.53 9.59 11.14
N ASN A 606 43.92 9.72 9.87
CA ASN A 606 43.05 10.36 8.88
C ASN A 606 43.08 9.63 7.53
N GLN A 607 43.63 8.42 7.47
CA GLN A 607 43.74 7.67 6.23
C GLN A 607 42.74 6.53 6.22
N VAL A 608 42.23 6.23 5.03
CA VAL A 608 41.22 5.19 4.86
C VAL A 608 41.62 4.29 3.70
N ALA A 609 41.10 3.06 3.73
CA ALA A 609 41.31 2.08 2.68
C ALA A 609 39.97 1.60 2.17
N VAL A 610 39.75 1.71 0.86
CA VAL A 610 38.50 1.28 0.25
C VAL A 610 38.41 -0.24 0.30
N LEU A 611 37.19 -0.76 0.44
CA LEU A 611 36.94 -2.19 0.44
C LEU A 611 35.82 -2.49 -0.56
N TYR A 612 36.17 -3.17 -1.65
CA TYR A 612 35.22 -3.56 -2.68
C TYR A 612 34.95 -5.04 -2.51
N GLN A 613 33.79 -5.37 -1.94
CA GLN A 613 33.47 -6.76 -1.63
C GLN A 613 32.89 -7.47 -2.85
N ASP A 614 33.11 -8.78 -2.90
CA ASP A 614 32.46 -9.69 -3.84
C ASP A 614 32.77 -9.36 -5.30
N VAL A 615 33.82 -8.58 -5.55
CA VAL A 615 34.21 -8.21 -6.91
C VAL A 615 35.72 -8.29 -7.01
N ASN A 616 36.21 -8.90 -8.09
CA ASN A 616 37.66 -8.99 -8.29
C ASN A 616 38.22 -7.63 -8.70
N CYS A 617 39.54 -7.50 -8.54
CA CYS A 617 40.21 -6.21 -8.73
C CYS A 617 40.16 -5.73 -10.17
N THR A 618 39.95 -6.63 -11.14
CA THR A 618 39.99 -6.23 -12.54
C THR A 618 38.85 -5.26 -12.87
N GLU A 619 37.67 -5.48 -12.32
CA GLU A 619 36.50 -4.65 -12.61
C GLU A 619 36.40 -3.42 -11.71
N VAL A 620 37.52 -2.96 -11.17
CA VAL A 620 37.50 -1.77 -10.32
C VAL A 620 37.15 -0.53 -11.16
N TYR A 636 39.19 5.99 -3.24
CA TYR A 636 40.50 6.05 -3.88
C TYR A 636 40.54 5.23 -5.15
N SER A 637 41.17 5.78 -6.19
CA SER A 637 41.28 5.09 -7.46
C SER A 637 42.30 3.94 -7.35
N THR A 638 42.25 3.05 -8.34
CA THR A 638 43.13 1.90 -8.34
C THR A 638 44.58 2.32 -8.60
N GLY A 639 45.51 1.46 -8.20
CA GLY A 639 46.91 1.70 -8.39
C GLY A 639 47.71 2.00 -7.13
N SER A 640 47.11 1.89 -5.95
CA SER A 640 47.78 2.15 -4.68
C SER A 640 47.71 0.88 -3.83
N ASN A 641 48.68 -0.01 -4.03
CA ASN A 641 48.81 -1.24 -3.26
C ASN A 641 47.54 -2.09 -3.33
N VAL A 642 47.24 -2.52 -4.55
CA VAL A 642 46.05 -3.34 -4.78
C VAL A 642 46.26 -4.73 -4.17
N PHE A 643 45.32 -5.16 -3.35
CA PHE A 643 45.37 -6.48 -2.74
C PHE A 643 44.01 -7.15 -2.90
N GLN A 644 44.04 -8.47 -3.05
CA GLN A 644 42.83 -9.26 -3.26
C GLN A 644 42.66 -10.26 -2.14
N THR A 645 41.42 -10.41 -1.67
CA THR A 645 41.09 -11.39 -0.64
C THR A 645 39.77 -12.03 -0.99
N ARG A 646 39.41 -13.08 -0.24
CA ARG A 646 38.14 -13.77 -0.50
C ARG A 646 36.96 -12.84 -0.29
N ALA A 647 37.06 -11.93 0.68
CA ALA A 647 35.99 -10.97 0.88
C ALA A 647 35.85 -10.05 -0.33
N GLY A 648 36.96 -9.70 -0.98
CA GLY A 648 36.91 -8.85 -2.15
C GLY A 648 38.27 -8.24 -2.42
N CYS A 649 38.25 -7.06 -3.04
CA CYS A 649 39.45 -6.32 -3.36
C CYS A 649 39.47 -5.06 -2.49
N LEU A 650 40.36 -5.03 -1.51
CA LEU A 650 40.55 -3.85 -0.68
C LEU A 650 41.72 -3.03 -1.22
N ILE A 651 41.51 -1.72 -1.32
CA ILE A 651 42.48 -0.81 -1.90
C ILE A 651 42.88 0.20 -0.85
N GLY A 652 44.18 0.41 -0.68
CA GLY A 652 44.70 1.37 0.27
C GLY A 652 45.42 0.78 1.46
N ALA A 653 45.62 -0.54 1.51
CA ALA A 653 46.34 -1.18 2.59
C ALA A 653 47.39 -2.12 2.01
N GLU A 654 48.56 -2.15 2.64
CA GLU A 654 49.64 -3.02 2.22
C GLU A 654 49.51 -4.36 2.92
N HIS A 655 49.34 -5.42 2.14
CA HIS A 655 49.18 -6.76 2.70
C HIS A 655 50.49 -7.21 3.34
N VAL A 656 50.37 -7.88 4.48
CA VAL A 656 51.52 -8.35 5.24
C VAL A 656 51.26 -9.77 5.71
N ASN A 657 52.29 -10.61 5.66
CA ASN A 657 52.17 -11.98 6.16
C ASN A 657 52.14 -12.01 7.68
N ASN A 658 52.75 -11.02 8.33
CA ASN A 658 52.83 -11.02 9.79
C ASN A 658 51.43 -11.03 10.39
N SER A 659 51.24 -11.86 11.40
CA SER A 659 49.93 -12.14 11.97
C SER A 659 49.81 -11.51 13.34
N TYR A 660 48.81 -10.65 13.51
CA TYR A 660 48.49 -10.02 14.79
C TYR A 660 47.08 -10.43 15.21
N GLU A 661 46.68 -9.96 16.40
CA GLU A 661 45.33 -10.21 16.88
C GLU A 661 44.33 -9.37 16.10
N CYS A 662 43.16 -9.95 15.85
CA CYS A 662 42.17 -9.29 15.00
C CYS A 662 41.58 -8.07 15.69
N ASP A 663 41.46 -6.97 14.93
CA ASP A 663 40.92 -5.72 15.43
C ASP A 663 39.64 -5.30 14.73
N ILE A 664 39.61 -5.29 13.41
CA ILE A 664 38.49 -4.79 12.64
C ILE A 664 37.99 -5.90 11.74
N PRO A 665 36.68 -6.16 11.68
CA PRO A 665 36.18 -7.21 10.79
C PRO A 665 36.17 -6.77 9.33
N ILE A 666 36.60 -7.69 8.46
CA ILE A 666 36.44 -7.54 7.02
C ILE A 666 35.73 -8.75 6.45
N GLY A 667 36.24 -9.93 6.77
CA GLY A 667 35.66 -11.17 6.31
C GLY A 667 36.74 -12.15 5.90
N ALA A 668 36.37 -13.43 5.91
CA ALA A 668 37.24 -14.52 5.48
C ALA A 668 38.58 -14.48 6.21
N GLY A 669 38.54 -14.14 7.50
CA GLY A 669 39.74 -14.20 8.31
C GLY A 669 40.74 -13.09 8.07
N ILE A 670 40.30 -11.95 7.55
CA ILE A 670 41.19 -10.82 7.28
C ILE A 670 40.79 -9.66 8.18
N CYS A 671 41.75 -9.16 8.96
CA CYS A 671 41.52 -8.06 9.88
C CYS A 671 42.55 -6.97 9.65
N ALA A 672 42.10 -5.72 9.69
CA ALA A 672 42.93 -4.56 9.40
C ALA A 672 43.04 -3.67 10.62
N SER A 673 44.25 -3.14 10.85
CA SER A 673 44.51 -2.30 12.00
C SER A 673 45.58 -1.28 11.63
N TYR A 674 45.65 -0.21 12.42
CA TYR A 674 46.59 0.88 12.19
C TYR A 674 47.89 0.57 12.93
N GLN A 675 48.95 0.31 12.17
CA GLN A 675 50.24 -0.02 12.75
C GLN A 675 51.34 0.36 11.77
N THR A 676 52.58 0.14 12.18
CA THR A 676 53.73 0.42 11.32
C THR A 676 54.28 -0.86 10.69
N SER A 686 55.69 6.17 7.53
CA SER A 686 56.10 5.26 8.59
C SER A 686 54.90 4.55 9.21
N GLN A 687 53.71 5.10 8.97
CA GLN A 687 52.46 4.52 9.47
C GLN A 687 51.47 4.44 8.33
N SER A 688 50.80 3.28 8.21
CA SER A 688 49.83 3.08 7.14
C SER A 688 48.90 1.95 7.54
N ILE A 689 47.75 1.89 6.86
CA ILE A 689 46.78 0.84 7.11
C ILE A 689 47.31 -0.47 6.56
N ILE A 690 47.21 -1.54 7.36
CA ILE A 690 47.66 -2.87 6.97
C ILE A 690 46.52 -3.86 7.17
N ALA A 691 46.50 -4.89 6.34
CA ALA A 691 45.52 -5.97 6.45
C ALA A 691 46.25 -7.30 6.39
N TYR A 692 45.72 -8.29 7.11
CA TYR A 692 46.43 -9.55 7.26
C TYR A 692 45.44 -10.64 7.68
N THR A 693 45.87 -11.88 7.48
CA THR A 693 45.15 -13.01 8.06
C THR A 693 45.35 -12.99 9.57
N MET A 694 44.26 -13.12 10.33
CA MET A 694 44.34 -12.90 11.76
C MET A 694 45.21 -13.96 12.43
N SER A 695 45.84 -13.55 13.52
CA SER A 695 46.46 -14.50 14.44
C SER A 695 45.49 -14.72 15.59
N LEU A 696 45.06 -15.98 15.77
CA LEU A 696 44.07 -16.28 16.78
C LEU A 696 44.57 -16.00 18.18
N GLY A 697 45.89 -16.10 18.38
CA GLY A 697 46.48 -15.92 19.69
C GLY A 697 47.88 -16.49 19.69
N ALA A 698 48.33 -16.86 20.87
CA ALA A 698 49.63 -17.49 21.04
C ALA A 698 49.47 -18.99 21.26
N GLU A 699 50.21 -19.78 20.49
CA GLU A 699 50.16 -21.24 20.62
C GLU A 699 50.92 -21.64 21.86
N ASN A 700 50.19 -22.02 22.90
CA ASN A 700 50.76 -22.44 24.18
C ASN A 700 50.65 -23.97 24.25
N SER A 701 51.64 -24.65 23.69
CA SER A 701 51.68 -26.11 23.76
C SER A 701 51.81 -26.55 25.21
N VAL A 702 51.10 -27.62 25.56
CA VAL A 702 51.04 -28.11 26.93
C VAL A 702 51.91 -29.35 27.05
N ALA A 703 52.85 -29.33 28.00
CA ALA A 703 53.79 -30.44 28.17
C ALA A 703 53.11 -31.60 28.89
N TYR A 704 52.25 -32.29 28.15
CA TYR A 704 51.56 -33.44 28.69
C TYR A 704 52.53 -34.62 28.84
N SER A 705 52.23 -35.50 29.77
CA SER A 705 52.94 -36.75 29.91
C SER A 705 52.04 -37.73 30.66
N ASN A 706 52.54 -38.94 30.85
CA ASN A 706 51.77 -39.96 31.57
C ASN A 706 51.79 -39.72 33.07
N ASN A 707 52.89 -39.21 33.60
CA ASN A 707 53.07 -39.04 35.04
C ASN A 707 53.50 -37.62 35.36
N SER A 708 52.80 -36.64 34.79
CA SER A 708 53.08 -35.24 35.05
C SER A 708 51.79 -34.56 35.50
N ILE A 709 51.83 -33.95 36.68
CA ILE A 709 50.66 -33.29 37.26
C ILE A 709 50.97 -31.83 37.49
N ALA A 710 49.93 -31.00 37.48
CA ALA A 710 50.07 -29.56 37.65
C ALA A 710 49.18 -29.10 38.80
N ILE A 711 49.78 -28.42 39.77
CA ILE A 711 49.04 -27.85 40.89
C ILE A 711 49.52 -26.41 41.10
N PRO A 712 48.62 -25.44 41.19
CA PRO A 712 49.05 -24.07 41.44
C PRO A 712 49.58 -23.91 42.85
N THR A 713 50.42 -22.89 43.03
CA THR A 713 51.01 -22.60 44.32
C THR A 713 50.64 -21.23 44.87
N ASN A 714 49.82 -20.46 44.15
CA ASN A 714 49.41 -19.15 44.61
C ASN A 714 48.09 -18.80 43.96
N PHE A 715 47.27 -18.03 44.67
CA PHE A 715 45.98 -17.60 44.19
C PHE A 715 45.97 -16.10 43.93
N THR A 716 44.94 -15.64 43.22
CA THR A 716 44.84 -14.24 42.85
C THR A 716 43.38 -13.91 42.63
N ILE A 717 42.83 -13.02 43.45
CA ILE A 717 41.44 -12.61 43.33
C ILE A 717 41.36 -11.52 42.27
N SER A 718 40.60 -11.78 41.21
CA SER A 718 40.40 -10.80 40.16
C SER A 718 38.94 -10.38 40.11
N VAL A 719 38.72 -9.10 39.79
CA VAL A 719 37.39 -8.53 39.69
C VAL A 719 37.08 -8.31 38.21
N THR A 720 36.01 -8.96 37.73
CA THR A 720 35.62 -8.90 36.33
C THR A 720 34.22 -8.34 36.22
N THR A 721 34.00 -7.47 35.24
CA THR A 721 32.74 -6.78 35.06
C THR A 721 31.93 -7.42 33.94
N GLU A 722 30.68 -7.77 34.23
CA GLU A 722 29.73 -8.26 33.24
C GLU A 722 28.51 -7.36 33.28
N ILE A 723 28.07 -6.91 32.12
CA ILE A 723 26.98 -5.94 32.00
C ILE A 723 25.84 -6.58 31.22
N LEU A 724 24.62 -6.47 31.75
CA LEU A 724 23.44 -7.01 31.09
C LEU A 724 22.38 -5.91 31.05
N PRO A 725 21.86 -5.57 29.86
CA PRO A 725 20.78 -4.58 29.81
C PRO A 725 19.54 -5.12 30.53
N VAL A 726 18.88 -4.24 31.27
CA VAL A 726 17.75 -4.68 32.10
C VAL A 726 16.52 -3.83 31.82
N SER A 727 16.72 -2.60 31.33
CA SER A 727 15.59 -1.71 31.16
C SER A 727 15.87 -0.70 30.05
N MET A 728 14.84 -0.42 29.26
CA MET A 728 14.86 0.62 28.25
C MET A 728 13.83 1.69 28.64
N THR A 729 13.67 2.67 27.75
CA THR A 729 12.68 3.71 28.00
C THR A 729 11.28 3.13 27.87
N LYS A 730 10.44 3.40 28.88
CA LYS A 730 9.07 2.88 28.92
C LYS A 730 8.19 3.67 27.95
N THR A 731 8.48 3.48 26.67
CA THR A 731 7.82 4.27 25.64
C THR A 731 6.36 3.87 25.48
N SER A 732 5.53 4.86 25.17
CA SER A 732 4.13 4.66 24.86
C SER A 732 3.76 5.57 23.70
N VAL A 733 2.94 5.05 22.78
CA VAL A 733 2.56 5.77 21.58
C VAL A 733 1.04 5.89 21.53
N ASP A 734 0.56 7.12 21.34
CA ASP A 734 -0.86 7.37 21.13
C ASP A 734 -1.10 7.26 19.63
N CYS A 735 -1.84 6.23 19.22
CA CYS A 735 -1.97 5.95 17.79
C CYS A 735 -2.68 7.07 17.05
N THR A 736 -3.75 7.61 17.62
CA THR A 736 -4.56 8.59 16.91
C THR A 736 -3.77 9.84 16.59
N MET A 737 -3.00 10.34 17.55
CA MET A 737 -2.27 11.59 17.35
C MET A 737 -1.14 11.43 16.34
N TYR A 738 -0.48 10.27 16.35
CA TYR A 738 0.63 10.07 15.41
C TYR A 738 0.12 9.84 14.00
N ILE A 739 -0.97 9.06 13.86
CA ILE A 739 -1.55 8.86 12.54
C ILE A 739 -2.15 10.16 12.02
N CYS A 740 -2.85 10.89 12.88
CA CYS A 740 -3.57 12.08 12.46
C CYS A 740 -3.36 13.22 13.44
N GLY A 741 -3.29 14.43 12.92
CA GLY A 741 -3.25 15.61 13.75
C GLY A 741 -4.56 15.84 14.46
N ASP A 742 -4.73 17.08 14.94
CA ASP A 742 -5.96 17.43 15.64
C ASP A 742 -7.16 17.53 14.72
N SER A 743 -6.93 17.46 13.41
CA SER A 743 -8.03 17.53 12.44
C SER A 743 -9.02 16.38 12.65
N THR A 744 -10.31 16.71 12.67
CA THR A 744 -11.33 15.74 13.02
C THR A 744 -11.61 14.76 11.87
N GLU A 745 -11.56 15.25 10.62
CA GLU A 745 -11.82 14.37 9.49
C GLU A 745 -10.74 13.31 9.36
N CYS A 746 -9.50 13.67 9.68
CA CYS A 746 -8.43 12.67 9.70
C CYS A 746 -8.71 11.60 10.74
N SER A 747 -9.18 11.99 11.92
CA SER A 747 -9.51 11.02 12.95
C SER A 747 -10.65 10.11 12.49
N ASN A 748 -11.66 10.68 11.84
CA ASN A 748 -12.76 9.85 11.34
C ASN A 748 -12.27 8.87 10.29
N LEU A 749 -11.44 9.31 9.36
CA LEU A 749 -10.92 8.41 8.34
C LEU A 749 -10.06 7.31 8.95
N LEU A 750 -9.27 7.64 9.97
CA LEU A 750 -8.50 6.62 10.66
C LEU A 750 -9.42 5.62 11.36
N LEU A 751 -10.46 6.11 12.02
CA LEU A 751 -11.42 5.23 12.68
C LEU A 751 -12.08 4.30 11.67
N GLN A 752 -12.22 4.75 10.42
CA GLN A 752 -12.74 3.88 9.38
C GLN A 752 -11.89 2.63 9.17
N TYR A 753 -10.61 2.66 9.56
CA TYR A 753 -9.72 1.51 9.41
C TYR A 753 -9.85 0.49 10.54
N GLY A 754 -10.99 0.43 11.22
CA GLY A 754 -11.18 -0.62 12.20
C GLY A 754 -10.49 -0.37 13.52
N SER A 755 -9.84 -1.41 14.06
CA SER A 755 -9.29 -1.35 15.41
C SER A 755 -7.76 -1.50 15.43
N PHE A 756 -7.07 -0.86 14.48
CA PHE A 756 -5.61 -0.87 14.53
C PHE A 756 -5.09 -0.10 15.73
N CYS A 757 -5.64 1.09 15.98
CA CYS A 757 -5.10 1.95 17.03
C CYS A 757 -5.23 1.31 18.40
N THR A 758 -6.36 0.66 18.66
CA THR A 758 -6.53 -0.02 19.95
C THR A 758 -5.49 -1.11 20.12
N GLN A 759 -5.25 -1.92 19.08
CA GLN A 759 -4.26 -2.98 19.17
C GLN A 759 -2.87 -2.42 19.39
N LEU A 760 -2.53 -1.34 18.69
CA LEU A 760 -1.21 -0.73 18.86
C LEU A 760 -1.02 -0.19 20.28
N ASN A 761 -2.03 0.51 20.80
CA ASN A 761 -1.93 1.04 22.15
C ASN A 761 -1.81 -0.09 23.16
N ARG A 762 -2.58 -1.16 22.98
CA ARG A 762 -2.51 -2.31 23.88
C ARG A 762 -1.13 -2.95 23.83
N ALA A 763 -0.56 -3.11 22.63
CA ALA A 763 0.76 -3.72 22.51
C ALA A 763 1.81 -2.86 23.21
N LEU A 764 1.77 -1.55 23.02
CA LEU A 764 2.76 -0.69 23.67
C LEU A 764 2.58 -0.70 25.19
N THR A 765 1.33 -0.68 25.67
CA THR A 765 1.10 -0.77 27.10
C THR A 765 1.60 -2.10 27.66
N GLY A 766 1.42 -3.18 26.91
CA GLY A 766 1.98 -4.45 27.31
C GLY A 766 3.49 -4.42 27.39
N ILE A 767 4.13 -3.77 26.41
CA ILE A 767 5.58 -3.57 26.47
C ILE A 767 5.95 -2.87 27.76
N ALA A 768 5.23 -1.80 28.09
CA ALA A 768 5.56 -1.01 29.26
C ALA A 768 5.42 -1.83 30.55
N VAL A 769 4.29 -2.51 30.70
CA VAL A 769 4.04 -3.25 31.94
C VAL A 769 4.99 -4.44 32.05
N GLU A 770 5.31 -5.09 30.93
CA GLU A 770 6.27 -6.17 30.95
C GLU A 770 7.66 -5.67 31.32
N GLN A 771 8.04 -4.50 30.81
CA GLN A 771 9.35 -3.94 31.15
C GLN A 771 9.43 -3.63 32.64
N ASP A 772 8.35 -3.06 33.19
CA ASP A 772 8.34 -2.76 34.62
C ASP A 772 8.40 -4.04 35.45
N LYS A 773 7.62 -5.05 35.08
CA LYS A 773 7.69 -6.34 35.75
C LYS A 773 9.08 -6.94 35.65
N ASN A 774 9.76 -6.72 34.52
CA ASN A 774 11.13 -7.18 34.36
C ASN A 774 12.06 -6.51 35.36
N THR A 775 11.95 -5.19 35.50
CA THR A 775 12.79 -4.48 36.46
C THR A 775 12.53 -5.01 37.87
N GLN A 776 11.26 -5.25 38.20
CA GLN A 776 10.94 -5.81 39.51
C GLN A 776 11.54 -7.20 39.67
N GLU A 777 11.47 -8.03 38.62
CA GLU A 777 11.97 -9.39 38.72
C GLU A 777 13.48 -9.43 38.89
N VAL A 778 14.17 -8.42 38.36
CA VAL A 778 15.63 -8.44 38.44
C VAL A 778 16.12 -7.80 39.74
N PHE A 779 15.45 -6.75 40.22
CA PHE A 779 15.96 -6.01 41.36
C PHE A 779 15.17 -6.24 42.65
N ALA A 780 14.19 -7.14 42.66
CA ALA A 780 13.42 -7.30 43.89
C ALA A 780 13.34 -8.76 44.35
N GLN A 781 14.45 -9.49 44.31
CA GLN A 781 14.44 -10.85 44.84
C GLN A 781 14.19 -10.84 46.34
N VAL A 782 14.86 -9.96 47.06
CA VAL A 782 14.66 -9.85 48.50
C VAL A 782 13.45 -8.96 48.75
N LYS A 783 12.69 -9.28 49.79
CA LYS A 783 11.47 -8.56 50.11
C LYS A 783 11.64 -7.58 51.27
N GLN A 784 12.63 -7.77 52.13
CA GLN A 784 12.87 -6.89 53.26
C GLN A 784 14.23 -6.22 53.09
N ILE A 785 14.29 -4.93 53.41
CA ILE A 785 15.49 -4.14 53.12
C ILE A 785 16.51 -4.39 54.21
N TYR A 786 17.77 -4.49 53.82
CA TYR A 786 18.85 -4.70 54.78
C TYR A 786 19.79 -3.50 54.81
N LYS A 787 20.27 -3.20 56.00
CA LYS A 787 21.25 -2.13 56.20
C LYS A 787 22.50 -2.71 56.84
N THR A 788 23.66 -2.31 56.32
CA THR A 788 24.92 -2.70 56.90
C THR A 788 25.05 -2.12 58.31
N PRO A 789 25.86 -2.75 59.17
CA PRO A 789 26.06 -2.19 60.49
C PRO A 789 26.70 -0.81 60.40
N PRO A 790 26.45 0.05 61.38
CA PRO A 790 26.93 1.45 61.26
C PRO A 790 28.42 1.57 61.06
N ILE A 791 29.20 0.66 61.64
CA ILE A 791 30.65 0.69 61.48
C ILE A 791 31.03 -0.21 60.32
N LYS A 792 31.89 0.29 59.42
CA LYS A 792 32.30 -0.44 58.24
C LYS A 792 33.53 -1.30 58.54
N ASP A 793 33.37 -2.19 59.52
CA ASP A 793 34.41 -3.14 59.89
C ASP A 793 34.00 -4.53 59.40
N PHE A 794 34.85 -5.14 58.58
CA PHE A 794 34.56 -6.44 57.97
C PHE A 794 35.82 -7.30 57.99
N GLY A 795 36.49 -7.32 59.13
CA GLY A 795 37.62 -8.23 59.31
C GLY A 795 38.75 -8.02 58.33
N GLY A 796 39.12 -6.76 58.09
CA GLY A 796 40.22 -6.46 57.20
C GLY A 796 39.84 -6.29 55.74
N PHE A 797 38.59 -6.54 55.38
CA PHE A 797 38.12 -6.34 54.01
C PHE A 797 37.42 -4.99 53.92
N ASN A 798 37.86 -4.16 52.98
CA ASN A 798 37.36 -2.79 52.86
C ASN A 798 36.40 -2.70 51.66
N PHE A 799 35.18 -2.24 51.93
CA PHE A 799 34.14 -2.09 50.92
C PHE A 799 33.62 -0.67 50.83
N SER A 800 34.46 0.32 51.17
CA SER A 800 33.98 1.70 51.18
C SER A 800 33.53 2.14 49.79
N GLN A 801 34.24 1.70 48.76
CA GLN A 801 33.89 2.10 47.41
C GLN A 801 32.54 1.53 46.98
N ILE A 802 32.23 0.30 47.39
CA ILE A 802 31.08 -0.38 46.82
C ILE A 802 29.82 -0.13 47.65
N LEU A 803 29.99 0.20 48.93
CA LEU A 803 28.87 0.56 49.77
C LEU A 803 28.38 1.97 49.44
N PRO A 804 27.11 2.29 49.69
CA PRO A 804 26.64 3.67 49.49
C PRO A 804 27.25 4.61 50.52
N ASP A 805 27.78 5.73 50.04
CA ASP A 805 28.38 6.74 50.91
C ASP A 805 27.34 7.80 51.25
N PRO A 806 27.01 8.00 52.53
CA PRO A 806 26.03 9.03 52.89
C PRO A 806 26.46 10.43 52.52
N SER A 807 27.76 10.67 52.35
CA SER A 807 28.23 12.01 52.01
C SER A 807 27.70 12.47 50.66
N LYS A 808 27.43 11.52 49.77
CA LYS A 808 26.87 11.87 48.47
C LYS A 808 25.46 12.42 48.64
N PRO A 809 24.98 13.26 47.71
CA PRO A 809 23.62 13.79 47.84
C PRO A 809 22.55 12.71 47.82
N SER A 810 22.53 11.89 46.77
CA SER A 810 21.63 10.74 46.75
C SER A 810 22.33 9.52 47.34
N LYS A 811 21.53 8.55 47.78
CA LYS A 811 22.07 7.35 48.41
C LYS A 811 22.70 6.50 47.33
N ARG A 812 23.92 6.84 46.95
CA ARG A 812 24.61 6.18 45.85
C ARG A 812 26.04 5.87 46.25
N SER A 813 26.55 4.76 45.75
CA SER A 813 27.95 4.40 45.94
C SER A 813 28.81 5.06 44.87
N PRO A 814 30.10 5.26 45.14
CA PRO A 814 30.96 5.88 44.12
C PRO A 814 30.99 5.13 42.81
N ILE A 815 30.93 3.80 42.82
CA ILE A 815 30.94 3.05 41.57
C ILE A 815 29.69 3.35 40.75
N GLU A 816 28.52 3.30 41.39
CA GLU A 816 27.30 3.59 40.65
C GLU A 816 27.23 5.07 40.27
N ASP A 817 27.85 5.94 41.07
CA ASP A 817 27.93 7.35 40.70
C ASP A 817 28.72 7.53 39.41
N LEU A 818 29.87 6.88 39.32
CA LEU A 818 30.68 6.94 38.10
C LEU A 818 29.91 6.37 36.91
N LEU A 819 29.24 5.24 37.12
CA LEU A 819 28.44 4.65 36.04
C LEU A 819 27.34 5.60 35.60
N PHE A 820 26.68 6.25 36.54
CA PHE A 820 25.60 7.18 36.20
C PHE A 820 26.13 8.37 35.42
N ASN A 821 27.29 8.90 35.82
CA ASN A 821 27.86 10.01 35.08
C ASN A 821 28.26 9.60 33.68
N LYS A 822 28.76 8.37 33.49
CA LYS A 822 29.22 7.95 32.18
C LYS A 822 28.07 7.79 31.19
N VAL A 823 26.89 7.38 31.68
CA VAL A 823 25.75 7.20 30.79
C VAL A 823 25.28 8.56 30.28
N THR A 824 25.09 8.66 28.96
CA THR A 824 24.60 9.88 28.35
C THR A 824 23.08 9.89 28.26
N LYS A 851 10.51 15.41 24.46
CA LYS A 851 9.99 15.13 23.13
C LYS A 851 8.46 15.06 23.15
N PHE A 852 7.83 15.76 22.21
CA PHE A 852 6.37 15.81 22.13
C PHE A 852 5.96 16.00 20.67
N ASN A 853 5.58 14.89 20.03
CA ASN A 853 4.99 14.92 18.70
C ASN A 853 3.85 13.89 18.63
N GLY A 854 3.01 13.88 19.65
CA GLY A 854 2.03 12.83 19.84
C GLY A 854 2.54 11.66 20.65
N LEU A 855 3.82 11.65 21.00
CA LEU A 855 4.42 10.60 21.80
C LEU A 855 4.39 10.96 23.29
N THR A 856 4.86 10.04 24.10
CA THR A 856 4.97 10.26 25.54
C THR A 856 5.97 9.26 26.12
N VAL A 857 6.46 9.57 27.30
CA VAL A 857 7.39 8.70 28.03
C VAL A 857 6.85 8.50 29.44
N LEU A 858 6.44 7.29 29.74
CA LEU A 858 5.96 7.01 31.09
C LEU A 858 7.14 6.69 31.99
N PRO A 859 7.31 7.42 33.10
CA PRO A 859 8.43 7.14 33.99
C PRO A 859 8.31 5.75 34.59
N PRO A 860 9.43 5.08 34.84
CA PRO A 860 9.36 3.73 35.43
C PRO A 860 8.80 3.78 36.83
N LEU A 861 8.20 2.66 37.25
CA LEU A 861 7.65 2.58 38.60
C LEU A 861 8.74 2.78 39.64
N LEU A 862 9.88 2.13 39.45
CA LEU A 862 11.00 2.27 40.37
C LEU A 862 11.90 3.41 39.92
N THR A 863 12.14 4.36 40.81
CA THR A 863 13.04 5.45 40.51
C THR A 863 14.48 5.02 40.77
N ASP A 864 15.43 5.87 40.34
CA ASP A 864 16.83 5.52 40.45
C ASP A 864 17.26 5.36 41.91
N GLU A 865 16.75 6.21 42.79
CA GLU A 865 17.06 6.04 44.21
C GLU A 865 16.46 4.75 44.75
N MET A 866 15.29 4.35 44.24
CA MET A 866 14.64 3.14 44.73
C MET A 866 15.44 1.89 44.34
N ILE A 867 15.83 1.79 43.07
CA ILE A 867 16.65 0.66 42.66
C ILE A 867 18.01 0.71 43.34
N ALA A 868 18.50 1.92 43.62
CA ALA A 868 19.72 2.05 44.42
C ALA A 868 19.52 1.43 45.80
N GLN A 869 18.34 1.63 46.39
CA GLN A 869 18.06 1.03 47.70
C GLN A 869 17.99 -0.49 47.61
N TYR A 870 17.38 -1.02 46.56
CA TYR A 870 17.46 -2.46 46.31
C TYR A 870 18.91 -2.94 46.27
N THR A 871 19.77 -2.25 45.51
CA THR A 871 21.16 -2.68 45.43
C THR A 871 21.84 -2.61 46.79
N SER A 872 21.57 -1.55 47.54
CA SER A 872 22.15 -1.43 48.88
C SER A 872 21.72 -2.59 49.76
N ALA A 873 20.44 -2.94 49.71
CA ALA A 873 19.94 -4.03 50.55
C ALA A 873 20.57 -5.36 50.15
N LEU A 874 20.64 -5.65 48.84
CA LEU A 874 21.24 -6.90 48.40
C LEU A 874 22.71 -6.97 48.77
N LEU A 875 23.44 -5.88 48.58
CA LEU A 875 24.85 -5.87 48.90
C LEU A 875 25.05 -6.06 50.41
N ALA A 876 24.21 -5.41 51.22
CA ALA A 876 24.27 -5.59 52.66
C ALA A 876 24.03 -7.03 53.05
N GLY A 877 23.03 -7.65 52.43
CA GLY A 877 22.77 -9.06 52.70
C GLY A 877 23.95 -9.94 52.33
N THR A 878 24.52 -9.72 51.15
CA THR A 878 25.63 -10.55 50.71
C THR A 878 26.87 -10.35 51.59
N ILE A 879 27.01 -9.16 52.17
CA ILE A 879 28.15 -8.94 53.06
C ILE A 879 27.91 -9.58 54.42
N THR A 880 26.80 -9.24 55.07
CA THR A 880 26.65 -9.58 56.48
C THR A 880 26.10 -10.98 56.67
N SER A 881 25.28 -11.46 55.74
CA SER A 881 24.56 -12.70 55.97
C SER A 881 25.30 -13.90 55.41
N GLY A 882 25.46 -13.95 54.10
CA GLY A 882 25.83 -15.16 53.39
C GLY A 882 24.68 -15.63 52.52
N TRP A 883 24.62 -16.95 52.33
CA TRP A 883 23.56 -17.51 51.49
C TRP A 883 22.19 -17.18 52.07
N THR A 884 22.10 -17.08 53.39
CA THR A 884 20.86 -17.34 54.09
C THR A 884 19.74 -16.36 53.72
N PHE A 885 20.04 -15.09 53.50
CA PHE A 885 18.94 -14.13 53.40
C PHE A 885 18.07 -14.37 52.17
N GLY A 886 18.59 -15.07 51.16
CA GLY A 886 17.77 -15.47 50.03
C GLY A 886 16.93 -16.71 50.34
N ALA A 887 17.12 -17.28 51.52
CA ALA A 887 16.35 -18.41 51.98
C ALA A 887 15.77 -18.08 53.35
N GLY A 888 14.66 -17.35 53.36
CA GLY A 888 13.99 -16.99 54.59
C GLY A 888 14.80 -16.08 55.48
N PRO A 889 15.07 -16.54 56.70
CA PRO A 889 15.73 -15.68 57.69
C PRO A 889 17.15 -15.32 57.26
N ALA A 890 17.57 -14.11 57.64
CA ALA A 890 18.89 -13.62 57.30
C ALA A 890 19.85 -13.91 58.46
N LEU A 891 20.37 -15.13 58.46
CA LEU A 891 21.40 -15.50 59.43
C LEU A 891 22.61 -14.59 59.28
N GLN A 892 23.17 -14.15 60.40
CA GLN A 892 24.30 -13.25 60.39
C GLN A 892 25.59 -14.02 60.67
N ILE A 893 26.56 -13.88 59.78
CA ILE A 893 27.84 -14.59 59.84
C ILE A 893 28.94 -13.59 59.56
N PRO A 894 30.06 -13.62 60.28
CA PRO A 894 31.16 -12.73 59.95
C PRO A 894 31.67 -12.99 58.55
N PHE A 895 32.17 -11.93 57.90
CA PHE A 895 32.55 -12.03 56.50
C PHE A 895 33.64 -13.06 56.23
N PRO A 896 34.75 -13.12 56.99
CA PRO A 896 35.76 -14.15 56.69
C PRO A 896 35.21 -15.57 56.76
N MET A 897 34.29 -15.86 57.68
CA MET A 897 33.77 -17.23 57.77
C MET A 897 32.98 -17.60 56.53
N GLN A 898 32.14 -16.69 56.02
CA GLN A 898 31.37 -17.05 54.84
C GLN A 898 32.26 -17.09 53.61
N MET A 899 33.33 -16.28 53.60
CA MET A 899 34.34 -16.43 52.55
C MET A 899 34.99 -17.80 52.61
N ALA A 900 35.26 -18.30 53.82
CA ALA A 900 35.83 -19.63 53.98
C ALA A 900 34.86 -20.69 53.51
N TYR A 901 33.57 -20.51 53.78
CA TYR A 901 32.55 -21.35 53.16
C TYR A 901 32.66 -21.34 51.64
N ARG A 902 32.82 -20.17 51.03
CA ARG A 902 32.91 -20.13 49.58
C ARG A 902 34.11 -20.93 49.08
N PHE A 903 35.25 -20.77 49.76
CA PHE A 903 36.41 -21.58 49.39
C PHE A 903 36.13 -23.07 49.54
N ASN A 904 35.49 -23.46 50.64
CA ASN A 904 35.15 -24.87 50.84
C ASN A 904 34.24 -25.36 49.72
N GLY A 905 33.37 -24.49 49.23
CA GLY A 905 32.50 -24.87 48.11
C GLY A 905 33.25 -24.94 46.80
N ILE A 906 34.38 -24.25 46.70
CA ILE A 906 35.12 -24.22 45.44
C ILE A 906 36.04 -25.42 45.32
N GLY A 907 36.51 -25.94 46.45
CA GLY A 907 37.37 -27.11 46.45
C GLY A 907 38.64 -26.97 47.26
N VAL A 908 39.00 -25.76 47.69
CA VAL A 908 40.13 -25.57 48.60
C VAL A 908 39.60 -25.46 50.02
N THR A 909 40.27 -26.12 50.95
CA THR A 909 39.79 -26.15 52.33
C THR A 909 39.96 -24.78 52.99
N GLN A 910 39.37 -24.64 54.17
CA GLN A 910 39.36 -23.35 54.87
C GLN A 910 40.74 -22.92 55.35
N ASN A 911 41.78 -23.73 55.13
CA ASN A 911 43.11 -23.36 55.60
C ASN A 911 43.61 -22.09 54.91
N VAL A 912 43.43 -22.01 53.59
CA VAL A 912 44.09 -20.97 52.81
C VAL A 912 43.58 -19.59 53.22
N LEU A 913 42.26 -19.45 53.38
CA LEU A 913 41.70 -18.14 53.66
C LEU A 913 42.22 -17.57 54.98
N TYR A 914 42.10 -18.34 56.06
CA TYR A 914 42.56 -17.84 57.35
C TYR A 914 44.06 -17.65 57.37
N GLU A 915 44.81 -18.51 56.66
CA GLU A 915 46.26 -18.34 56.66
C GLU A 915 46.68 -17.16 55.79
N ASN A 916 45.84 -16.78 54.83
CA ASN A 916 46.18 -15.71 53.90
C ASN A 916 45.15 -14.58 53.90
N GLN A 917 44.74 -14.11 55.07
CA GLN A 917 43.70 -13.09 55.13
C GLN A 917 44.22 -11.74 54.63
N LYS A 918 45.38 -11.32 55.10
CA LYS A 918 45.91 -10.00 54.73
C LYS A 918 46.17 -9.92 53.24
N LEU A 919 46.78 -10.96 52.66
CA LEU A 919 47.09 -10.93 51.24
C LEU A 919 45.83 -10.87 50.39
N ILE A 920 44.82 -11.68 50.74
CA ILE A 920 43.59 -11.66 49.96
C ILE A 920 42.85 -10.35 50.14
N ALA A 921 42.98 -9.73 51.32
CA ALA A 921 42.37 -8.43 51.54
C ALA A 921 43.00 -7.37 50.62
N ASN A 922 44.33 -7.36 50.57
CA ASN A 922 45.01 -6.42 49.68
C ASN A 922 44.66 -6.68 48.23
N GLN A 923 44.57 -7.96 47.84
CA GLN A 923 44.18 -8.29 46.47
C GLN A 923 42.80 -7.76 46.15
N PHE A 924 41.85 -7.94 47.07
CA PHE A 924 40.49 -7.47 46.84
C PHE A 924 40.44 -5.95 46.70
N ASN A 925 41.13 -5.25 47.60
CA ASN A 925 41.08 -3.78 47.57
C ASN A 925 41.72 -3.24 46.29
N SER A 926 42.89 -3.78 45.92
CA SER A 926 43.53 -3.34 44.69
C SER A 926 42.67 -3.67 43.48
N ALA A 927 42.00 -4.82 43.50
CA ALA A 927 41.13 -5.18 42.39
C ALA A 927 39.96 -4.21 42.26
N ILE A 928 39.37 -3.81 43.39
CA ILE A 928 38.27 -2.86 43.35
C ILE A 928 38.75 -1.52 42.80
N GLY A 929 39.91 -1.06 43.25
CA GLY A 929 40.45 0.19 42.71
C GLY A 929 40.69 0.10 41.22
N LYS A 930 41.26 -1.03 40.76
CA LYS A 930 41.55 -1.19 39.34
C LYS A 930 40.27 -1.25 38.53
N ILE A 931 39.21 -1.88 39.05
CA ILE A 931 37.98 -1.96 38.29
C ILE A 931 37.32 -0.59 38.21
N GLN A 932 37.42 0.21 39.27
CA GLN A 932 36.92 1.58 39.20
C GLN A 932 37.66 2.36 38.11
N ASP A 933 39.00 2.24 38.09
CA ASP A 933 39.77 2.94 37.06
C ASP A 933 39.42 2.44 35.67
N SER A 934 39.23 1.14 35.51
CA SER A 934 38.90 0.58 34.19
C SER A 934 37.54 1.09 33.71
N LEU A 935 36.56 1.14 34.60
CA LEU A 935 35.27 1.70 34.21
C LEU A 935 35.40 3.17 33.83
N SER A 936 36.19 3.93 34.59
CA SER A 936 36.34 5.35 34.29
C SER A 936 37.03 5.58 32.95
N SER A 937 38.09 4.83 32.66
CA SER A 937 38.94 5.17 31.52
C SER A 937 38.26 4.87 30.18
N THR A 938 37.69 3.68 30.03
CA THR A 938 37.27 3.21 28.71
C THR A 938 35.77 3.41 28.54
N PRO A 939 35.33 4.30 27.65
CA PRO A 939 33.90 4.45 27.40
C PRO A 939 33.24 3.21 26.81
N SER A 940 33.99 2.42 26.04
CA SER A 940 33.39 1.28 25.36
C SER A 940 33.03 0.16 26.32
N ALA A 941 33.50 0.20 27.57
CA ALA A 941 33.13 -0.82 28.53
C ALA A 941 31.64 -0.79 28.83
N LEU A 942 31.05 0.41 28.81
CA LEU A 942 29.61 0.60 29.00
C LEU A 942 28.86 0.49 27.67
N GLY A 943 29.46 -0.23 26.72
CA GLY A 943 28.98 -0.19 25.35
C GLY A 943 27.61 -0.79 25.16
N LYS A 944 27.30 -1.87 25.88
CA LYS A 944 26.00 -2.51 25.71
C LYS A 944 24.88 -1.58 26.11
N LEU A 945 24.99 -0.97 27.29
CA LEU A 945 23.97 -0.03 27.74
C LEU A 945 23.89 1.18 26.83
N GLN A 946 25.05 1.73 26.42
CA GLN A 946 25.02 2.89 25.56
C GLN A 946 24.37 2.56 24.22
N ASP A 947 24.66 1.37 23.69
CA ASP A 947 24.06 0.95 22.43
C ASP A 947 22.56 0.78 22.56
N VAL A 948 22.09 0.20 23.67
CA VAL A 948 20.65 0.03 23.85
C VAL A 948 19.96 1.39 23.86
N VAL A 949 20.47 2.31 24.67
CA VAL A 949 19.84 3.63 24.78
C VAL A 949 19.89 4.36 23.46
N ASN A 950 21.05 4.35 22.80
CA ASN A 950 21.20 5.07 21.54
C ASN A 950 20.35 4.46 20.45
N GLN A 951 20.22 3.14 20.43
CA GLN A 951 19.39 2.49 19.42
C GLN A 951 17.92 2.84 19.63
N ASN A 952 17.47 2.86 20.88
CA ASN A 952 16.09 3.26 21.15
C ASN A 952 15.86 4.71 20.72
N ALA A 953 16.81 5.60 21.06
CA ALA A 953 16.68 6.99 20.69
C ALA A 953 16.70 7.18 19.18
N GLN A 954 17.55 6.42 18.48
CA GLN A 954 17.62 6.51 17.03
C GLN A 954 16.33 6.02 16.39
N ALA A 955 15.75 4.94 16.93
CA ALA A 955 14.47 4.47 16.42
C ALA A 955 13.39 5.53 16.61
N LEU A 956 13.36 6.16 17.80
CA LEU A 956 12.38 7.22 18.02
C LEU A 956 12.59 8.39 17.08
N ASN A 957 13.85 8.77 16.85
CA ASN A 957 14.15 9.89 15.96
C ASN A 957 13.73 9.55 14.52
N THR A 958 13.96 8.32 14.10
CA THR A 958 13.49 7.90 12.78
C THR A 958 11.97 7.96 12.71
N LEU A 959 11.29 7.52 13.77
CA LEU A 959 9.84 7.55 13.78
C LEU A 959 9.32 8.98 13.65
N VAL A 960 9.94 9.93 14.34
CA VAL A 960 9.49 11.32 14.26
C VAL A 960 9.84 11.91 12.90
N LYS A 961 11.06 11.66 12.41
CA LYS A 961 11.48 12.22 11.12
C LYS A 961 10.63 11.70 9.98
N GLN A 962 10.14 10.47 10.09
CA GLN A 962 9.34 9.88 9.02
C GLN A 962 8.04 10.64 8.80
N LEU A 963 7.64 11.48 9.76
CA LEU A 963 6.39 12.22 9.64
C LEU A 963 6.44 13.21 8.48
N SER A 964 7.58 13.88 8.30
CA SER A 964 7.68 14.91 7.25
C SER A 964 7.66 14.28 5.86
N SER A 965 8.05 13.03 5.75
CA SER A 965 8.03 12.34 4.46
C SER A 965 6.62 12.30 3.89
N ASN A 966 6.51 12.55 2.59
CA ASN A 966 5.19 12.76 1.98
C ASN A 966 4.44 11.45 1.77
N PHE A 967 5.15 10.33 1.64
CA PHE A 967 4.51 9.03 1.42
C PHE A 967 3.66 9.02 0.15
N GLY A 968 4.16 9.67 -0.89
CA GLY A 968 3.44 9.74 -2.15
C GLY A 968 2.36 10.79 -2.20
N ALA A 969 2.14 11.53 -1.12
CA ALA A 969 1.18 12.61 -1.14
C ALA A 969 1.75 13.81 -1.87
N ILE A 970 0.86 14.70 -2.30
CA ILE A 970 1.29 15.90 -3.01
C ILE A 970 2.08 16.81 -2.08
N SER A 971 1.83 16.73 -0.78
CA SER A 971 2.54 17.53 0.21
C SER A 971 2.62 16.77 1.52
N SER A 972 3.44 17.28 2.43
CA SER A 972 3.68 16.59 3.69
C SER A 972 2.56 16.84 4.69
N VAL A 973 2.37 18.10 5.09
CA VAL A 973 1.42 18.43 6.15
C VAL A 973 0.00 18.31 5.63
N LEU A 974 -0.87 17.69 6.42
CA LEU A 974 -2.24 17.44 5.98
C LEU A 974 -3.04 18.74 5.89
N ASN A 975 -2.63 19.77 6.65
CA ASN A 975 -3.33 21.05 6.57
C ASN A 975 -3.21 21.65 5.17
N ASP A 976 -2.01 21.55 4.57
CA ASP A 976 -1.84 22.00 3.20
C ASP A 976 -2.69 21.17 2.24
N ILE A 977 -2.82 19.88 2.50
CA ILE A 977 -3.67 19.03 1.68
C ILE A 977 -5.11 19.51 1.74
N LEU A 978 -5.60 19.82 2.94
CA LEU A 978 -6.97 20.32 3.08
C LEU A 978 -7.14 21.66 2.37
N SER A 979 -6.16 22.55 2.51
CA SER A 979 -6.30 23.89 1.93
C SER A 979 -6.25 23.84 0.42
N ARG A 980 -5.36 23.03 -0.16
CA ARG A 980 -5.14 23.08 -1.60
C ARG A 980 -6.28 22.43 -2.37
N LEU A 981 -6.78 21.29 -1.92
CA LEU A 981 -7.74 20.51 -2.67
C LEU A 981 -9.07 20.42 -1.93
N ASP A 982 -10.12 20.19 -2.70
CA ASP A 982 -11.44 19.96 -2.13
C ASP A 982 -11.45 18.63 -1.38
N PRO A 983 -12.29 18.51 -0.35
CA PRO A 983 -12.27 17.30 0.50
C PRO A 983 -12.48 16.01 -0.30
N PRO A 984 -13.46 15.94 -1.22
CA PRO A 984 -13.61 14.68 -1.97
C PRO A 984 -12.40 14.30 -2.80
N GLU A 985 -11.71 15.28 -3.39
CA GLU A 985 -10.51 14.97 -4.16
C GLU A 985 -9.32 14.72 -3.23
N ALA A 986 -9.20 15.49 -2.16
CA ALA A 986 -8.09 15.31 -1.23
C ALA A 986 -8.24 14.04 -0.40
N GLU A 987 -9.39 13.37 -0.48
CA GLU A 987 -9.60 12.16 0.30
C GLU A 987 -8.61 11.07 -0.08
N VAL A 988 -8.30 10.95 -1.37
CA VAL A 988 -7.37 9.91 -1.80
C VAL A 988 -5.95 10.23 -1.31
N GLN A 989 -5.57 11.50 -1.34
CA GLN A 989 -4.26 11.89 -0.81
C GLN A 989 -4.17 11.61 0.69
N ILE A 990 -5.23 11.94 1.42
CA ILE A 990 -5.26 11.64 2.84
C ILE A 990 -5.17 10.14 3.08
N ASP A 991 -5.87 9.36 2.25
CA ASP A 991 -5.83 7.91 2.39
C ASP A 991 -4.42 7.37 2.19
N ARG A 992 -3.72 7.88 1.17
CA ARG A 992 -2.35 7.46 0.93
C ARG A 992 -1.46 7.82 2.12
N LEU A 993 -1.60 9.04 2.63
CA LEU A 993 -0.78 9.45 3.76
C LEU A 993 -1.07 8.58 4.99
N ILE A 994 -2.34 8.26 5.21
CA ILE A 994 -2.71 7.46 6.38
C ILE A 994 -2.16 6.05 6.25
N THR A 995 -2.28 5.43 5.07
CA THR A 995 -1.76 4.08 4.93
C THR A 995 -0.24 4.05 5.09
N GLY A 996 0.44 5.08 4.58
CA GLY A 996 1.87 5.16 4.78
C GLY A 996 2.26 5.29 6.24
N ARG A 997 1.60 6.20 6.96
CA ARG A 997 1.95 6.39 8.36
C ARG A 997 1.54 5.20 9.21
N LEU A 998 0.48 4.49 8.81
CA LEU A 998 0.12 3.26 9.50
C LEU A 998 1.17 2.19 9.31
N GLN A 999 1.70 2.07 8.09
CA GLN A 999 2.83 1.17 7.87
C GLN A 999 4.03 1.59 8.71
N SER A 1000 4.24 2.90 8.85
CA SER A 1000 5.31 3.40 9.70
C SER A 1000 5.13 2.92 11.14
N LEU A 1001 3.91 3.10 11.67
CA LEU A 1001 3.64 2.66 13.04
C LEU A 1001 3.82 1.16 13.16
N GLN A 1002 3.43 0.40 12.13
CA GLN A 1002 3.60 -1.05 12.17
C GLN A 1002 5.07 -1.45 12.24
N THR A 1003 5.91 -0.85 11.40
CA THR A 1003 7.33 -1.21 11.44
C THR A 1003 7.94 -0.79 12.77
N TYR A 1004 7.52 0.37 13.30
CA TYR A 1004 8.04 0.81 14.59
C TYR A 1004 7.65 -0.14 15.71
N VAL A 1005 6.38 -0.59 15.72
CA VAL A 1005 5.93 -1.45 16.80
C VAL A 1005 6.56 -2.83 16.68
N THR A 1006 6.76 -3.31 15.46
CA THR A 1006 7.44 -4.59 15.30
C THR A 1006 8.88 -4.52 15.80
N GLN A 1007 9.57 -3.43 15.50
CA GLN A 1007 10.92 -3.25 16.03
C GLN A 1007 10.90 -3.17 17.54
N GLN A 1008 9.91 -2.47 18.10
CA GLN A 1008 9.81 -2.35 19.55
C GLN A 1008 9.57 -3.70 20.20
N LEU A 1009 8.69 -4.53 19.61
CA LEU A 1009 8.47 -5.86 20.15
C LEU A 1009 9.72 -6.74 20.06
N ILE A 1010 10.46 -6.65 18.95
CA ILE A 1010 11.68 -7.44 18.83
C ILE A 1010 12.67 -7.04 19.92
N ARG A 1011 12.86 -5.72 20.10
CA ARG A 1011 13.76 -5.25 21.14
C ARG A 1011 13.25 -5.66 22.52
N ALA A 1012 11.94 -5.62 22.73
CA ALA A 1012 11.38 -5.99 24.02
C ALA A 1012 11.62 -7.47 24.31
N ALA A 1013 11.44 -8.33 23.32
CA ALA A 1013 11.70 -9.75 23.52
C ALA A 1013 13.17 -9.99 23.82
N GLU A 1014 14.06 -9.33 23.07
CA GLU A 1014 15.49 -9.49 23.32
C GLU A 1014 15.84 -9.04 24.73
N ILE A 1015 15.35 -7.87 25.14
CA ILE A 1015 15.64 -7.35 26.47
C ILE A 1015 15.06 -8.25 27.55
N ARG A 1016 13.84 -8.75 27.34
CA ARG A 1016 13.22 -9.62 28.33
C ARG A 1016 14.02 -10.90 28.50
N ALA A 1017 14.47 -11.51 27.39
CA ALA A 1017 15.27 -12.72 27.50
C ALA A 1017 16.58 -12.43 28.23
N SER A 1018 17.29 -11.38 27.81
CA SER A 1018 18.56 -11.05 28.45
C SER A 1018 18.37 -10.73 29.92
N ALA A 1019 17.25 -10.13 30.29
CA ALA A 1019 17.08 -9.71 31.66
C ALA A 1019 16.52 -10.82 32.54
N ASN A 1020 15.80 -11.79 31.96
CA ASN A 1020 15.53 -13.01 32.70
C ASN A 1020 16.82 -13.77 32.97
N LEU A 1021 17.72 -13.79 31.99
CA LEU A 1021 19.06 -14.30 32.24
C LEU A 1021 19.75 -13.51 33.35
N ALA A 1022 19.56 -12.18 33.35
CA ALA A 1022 20.14 -11.35 34.40
C ALA A 1022 19.52 -11.66 35.76
N ALA A 1023 18.22 -11.96 35.78
CA ALA A 1023 17.58 -12.34 37.03
C ALA A 1023 18.12 -13.66 37.54
N THR A 1024 18.38 -14.61 36.64
CA THR A 1024 19.04 -15.84 37.05
C THR A 1024 20.44 -15.54 37.58
N LYS A 1025 21.16 -14.63 36.93
CA LYS A 1025 22.44 -14.16 37.45
C LYS A 1025 22.27 -13.68 38.89
N MET A 1026 21.32 -12.78 39.10
CA MET A 1026 21.01 -12.28 40.42
C MET A 1026 20.83 -13.42 41.41
N SER A 1027 19.83 -14.27 41.15
CA SER A 1027 19.39 -15.25 42.12
C SER A 1027 20.47 -16.28 42.44
N GLU A 1028 21.17 -16.80 41.42
CA GLU A 1028 22.10 -17.89 41.66
C GLU A 1028 23.56 -17.47 41.46
N CYS A 1029 23.86 -16.19 41.57
CA CYS A 1029 25.26 -15.77 41.65
C CYS A 1029 25.45 -14.75 42.76
N VAL A 1030 24.41 -13.95 43.05
CA VAL A 1030 24.50 -12.96 44.11
C VAL A 1030 24.04 -13.54 45.44
N LEU A 1031 22.87 -14.17 45.44
CA LEU A 1031 22.35 -14.78 46.66
C LEU A 1031 23.23 -15.95 47.12
N GLY A 1032 24.02 -16.52 46.22
CA GLY A 1032 24.89 -17.62 46.59
C GLY A 1032 25.75 -18.02 45.41
N GLN A 1033 26.77 -18.82 45.71
CA GLN A 1033 27.71 -19.23 44.67
C GLN A 1033 27.12 -20.33 43.79
N SER A 1034 27.64 -20.44 42.58
CA SER A 1034 27.24 -21.46 41.62
C SER A 1034 28.47 -22.27 41.24
N LYS A 1035 28.48 -23.55 41.61
CA LYS A 1035 29.66 -24.38 41.44
C LYS A 1035 30.05 -24.51 39.97
N ARG A 1036 29.09 -24.47 39.06
CA ARG A 1036 29.38 -24.66 37.65
C ARG A 1036 30.15 -23.47 37.10
N VAL A 1037 31.05 -23.75 36.17
CA VAL A 1037 32.09 -22.82 35.75
C VAL A 1037 31.56 -21.93 34.64
N ASP A 1038 32.01 -20.68 34.64
CA ASP A 1038 31.87 -19.66 33.60
C ASP A 1038 30.44 -19.14 33.47
N PHE A 1039 29.49 -19.66 34.24
CA PHE A 1039 28.15 -19.07 34.20
C PHE A 1039 28.16 -17.64 34.72
N CYS A 1040 28.97 -17.37 35.75
CA CYS A 1040 29.13 -16.03 36.27
C CYS A 1040 30.62 -15.75 36.45
N GLY A 1041 31.16 -14.83 35.66
CA GLY A 1041 32.54 -14.42 35.77
C GLY A 1041 33.48 -15.38 35.06
N LYS A 1042 34.77 -15.13 35.22
CA LYS A 1042 35.81 -15.96 34.64
C LYS A 1042 36.39 -16.85 35.73
N GLY A 1043 36.41 -18.14 35.48
CA GLY A 1043 36.93 -19.09 36.45
C GLY A 1043 35.90 -19.44 37.50
N TYR A 1044 36.38 -20.11 38.54
CA TYR A 1044 35.54 -20.49 39.66
C TYR A 1044 34.90 -19.25 40.28
N HIS A 1045 33.75 -19.44 40.91
CA HIS A 1045 32.92 -18.34 41.38
C HIS A 1045 33.01 -18.21 42.90
N LEU A 1046 33.16 -16.96 43.37
CA LEU A 1046 33.22 -16.68 44.79
C LEU A 1046 31.99 -15.90 45.28
N MET A 1047 31.68 -14.77 44.67
CA MET A 1047 30.57 -13.93 45.11
C MET A 1047 30.07 -13.12 43.93
N SER A 1048 29.09 -12.25 44.18
CA SER A 1048 28.57 -11.38 43.14
C SER A 1048 27.94 -10.16 43.79
N PHE A 1049 28.59 -9.02 43.68
CA PHE A 1049 28.00 -7.80 44.21
C PHE A 1049 27.29 -7.05 43.09
N PRO A 1050 26.00 -6.75 43.24
CA PRO A 1050 25.31 -5.95 42.23
C PRO A 1050 25.54 -4.46 42.46
N GLN A 1051 25.24 -3.69 41.42
CA GLN A 1051 25.33 -2.23 41.48
C GLN A 1051 24.28 -1.63 40.56
N SER A 1052 23.64 -0.56 41.01
CA SER A 1052 22.66 0.11 40.19
C SER A 1052 23.33 0.86 39.03
N ALA A 1053 22.57 1.10 37.98
CA ALA A 1053 23.05 1.82 36.82
C ALA A 1053 21.86 2.39 36.08
N PRO A 1054 22.04 3.48 35.34
CA PRO A 1054 20.91 4.05 34.58
C PRO A 1054 20.41 3.06 33.53
N HIS A 1055 19.16 2.63 33.71
CA HIS A 1055 18.51 1.67 32.83
C HIS A 1055 19.30 0.36 32.73
N GLY A 1056 20.18 0.09 33.69
CA GLY A 1056 21.03 -1.07 33.61
C GLY A 1056 21.45 -1.57 34.97
N VAL A 1057 22.08 -2.73 34.98
CA VAL A 1057 22.64 -3.34 36.18
C VAL A 1057 24.10 -3.65 35.92
N VAL A 1058 24.96 -3.30 36.87
CA VAL A 1058 26.40 -3.51 36.76
C VAL A 1058 26.81 -4.52 37.81
N PHE A 1059 27.25 -5.69 37.36
CA PHE A 1059 27.64 -6.77 38.26
C PHE A 1059 29.10 -6.63 38.65
N LEU A 1060 29.46 -7.32 39.73
CA LEU A 1060 30.86 -7.52 40.11
C LEU A 1060 31.02 -8.99 40.48
N HIS A 1061 31.77 -9.73 39.69
CA HIS A 1061 31.97 -11.15 39.90
C HIS A 1061 33.36 -11.37 40.49
N VAL A 1062 33.41 -11.59 41.80
CA VAL A 1062 34.66 -11.93 42.47
C VAL A 1062 34.95 -13.41 42.21
N THR A 1063 36.10 -13.69 41.61
CA THR A 1063 36.43 -15.03 41.18
C THR A 1063 37.78 -15.46 41.71
N TYR A 1064 37.98 -16.77 41.80
CA TYR A 1064 39.20 -17.37 42.31
C TYR A 1064 39.96 -17.96 41.13
N VAL A 1065 41.09 -17.34 40.79
CA VAL A 1065 41.88 -17.76 39.64
C VAL A 1065 43.31 -18.04 40.06
N PRO A 1066 43.76 -19.30 40.01
CA PRO A 1066 45.16 -19.59 40.32
C PRO A 1066 46.09 -18.95 39.28
N ALA A 1067 47.29 -18.59 39.73
CA ALA A 1067 48.22 -17.85 38.87
C ALA A 1067 49.48 -18.62 38.57
N GLN A 1068 50.25 -19.02 39.57
CA GLN A 1068 51.56 -19.64 39.37
C GLN A 1068 51.42 -21.15 39.50
N GLU A 1069 51.73 -21.86 38.43
CA GLU A 1069 51.69 -23.32 38.43
C GLU A 1069 53.06 -23.88 38.80
N LYS A 1070 53.15 -25.20 38.86
CA LYS A 1070 54.40 -25.87 39.18
C LYS A 1070 54.30 -27.33 38.78
N ASN A 1071 55.25 -27.79 37.98
CA ASN A 1071 55.24 -29.18 37.52
C ASN A 1071 55.56 -30.12 38.68
N PHE A 1072 54.97 -31.32 38.65
CA PHE A 1072 55.23 -32.34 39.65
C PHE A 1072 55.09 -33.72 39.03
N THR A 1073 55.86 -34.66 39.56
CA THR A 1073 55.74 -36.06 39.17
C THR A 1073 54.70 -36.75 40.04
N THR A 1074 53.76 -37.44 39.40
CA THR A 1074 52.61 -37.99 40.10
C THR A 1074 52.42 -39.47 39.76
N ALA A 1075 51.54 -40.10 40.52
CA ALA A 1075 51.12 -41.47 40.30
C ALA A 1075 49.64 -41.58 40.57
N PRO A 1076 48.93 -42.45 39.85
CA PRO A 1076 47.48 -42.59 40.09
C PRO A 1076 47.15 -43.03 41.50
N ALA A 1077 47.99 -43.85 42.11
CA ALA A 1077 47.71 -44.40 43.43
C ALA A 1077 49.01 -44.81 44.08
N ILE A 1078 48.90 -45.34 45.30
CA ILE A 1078 50.06 -45.82 46.05
C ILE A 1078 49.75 -47.22 46.57
N CYS A 1079 50.71 -48.13 46.39
CA CYS A 1079 50.61 -49.48 46.94
C CYS A 1079 51.54 -49.62 48.14
N HIS A 1080 51.01 -50.12 49.25
CA HIS A 1080 51.79 -50.40 50.43
C HIS A 1080 51.29 -51.67 51.08
N ASP A 1081 52.21 -52.49 51.57
CA ASP A 1081 51.88 -53.73 52.28
C ASP A 1081 51.00 -54.65 51.43
N GLY A 1082 51.15 -54.58 50.11
CA GLY A 1082 50.40 -55.45 49.24
C GLY A 1082 48.95 -55.08 49.05
N LYS A 1083 48.53 -53.90 49.53
CA LYS A 1083 47.16 -53.45 49.35
C LYS A 1083 47.17 -52.04 48.78
N ALA A 1084 46.16 -51.74 47.96
CA ALA A 1084 46.10 -50.45 47.31
C ALA A 1084 45.73 -49.35 48.30
N HIS A 1085 46.12 -48.13 47.95
CA HIS A 1085 45.80 -46.94 48.73
C HIS A 1085 45.43 -45.83 47.75
N PHE A 1086 44.20 -45.34 47.83
CA PHE A 1086 43.86 -44.21 46.99
C PHE A 1086 43.74 -42.96 47.84
N PRO A 1087 44.01 -41.77 47.28
CA PRO A 1087 43.89 -40.55 48.06
C PRO A 1087 42.44 -40.17 48.26
N ARG A 1088 42.11 -39.75 49.48
CA ARG A 1088 40.74 -39.39 49.81
C ARG A 1088 40.28 -38.18 48.99
N GLU A 1089 41.16 -37.21 48.78
CA GLU A 1089 40.86 -36.08 47.94
C GLU A 1089 42.16 -35.50 47.39
N GLY A 1090 42.18 -35.23 46.10
CA GLY A 1090 43.34 -34.64 45.46
C GLY A 1090 44.31 -35.69 44.94
N VAL A 1091 45.04 -35.33 43.90
CA VAL A 1091 46.03 -36.23 43.32
C VAL A 1091 47.16 -36.47 44.30
N PHE A 1092 47.90 -37.54 44.06
CA PHE A 1092 49.17 -37.75 44.72
C PHE A 1092 50.27 -37.01 43.96
N VAL A 1093 51.14 -36.33 44.69
CA VAL A 1093 52.19 -35.54 44.07
C VAL A 1093 53.52 -35.87 44.74
N SER A 1094 54.61 -35.50 44.07
CA SER A 1094 55.94 -35.65 44.63
C SER A 1094 56.87 -34.68 43.92
N ASN A 1095 57.74 -34.05 44.69
CA ASN A 1095 58.74 -33.18 44.09
C ASN A 1095 59.91 -33.95 43.51
N GLY A 1096 59.97 -35.26 43.71
CA GLY A 1096 61.01 -36.07 43.11
C GLY A 1096 61.56 -37.14 44.03
N THR A 1097 61.48 -36.92 45.33
CA THR A 1097 62.04 -37.83 46.33
C THR A 1097 61.02 -38.34 47.32
N HIS A 1098 60.08 -37.52 47.74
CA HIS A 1098 59.07 -37.90 48.72
C HIS A 1098 57.69 -37.63 48.15
N TRP A 1099 56.73 -38.46 48.53
CA TRP A 1099 55.39 -38.42 47.97
C TRP A 1099 54.42 -37.72 48.92
N PHE A 1100 53.72 -36.72 48.40
CA PHE A 1100 52.78 -35.93 49.17
C PHE A 1100 51.41 -35.93 48.51
N VAL A 1101 50.38 -35.71 49.32
CA VAL A 1101 49.02 -35.52 48.85
C VAL A 1101 48.64 -34.06 49.07
N THR A 1102 48.00 -33.46 48.07
CA THR A 1102 47.67 -32.05 48.11
C THR A 1102 46.23 -31.84 47.73
N GLN A 1103 45.72 -30.66 48.05
CA GLN A 1103 44.35 -30.30 47.70
C GLN A 1103 44.26 -30.03 46.19
N ARG A 1104 43.03 -29.86 45.73
CA ARG A 1104 42.79 -29.82 44.29
C ARG A 1104 43.40 -28.58 43.64
N ASN A 1105 43.35 -27.44 44.34
CA ASN A 1105 43.67 -26.18 43.68
C ASN A 1105 44.57 -25.28 44.53
N PHE A 1106 45.40 -25.86 45.38
CA PHE A 1106 46.39 -25.09 46.13
C PHE A 1106 47.43 -26.05 46.68
N TYR A 1107 48.68 -25.89 46.27
CA TYR A 1107 49.73 -26.82 46.66
C TYR A 1107 49.96 -26.72 48.16
N GLU A 1108 49.53 -27.73 48.91
CA GLU A 1108 49.74 -27.79 50.35
C GLU A 1108 50.05 -29.24 50.72
N PRO A 1109 51.33 -29.57 50.84
CA PRO A 1109 51.70 -30.98 51.06
C PRO A 1109 51.32 -31.44 52.46
N GLN A 1110 50.68 -32.61 52.53
CA GLN A 1110 50.41 -33.29 53.79
C GLN A 1110 50.96 -34.70 53.67
N ILE A 1111 51.70 -35.14 54.69
CA ILE A 1111 52.28 -36.47 54.64
C ILE A 1111 51.18 -37.51 54.57
N ILE A 1112 51.42 -38.56 53.77
CA ILE A 1112 50.37 -39.53 53.47
C ILE A 1112 49.99 -40.28 54.74
N THR A 1113 48.72 -40.24 55.09
CA THR A 1113 48.22 -40.87 56.31
C THR A 1113 46.95 -41.64 55.99
N THR A 1114 46.64 -42.61 56.86
CA THR A 1114 45.42 -43.38 56.69
C THR A 1114 44.17 -42.54 56.86
N ASP A 1115 44.29 -41.36 57.46
CA ASP A 1115 43.13 -40.50 57.67
C ASP A 1115 42.59 -39.95 56.36
N ASN A 1116 43.46 -39.66 55.40
CA ASN A 1116 43.04 -39.14 54.09
C ASN A 1116 43.35 -40.13 52.97
N THR A 1117 43.11 -41.41 53.23
CA THR A 1117 43.20 -42.44 52.20
C THR A 1117 42.34 -43.62 52.64
N PHE A 1118 41.97 -44.46 51.67
CA PHE A 1118 41.11 -45.61 51.96
C PHE A 1118 41.49 -46.78 51.08
N VAL A 1119 41.64 -47.96 51.70
CA VAL A 1119 42.05 -49.16 50.98
C VAL A 1119 40.91 -49.62 50.07
N SER A 1120 41.27 -50.11 48.88
CA SER A 1120 40.29 -50.58 47.91
C SER A 1120 40.83 -51.76 47.12
N GLY A 1121 41.44 -52.73 47.80
CA GLY A 1121 41.90 -53.95 47.17
C GLY A 1121 43.41 -54.00 47.04
N ASN A 1122 43.87 -54.90 46.18
CA ASN A 1122 45.29 -55.12 45.97
C ASN A 1122 45.78 -54.37 44.73
N CYS A 1123 47.07 -54.05 44.74
CA CYS A 1123 47.68 -53.24 43.69
C CYS A 1123 48.15 -54.09 42.51
N ASP A 1124 47.20 -54.70 41.82
CA ASP A 1124 47.47 -55.49 40.63
C ASP A 1124 46.79 -54.94 39.38
N VAL A 1125 45.47 -54.73 39.45
CA VAL A 1125 44.73 -54.31 38.26
C VAL A 1125 45.08 -52.88 37.88
N VAL A 1126 45.24 -52.00 38.88
CA VAL A 1126 45.52 -50.60 38.60
C VAL A 1126 46.86 -50.46 37.90
N ILE A 1127 46.91 -49.63 36.88
CA ILE A 1127 48.13 -49.38 36.12
C ILE A 1127 48.69 -48.02 36.51
N GLY A 1128 50.01 -47.91 36.55
CA GLY A 1128 50.68 -46.70 36.93
C GLY A 1128 50.95 -46.54 38.41
N ILE A 1129 50.47 -47.46 39.24
CA ILE A 1129 50.67 -47.35 40.68
C ILE A 1129 52.16 -47.48 40.99
N VAL A 1130 52.60 -46.77 42.03
CA VAL A 1130 54.00 -46.75 42.42
C VAL A 1130 54.14 -47.11 43.88
N ASN A 1131 55.25 -47.76 44.22
CA ASN A 1131 55.51 -48.13 45.60
C ASN A 1131 55.90 -46.91 46.43
N ASN A 1132 55.48 -46.90 47.68
CA ASN A 1132 55.71 -45.79 48.60
C ASN A 1132 55.21 -46.23 49.97
N THR A 1133 55.59 -45.49 50.99
CA THR A 1133 55.09 -45.75 52.33
C THR A 1133 53.87 -44.89 52.61
N VAL A 1134 53.06 -45.35 53.58
CA VAL A 1134 51.94 -44.58 54.09
C VAL A 1134 52.03 -44.57 55.61
N TYR A 1135 51.92 -43.39 56.21
CA TYR A 1135 52.13 -43.21 57.63
C TYR A 1135 50.86 -43.57 58.39
N ASP A 1136 51.02 -44.27 59.52
CA ASP A 1136 49.91 -44.67 60.36
C ASP A 1136 49.88 -43.81 61.60
N PRO A 1137 48.86 -42.96 61.80
CA PRO A 1137 48.82 -42.14 63.01
C PRO A 1137 48.74 -42.96 64.29
N LEU A 1138 48.13 -44.14 64.24
CA LEU A 1138 47.94 -44.93 65.45
C LEU A 1138 49.26 -45.52 65.95
N GLN A 1139 50.17 -45.86 65.05
CA GLN A 1139 51.35 -46.62 65.43
C GLN A 1139 52.24 -45.94 66.47
N PRO A 1140 52.58 -44.65 66.36
CA PRO A 1140 53.47 -44.05 67.37
C PRO A 1140 52.90 -44.04 68.79
N GLU A 1141 51.59 -44.16 68.94
CA GLU A 1141 51.00 -44.17 70.29
C GLU A 1141 51.17 -45.52 70.99
N LEU A 1142 51.38 -46.61 70.25
CA LEU A 1142 51.45 -47.92 70.88
C LEU A 1142 52.68 -48.05 71.75
N ASP A 1143 53.86 -47.71 71.22
CA ASP A 1143 55.10 -47.87 71.98
C ASP A 1143 55.24 -46.81 73.06
N SER A 1144 54.82 -45.58 72.77
CA SER A 1144 54.92 -44.49 73.73
C SER A 1144 53.69 -44.42 74.62
N PRO B 26 -15.58 -49.08 -30.73
CA PRO B 26 -14.37 -48.43 -30.22
C PRO B 26 -13.69 -49.23 -29.11
N ALA B 27 -12.37 -49.34 -29.19
CA ALA B 27 -11.58 -50.05 -28.19
C ALA B 27 -10.78 -49.06 -27.37
N TYR B 28 -10.60 -49.36 -26.09
CA TYR B 28 -9.97 -48.45 -25.15
C TYR B 28 -8.74 -49.09 -24.54
N THR B 29 -7.66 -48.31 -24.42
CA THR B 29 -6.41 -48.76 -23.82
C THR B 29 -5.86 -47.64 -22.95
N ASN B 30 -5.22 -48.02 -21.85
CA ASN B 30 -4.66 -47.04 -20.93
C ASN B 30 -3.56 -46.22 -21.61
N SER B 31 -3.45 -44.96 -21.20
CA SER B 31 -2.41 -44.10 -21.75
C SER B 31 -1.02 -44.57 -21.34
N PHE B 32 -0.86 -44.97 -20.08
CA PHE B 32 0.40 -45.49 -19.56
C PHE B 32 1.53 -44.45 -19.66
N THR B 33 1.30 -43.30 -19.03
CA THR B 33 2.31 -42.25 -18.81
C THR B 33 3.21 -42.01 -20.04
N ARG B 34 2.59 -41.58 -21.13
CA ARG B 34 3.32 -41.15 -22.31
C ARG B 34 2.81 -39.78 -22.76
N GLY B 35 3.56 -39.15 -23.65
CA GLY B 35 3.15 -37.91 -24.25
C GLY B 35 3.69 -36.64 -23.63
N VAL B 36 4.65 -36.75 -22.71
CA VAL B 36 5.23 -35.54 -22.11
C VAL B 36 6.14 -34.86 -23.13
N TYR B 37 5.91 -33.57 -23.34
CA TYR B 37 6.70 -32.79 -24.28
C TYR B 37 7.31 -31.57 -23.58
N TYR B 38 8.39 -31.07 -24.15
CA TYR B 38 9.09 -29.94 -23.56
C TYR B 38 8.23 -28.69 -23.60
N PRO B 39 8.27 -27.85 -22.56
CA PRO B 39 7.75 -26.49 -22.70
C PRO B 39 8.49 -25.76 -23.80
N ASP B 40 7.83 -24.78 -24.39
CA ASP B 40 8.35 -24.14 -25.60
C ASP B 40 9.66 -23.43 -25.34
N LYS B 41 10.76 -24.04 -25.80
CA LYS B 41 12.06 -23.41 -25.87
C LYS B 41 12.53 -22.88 -24.51
N VAL B 42 12.61 -23.77 -23.53
CA VAL B 42 13.17 -23.45 -22.22
C VAL B 42 14.08 -24.59 -21.79
N PHE B 43 15.25 -24.25 -21.25
CA PHE B 43 16.22 -25.24 -20.78
C PHE B 43 16.54 -25.02 -19.32
N ARG B 44 16.80 -26.11 -18.60
CA ARG B 44 17.29 -26.08 -17.24
C ARG B 44 18.30 -27.20 -17.07
N SER B 45 19.00 -27.19 -15.94
CA SER B 45 20.02 -28.19 -15.64
C SER B 45 19.81 -28.72 -14.23
N SER B 46 19.30 -29.95 -14.12
CA SER B 46 19.01 -30.58 -12.83
C SER B 46 18.12 -29.68 -11.97
N VAL B 47 17.13 -29.06 -12.61
CA VAL B 47 16.23 -28.13 -11.96
C VAL B 47 14.81 -28.65 -12.10
N LEU B 48 14.11 -28.72 -10.97
CA LEU B 48 12.73 -29.18 -10.97
C LEU B 48 11.81 -27.96 -11.09
N HIS B 49 11.09 -27.87 -12.20
CA HIS B 49 10.26 -26.72 -12.49
C HIS B 49 8.88 -27.19 -12.92
N SER B 50 7.86 -26.41 -12.56
CA SER B 50 6.47 -26.73 -12.83
C SER B 50 5.96 -25.88 -13.99
N THR B 51 5.07 -26.47 -14.78
CA THR B 51 4.46 -25.81 -15.92
C THR B 51 2.96 -26.08 -15.91
N GLN B 52 2.20 -25.17 -16.51
CA GLN B 52 0.76 -25.30 -16.65
C GLN B 52 0.39 -25.19 -18.12
N ASP B 53 0.07 -26.32 -18.74
CA ASP B 53 -0.25 -26.35 -20.16
C ASP B 53 -1.10 -27.59 -20.44
N LEU B 54 -1.63 -27.67 -21.65
CA LEU B 54 -2.39 -28.84 -22.09
C LEU B 54 -1.47 -30.05 -22.19
N PHE B 55 -1.75 -31.08 -21.39
CA PHE B 55 -1.00 -32.32 -21.44
C PHE B 55 -1.93 -33.52 -21.41
N LEU B 56 -1.39 -34.66 -21.85
CA LEU B 56 -2.08 -35.94 -21.81
C LEU B 56 -2.17 -36.45 -20.37
N PRO B 57 -3.32 -37.01 -19.95
CA PRO B 57 -3.44 -37.49 -18.57
C PRO B 57 -2.56 -38.69 -18.32
N PHE B 58 -1.85 -38.67 -17.20
CA PHE B 58 -1.20 -39.89 -16.77
C PHE B 58 -2.26 -40.93 -16.41
N PHE B 59 -2.04 -42.16 -16.86
CA PHE B 59 -2.98 -43.26 -16.67
C PHE B 59 -4.35 -42.90 -17.24
N SER B 60 -4.34 -42.29 -18.43
CA SER B 60 -5.56 -41.87 -19.10
C SER B 60 -6.25 -43.08 -19.73
N ASN B 61 -7.21 -42.84 -20.60
CA ASN B 61 -7.98 -43.90 -21.24
C ASN B 61 -8.05 -43.58 -22.73
N VAL B 62 -7.25 -44.29 -23.51
CA VAL B 62 -6.97 -43.92 -24.90
C VAL B 62 -7.77 -44.84 -25.81
N THR B 63 -8.45 -44.24 -26.79
CA THR B 63 -9.29 -44.98 -27.72
C THR B 63 -8.42 -45.56 -28.82
N TRP B 64 -8.30 -46.89 -28.86
CA TRP B 64 -7.46 -47.57 -29.85
C TRP B 64 -8.34 -47.88 -31.06
N PHE B 65 -8.60 -46.83 -31.85
CA PHE B 65 -9.38 -46.97 -33.06
C PHE B 65 -8.64 -47.74 -34.12
N HIS B 66 -9.37 -48.56 -34.87
CA HIS B 66 -8.85 -49.28 -36.03
C HIS B 66 -9.41 -48.61 -37.29
N ALA B 67 -8.54 -47.95 -38.05
CA ALA B 67 -8.99 -47.28 -39.26
C ALA B 67 -9.46 -48.28 -40.31
N ILE B 68 -8.64 -49.28 -40.60
CA ILE B 68 -8.97 -50.30 -41.59
C ILE B 68 -8.61 -51.67 -41.03
N HIS B 69 -9.53 -52.62 -41.13
CA HIS B 69 -9.31 -53.98 -40.67
C HIS B 69 -9.65 -54.95 -41.80
N VAL B 70 -8.80 -55.94 -42.01
CA VAL B 70 -9.00 -56.93 -43.07
C VAL B 70 -10.00 -57.96 -42.59
N SER B 71 -11.07 -58.16 -43.35
CA SER B 71 -12.09 -59.14 -43.00
C SER B 71 -12.30 -60.16 -44.12
N ASN B 74 -10.10 -62.95 -49.66
CA ASN B 74 -11.29 -62.10 -49.50
C ASN B 74 -10.90 -60.63 -49.46
N GLY B 75 -10.33 -60.20 -48.34
CA GLY B 75 -9.93 -58.81 -48.19
C GLY B 75 -11.10 -57.84 -48.22
N THR B 76 -12.16 -58.14 -47.48
CA THR B 76 -13.33 -57.28 -47.46
C THR B 76 -12.97 -55.90 -46.89
N LYS B 77 -13.50 -54.87 -47.52
CA LYS B 77 -13.21 -53.50 -47.11
C LYS B 77 -13.92 -53.17 -45.79
N ARG B 78 -13.14 -52.71 -44.82
CA ARG B 78 -13.67 -52.15 -43.58
C ARG B 78 -13.01 -50.79 -43.38
N PHE B 79 -13.59 -49.77 -44.02
CA PHE B 79 -12.98 -48.45 -44.10
C PHE B 79 -13.74 -47.51 -43.16
N ASP B 80 -13.08 -47.07 -42.09
CA ASP B 80 -13.67 -46.17 -41.11
C ASP B 80 -12.59 -45.22 -40.59
N ASN B 81 -12.69 -43.94 -40.96
CA ASN B 81 -11.87 -42.88 -40.39
C ASN B 81 -12.79 -41.86 -39.73
N PRO B 82 -13.26 -42.15 -38.52
CA PRO B 82 -14.20 -41.25 -37.86
C PRO B 82 -13.60 -39.87 -37.64
N VAL B 83 -14.46 -38.87 -37.74
CA VAL B 83 -14.04 -37.47 -37.64
C VAL B 83 -14.00 -37.04 -36.18
N LEU B 84 -12.87 -37.31 -35.53
CA LEU B 84 -12.76 -37.04 -34.11
C LEU B 84 -12.52 -35.55 -33.87
N PRO B 85 -13.21 -34.95 -32.89
CA PRO B 85 -12.95 -33.53 -32.59
C PRO B 85 -11.54 -33.33 -32.04
N PHE B 86 -10.98 -32.16 -32.33
CA PHE B 86 -9.62 -31.87 -31.88
C PHE B 86 -9.55 -31.68 -30.37
N ASN B 87 -10.47 -30.87 -29.82
CA ASN B 87 -10.57 -30.65 -28.38
C ASN B 87 -9.25 -30.20 -27.76
N ASP B 88 -8.58 -29.26 -28.43
CA ASP B 88 -7.39 -28.61 -27.89
C ASP B 88 -6.27 -29.62 -27.60
N GLY B 89 -5.92 -30.41 -28.61
CA GLY B 89 -4.78 -31.30 -28.50
C GLY B 89 -5.10 -32.75 -28.74
N VAL B 90 -4.23 -33.44 -29.46
CA VAL B 90 -4.38 -34.86 -29.75
C VAL B 90 -3.02 -35.54 -29.63
N TYR B 91 -3.02 -36.75 -29.10
CA TYR B 91 -1.82 -37.56 -28.96
C TYR B 91 -1.91 -38.71 -29.95
N PHE B 92 -1.09 -38.67 -30.99
CA PHE B 92 -1.12 -39.66 -32.05
C PHE B 92 0.05 -40.63 -31.87
N ALA B 93 -0.25 -41.92 -31.93
CA ALA B 93 0.77 -42.96 -31.83
C ALA B 93 0.57 -43.95 -32.97
N SER B 94 1.65 -44.25 -33.69
CA SER B 94 1.62 -45.14 -34.84
C SER B 94 2.60 -46.27 -34.63
N THR B 95 2.19 -47.49 -34.95
CA THR B 95 3.03 -48.67 -34.84
C THR B 95 3.22 -49.38 -36.17
N GLU B 96 2.75 -48.80 -37.27
CA GLU B 96 2.86 -49.45 -38.56
C GLU B 96 4.31 -49.43 -39.04
N LYS B 97 4.81 -50.60 -39.45
CA LYS B 97 6.16 -50.70 -39.97
C LYS B 97 6.25 -50.39 -41.46
N SER B 98 5.11 -50.33 -42.15
CA SER B 98 5.08 -50.01 -43.57
C SER B 98 4.77 -48.55 -43.84
N ASN B 99 4.74 -47.71 -42.81
CA ASN B 99 4.40 -46.29 -42.94
C ASN B 99 3.04 -46.10 -43.59
N ILE B 100 2.08 -46.96 -43.22
CA ILE B 100 0.74 -46.85 -43.78
C ILE B 100 0.10 -45.52 -43.41
N ILE B 101 0.28 -45.10 -42.16
CA ILE B 101 -0.15 -43.76 -41.75
C ILE B 101 0.71 -42.72 -42.46
N ARG B 102 0.04 -41.74 -43.08
CA ARG B 102 0.74 -40.75 -43.88
C ARG B 102 0.36 -39.30 -43.59
N GLY B 103 -0.84 -39.03 -43.08
CA GLY B 103 -1.27 -37.65 -42.96
C GLY B 103 -2.31 -37.44 -41.89
N TRP B 104 -2.43 -36.18 -41.48
CA TRP B 104 -3.38 -35.73 -40.48
C TRP B 104 -4.09 -34.50 -40.99
N ILE B 105 -5.42 -34.53 -40.99
CA ILE B 105 -6.25 -33.46 -41.56
C ILE B 105 -6.93 -32.71 -40.43
N PHE B 106 -6.80 -31.39 -40.44
CA PHE B 106 -7.36 -30.53 -39.40
C PHE B 106 -8.28 -29.51 -40.04
N GLY B 107 -9.38 -29.19 -39.34
CA GLY B 107 -10.30 -28.18 -39.81
C GLY B 107 -11.41 -27.96 -38.81
N THR B 108 -11.82 -26.69 -38.69
CA THR B 108 -12.95 -26.37 -37.82
C THR B 108 -14.26 -26.86 -38.42
N THR B 109 -14.36 -26.84 -39.75
CA THR B 109 -15.54 -27.34 -40.45
C THR B 109 -15.18 -28.31 -41.58
N LEU B 110 -13.92 -28.33 -42.02
CA LEU B 110 -13.43 -29.28 -43.02
C LEU B 110 -14.13 -29.07 -44.36
N ASP B 111 -14.32 -27.80 -44.71
CA ASP B 111 -14.87 -27.41 -46.00
C ASP B 111 -14.08 -26.22 -46.55
N SER B 112 -14.46 -25.77 -47.74
CA SER B 112 -13.80 -24.61 -48.33
C SER B 112 -14.28 -23.31 -47.73
N LYS B 113 -15.29 -23.38 -46.85
CA LYS B 113 -15.75 -22.17 -46.17
C LYS B 113 -14.63 -21.56 -45.33
N THR B 114 -13.84 -22.40 -44.68
CA THR B 114 -12.70 -21.97 -43.88
C THR B 114 -11.46 -22.73 -44.31
N GLN B 115 -10.30 -22.15 -44.01
CA GLN B 115 -9.04 -22.81 -44.34
C GLN B 115 -8.85 -24.06 -43.49
N SER B 116 -8.14 -25.03 -44.05
CA SER B 116 -7.90 -26.32 -43.39
C SER B 116 -6.46 -26.75 -43.60
N LEU B 117 -5.97 -27.58 -42.69
CA LEU B 117 -4.59 -28.06 -42.71
C LEU B 117 -4.53 -29.44 -43.33
N LEU B 118 -3.61 -29.62 -44.28
CA LEU B 118 -3.38 -30.90 -44.92
C LEU B 118 -1.93 -31.30 -44.69
N ILE B 119 -1.72 -32.55 -44.29
CA ILE B 119 -0.39 -33.10 -44.05
C ILE B 119 -0.22 -34.32 -44.94
N VAL B 120 0.90 -34.37 -45.66
CA VAL B 120 1.26 -35.55 -46.45
C VAL B 120 2.73 -35.85 -46.18
N ASN B 121 3.04 -37.14 -46.03
CA ASN B 121 4.39 -37.58 -45.68
C ASN B 121 4.81 -38.70 -46.63
N ASN B 122 5.43 -38.32 -47.75
CA ASN B 122 6.01 -39.29 -48.65
C ASN B 122 7.40 -39.67 -48.14
N ALA B 123 8.15 -40.42 -48.93
CA ALA B 123 9.57 -40.64 -48.65
C ALA B 123 10.40 -39.53 -49.31
N THR B 124 9.92 -38.30 -49.13
CA THR B 124 10.51 -37.10 -49.70
C THR B 124 10.16 -35.93 -48.80
N ASN B 125 10.34 -34.72 -49.32
CA ASN B 125 10.01 -33.52 -48.58
C ASN B 125 8.52 -33.45 -48.28
N VAL B 126 8.20 -32.99 -47.06
CA VAL B 126 6.80 -32.85 -46.66
C VAL B 126 6.18 -31.65 -47.35
N VAL B 127 4.94 -31.82 -47.82
CA VAL B 127 4.18 -30.76 -48.45
C VAL B 127 3.13 -30.30 -47.44
N ILE B 128 3.32 -29.11 -46.88
CA ILE B 128 2.35 -28.53 -45.95
C ILE B 128 1.40 -27.66 -46.75
N LYS B 129 0.12 -28.02 -46.74
CA LYS B 129 -0.89 -27.36 -47.56
C LYS B 129 -2.02 -26.86 -46.67
N VAL B 130 -2.21 -25.55 -46.63
CA VAL B 130 -3.31 -24.94 -45.89
C VAL B 130 -4.07 -24.03 -46.85
N CYS B 131 -5.22 -24.50 -47.31
CA CYS B 131 -6.07 -23.75 -48.24
C CYS B 131 -7.51 -24.17 -47.99
N GLU B 132 -8.43 -23.40 -48.57
CA GLU B 132 -9.83 -23.79 -48.52
C GLU B 132 -10.06 -25.01 -49.41
N PHE B 133 -10.65 -26.06 -48.84
CA PHE B 133 -10.77 -27.35 -49.52
C PHE B 133 -12.17 -27.90 -49.37
N GLN B 134 -12.82 -28.20 -50.48
CA GLN B 134 -13.94 -29.13 -50.45
C GLN B 134 -13.40 -30.56 -50.40
N PHE B 135 -13.49 -31.16 -49.22
CA PHE B 135 -12.92 -32.47 -48.97
C PHE B 135 -13.88 -33.56 -49.42
N CYS B 136 -13.36 -34.57 -50.10
CA CYS B 136 -14.16 -35.71 -50.49
C CYS B 136 -14.47 -36.58 -49.26
N ASN B 137 -15.37 -37.54 -49.47
CA ASN B 137 -15.75 -38.43 -48.37
C ASN B 137 -14.56 -39.25 -47.89
N ASP B 138 -13.74 -39.74 -48.83
CA ASP B 138 -12.58 -40.56 -48.49
C ASP B 138 -11.32 -39.89 -49.00
N PRO B 139 -10.62 -39.10 -48.19
CA PRO B 139 -9.38 -38.45 -48.66
C PRO B 139 -8.23 -39.45 -48.74
N PHE B 140 -7.53 -39.44 -49.87
CA PHE B 140 -6.40 -40.32 -50.08
C PHE B 140 -5.48 -39.73 -51.14
N LEU B 141 -4.22 -40.16 -51.12
CA LEU B 141 -3.23 -39.74 -52.09
C LEU B 141 -3.02 -40.86 -53.11
N GLY B 142 -3.40 -40.60 -54.35
CA GLY B 142 -3.29 -41.60 -55.39
C GLY B 142 -1.85 -41.95 -55.73
N VAL B 143 -1.47 -43.20 -55.48
CA VAL B 143 -0.13 -43.69 -55.74
C VAL B 143 -0.22 -45.00 -56.52
N TYR B 144 0.61 -45.14 -57.54
CA TYR B 144 0.57 -46.31 -58.43
C TYR B 144 1.99 -46.84 -58.61
N TYR B 145 2.08 -48.16 -58.80
CA TYR B 145 3.36 -48.78 -59.10
C TYR B 145 3.64 -48.69 -60.60
N HIS B 146 4.85 -48.29 -60.96
CA HIS B 146 5.26 -48.12 -62.34
C HIS B 146 6.17 -49.26 -62.75
N LYS B 147 5.85 -49.88 -63.90
CA LYS B 147 6.65 -51.00 -64.37
C LYS B 147 8.06 -50.56 -64.74
N ASN B 148 8.20 -49.37 -65.35
CA ASN B 148 9.52 -48.93 -65.82
C ASN B 148 10.43 -48.58 -64.65
N ASN B 149 9.93 -47.81 -63.68
CA ASN B 149 10.75 -47.33 -62.58
C ASN B 149 10.73 -48.24 -61.36
N LYS B 150 9.79 -49.19 -61.29
CA LYS B 150 9.71 -50.14 -60.19
C LYS B 150 9.65 -49.43 -58.83
N SER B 151 8.83 -48.38 -58.76
CA SER B 151 8.68 -47.61 -57.52
C SER B 151 7.25 -47.13 -57.41
N TRP B 152 6.84 -46.82 -56.18
CA TRP B 152 5.48 -46.39 -55.88
C TRP B 152 5.44 -44.86 -55.78
N MET B 153 5.43 -44.21 -56.95
CA MET B 153 5.25 -42.77 -56.98
C MET B 153 3.78 -42.40 -57.07
N GLU B 154 3.44 -41.22 -56.59
CA GLU B 154 2.05 -40.77 -56.47
C GLU B 154 1.51 -40.43 -57.86
N SER B 155 0.33 -40.97 -58.18
CA SER B 155 -0.27 -40.69 -59.48
C SER B 155 -0.96 -39.34 -59.50
N GLU B 156 -1.84 -39.08 -58.54
CA GLU B 156 -2.63 -37.85 -58.54
C GLU B 156 -3.11 -37.59 -57.12
N PHE B 157 -3.46 -36.34 -56.86
CA PHE B 157 -3.98 -35.91 -55.56
C PHE B 157 -5.49 -35.82 -55.63
N ARG B 158 -6.18 -36.64 -54.84
CA ARG B 158 -7.64 -36.69 -54.84
C ARG B 158 -8.15 -36.60 -53.41
N VAL B 159 -7.63 -35.63 -52.67
CA VAL B 159 -8.04 -35.37 -51.30
C VAL B 159 -9.06 -34.24 -51.23
N TYR B 160 -8.99 -33.28 -52.14
CA TYR B 160 -9.82 -32.09 -52.10
C TYR B 160 -10.29 -31.73 -53.50
N SER B 161 -11.36 -30.94 -53.57
CA SER B 161 -11.89 -30.54 -54.88
C SER B 161 -11.23 -29.25 -55.37
N SER B 162 -11.17 -28.22 -54.53
CA SER B 162 -10.63 -26.93 -54.91
C SER B 162 -9.71 -26.43 -53.82
N ALA B 163 -8.80 -25.53 -54.22
CA ALA B 163 -7.80 -24.95 -53.32
C ALA B 163 -7.87 -23.42 -53.39
N ASN B 164 -8.58 -22.83 -52.43
CA ASN B 164 -8.74 -21.39 -52.39
C ASN B 164 -8.04 -20.78 -51.18
N ASN B 165 -7.66 -19.51 -51.32
CA ASN B 165 -6.97 -18.76 -50.28
C ASN B 165 -5.70 -19.48 -49.82
N CYS B 166 -4.83 -19.77 -50.79
CA CYS B 166 -3.58 -20.47 -50.52
C CYS B 166 -2.52 -19.48 -50.05
N THR B 167 -2.45 -19.33 -48.73
CA THR B 167 -1.57 -18.31 -48.15
C THR B 167 -0.21 -18.89 -47.77
N PHE B 168 -0.19 -20.04 -47.11
CA PHE B 168 1.01 -20.56 -46.46
C PHE B 168 1.34 -21.93 -47.04
N GLU B 169 2.62 -22.14 -47.38
CA GLU B 169 3.10 -23.41 -47.93
C GLU B 169 4.48 -23.70 -47.35
N TYR B 170 4.56 -24.75 -46.53
CA TYR B 170 5.81 -25.11 -45.89
C TYR B 170 6.34 -26.43 -46.45
N VAL B 171 7.67 -26.56 -46.45
CA VAL B 171 8.36 -27.75 -46.93
C VAL B 171 9.43 -28.13 -45.92
N SER B 172 9.55 -29.43 -45.64
CA SER B 172 10.58 -29.91 -44.72
C SER B 172 10.83 -31.39 -44.99
N GLN B 173 11.80 -31.94 -44.27
CA GLN B 173 12.17 -33.33 -44.42
C GLN B 173 11.04 -34.23 -43.91
N PRO B 174 10.95 -35.47 -44.38
CA PRO B 174 9.85 -36.35 -43.95
C PRO B 174 9.90 -36.63 -42.46
N PHE B 175 8.71 -36.66 -41.85
CA PHE B 175 8.62 -37.00 -40.43
C PHE B 175 8.78 -38.50 -40.20
N LEU B 176 8.07 -39.30 -40.99
CA LEU B 176 8.09 -40.75 -40.84
C LEU B 176 9.23 -41.33 -41.67
N MET B 177 10.08 -42.13 -41.03
CA MET B 177 11.22 -42.71 -41.71
C MET B 177 11.58 -44.03 -41.04
N ASP B 178 11.98 -45.00 -41.86
CA ASP B 178 12.31 -46.35 -41.41
C ASP B 178 11.19 -46.95 -40.56
N LYS B 187 7.92 -51.37 -36.37
CA LYS B 187 8.41 -52.01 -35.15
C LYS B 187 8.83 -50.98 -34.12
N ASN B 188 8.91 -49.71 -34.54
CA ASN B 188 9.29 -48.61 -33.67
C ASN B 188 8.10 -47.68 -33.49
N LEU B 189 7.72 -47.44 -32.23
CA LEU B 189 6.60 -46.58 -31.94
C LEU B 189 6.96 -45.12 -32.18
N ARG B 190 6.02 -44.36 -32.72
CA ARG B 190 6.21 -42.95 -33.02
C ARG B 190 5.13 -42.14 -32.33
N GLU B 191 5.53 -41.05 -31.68
CA GLU B 191 4.64 -40.19 -30.92
C GLU B 191 4.60 -38.81 -31.54
N PHE B 192 3.43 -38.40 -32.02
CA PHE B 192 3.22 -37.13 -32.70
C PHE B 192 2.14 -36.37 -31.94
N VAL B 193 2.55 -35.52 -30.99
CA VAL B 193 1.58 -34.73 -30.24
C VAL B 193 1.35 -33.40 -30.93
N PHE B 194 0.08 -33.04 -31.11
CA PHE B 194 -0.32 -31.89 -31.92
C PHE B 194 -1.13 -30.93 -31.05
N LYS B 195 -0.85 -29.63 -31.19
CA LYS B 195 -1.60 -28.60 -30.49
C LYS B 195 -1.72 -27.37 -31.37
N ASN B 196 -2.63 -26.47 -30.98
CA ASN B 196 -2.82 -25.18 -31.65
C ASN B 196 -3.14 -24.13 -30.60
N ILE B 197 -2.18 -23.24 -30.33
CA ILE B 197 -2.33 -22.18 -29.34
C ILE B 197 -1.80 -20.88 -29.92
N ASP B 198 -2.54 -19.80 -29.69
CA ASP B 198 -2.12 -18.45 -30.09
C ASP B 198 -1.88 -18.34 -31.59
N GLY B 199 -2.76 -18.95 -32.38
CA GLY B 199 -2.60 -18.93 -33.82
C GLY B 199 -1.35 -19.66 -34.29
N TYR B 200 -0.81 -20.55 -33.46
CA TYR B 200 0.40 -21.28 -33.78
C TYR B 200 0.11 -22.77 -33.70
N PHE B 201 0.54 -23.51 -34.71
CA PHE B 201 0.39 -24.96 -34.75
C PHE B 201 1.75 -25.60 -34.47
N LYS B 202 1.82 -26.40 -33.41
CA LYS B 202 3.06 -26.97 -32.93
C LYS B 202 3.00 -28.49 -32.95
N ILE B 203 4.11 -29.11 -33.34
CA ILE B 203 4.24 -30.57 -33.36
C ILE B 203 5.50 -30.94 -32.59
N TYR B 204 5.44 -32.07 -31.89
CA TYR B 204 6.58 -32.61 -31.16
C TYR B 204 6.65 -34.11 -31.43
N SER B 205 7.84 -34.60 -31.77
CA SER B 205 7.99 -35.96 -32.26
C SER B 205 9.07 -36.70 -31.48
N LYS B 206 8.96 -38.03 -31.47
CA LYS B 206 9.95 -38.90 -30.88
C LYS B 206 9.77 -40.29 -31.45
N HIS B 207 10.89 -40.96 -31.75
CA HIS B 207 10.89 -42.29 -32.31
C HIS B 207 11.59 -43.23 -31.34
N THR B 208 10.92 -44.32 -30.97
CA THR B 208 11.47 -45.28 -30.03
C THR B 208 11.03 -46.69 -30.40
N PRO B 209 11.98 -47.62 -30.52
CA PRO B 209 11.61 -49.01 -30.81
C PRO B 209 10.81 -49.62 -29.67
N ILE B 210 9.87 -50.50 -30.01
CA ILE B 210 9.00 -51.14 -29.03
C ILE B 210 8.92 -52.63 -29.34
N ASN B 211 9.09 -53.46 -28.31
CA ASN B 211 8.90 -54.89 -28.48
C ASN B 211 7.42 -55.24 -28.52
N LEU B 212 6.60 -54.50 -27.78
CA LEU B 212 5.16 -54.74 -27.66
C LEU B 212 4.43 -53.80 -28.60
N VAL B 213 4.05 -54.32 -29.77
CA VAL B 213 3.31 -53.50 -30.73
C VAL B 213 1.89 -53.26 -30.25
N ARG B 214 1.27 -54.27 -29.63
CA ARG B 214 -0.13 -54.17 -29.26
C ARG B 214 -0.37 -53.10 -28.18
N ASP B 215 0.57 -52.95 -27.25
CA ASP B 215 0.40 -52.05 -26.12
C ASP B 215 1.53 -51.03 -26.09
N LEU B 216 1.17 -49.79 -25.78
CA LEU B 216 2.18 -48.76 -25.58
C LEU B 216 3.02 -49.11 -24.37
N PRO B 217 4.35 -49.08 -24.46
CA PRO B 217 5.18 -49.53 -23.34
C PRO B 217 5.04 -48.61 -22.14
N GLN B 218 5.17 -49.22 -20.96
CA GLN B 218 5.12 -48.47 -19.70
C GLN B 218 6.49 -47.83 -19.46
N GLY B 219 6.90 -47.01 -20.42
CA GLY B 219 8.17 -46.33 -20.35
C GLY B 219 8.00 -44.86 -20.68
N PHE B 220 8.87 -44.04 -20.11
CA PHE B 220 8.78 -42.60 -20.22
C PHE B 220 9.71 -42.12 -21.32
N SER B 221 9.18 -41.29 -22.22
CA SER B 221 9.94 -40.73 -23.32
C SER B 221 9.52 -39.29 -23.54
N ALA B 222 10.51 -38.41 -23.71
CA ALA B 222 10.22 -37.02 -24.01
C ALA B 222 9.80 -36.85 -25.46
N LEU B 223 9.18 -35.71 -25.75
CA LEU B 223 8.81 -35.34 -27.11
C LEU B 223 9.59 -34.10 -27.52
N GLU B 224 10.57 -34.29 -28.41
CA GLU B 224 11.44 -33.19 -28.80
C GLU B 224 10.69 -32.20 -29.67
N PRO B 225 10.87 -30.90 -29.44
CA PRO B 225 10.28 -29.90 -30.35
C PRO B 225 10.89 -30.03 -31.74
N LEU B 226 10.04 -29.89 -32.75
CA LEU B 226 10.48 -30.04 -34.13
C LEU B 226 10.26 -28.77 -34.95
N VAL B 227 9.04 -28.24 -35.00
CA VAL B 227 8.76 -27.05 -35.79
C VAL B 227 7.41 -26.48 -35.36
N ASP B 228 7.32 -25.15 -35.35
CA ASP B 228 6.09 -24.44 -35.04
C ASP B 228 5.58 -23.79 -36.32
N LEU B 229 4.27 -23.88 -36.55
CA LEU B 229 3.66 -23.40 -37.77
C LEU B 229 2.67 -22.29 -37.47
N PRO B 230 2.77 -21.13 -38.13
CA PRO B 230 1.80 -20.04 -37.94
C PRO B 230 0.60 -20.16 -38.88
N ILE B 231 -0.20 -21.21 -38.65
CA ILE B 231 -1.39 -21.42 -39.48
C ILE B 231 -2.42 -20.34 -39.21
N GLY B 232 -2.69 -20.06 -37.93
CA GLY B 232 -3.58 -18.98 -37.58
C GLY B 232 -5.04 -19.24 -37.87
N ILE B 233 -5.45 -20.50 -37.96
CA ILE B 233 -6.83 -20.87 -38.24
C ILE B 233 -7.36 -21.66 -37.05
N ASN B 234 -8.68 -21.62 -36.87
CA ASN B 234 -9.31 -22.40 -35.82
C ASN B 234 -9.42 -23.87 -36.23
N ILE B 235 -9.03 -24.76 -35.32
CA ILE B 235 -9.09 -26.20 -35.56
C ILE B 235 -10.00 -26.81 -34.50
N THR B 236 -10.99 -27.59 -34.95
CA THR B 236 -11.93 -28.24 -34.06
C THR B 236 -12.02 -29.75 -34.27
N ARG B 237 -11.73 -30.25 -35.46
CA ARG B 237 -11.95 -31.64 -35.82
C ARG B 237 -10.67 -32.26 -36.36
N PHE B 238 -10.26 -33.38 -35.78
CA PHE B 238 -9.03 -34.07 -36.14
C PHE B 238 -9.36 -35.35 -36.88
N GLN B 239 -8.73 -35.55 -38.04
CA GLN B 239 -8.94 -36.73 -38.86
C GLN B 239 -7.61 -37.25 -39.35
N THR B 240 -7.44 -38.58 -39.29
CA THR B 240 -6.21 -39.21 -39.74
C THR B 240 -6.34 -39.63 -41.20
N LEU B 241 -5.33 -39.30 -42.00
CA LEU B 241 -5.32 -39.60 -43.43
C LEU B 241 -4.45 -40.83 -43.66
N LEU B 242 -4.96 -41.78 -44.44
CA LEU B 242 -4.24 -42.99 -44.81
C LEU B 242 -4.08 -43.04 -46.31
N ALA B 243 -2.82 -43.07 -46.78
CA ALA B 243 -2.58 -43.17 -48.20
C ALA B 243 -2.97 -44.55 -48.72
N LEU B 244 -3.61 -44.57 -49.88
CA LEU B 244 -4.15 -45.79 -50.47
C LEU B 244 -3.38 -46.11 -51.75
N HIS B 245 -2.88 -47.35 -51.83
CA HIS B 245 -2.15 -47.78 -53.01
C HIS B 245 -3.10 -47.99 -54.18
N ARG B 246 -2.52 -48.13 -55.38
CA ARG B 246 -3.32 -48.27 -56.58
C ARG B 246 -4.22 -49.51 -56.52
N SER B 247 -3.74 -50.57 -55.86
CA SER B 247 -4.56 -51.76 -55.66
C SER B 247 -5.79 -51.42 -54.84
N TYR B 248 -5.63 -50.57 -53.82
CA TYR B 248 -6.78 -50.11 -53.04
C TYR B 248 -7.69 -49.22 -53.89
N LEU B 249 -7.12 -48.57 -54.91
CA LEU B 249 -7.86 -47.68 -55.80
C LEU B 249 -8.27 -48.35 -57.11
N THR B 250 -8.08 -49.66 -57.21
CA THR B 250 -8.54 -50.39 -58.39
C THR B 250 -10.07 -50.36 -58.46
N PRO B 251 -10.64 -50.54 -59.64
CA PRO B 251 -12.12 -50.59 -59.73
C PRO B 251 -12.73 -51.63 -58.82
N GLY B 252 -12.09 -52.78 -58.67
CA GLY B 252 -12.51 -53.73 -57.65
C GLY B 252 -12.22 -53.19 -56.27
N ASP B 253 -13.19 -53.34 -55.36
CA ASP B 253 -13.02 -52.82 -54.00
C ASP B 253 -11.89 -53.54 -53.27
N SER B 254 -11.76 -54.85 -53.49
CA SER B 254 -10.73 -55.62 -52.80
C SER B 254 -9.34 -55.14 -53.20
N SER B 255 -8.48 -54.94 -52.19
CA SER B 255 -7.11 -54.49 -52.41
C SER B 255 -6.17 -55.67 -52.23
N SER B 256 -6.01 -56.43 -53.32
CA SER B 256 -5.15 -57.62 -53.27
C SER B 256 -3.68 -57.23 -53.18
N GLY B 257 -3.26 -56.23 -53.95
CA GLY B 257 -1.84 -55.88 -53.99
C GLY B 257 -1.31 -55.33 -52.68
N TRP B 258 -2.08 -54.44 -52.04
CA TRP B 258 -1.66 -53.79 -50.82
C TRP B 258 -2.76 -53.86 -49.78
N THR B 259 -2.41 -54.23 -48.57
CA THR B 259 -3.37 -54.43 -47.48
C THR B 259 -3.17 -53.35 -46.41
N ALA B 260 -4.27 -52.78 -45.95
CA ALA B 260 -4.26 -51.74 -44.93
C ALA B 260 -4.80 -52.22 -43.59
N GLY B 261 -4.90 -53.53 -43.38
CA GLY B 261 -5.43 -54.03 -42.13
C GLY B 261 -4.56 -53.70 -40.93
N ALA B 262 -3.24 -53.64 -41.14
CA ALA B 262 -2.32 -53.36 -40.04
C ALA B 262 -2.42 -51.93 -39.54
N ALA B 263 -3.14 -51.06 -40.25
CA ALA B 263 -3.28 -49.68 -39.84
C ALA B 263 -4.03 -49.57 -38.52
N ALA B 264 -3.46 -48.83 -37.58
CA ALA B 264 -4.06 -48.59 -36.27
C ALA B 264 -3.46 -47.33 -35.68
N TYR B 265 -4.33 -46.44 -35.19
CA TYR B 265 -3.91 -45.14 -34.70
C TYR B 265 -4.48 -44.92 -33.31
N TYR B 266 -3.63 -44.52 -32.37
CA TYR B 266 -4.05 -44.16 -31.02
C TYR B 266 -4.45 -42.69 -30.98
N VAL B 267 -5.44 -42.38 -30.16
CA VAL B 267 -5.94 -41.00 -30.03
C VAL B 267 -6.18 -40.72 -28.55
N GLY B 268 -5.53 -39.67 -28.05
CA GLY B 268 -5.76 -39.21 -26.70
C GLY B 268 -6.06 -37.73 -26.69
N TYR B 269 -6.70 -37.29 -25.60
CA TYR B 269 -7.19 -35.91 -25.49
C TYR B 269 -6.53 -35.22 -24.30
N LEU B 270 -6.01 -34.03 -24.55
CA LEU B 270 -5.21 -33.31 -23.57
C LEU B 270 -6.08 -32.45 -22.65
N GLN B 271 -5.54 -32.09 -21.50
CA GLN B 271 -6.29 -31.33 -20.50
C GLN B 271 -5.37 -30.36 -19.77
N PRO B 272 -5.91 -29.26 -19.25
CA PRO B 272 -5.06 -28.25 -18.59
C PRO B 272 -4.78 -28.52 -17.12
N ARG B 273 -3.76 -29.33 -16.82
CA ARG B 273 -3.32 -29.63 -15.45
C ARG B 273 -1.81 -29.41 -15.31
N THR B 274 -1.40 -28.82 -14.19
CA THR B 274 0.01 -28.58 -13.94
C THR B 274 0.76 -29.90 -13.78
N PHE B 275 1.91 -30.00 -14.46
CA PHE B 275 2.78 -31.16 -14.36
C PHE B 275 4.15 -30.74 -13.83
N LEU B 276 4.87 -31.71 -13.29
CA LEU B 276 6.25 -31.52 -12.84
C LEU B 276 7.16 -32.38 -13.71
N LEU B 277 8.27 -31.80 -14.15
CA LEU B 277 9.23 -32.46 -15.01
C LEU B 277 10.59 -32.47 -14.34
N LYS B 278 11.33 -33.56 -14.53
CA LYS B 278 12.70 -33.68 -14.04
C LYS B 278 13.67 -33.59 -15.20
N TYR B 279 14.63 -32.68 -15.12
CA TYR B 279 15.62 -32.49 -16.17
C TYR B 279 16.97 -32.97 -15.70
N ASN B 280 17.63 -33.78 -16.51
CA ASN B 280 19.01 -34.18 -16.25
C ASN B 280 19.95 -33.10 -16.76
N GLU B 281 21.25 -33.29 -16.51
CA GLU B 281 22.23 -32.30 -16.96
C GLU B 281 22.27 -32.21 -18.48
N ASN B 282 21.96 -33.31 -19.17
CA ASN B 282 21.81 -33.24 -20.62
C ASN B 282 20.62 -32.40 -21.01
N GLY B 283 19.57 -32.41 -20.20
CA GLY B 283 18.34 -31.72 -20.52
C GLY B 283 17.25 -32.59 -21.10
N THR B 284 17.45 -33.90 -21.14
CA THR B 284 16.45 -34.84 -21.66
C THR B 284 15.46 -35.15 -20.55
N ILE B 285 14.17 -35.04 -20.86
CA ILE B 285 13.14 -35.26 -19.84
C ILE B 285 13.11 -36.73 -19.49
N THR B 286 13.18 -37.03 -18.19
CA THR B 286 13.31 -38.40 -17.74
C THR B 286 12.07 -38.95 -17.04
N ASP B 287 11.31 -38.11 -16.33
CA ASP B 287 10.14 -38.58 -15.61
C ASP B 287 9.26 -37.39 -15.27
N ALA B 288 7.98 -37.67 -15.06
CA ALA B 288 7.00 -36.65 -14.73
C ALA B 288 5.95 -37.21 -13.80
N VAL B 289 5.34 -36.34 -13.00
CA VAL B 289 4.33 -36.71 -12.03
C VAL B 289 3.16 -35.74 -12.16
N ASP B 290 1.94 -36.27 -12.20
CA ASP B 290 0.75 -35.44 -12.29
C ASP B 290 0.53 -34.73 -10.96
N CYS B 291 -0.33 -33.71 -10.98
CA CYS B 291 -0.76 -33.07 -9.74
C CYS B 291 -2.17 -33.48 -9.37
N ALA B 292 -2.94 -34.01 -10.32
CA ALA B 292 -4.32 -34.39 -10.09
C ALA B 292 -4.55 -35.89 -10.21
N LEU B 293 -3.51 -36.68 -10.46
CA LEU B 293 -3.70 -38.13 -10.60
C LEU B 293 -4.17 -38.76 -9.30
N ASP B 294 -3.52 -38.43 -8.19
CA ASP B 294 -3.78 -39.06 -6.91
C ASP B 294 -3.25 -38.17 -5.81
N PRO B 295 -3.72 -38.35 -4.58
CA PRO B 295 -3.21 -37.52 -3.48
C PRO B 295 -1.71 -37.64 -3.28
N LEU B 296 -1.12 -38.80 -3.52
CA LEU B 296 0.33 -38.91 -3.47
C LEU B 296 0.97 -38.03 -4.54
N SER B 297 0.38 -38.00 -5.73
CA SER B 297 0.85 -37.10 -6.77
C SER B 297 0.72 -35.64 -6.34
N GLU B 298 -0.36 -35.32 -5.62
CA GLU B 298 -0.54 -33.97 -5.11
C GLU B 298 0.57 -33.60 -4.13
N THR B 299 0.93 -34.54 -3.24
CA THR B 299 2.03 -34.29 -2.32
C THR B 299 3.35 -34.12 -3.07
N LYS B 300 3.58 -34.94 -4.09
CA LYS B 300 4.79 -34.80 -4.89
C LYS B 300 4.86 -33.43 -5.55
N CYS B 301 3.73 -32.95 -6.07
CA CYS B 301 3.70 -31.62 -6.66
C CYS B 301 3.97 -30.55 -5.62
N THR B 302 3.36 -30.68 -4.45
CA THR B 302 3.48 -29.64 -3.43
C THR B 302 4.89 -29.52 -2.90
N LEU B 303 5.53 -30.66 -2.62
CA LEU B 303 6.86 -30.60 -2.03
C LEU B 303 7.96 -30.31 -3.06
N LYS B 304 7.62 -30.33 -4.35
CA LYS B 304 8.55 -30.04 -5.44
C LYS B 304 9.65 -31.07 -5.56
N SER B 305 9.54 -32.21 -4.87
CA SER B 305 10.50 -33.30 -4.95
C SER B 305 9.76 -34.60 -5.17
N PHE B 306 10.31 -35.46 -6.03
CA PHE B 306 9.65 -36.73 -6.33
C PHE B 306 9.67 -37.66 -5.12
N THR B 307 10.80 -37.75 -4.43
CA THR B 307 10.92 -38.60 -3.26
C THR B 307 10.59 -37.80 -2.02
N VAL B 308 9.49 -38.14 -1.36
CA VAL B 308 9.04 -37.47 -0.15
C VAL B 308 9.24 -38.42 1.02
N GLU B 309 9.87 -37.92 2.08
CA GLU B 309 10.17 -38.74 3.24
C GLU B 309 8.91 -39.00 4.07
N LYS B 310 9.01 -39.98 4.96
CA LYS B 310 7.87 -40.36 5.79
C LYS B 310 7.47 -39.20 6.70
N GLY B 311 6.17 -38.93 6.76
CA GLY B 311 5.67 -37.85 7.58
C GLY B 311 4.24 -37.48 7.17
N ILE B 312 3.85 -36.27 7.54
CA ILE B 312 2.55 -35.71 7.21
C ILE B 312 2.74 -34.37 6.52
N TYR B 313 1.94 -34.11 5.49
CA TYR B 313 2.08 -32.89 4.71
C TYR B 313 0.70 -32.40 4.30
N GLN B 314 0.60 -31.10 4.04
CA GLN B 314 -0.63 -30.46 3.64
C GLN B 314 -0.54 -30.11 2.16
N THR B 315 -1.54 -30.53 1.38
CA THR B 315 -1.52 -30.31 -0.06
C THR B 315 -2.64 -29.39 -0.56
N SER B 316 -3.78 -29.36 0.11
CA SER B 316 -4.91 -28.54 -0.32
C SER B 316 -5.90 -28.45 0.84
N ASN B 317 -7.08 -27.91 0.55
CA ASN B 317 -8.13 -27.77 1.55
C ASN B 317 -9.46 -28.20 0.95
N PHE B 318 -10.35 -28.67 1.82
CA PHE B 318 -11.65 -29.19 1.42
C PHE B 318 -12.73 -28.15 1.68
N ARG B 319 -13.47 -27.79 0.64
CA ARG B 319 -14.58 -26.87 0.73
C ARG B 319 -15.80 -27.50 0.10
N VAL B 320 -16.95 -27.38 0.77
CA VAL B 320 -18.18 -28.01 0.30
C VAL B 320 -19.03 -26.95 -0.37
N GLN B 321 -19.23 -27.10 -1.67
CA GLN B 321 -20.07 -26.17 -2.40
C GLN B 321 -21.53 -26.36 -2.00
N PRO B 322 -22.31 -25.29 -1.86
CA PRO B 322 -23.73 -25.45 -1.55
C PRO B 322 -24.46 -26.17 -2.67
N THR B 323 -25.46 -26.97 -2.31
CA THR B 323 -26.18 -27.76 -3.30
C THR B 323 -27.24 -26.94 -4.01
N GLU B 324 -28.14 -26.30 -3.26
CA GLU B 324 -29.21 -25.51 -3.84
C GLU B 324 -29.44 -24.27 -2.98
N SER B 325 -30.32 -23.39 -3.46
CA SER B 325 -30.65 -22.16 -2.77
C SER B 325 -32.05 -22.27 -2.19
N ILE B 326 -32.20 -21.84 -0.94
CA ILE B 326 -33.47 -21.91 -0.21
C ILE B 326 -33.85 -20.51 0.21
N VAL B 327 -35.10 -20.12 -0.08
CA VAL B 327 -35.61 -18.80 0.23
C VAL B 327 -36.95 -18.97 0.93
N ARG B 328 -37.13 -18.32 2.07
CA ARG B 328 -38.35 -18.45 2.84
C ARG B 328 -38.77 -17.08 3.35
N PHE B 329 -40.04 -16.74 3.15
CA PHE B 329 -40.59 -15.44 3.48
C PHE B 329 -41.96 -15.60 4.13
N PRO B 330 -42.35 -14.65 4.97
CA PRO B 330 -43.56 -14.84 5.79
C PRO B 330 -44.82 -14.97 4.95
N ASN B 331 -45.91 -15.33 5.63
CA ASN B 331 -47.18 -15.55 4.96
C ASN B 331 -47.68 -14.25 4.34
N ILE B 332 -48.45 -14.39 3.26
CA ILE B 332 -49.00 -13.25 2.54
C ILE B 332 -50.47 -13.09 2.89
N THR B 333 -50.86 -13.59 4.07
CA THR B 333 -52.26 -13.48 4.48
C THR B 333 -52.72 -12.05 4.66
N ASN B 334 -51.79 -11.10 4.82
CA ASN B 334 -52.12 -9.68 4.94
C ASN B 334 -52.39 -9.13 3.53
N LEU B 335 -53.39 -9.71 2.88
CA LEU B 335 -53.71 -9.35 1.51
C LEU B 335 -54.37 -7.98 1.45
N CYS B 336 -54.20 -7.31 0.31
CA CYS B 336 -54.86 -6.04 0.09
C CYS B 336 -56.35 -6.25 -0.15
N PRO B 337 -57.20 -5.33 0.30
CA PRO B 337 -58.65 -5.52 0.17
C PRO B 337 -59.17 -5.22 -1.23
N PHE B 338 -58.60 -5.92 -2.22
CA PHE B 338 -59.07 -5.76 -3.59
C PHE B 338 -60.50 -6.28 -3.75
N GLY B 339 -60.82 -7.40 -3.10
CA GLY B 339 -62.15 -7.94 -3.19
C GLY B 339 -63.19 -7.02 -2.57
N GLU B 340 -62.82 -6.33 -1.49
CA GLU B 340 -63.74 -5.37 -0.87
C GLU B 340 -64.11 -4.26 -1.82
N VAL B 341 -63.12 -3.72 -2.55
CA VAL B 341 -63.39 -2.64 -3.49
C VAL B 341 -64.16 -3.15 -4.69
N PHE B 342 -63.74 -4.30 -5.25
CA PHE B 342 -64.33 -4.77 -6.50
C PHE B 342 -65.71 -5.38 -6.28
N ASN B 343 -65.89 -6.13 -5.18
CA ASN B 343 -67.13 -6.84 -4.94
C ASN B 343 -68.07 -6.11 -3.99
N ALA B 344 -67.84 -4.82 -3.75
CA ALA B 344 -68.77 -4.03 -2.96
C ALA B 344 -70.12 -3.95 -3.65
N THR B 345 -71.18 -4.17 -2.88
CA THR B 345 -72.53 -4.18 -3.46
C THR B 345 -72.92 -2.82 -4.02
N ARG B 346 -72.57 -1.74 -3.32
CA ARG B 346 -72.97 -0.40 -3.68
C ARG B 346 -71.75 0.41 -4.11
N PHE B 347 -71.84 1.04 -5.28
CA PHE B 347 -70.82 1.97 -5.77
C PHE B 347 -71.40 3.37 -5.85
N ALA B 348 -70.58 4.36 -5.49
CA ALA B 348 -71.03 5.73 -5.53
C ALA B 348 -71.08 6.24 -6.96
N SER B 349 -71.77 7.37 -7.14
CA SER B 349 -71.90 7.98 -8.46
C SER B 349 -70.57 8.55 -8.93
N VAL B 350 -70.51 8.84 -10.23
CA VAL B 350 -69.25 9.29 -10.83
C VAL B 350 -68.88 10.68 -10.30
N TYR B 351 -69.87 11.55 -10.10
CA TYR B 351 -69.58 12.87 -9.57
C TYR B 351 -69.14 12.80 -8.11
N ALA B 352 -69.58 11.77 -7.39
CA ALA B 352 -69.20 11.58 -6.00
C ALA B 352 -68.40 10.29 -5.84
N TRP B 353 -67.45 10.07 -6.74
CA TRP B 353 -66.71 8.83 -6.79
C TRP B 353 -66.03 8.52 -5.46
N ASN B 354 -66.18 7.27 -5.01
CA ASN B 354 -65.57 6.84 -3.76
C ASN B 354 -64.10 6.51 -3.97
N ARG B 355 -63.26 6.95 -3.04
CA ARG B 355 -61.83 6.71 -3.09
C ARG B 355 -61.41 5.88 -1.88
N LYS B 356 -60.70 4.79 -2.13
CA LYS B 356 -60.22 3.90 -1.09
C LYS B 356 -58.71 3.80 -1.17
N ARG B 357 -58.04 4.04 -0.05
CA ARG B 357 -56.58 3.96 0.00
C ARG B 357 -56.16 2.54 0.37
N ILE B 358 -55.26 1.97 -0.43
CA ILE B 358 -54.76 0.62 -0.21
C ILE B 358 -53.27 0.72 0.10
N SER B 359 -52.88 0.24 1.27
CA SER B 359 -51.49 0.34 1.70
C SER B 359 -51.23 -0.72 2.77
N ASN B 360 -49.94 -0.96 3.02
CA ASN B 360 -49.48 -1.86 4.08
C ASN B 360 -50.07 -3.27 3.92
N CYS B 361 -50.05 -3.77 2.69
CA CYS B 361 -50.57 -5.09 2.41
C CYS B 361 -49.90 -5.64 1.15
N VAL B 362 -49.99 -6.95 0.99
CA VAL B 362 -49.51 -7.61 -0.22
C VAL B 362 -50.67 -7.72 -1.19
N ALA B 363 -50.44 -7.25 -2.42
CA ALA B 363 -51.49 -7.16 -3.42
C ALA B 363 -51.40 -8.34 -4.37
N ASP B 364 -52.40 -9.23 -4.29
CA ASP B 364 -52.47 -10.39 -5.17
C ASP B 364 -53.25 -10.00 -6.43
N TYR B 365 -52.54 -9.67 -7.49
CA TYR B 365 -53.15 -9.26 -8.74
C TYR B 365 -53.69 -10.44 -9.54
N SER B 366 -53.39 -11.67 -9.13
CA SER B 366 -53.81 -12.85 -9.90
C SER B 366 -55.32 -12.90 -10.05
N VAL B 367 -56.06 -12.40 -9.06
CA VAL B 367 -57.52 -12.39 -9.15
C VAL B 367 -57.97 -11.49 -10.31
N LEU B 368 -57.20 -10.43 -10.60
CA LEU B 368 -57.57 -9.53 -11.68
C LEU B 368 -57.44 -10.21 -13.04
N TYR B 369 -56.32 -10.90 -13.27
CA TYR B 369 -56.14 -11.62 -14.53
C TYR B 369 -57.12 -12.78 -14.65
N ASN B 370 -57.35 -13.50 -13.55
CA ASN B 370 -58.25 -14.65 -13.60
C ASN B 370 -59.69 -14.23 -13.88
N SER B 371 -60.09 -13.04 -13.42
CA SER B 371 -61.44 -12.57 -13.65
C SER B 371 -61.68 -12.27 -15.11
N ALA B 372 -62.78 -12.80 -15.65
CA ALA B 372 -63.15 -12.58 -17.04
C ALA B 372 -64.30 -11.60 -17.20
N SER B 373 -64.93 -11.17 -16.11
CA SER B 373 -66.03 -10.22 -16.21
C SER B 373 -65.55 -8.85 -16.67
N PHE B 374 -64.28 -8.55 -16.45
CA PHE B 374 -63.73 -7.26 -16.85
C PHE B 374 -63.80 -7.08 -18.36
N SER B 375 -64.28 -5.92 -18.79
CA SER B 375 -64.38 -5.61 -20.21
C SER B 375 -63.29 -4.66 -20.70
N THR B 376 -62.78 -3.80 -19.82
CA THR B 376 -61.71 -2.87 -20.16
C THR B 376 -60.61 -2.99 -19.12
N PHE B 377 -59.39 -3.25 -19.59
CA PHE B 377 -58.22 -3.34 -18.70
C PHE B 377 -57.06 -2.62 -19.39
N LYS B 378 -56.93 -1.32 -19.10
CA LYS B 378 -55.87 -0.51 -19.69
C LYS B 378 -55.00 0.05 -18.57
N CYS B 379 -53.69 -0.13 -18.70
CA CYS B 379 -52.72 0.36 -17.73
C CYS B 379 -51.85 1.43 -18.39
N TYR B 380 -51.63 2.54 -17.68
CA TYR B 380 -50.86 3.66 -18.20
C TYR B 380 -49.62 3.83 -17.33
N GLY B 381 -48.45 3.88 -17.97
CA GLY B 381 -47.21 4.07 -17.27
C GLY B 381 -46.63 2.83 -16.62
N VAL B 382 -47.28 1.68 -16.76
CA VAL B 382 -46.80 0.44 -16.16
C VAL B 382 -47.32 -0.72 -16.99
N SER B 383 -46.45 -1.71 -17.20
CA SER B 383 -46.87 -2.91 -17.91
C SER B 383 -47.73 -3.79 -16.99
N PRO B 384 -48.91 -4.20 -17.46
CA PRO B 384 -49.77 -5.04 -16.61
C PRO B 384 -49.11 -6.35 -16.20
N THR B 385 -48.31 -6.95 -17.08
CA THR B 385 -47.58 -8.15 -16.70
C THR B 385 -46.46 -7.83 -15.71
N LYS B 386 -46.00 -6.57 -15.68
CA LYS B 386 -44.97 -6.13 -14.76
C LYS B 386 -45.55 -5.56 -13.47
N LEU B 387 -46.86 -5.65 -13.27
CA LEU B 387 -47.47 -5.09 -12.07
C LEU B 387 -47.07 -5.87 -10.82
N ASN B 388 -46.92 -7.20 -10.95
CA ASN B 388 -46.71 -8.04 -9.77
C ASN B 388 -45.38 -7.75 -9.09
N ASP B 389 -44.30 -7.65 -9.87
CA ASP B 389 -42.97 -7.50 -9.28
C ASP B 389 -42.62 -6.05 -8.97
N LEU B 390 -43.48 -5.09 -9.29
CA LEU B 390 -43.23 -3.70 -8.97
C LEU B 390 -43.88 -3.33 -7.64
N CYS B 391 -43.20 -2.46 -6.91
CA CYS B 391 -43.66 -2.01 -5.60
C CYS B 391 -44.03 -0.53 -5.64
N PHE B 392 -45.10 -0.17 -4.94
CA PHE B 392 -45.60 1.20 -4.91
C PHE B 392 -45.77 1.65 -3.47
N THR B 393 -45.52 2.94 -3.22
CA THR B 393 -45.63 3.47 -1.86
C THR B 393 -47.08 3.44 -1.38
N ASN B 394 -48.01 3.92 -2.20
CA ASN B 394 -49.41 3.96 -1.83
C ASN B 394 -50.27 3.71 -3.06
N VAL B 395 -51.42 3.08 -2.86
CA VAL B 395 -52.36 2.76 -3.91
C VAL B 395 -53.72 3.32 -3.54
N TYR B 396 -54.32 4.08 -4.45
CA TYR B 396 -55.65 4.64 -4.26
C TYR B 396 -56.61 4.00 -5.25
N ALA B 397 -57.73 3.49 -4.74
CA ALA B 397 -58.73 2.84 -5.56
C ALA B 397 -59.96 3.75 -5.65
N ASP B 398 -60.32 4.12 -6.87
CA ASP B 398 -61.49 4.96 -7.13
C ASP B 398 -62.52 4.14 -7.88
N SER B 399 -63.74 4.07 -7.35
CA SER B 399 -64.81 3.26 -7.91
C SER B 399 -66.01 4.15 -8.19
N PHE B 400 -66.57 4.02 -9.40
CA PHE B 400 -67.77 4.75 -9.78
C PHE B 400 -68.47 4.00 -10.90
N VAL B 401 -69.73 4.34 -11.13
CA VAL B 401 -70.58 3.68 -12.12
C VAL B 401 -70.90 4.67 -13.22
N ILE B 402 -70.60 4.29 -14.46
CA ILE B 402 -70.91 5.10 -15.64
C ILE B 402 -71.47 4.19 -16.73
N ARG B 403 -72.00 4.82 -17.78
CA ARG B 403 -72.52 4.07 -18.91
C ARG B 403 -71.38 3.50 -19.75
N GLY B 404 -71.73 2.57 -20.64
CA GLY B 404 -70.71 1.87 -21.41
C GLY B 404 -69.96 2.78 -22.37
N ASP B 405 -70.68 3.68 -23.06
CA ASP B 405 -70.04 4.52 -24.06
C ASP B 405 -69.13 5.56 -23.44
N GLU B 406 -69.32 5.87 -22.15
CA GLU B 406 -68.49 6.84 -21.46
C GLU B 406 -67.28 6.22 -20.79
N VAL B 407 -67.06 4.90 -20.96
CA VAL B 407 -65.91 4.25 -20.36
C VAL B 407 -64.62 4.77 -20.99
N ARG B 408 -64.66 5.08 -22.28
CA ARG B 408 -63.47 5.60 -22.97
C ARG B 408 -63.03 6.94 -22.40
N GLN B 409 -63.94 7.68 -21.75
CA GLN B 409 -63.59 8.97 -21.18
C GLN B 409 -62.63 8.85 -19.99
N ILE B 410 -62.52 7.66 -19.40
CA ILE B 410 -61.65 7.46 -18.24
C ILE B 410 -60.25 7.12 -18.73
N ALA B 411 -59.47 8.15 -19.04
CA ALA B 411 -58.10 7.99 -19.50
C ALA B 411 -57.44 9.36 -19.51
N PRO B 412 -56.12 9.42 -19.36
CA PRO B 412 -55.44 10.72 -19.43
C PRO B 412 -55.63 11.37 -20.79
N GLY B 413 -55.79 12.70 -20.78
CA GLY B 413 -55.94 13.46 -21.99
C GLY B 413 -57.31 13.39 -22.65
N GLN B 414 -58.27 12.74 -22.01
CA GLN B 414 -59.61 12.61 -22.58
C GLN B 414 -60.43 13.88 -22.34
N THR B 415 -61.48 14.03 -23.14
CA THR B 415 -62.41 15.15 -23.01
C THR B 415 -63.83 14.62 -23.07
N GLY B 416 -64.74 15.37 -22.49
CA GLY B 416 -66.14 14.98 -22.45
C GLY B 416 -66.80 15.49 -21.18
N LYS B 417 -68.08 15.14 -21.05
CA LYS B 417 -68.83 15.55 -19.86
C LYS B 417 -68.24 14.94 -18.59
N ILE B 418 -68.04 13.62 -18.60
CA ILE B 418 -67.51 12.95 -17.42
C ILE B 418 -66.09 13.41 -17.14
N ALA B 419 -65.25 13.44 -18.18
CA ALA B 419 -63.84 13.77 -17.98
C ALA B 419 -63.65 15.16 -17.41
N ASP B 420 -64.46 16.12 -17.86
CA ASP B 420 -64.28 17.51 -17.46
C ASP B 420 -65.05 17.88 -16.20
N TYR B 421 -66.20 17.25 -15.95
CA TYR B 421 -67.08 17.69 -14.87
C TYR B 421 -67.22 16.69 -13.73
N ASN B 422 -66.91 15.41 -13.95
CA ASN B 422 -67.15 14.37 -12.95
C ASN B 422 -65.86 13.76 -12.43
N TYR B 423 -64.99 13.27 -13.32
CA TYR B 423 -63.74 12.63 -12.93
C TYR B 423 -62.68 12.99 -13.94
N LYS B 424 -61.60 13.63 -13.46
CA LYS B 424 -60.51 14.09 -14.31
C LYS B 424 -59.24 13.33 -13.95
N LEU B 425 -58.55 12.83 -14.98
CA LEU B 425 -57.30 12.10 -14.81
C LEU B 425 -56.12 12.95 -15.26
N PRO B 426 -55.05 12.99 -14.48
CA PRO B 426 -53.88 13.80 -14.87
C PRO B 426 -53.19 13.20 -16.09
N ASP B 427 -52.45 14.08 -16.80
CA ASP B 427 -51.69 13.63 -17.97
C ASP B 427 -50.62 12.63 -17.58
N ASP B 428 -49.95 12.83 -16.45
CA ASP B 428 -48.90 11.94 -15.97
C ASP B 428 -49.43 10.84 -15.07
N PHE B 429 -50.69 10.46 -15.22
CA PHE B 429 -51.27 9.42 -14.38
C PHE B 429 -50.59 8.08 -14.63
N THR B 430 -50.25 7.39 -13.54
CA THR B 430 -49.68 6.05 -13.60
C THR B 430 -50.61 5.10 -12.87
N GLY B 431 -51.04 4.04 -13.54
CA GLY B 431 -51.95 3.09 -12.96
C GLY B 431 -52.69 2.33 -14.03
N CYS B 432 -53.82 1.74 -13.62
CA CYS B 432 -54.64 0.93 -14.51
C CYS B 432 -56.10 1.34 -14.39
N VAL B 433 -56.84 1.14 -15.47
CA VAL B 433 -58.27 1.43 -15.52
C VAL B 433 -59.00 0.11 -15.77
N ILE B 434 -59.93 -0.22 -14.87
CA ILE B 434 -60.67 -1.47 -14.93
C ILE B 434 -62.16 -1.15 -14.96
N ALA B 435 -62.87 -1.74 -15.92
CA ALA B 435 -64.30 -1.55 -16.06
C ALA B 435 -64.94 -2.86 -16.50
N TRP B 436 -66.21 -3.04 -16.12
CA TRP B 436 -66.96 -4.24 -16.49
C TRP B 436 -68.44 -3.92 -16.51
N ASN B 437 -69.19 -4.72 -17.25
CA ASN B 437 -70.64 -4.56 -17.32
C ASN B 437 -71.29 -4.95 -16.01
N SER B 438 -72.28 -4.15 -15.59
CA SER B 438 -73.02 -4.40 -14.36
C SER B 438 -74.50 -4.14 -14.58
N ASN B 439 -75.04 -4.60 -15.70
CA ASN B 439 -76.46 -4.41 -15.99
C ASN B 439 -77.34 -5.16 -14.99
N ASN B 440 -76.92 -6.36 -14.61
CA ASN B 440 -77.73 -7.16 -13.69
C ASN B 440 -77.84 -6.49 -12.31
N LEU B 441 -76.75 -5.88 -11.85
CA LEU B 441 -76.72 -5.31 -10.51
C LEU B 441 -77.24 -3.88 -10.44
N ASP B 442 -76.90 -3.05 -11.43
CA ASP B 442 -77.18 -1.62 -11.37
C ASP B 442 -78.42 -1.20 -12.17
N SER B 443 -79.22 -2.16 -12.63
CA SER B 443 -80.44 -1.84 -13.37
C SER B 443 -81.60 -2.67 -12.84
N LYS B 444 -82.79 -2.10 -12.93
CA LYS B 444 -84.02 -2.77 -12.52
C LYS B 444 -85.08 -2.55 -13.60
N VAL B 445 -86.22 -3.21 -13.42
CA VAL B 445 -87.29 -3.15 -14.41
C VAL B 445 -87.79 -1.71 -14.57
N GLY B 446 -88.03 -1.03 -13.45
CA GLY B 446 -88.51 0.34 -13.51
C GLY B 446 -87.45 1.32 -13.92
N GLY B 447 -86.18 0.97 -13.77
CA GLY B 447 -85.08 1.84 -14.11
C GLY B 447 -84.43 2.45 -12.88
N ASN B 448 -83.13 2.19 -12.70
CA ASN B 448 -82.39 2.65 -11.54
C ASN B 448 -81.88 4.06 -11.81
N TYR B 449 -82.48 5.04 -11.12
CA TYR B 449 -82.09 6.44 -11.24
C TYR B 449 -81.20 6.91 -10.09
N ASN B 450 -80.71 5.97 -9.26
CA ASN B 450 -79.89 6.36 -8.12
C ASN B 450 -78.54 6.92 -8.55
N TYR B 451 -78.05 6.52 -9.73
CA TYR B 451 -76.77 7.00 -10.21
C TYR B 451 -76.94 8.33 -10.94
N LEU B 452 -76.06 9.29 -10.62
CA LEU B 452 -76.13 10.62 -11.20
C LEU B 452 -74.74 11.03 -11.70
N TYR B 453 -74.74 11.93 -12.68
CA TYR B 453 -73.50 12.50 -13.20
C TYR B 453 -73.64 14.01 -13.29
N ARG B 454 -72.52 14.71 -13.11
CA ARG B 454 -72.50 16.17 -13.17
C ARG B 454 -72.61 16.59 -14.64
N LEU B 455 -73.65 17.36 -14.96
CA LEU B 455 -73.88 17.78 -16.34
C LEU B 455 -73.37 19.19 -16.60
N PHE B 456 -73.50 20.09 -15.63
CA PHE B 456 -73.12 21.49 -15.81
C PHE B 456 -72.12 21.90 -14.75
N ARG B 457 -71.03 22.54 -15.19
CA ARG B 457 -70.06 23.12 -14.26
C ARG B 457 -69.39 24.31 -14.95
N LYS B 458 -69.04 25.32 -14.15
CA LYS B 458 -68.44 26.52 -14.71
C LYS B 458 -67.06 26.23 -15.31
N SER B 459 -66.26 25.41 -14.63
CA SER B 459 -64.90 25.12 -15.06
C SER B 459 -64.65 23.62 -15.01
N ASN B 460 -63.68 23.19 -15.80
CA ASN B 460 -63.30 21.78 -15.84
C ASN B 460 -62.66 21.37 -14.51
N LEU B 461 -62.92 20.14 -14.10
CA LEU B 461 -62.37 19.63 -12.85
C LEU B 461 -60.86 19.44 -12.95
N LYS B 462 -60.17 19.70 -11.85
CA LYS B 462 -58.76 19.40 -11.75
C LYS B 462 -58.56 17.89 -11.66
N PRO B 463 -57.35 17.41 -11.99
CA PRO B 463 -57.09 15.98 -11.83
C PRO B 463 -57.28 15.53 -10.39
N PHE B 464 -57.95 14.39 -10.23
CA PHE B 464 -58.26 13.81 -8.92
C PHE B 464 -58.99 14.81 -8.02
N GLU B 465 -59.96 15.52 -8.60
CA GLU B 465 -60.79 16.46 -7.85
C GLU B 465 -62.21 15.91 -7.77
N ARG B 466 -62.78 15.92 -6.57
CA ARG B 466 -64.13 15.42 -6.32
C ARG B 466 -65.03 16.59 -5.98
N ASP B 467 -66.11 16.75 -6.74
CA ASP B 467 -67.07 17.82 -6.54
C ASP B 467 -68.43 17.22 -6.22
N ILE B 468 -69.00 17.63 -5.09
CA ILE B 468 -70.30 17.14 -4.64
C ILE B 468 -71.29 18.27 -4.42
N SER B 469 -70.94 19.49 -4.82
CA SER B 469 -71.84 20.62 -4.61
C SER B 469 -73.08 20.50 -5.48
N THR B 470 -74.24 20.83 -4.89
CA THR B 470 -75.52 20.77 -5.58
C THR B 470 -76.07 22.15 -5.90
N GLU B 471 -75.23 23.18 -5.92
CA GLU B 471 -75.69 24.52 -6.23
C GLU B 471 -76.18 24.60 -7.66
N ILE B 472 -77.24 25.39 -7.88
CA ILE B 472 -77.83 25.51 -9.20
C ILE B 472 -76.86 26.22 -10.13
N TYR B 473 -76.64 25.62 -11.30
CA TYR B 473 -75.70 26.20 -12.27
C TYR B 473 -76.29 27.45 -12.90
N GLN B 474 -75.46 28.49 -13.02
CA GLN B 474 -75.87 29.77 -13.59
C GLN B 474 -75.37 29.83 -15.03
N ALA B 475 -76.28 29.59 -15.99
CA ALA B 475 -75.95 29.63 -17.41
C ALA B 475 -76.30 30.96 -18.06
N GLY B 476 -76.77 31.94 -17.30
CA GLY B 476 -77.17 33.22 -17.85
C GLY B 476 -76.97 34.33 -16.84
N SER B 477 -77.30 35.55 -17.27
CA SER B 477 -77.14 36.71 -16.39
C SER B 477 -78.16 36.69 -15.25
N THR B 478 -79.26 35.96 -15.43
CA THR B 478 -80.28 35.90 -14.40
C THR B 478 -79.76 35.10 -13.21
N PRO B 479 -79.80 35.65 -12.00
CA PRO B 479 -79.31 34.89 -10.83
C PRO B 479 -80.24 33.75 -10.48
N CYS B 480 -79.64 32.60 -10.16
CA CYS B 480 -80.43 31.42 -9.80
C CYS B 480 -81.04 31.58 -8.41
N ASN B 481 -80.24 32.05 -7.45
CA ASN B 481 -80.69 32.23 -6.06
C ASN B 481 -81.21 30.93 -5.46
N GLY B 482 -80.64 29.80 -5.88
CA GLY B 482 -81.08 28.51 -5.37
C GLY B 482 -82.38 28.01 -5.92
N VAL B 483 -82.92 28.64 -6.96
CA VAL B 483 -84.20 28.26 -7.56
C VAL B 483 -83.99 28.06 -9.05
N GLU B 484 -84.49 26.93 -9.57
CA GLU B 484 -84.37 26.66 -11.00
C GLU B 484 -85.15 27.67 -11.81
N GLY B 485 -84.62 28.01 -12.98
CA GLY B 485 -85.27 28.98 -13.85
C GLY B 485 -85.02 28.71 -15.32
N PHE B 486 -85.28 29.72 -16.17
CA PHE B 486 -85.07 29.56 -17.60
C PHE B 486 -83.60 29.31 -17.91
N ASN B 487 -82.70 30.05 -17.28
CA ASN B 487 -81.27 29.91 -17.51
C ASN B 487 -80.58 29.15 -16.38
N CYS B 488 -81.34 28.53 -15.48
CA CYS B 488 -80.78 27.80 -14.35
C CYS B 488 -81.21 26.34 -14.43
N TYR B 489 -80.23 25.44 -14.32
CA TYR B 489 -80.46 24.02 -14.40
C TYR B 489 -79.69 23.30 -13.29
N PHE B 490 -80.21 22.14 -12.89
CA PHE B 490 -79.54 21.35 -11.86
C PHE B 490 -78.21 20.83 -12.37
N PRO B 491 -77.13 20.96 -11.61
CA PRO B 491 -75.82 20.49 -12.10
C PRO B 491 -75.76 19.00 -12.36
N LEU B 492 -76.52 18.19 -11.62
CA LEU B 492 -76.46 16.74 -11.72
C LEU B 492 -77.64 16.22 -12.53
N GLN B 493 -77.35 15.23 -13.37
CA GLN B 493 -78.37 14.55 -14.17
C GLN B 493 -78.40 13.08 -13.80
N SER B 494 -79.60 12.55 -13.60
CA SER B 494 -79.73 11.16 -13.16
C SER B 494 -79.52 10.19 -14.32
N TYR B 495 -78.86 9.08 -14.03
CA TYR B 495 -78.71 8.01 -15.02
C TYR B 495 -79.92 7.09 -14.97
N GLY B 496 -80.53 6.88 -16.12
CA GLY B 496 -81.64 5.93 -16.22
C GLY B 496 -81.20 4.63 -16.84
N PHE B 497 -80.99 3.61 -16.01
CA PHE B 497 -80.45 2.32 -16.45
C PHE B 497 -81.61 1.33 -16.61
N GLN B 498 -81.85 0.94 -17.88
CA GLN B 498 -82.87 -0.03 -18.22
C GLN B 498 -82.26 -1.37 -18.59
N PRO B 499 -82.96 -2.48 -18.32
CA PRO B 499 -82.41 -3.79 -18.68
C PRO B 499 -82.19 -3.97 -20.17
N THR B 500 -83.02 -3.36 -21.01
CA THR B 500 -82.96 -3.53 -22.45
C THR B 500 -82.44 -2.29 -23.18
N ASN B 501 -81.77 -1.38 -22.47
CA ASN B 501 -81.28 -0.17 -23.13
C ASN B 501 -80.20 -0.47 -24.16
N GLY B 502 -79.32 -1.42 -23.84
CA GLY B 502 -78.22 -1.77 -24.71
C GLY B 502 -76.87 -1.65 -24.01
N VAL B 503 -75.91 -2.43 -24.50
CA VAL B 503 -74.61 -2.52 -23.83
C VAL B 503 -73.90 -1.17 -23.87
N GLY B 504 -74.07 -0.41 -24.95
CA GLY B 504 -73.46 0.91 -25.02
C GLY B 504 -73.96 1.84 -23.94
N TYR B 505 -75.27 1.77 -23.64
CA TYR B 505 -75.87 2.61 -22.61
C TYR B 505 -76.05 1.87 -21.29
N GLN B 506 -75.63 0.61 -21.22
CA GLN B 506 -75.74 -0.16 -19.99
C GLN B 506 -74.82 0.40 -18.91
N PRO B 507 -75.20 0.28 -17.64
CA PRO B 507 -74.31 0.72 -16.56
C PRO B 507 -73.04 -0.13 -16.52
N TYR B 508 -71.93 0.53 -16.21
CA TYR B 508 -70.63 -0.13 -16.09
C TYR B 508 -69.98 0.28 -14.78
N ARG B 509 -69.51 -0.70 -14.01
CA ARG B 509 -68.77 -0.41 -12.79
C ARG B 509 -67.30 -0.25 -13.11
N VAL B 510 -66.76 0.93 -12.81
CA VAL B 510 -65.39 1.29 -13.16
C VAL B 510 -64.59 1.46 -11.88
N VAL B 511 -63.50 0.72 -11.77
CA VAL B 511 -62.55 0.85 -10.66
C VAL B 511 -61.23 1.31 -11.23
N VAL B 512 -60.73 2.45 -10.74
CA VAL B 512 -59.50 3.05 -11.22
C VAL B 512 -58.43 2.86 -10.16
N LEU B 513 -57.30 2.28 -10.56
CA LEU B 513 -56.17 2.05 -9.66
C LEU B 513 -55.07 3.06 -9.98
N SER B 514 -54.67 3.82 -8.98
CA SER B 514 -53.61 4.81 -9.12
C SER B 514 -52.44 4.44 -8.21
N PHE B 515 -51.25 4.35 -8.79
CA PHE B 515 -50.04 4.00 -8.05
C PHE B 515 -49.11 5.20 -8.04
N GLU B 516 -48.70 5.62 -6.85
CA GLU B 516 -47.81 6.76 -6.67
C GLU B 516 -46.49 6.30 -6.07
N LEU B 517 -45.39 6.82 -6.59
CA LEU B 517 -44.05 6.48 -6.13
C LEU B 517 -43.44 7.72 -5.49
N LEU B 518 -43.28 7.69 -4.17
CA LEU B 518 -42.71 8.77 -3.40
C LEU B 518 -41.38 8.34 -2.79
N HIS B 519 -40.66 9.31 -2.22
CA HIS B 519 -39.42 9.00 -1.52
C HIS B 519 -39.66 8.22 -0.24
N ALA B 520 -40.90 8.19 0.25
CA ALA B 520 -41.22 7.38 1.41
C ALA B 520 -41.09 5.89 1.08
N PRO B 521 -40.82 5.05 2.07
CA PRO B 521 -40.67 3.62 1.79
C PRO B 521 -41.93 3.02 1.21
N ALA B 522 -41.75 2.08 0.28
CA ALA B 522 -42.86 1.45 -0.42
C ALA B 522 -43.63 0.55 0.53
N THR B 523 -44.85 0.97 0.88
CA THR B 523 -45.67 0.17 1.80
C THR B 523 -46.27 -1.04 1.10
N VAL B 524 -46.59 -0.92 -0.18
CA VAL B 524 -47.26 -1.97 -0.93
C VAL B 524 -46.23 -2.74 -1.76
N CYS B 525 -46.19 -4.05 -1.55
CA CYS B 525 -45.35 -4.94 -2.36
C CYS B 525 -46.11 -6.24 -2.58
N GLY B 526 -45.92 -6.83 -3.76
CA GLY B 526 -46.63 -8.02 -4.12
C GLY B 526 -46.07 -9.26 -3.46
N PRO B 527 -46.80 -10.37 -3.56
CA PRO B 527 -46.29 -11.63 -3.03
C PRO B 527 -44.99 -12.04 -3.71
N LYS B 528 -44.07 -12.58 -2.92
CA LYS B 528 -42.74 -12.94 -3.40
C LYS B 528 -42.45 -14.39 -3.06
N LYS B 529 -41.61 -15.02 -3.87
CA LYS B 529 -41.52 -16.47 -3.89
C LYS B 529 -40.97 -17.05 -2.59
N SER B 530 -41.32 -18.29 -2.32
CA SER B 530 -40.82 -19.03 -1.17
C SER B 530 -40.46 -20.45 -1.59
N THR B 531 -39.56 -21.07 -0.83
CA THR B 531 -39.07 -22.41 -1.13
C THR B 531 -39.19 -23.29 0.11
N ASN B 532 -39.16 -24.60 -0.12
CA ASN B 532 -39.34 -25.56 0.96
C ASN B 532 -38.10 -25.62 1.85
N LEU B 533 -38.31 -25.94 3.12
CA LEU B 533 -37.25 -25.89 4.12
C LEU B 533 -36.36 -27.13 4.06
N VAL B 534 -35.08 -26.97 4.40
CA VAL B 534 -34.08 -28.03 4.36
C VAL B 534 -33.27 -28.01 5.65
N LYS B 535 -33.02 -29.20 6.21
CA LYS B 535 -32.20 -29.35 7.40
C LYS B 535 -31.06 -30.33 7.13
N ASN B 536 -29.95 -30.14 7.86
CA ASN B 536 -28.79 -31.04 7.88
C ASN B 536 -28.07 -31.14 6.55
N LYS B 537 -28.43 -30.31 5.57
CA LYS B 537 -27.79 -30.32 4.26
C LYS B 537 -27.37 -28.89 3.95
N CYS B 538 -26.07 -28.70 3.67
CA CYS B 538 -25.55 -27.37 3.43
C CYS B 538 -26.19 -26.76 2.19
N VAL B 539 -26.72 -25.54 2.34
CA VAL B 539 -27.47 -24.86 1.29
C VAL B 539 -27.16 -23.36 1.36
N ASN B 540 -27.75 -22.61 0.43
CA ASN B 540 -27.70 -21.16 0.47
C ASN B 540 -29.05 -20.63 0.91
N PHE B 541 -29.10 -19.93 2.04
CA PHE B 541 -30.34 -19.47 2.64
C PHE B 541 -30.39 -17.95 2.63
N ASN B 542 -31.54 -17.41 2.22
CA ASN B 542 -31.79 -15.97 2.20
C ASN B 542 -33.06 -15.73 3.02
N PHE B 543 -32.88 -15.57 4.33
CA PHE B 543 -34.00 -15.37 5.25
C PHE B 543 -34.19 -13.88 5.49
N ASN B 544 -35.17 -13.29 4.81
CA ASN B 544 -35.55 -11.89 5.02
C ASN B 544 -34.37 -10.95 4.77
N GLY B 545 -33.42 -11.39 3.93
CA GLY B 545 -32.27 -10.60 3.61
C GLY B 545 -31.00 -10.96 4.35
N LEU B 546 -31.02 -12.00 5.19
CA LEU B 546 -29.79 -12.42 5.87
C LEU B 546 -28.77 -12.98 4.88
N THR B 547 -29.26 -13.55 3.77
CA THR B 547 -28.44 -14.04 2.64
C THR B 547 -27.16 -14.76 3.11
N GLY B 548 -27.31 -15.59 4.13
CA GLY B 548 -26.19 -16.35 4.64
C GLY B 548 -26.01 -17.68 3.92
N THR B 549 -24.89 -18.34 4.20
CA THR B 549 -24.55 -19.63 3.62
C THR B 549 -24.13 -20.58 4.71
N GLY B 550 -24.40 -21.87 4.51
CA GLY B 550 -24.01 -22.89 5.44
C GLY B 550 -25.05 -23.98 5.51
N VAL B 551 -25.15 -24.61 6.68
CA VAL B 551 -26.09 -25.70 6.93
C VAL B 551 -26.96 -25.32 8.12
N LEU B 552 -28.23 -25.69 8.06
CA LEU B 552 -29.21 -25.37 9.09
C LEU B 552 -29.54 -26.61 9.89
N THR B 553 -29.54 -26.48 11.21
CA THR B 553 -29.82 -27.58 12.13
C THR B 553 -30.87 -27.15 13.15
N GLU B 554 -31.68 -28.11 13.58
CA GLU B 554 -32.64 -27.84 14.65
C GLU B 554 -31.91 -27.44 15.92
N SER B 555 -32.41 -26.41 16.57
CA SER B 555 -31.76 -25.83 17.75
C SER B 555 -32.68 -25.90 18.95
N ASN B 556 -32.09 -26.00 20.13
CA ASN B 556 -32.83 -26.05 21.38
C ASN B 556 -32.93 -24.69 22.06
N LYS B 557 -32.13 -23.71 21.66
CA LYS B 557 -32.18 -22.39 22.27
C LYS B 557 -33.51 -21.71 21.97
N LYS B 558 -34.01 -20.97 22.95
CA LYS B 558 -35.30 -20.31 22.84
C LYS B 558 -35.11 -18.80 22.70
N PHE B 559 -36.02 -18.18 21.94
CA PHE B 559 -35.96 -16.75 21.65
C PHE B 559 -37.17 -16.04 22.26
N LEU B 560 -36.99 -14.75 22.54
CA LEU B 560 -38.12 -13.92 22.91
C LEU B 560 -38.99 -13.69 21.68
N PRO B 561 -40.27 -13.35 21.87
CA PRO B 561 -41.21 -13.37 20.73
C PRO B 561 -40.81 -12.48 19.57
N PHE B 562 -40.24 -11.31 19.82
CA PHE B 562 -40.01 -10.38 18.72
C PHE B 562 -38.73 -10.68 17.95
N GLN B 563 -37.64 -10.94 18.65
CA GLN B 563 -36.34 -11.06 18.00
C GLN B 563 -36.33 -12.22 17.00
N GLN B 564 -35.70 -11.99 15.85
CA GLN B 564 -35.69 -12.95 14.76
C GLN B 564 -34.37 -13.68 14.60
N PHE B 565 -33.26 -12.95 14.45
CA PHE B 565 -31.96 -13.58 14.25
C PHE B 565 -30.97 -13.08 15.29
N GLY B 566 -30.10 -13.99 15.73
CA GLY B 566 -29.15 -13.68 16.76
C GLY B 566 -27.71 -13.68 16.29
N ARG B 567 -26.78 -13.27 17.15
CA ARG B 567 -25.38 -13.19 16.83
C ARG B 567 -24.55 -13.82 17.94
N ASP B 568 -23.33 -14.20 17.59
CA ASP B 568 -22.37 -14.72 18.55
C ASP B 568 -21.51 -13.58 19.09
N ILE B 569 -20.44 -13.94 19.79
CA ILE B 569 -19.47 -12.93 20.23
C ILE B 569 -18.77 -12.32 19.03
N ALA B 570 -18.50 -13.13 17.99
CA ALA B 570 -17.71 -12.71 16.86
C ALA B 570 -18.49 -11.90 15.83
N ASP B 571 -19.67 -11.39 16.20
CA ASP B 571 -20.48 -10.56 15.31
C ASP B 571 -20.80 -11.27 14.00
N THR B 572 -21.16 -12.54 14.10
CA THR B 572 -21.57 -13.34 12.94
C THR B 572 -22.96 -13.90 13.18
N THR B 573 -23.67 -14.16 12.08
CA THR B 573 -25.00 -14.76 12.18
C THR B 573 -24.92 -16.14 12.81
N ASP B 574 -25.82 -16.42 13.73
CA ASP B 574 -25.82 -17.69 14.46
C ASP B 574 -27.10 -18.48 14.32
N ALA B 575 -28.26 -17.81 14.29
CA ALA B 575 -29.52 -18.51 14.17
C ALA B 575 -30.55 -17.58 13.53
N VAL B 576 -31.54 -18.17 12.87
CA VAL B 576 -32.60 -17.42 12.20
C VAL B 576 -33.94 -18.06 12.54
N ARG B 577 -34.91 -17.22 12.87
CA ARG B 577 -36.27 -17.67 13.12
C ARG B 577 -37.01 -17.80 11.81
N ASP B 578 -37.82 -18.85 11.68
CA ASP B 578 -38.56 -19.10 10.46
C ASP B 578 -39.57 -17.99 10.22
N PRO B 579 -39.62 -17.42 9.02
CA PRO B 579 -40.72 -16.48 8.71
C PRO B 579 -42.10 -17.08 8.89
N GLN B 580 -42.28 -18.37 8.58
CA GLN B 580 -43.61 -18.96 8.64
C GLN B 580 -43.90 -19.53 10.03
N THR B 581 -43.03 -20.39 10.53
CA THR B 581 -43.24 -21.03 11.81
C THR B 581 -42.53 -20.24 12.91
N LEU B 582 -42.70 -20.68 14.15
CA LEU B 582 -42.09 -20.03 15.31
C LEU B 582 -41.17 -21.05 15.96
N GLU B 583 -39.93 -21.11 15.45
CA GLU B 583 -38.93 -22.04 15.94
C GLU B 583 -37.58 -21.62 15.41
N ILE B 584 -36.54 -21.93 16.17
CA ILE B 584 -35.19 -21.42 15.93
C ILE B 584 -34.33 -22.49 15.29
N LEU B 585 -33.59 -22.11 14.25
CA LEU B 585 -32.73 -23.03 13.53
C LEU B 585 -31.28 -22.62 13.76
N ASP B 586 -30.46 -23.56 14.20
CA ASP B 586 -29.04 -23.30 14.38
C ASP B 586 -28.35 -23.18 13.03
N ILE B 587 -27.36 -22.30 12.94
CA ILE B 587 -26.65 -22.03 11.69
C ILE B 587 -25.17 -22.29 11.96
N THR B 588 -24.72 -23.51 11.66
CA THR B 588 -23.27 -23.55 11.64
C THR B 588 -22.76 -23.46 10.21
N PRO B 589 -21.67 -22.74 9.98
CA PRO B 589 -21.20 -22.52 8.61
C PRO B 589 -20.79 -23.82 7.94
N CYS B 590 -20.66 -23.74 6.61
CA CYS B 590 -20.38 -24.92 5.79
C CYS B 590 -19.10 -25.60 6.24
N SER B 591 -19.15 -26.93 6.31
CA SER B 591 -17.99 -27.69 6.76
C SER B 591 -16.81 -27.50 5.82
N PHE B 592 -15.63 -27.35 6.40
CA PHE B 592 -14.42 -27.19 5.62
C PHE B 592 -13.23 -27.66 6.44
N GLY B 593 -12.12 -27.94 5.76
CA GLY B 593 -10.92 -28.35 6.43
C GLY B 593 -9.82 -28.59 5.42
N GLY B 594 -8.59 -28.54 5.92
CA GLY B 594 -7.45 -28.80 5.07
C GLY B 594 -7.37 -30.24 4.64
N VAL B 595 -6.79 -30.46 3.46
CA VAL B 595 -6.60 -31.79 2.91
C VAL B 595 -5.15 -32.17 3.12
N SER B 596 -4.91 -33.18 3.95
CA SER B 596 -3.58 -33.66 4.25
C SER B 596 -3.48 -35.14 3.88
N VAL B 597 -2.27 -35.56 3.52
CA VAL B 597 -2.03 -36.92 3.05
C VAL B 597 -1.02 -37.58 3.97
N ILE B 598 -1.35 -38.78 4.44
CA ILE B 598 -0.45 -39.58 5.27
C ILE B 598 0.21 -40.60 4.37
N THR B 599 1.53 -40.54 4.27
CA THR B 599 2.28 -41.47 3.46
C THR B 599 3.60 -41.82 4.15
N PRO B 600 4.06 -43.06 4.00
CA PRO B 600 5.40 -43.42 4.43
C PRO B 600 6.40 -43.03 3.35
N GLY B 601 7.66 -43.38 3.57
CA GLY B 601 8.70 -43.11 2.60
C GLY B 601 8.44 -43.76 1.25
N THR B 602 8.48 -42.97 0.18
CA THR B 602 8.22 -43.51 -1.15
C THR B 602 9.25 -44.56 -1.53
N ASN B 603 10.45 -44.48 -0.98
CA ASN B 603 11.46 -45.50 -1.20
C ASN B 603 11.12 -46.81 -0.49
N THR B 604 10.11 -46.81 0.38
CA THR B 604 9.68 -48.01 1.08
C THR B 604 8.37 -48.57 0.57
N SER B 605 7.36 -47.72 0.37
CA SER B 605 6.05 -48.17 -0.09
C SER B 605 5.51 -47.14 -1.08
N ASN B 606 4.28 -47.39 -1.54
CA ASN B 606 3.67 -46.51 -2.53
C ASN B 606 2.19 -46.24 -2.24
N GLN B 607 1.69 -46.67 -1.08
CA GLN B 607 0.29 -46.47 -0.72
C GLN B 607 0.15 -45.26 0.19
N VAL B 608 -0.97 -44.57 0.06
CA VAL B 608 -1.23 -43.35 0.82
C VAL B 608 -2.62 -43.42 1.42
N ALA B 609 -2.80 -42.64 2.49
CA ALA B 609 -4.08 -42.54 3.18
C ALA B 609 -4.49 -41.07 3.24
N VAL B 610 -5.68 -40.78 2.75
CA VAL B 610 -6.18 -39.41 2.73
C VAL B 610 -6.70 -39.05 4.11
N LEU B 611 -6.37 -37.85 4.58
CA LEU B 611 -6.83 -37.35 5.87
C LEU B 611 -7.67 -36.10 5.64
N TYR B 612 -8.91 -36.12 6.11
CA TYR B 612 -9.82 -34.98 6.03
C TYR B 612 -10.05 -34.49 7.46
N GLN B 613 -9.29 -33.48 7.86
CA GLN B 613 -9.32 -33.02 9.24
C GLN B 613 -10.61 -32.24 9.52
N ASP B 614 -11.09 -32.36 10.75
CA ASP B 614 -12.16 -31.52 11.30
C ASP B 614 -13.46 -31.63 10.52
N VAL B 615 -13.64 -32.68 9.73
CA VAL B 615 -14.86 -32.88 8.94
C VAL B 615 -15.28 -34.33 9.05
N ASN B 616 -16.56 -34.56 9.34
CA ASN B 616 -17.09 -35.92 9.36
C ASN B 616 -17.30 -36.43 7.93
N CYS B 617 -17.18 -37.74 7.77
CA CYS B 617 -17.32 -38.35 6.46
C CYS B 617 -18.76 -38.52 6.01
N THR B 618 -19.74 -38.11 6.84
CA THR B 618 -21.11 -38.05 6.36
C THR B 618 -21.24 -37.03 5.23
N GLU B 619 -20.44 -35.97 5.27
CA GLU B 619 -20.46 -34.92 4.25
C GLU B 619 -19.30 -35.01 3.29
N VAL B 620 -18.53 -36.10 3.30
CA VAL B 620 -17.38 -36.22 2.42
C VAL B 620 -17.82 -36.33 0.97
N TYR B 636 -8.46 -40.24 -2.50
CA TYR B 636 -9.21 -41.45 -2.82
C TYR B 636 -10.70 -41.25 -2.62
N SER B 637 -11.49 -42.00 -3.36
CA SER B 637 -12.94 -41.95 -3.20
C SER B 637 -13.37 -42.61 -1.90
N THR B 638 -14.54 -42.21 -1.41
CA THR B 638 -15.06 -42.75 -0.17
C THR B 638 -15.47 -44.21 -0.35
N GLY B 639 -15.54 -44.93 0.77
CA GLY B 639 -15.96 -46.31 0.77
C GLY B 639 -14.87 -47.34 0.92
N SER B 640 -13.63 -46.93 1.22
CA SER B 640 -12.52 -47.85 1.36
C SER B 640 -12.02 -47.78 2.81
N ASN B 641 -12.64 -48.57 3.68
CA ASN B 641 -12.25 -48.70 5.08
C ASN B 641 -12.23 -47.34 5.77
N VAL B 642 -13.38 -46.66 5.74
CA VAL B 642 -13.49 -45.34 6.34
C VAL B 642 -13.38 -45.47 7.85
N PHE B 643 -12.49 -44.69 8.45
CA PHE B 643 -12.33 -44.64 9.89
C PHE B 643 -12.40 -43.19 10.35
N GLN B 644 -13.05 -42.97 11.49
CA GLN B 644 -13.29 -41.63 12.01
C GLN B 644 -12.62 -41.47 13.37
N THR B 645 -11.97 -40.32 13.57
CA THR B 645 -11.37 -39.99 14.85
C THR B 645 -11.66 -38.53 15.16
N ARG B 646 -11.20 -38.07 16.33
CA ARG B 646 -11.44 -36.69 16.73
C ARG B 646 -10.76 -35.71 15.79
N ALA B 647 -9.54 -36.04 15.34
CA ALA B 647 -8.85 -35.18 14.40
C ALA B 647 -9.59 -35.10 13.07
N GLY B 648 -10.38 -36.12 12.76
CA GLY B 648 -11.12 -36.14 11.52
C GLY B 648 -11.45 -37.57 11.14
N CYS B 649 -11.95 -37.74 9.93
CA CYS B 649 -12.23 -39.06 9.39
C CYS B 649 -11.28 -39.29 8.22
N LEU B 650 -10.29 -40.15 8.44
CA LEU B 650 -9.32 -40.48 7.41
C LEU B 650 -9.71 -41.78 6.72
N ILE B 651 -9.37 -41.87 5.44
CA ILE B 651 -9.68 -43.05 4.63
C ILE B 651 -8.38 -43.65 4.12
N GLY B 652 -8.48 -44.89 3.66
CA GLY B 652 -7.31 -45.61 3.20
C GLY B 652 -6.53 -46.34 4.27
N ALA B 653 -7.03 -46.36 5.51
CA ALA B 653 -6.37 -47.05 6.60
C ALA B 653 -7.41 -47.85 7.38
N GLU B 654 -6.94 -48.90 8.05
CA GLU B 654 -7.78 -49.76 8.86
C GLU B 654 -7.48 -49.51 10.34
N HIS B 655 -8.52 -49.30 11.13
CA HIS B 655 -8.34 -49.03 12.54
C HIS B 655 -7.98 -50.31 13.30
N VAL B 656 -7.07 -50.18 14.26
CA VAL B 656 -6.59 -51.31 15.04
C VAL B 656 -6.51 -50.89 16.51
N ASN B 657 -6.97 -51.77 17.40
CA ASN B 657 -6.90 -51.50 18.83
C ASN B 657 -5.50 -51.65 19.38
N ASN B 658 -4.68 -52.50 18.77
CA ASN B 658 -3.32 -52.73 19.25
C ASN B 658 -2.53 -51.42 19.22
N SER B 659 -1.81 -51.15 20.31
CA SER B 659 -1.10 -49.89 20.48
C SER B 659 0.40 -50.12 20.35
N TYR B 660 1.04 -49.30 19.50
CA TYR B 660 2.47 -49.32 19.28
C TYR B 660 3.06 -47.95 19.58
N GLU B 661 4.35 -47.80 19.29
CA GLU B 661 5.01 -46.50 19.38
C GLU B 661 4.43 -45.56 18.33
N CYS B 662 4.27 -44.29 18.70
CA CYS B 662 3.80 -43.30 17.74
C CYS B 662 4.91 -42.98 16.75
N ASP B 663 4.54 -42.93 15.47
CA ASP B 663 5.48 -42.65 14.40
C ASP B 663 5.13 -41.37 13.65
N ILE B 664 3.87 -41.20 13.25
CA ILE B 664 3.47 -40.05 12.45
C ILE B 664 2.35 -39.30 13.17
N PRO B 665 2.46 -38.00 13.34
CA PRO B 665 1.38 -37.24 13.99
C PRO B 665 0.18 -37.07 13.08
N ILE B 666 -1.01 -37.21 13.66
CA ILE B 666 -2.26 -36.87 12.99
C ILE B 666 -3.04 -35.89 13.87
N GLY B 667 -3.25 -36.26 15.12
CA GLY B 667 -3.97 -35.42 16.06
C GLY B 667 -4.79 -36.27 17.00
N ALA B 668 -5.07 -35.70 18.18
CA ALA B 668 -5.89 -36.35 19.20
C ALA B 668 -5.33 -37.72 19.56
N GLY B 669 -4.01 -37.84 19.55
CA GLY B 669 -3.38 -39.07 19.96
C GLY B 669 -3.49 -40.22 18.98
N ILE B 670 -3.74 -39.94 17.70
CA ILE B 670 -3.82 -40.98 16.69
C ILE B 670 -2.56 -40.91 15.84
N CYS B 671 -1.84 -42.02 15.77
CA CYS B 671 -0.60 -42.11 15.02
C CYS B 671 -0.69 -43.25 14.02
N ALA B 672 -0.17 -43.01 12.81
CA ALA B 672 -0.25 -43.96 11.71
C ALA B 672 1.15 -44.34 11.27
N SER B 673 1.29 -45.60 10.86
CA SER B 673 2.58 -46.14 10.44
C SER B 673 2.34 -47.28 9.47
N TYR B 674 3.43 -47.78 8.90
CA TYR B 674 3.39 -48.87 7.92
C TYR B 674 3.80 -50.17 8.60
N GLN B 675 2.92 -51.17 8.56
CA GLN B 675 3.19 -52.45 9.19
C GLN B 675 2.21 -53.47 8.62
N THR B 676 2.66 -54.72 8.55
CA THR B 676 1.83 -55.81 8.08
C THR B 676 0.63 -56.03 8.99
N SER B 686 -1.21 -57.79 2.23
CA SER B 686 -0.64 -58.17 3.51
C SER B 686 -0.02 -56.96 4.22
N GLN B 687 0.09 -55.86 3.49
CA GLN B 687 0.66 -54.62 4.02
C GLN B 687 -0.29 -53.47 3.72
N SER B 688 -0.57 -52.65 4.74
CA SER B 688 -1.44 -51.50 4.58
C SER B 688 -1.15 -50.51 5.69
N ILE B 689 -1.62 -49.28 5.48
CA ILE B 689 -1.45 -48.22 6.48
C ILE B 689 -2.44 -48.43 7.61
N ILE B 690 -1.96 -48.36 8.84
CA ILE B 690 -2.78 -48.59 10.03
C ILE B 690 -2.70 -47.37 10.93
N ALA B 691 -3.84 -47.00 11.52
CA ALA B 691 -3.93 -45.90 12.47
C ALA B 691 -4.45 -46.41 13.79
N TYR B 692 -3.91 -45.88 14.88
CA TYR B 692 -4.23 -46.41 16.21
C TYR B 692 -4.00 -45.33 17.25
N THR B 693 -4.59 -45.56 18.43
CA THR B 693 -4.37 -44.66 19.55
C THR B 693 -2.97 -44.91 20.12
N MET B 694 -2.18 -43.84 20.18
CA MET B 694 -0.78 -43.98 20.57
C MET B 694 -0.65 -44.30 22.05
N SER B 695 0.49 -44.86 22.40
CA SER B 695 0.91 -45.04 23.78
C SER B 695 2.38 -44.69 23.89
N LEU B 696 2.79 -44.12 25.03
CA LEU B 696 4.18 -43.71 25.17
C LEU B 696 5.12 -44.90 25.12
N GLY B 697 4.75 -45.99 25.79
CA GLY B 697 5.60 -47.16 25.81
C GLY B 697 5.07 -48.19 26.78
N ALA B 698 5.95 -49.11 27.16
CA ALA B 698 5.56 -50.19 28.08
C ALA B 698 5.38 -49.64 29.49
N GLU B 699 4.54 -50.34 30.25
CA GLU B 699 4.29 -49.98 31.65
C GLU B 699 5.29 -50.73 32.52
N ASN B 700 6.47 -50.13 32.70
CA ASN B 700 7.52 -50.73 33.51
C ASN B 700 7.26 -50.47 34.98
N SER B 701 6.38 -51.30 35.55
CA SER B 701 6.04 -51.17 36.96
C SER B 701 7.27 -51.34 37.83
N VAL B 702 7.42 -50.47 38.81
CA VAL B 702 8.58 -50.47 39.69
C VAL B 702 8.26 -51.31 40.92
N ALA B 703 9.12 -52.28 41.22
CA ALA B 703 8.92 -53.17 42.36
C ALA B 703 9.29 -52.45 43.64
N TYR B 704 8.44 -51.49 44.02
CA TYR B 704 8.63 -50.77 45.26
C TYR B 704 8.32 -51.66 46.45
N SER B 705 8.91 -51.30 47.59
CA SER B 705 8.58 -51.92 48.86
C SER B 705 9.04 -50.98 49.97
N ASN B 706 8.75 -51.36 51.21
CA ASN B 706 9.16 -50.58 52.36
C ASN B 706 10.64 -50.75 52.66
N ASN B 707 11.21 -51.91 52.33
CA ASN B 707 12.59 -52.24 52.67
C ASN B 707 13.31 -52.85 51.47
N SER B 708 13.16 -52.24 50.30
CA SER B 708 13.81 -52.73 49.09
C SER B 708 14.69 -51.63 48.51
N ILE B 709 15.99 -51.86 48.47
CA ILE B 709 16.94 -50.92 47.90
C ILE B 709 17.53 -51.52 46.64
N ALA B 710 17.90 -50.66 45.71
CA ALA B 710 18.47 -51.08 44.44
C ALA B 710 19.77 -50.33 44.20
N ILE B 711 20.82 -51.06 43.86
CA ILE B 711 22.12 -50.47 43.54
C ILE B 711 22.63 -51.10 42.25
N PRO B 712 23.03 -50.30 41.27
CA PRO B 712 23.59 -50.87 40.04
C PRO B 712 24.94 -51.52 40.30
N THR B 713 25.29 -52.48 39.45
CA THR B 713 26.54 -53.22 39.60
C THR B 713 27.49 -53.08 38.42
N ASN B 714 27.03 -52.54 37.28
CA ASN B 714 27.89 -52.36 36.12
C ASN B 714 27.61 -51.00 35.50
N PHE B 715 28.65 -50.40 34.92
CA PHE B 715 28.55 -49.07 34.36
C PHE B 715 28.86 -49.10 32.87
N THR B 716 28.16 -48.26 32.11
CA THR B 716 28.27 -48.22 30.66
C THR B 716 28.48 -46.77 30.24
N ILE B 717 29.63 -46.48 29.62
CA ILE B 717 29.94 -45.14 29.14
C ILE B 717 29.33 -45.00 27.75
N SER B 718 28.17 -44.35 27.66
CA SER B 718 27.51 -44.19 26.37
C SER B 718 27.78 -42.81 25.81
N VAL B 719 27.75 -42.72 24.48
CA VAL B 719 27.98 -41.47 23.76
C VAL B 719 26.67 -41.04 23.12
N THR B 720 26.24 -39.81 23.42
CA THR B 720 24.98 -39.28 22.93
C THR B 720 25.24 -37.95 22.24
N THR B 721 24.47 -37.68 21.19
CA THR B 721 24.66 -36.50 20.36
C THR B 721 23.57 -35.47 20.64
N GLU B 722 24.00 -34.24 20.90
CA GLU B 722 23.11 -33.09 20.99
C GLU B 722 23.56 -32.07 19.97
N ILE B 723 22.62 -31.51 19.22
CA ILE B 723 22.92 -30.61 18.12
C ILE B 723 22.24 -29.26 18.37
N LEU B 724 22.99 -28.18 18.18
CA LEU B 724 22.48 -26.84 18.42
C LEU B 724 22.82 -25.96 17.21
N PRO B 725 21.84 -25.46 16.47
CA PRO B 725 22.14 -24.54 15.38
C PRO B 725 22.63 -23.22 15.93
N VAL B 726 23.80 -22.78 15.48
CA VAL B 726 24.43 -21.62 16.10
C VAL B 726 24.67 -20.51 15.10
N SER B 727 24.75 -20.84 13.82
CA SER B 727 25.05 -19.84 12.81
C SER B 727 24.25 -20.09 11.55
N MET B 728 23.93 -19.02 10.84
CA MET B 728 23.24 -19.08 9.56
C MET B 728 24.01 -18.24 8.55
N THR B 729 23.53 -18.28 7.31
CA THR B 729 24.15 -17.48 6.26
C THR B 729 24.05 -16.00 6.59
N LYS B 730 25.20 -15.31 6.50
CA LYS B 730 25.30 -13.89 6.85
C LYS B 730 24.68 -13.05 5.72
N THR B 731 23.37 -13.21 5.56
CA THR B 731 22.68 -12.59 4.44
C THR B 731 22.55 -11.08 4.64
N SER B 732 22.46 -10.36 3.52
CA SER B 732 22.29 -8.92 3.52
C SER B 732 21.56 -8.51 2.24
N VAL B 733 20.81 -7.41 2.33
CA VAL B 733 19.97 -6.94 1.22
C VAL B 733 20.29 -5.48 0.94
N ASP B 734 20.52 -5.16 -0.32
CA ASP B 734 20.64 -3.79 -0.78
C ASP B 734 19.25 -3.27 -1.14
N CYS B 735 18.76 -2.30 -0.36
CA CYS B 735 17.38 -1.87 -0.49
C CYS B 735 17.11 -1.25 -1.85
N THR B 736 17.93 -0.27 -2.25
CA THR B 736 17.66 0.45 -3.49
C THR B 736 17.78 -0.46 -4.70
N MET B 737 18.78 -1.34 -4.71
CA MET B 737 18.95 -2.27 -5.82
C MET B 737 17.76 -3.22 -5.93
N TYR B 738 17.30 -3.74 -4.80
CA TYR B 738 16.15 -4.65 -4.84
C TYR B 738 14.89 -3.93 -5.31
N ILE B 739 14.58 -2.80 -4.70
CA ILE B 739 13.29 -2.15 -4.97
C ILE B 739 13.23 -1.68 -6.42
N CYS B 740 14.31 -1.07 -6.91
CA CYS B 740 14.30 -0.51 -8.25
C CYS B 740 15.56 -0.94 -9.00
N GLY B 741 15.41 -1.16 -10.29
CA GLY B 741 16.51 -1.58 -11.13
C GLY B 741 17.40 -0.42 -11.56
N ASP B 742 17.83 -0.44 -12.82
CA ASP B 742 18.72 0.61 -13.32
C ASP B 742 17.99 1.93 -13.49
N SER B 743 16.65 1.90 -13.59
CA SER B 743 15.88 3.11 -13.82
C SER B 743 16.07 4.09 -12.66
N THR B 744 16.19 5.37 -13.00
CA THR B 744 16.52 6.37 -11.99
C THR B 744 15.27 6.98 -11.36
N GLU B 745 14.15 7.02 -12.10
CA GLU B 745 12.94 7.62 -11.55
C GLU B 745 12.37 6.76 -10.43
N CYS B 746 12.50 5.44 -10.55
CA CYS B 746 12.08 4.56 -9.46
C CYS B 746 12.90 4.83 -8.20
N SER B 747 14.21 5.02 -8.35
CA SER B 747 15.04 5.37 -7.21
C SER B 747 14.64 6.73 -6.64
N ASN B 748 14.27 7.67 -7.50
CA ASN B 748 13.81 8.97 -7.05
C ASN B 748 12.55 8.84 -6.21
N LEU B 749 11.59 8.04 -6.68
CA LEU B 749 10.36 7.81 -5.91
C LEU B 749 10.66 7.12 -4.59
N LEU B 750 11.58 6.15 -4.60
CA LEU B 750 11.94 5.46 -3.38
C LEU B 750 12.57 6.42 -2.37
N LEU B 751 13.45 7.31 -2.85
CA LEU B 751 14.03 8.32 -1.97
C LEU B 751 12.96 9.26 -1.43
N GLN B 752 12.00 9.64 -2.28
CA GLN B 752 10.89 10.48 -1.82
C GLN B 752 10.04 9.76 -0.78
N TYR B 753 9.99 8.43 -0.83
CA TYR B 753 9.07 7.70 0.04
C TYR B 753 9.42 7.90 1.51
N GLY B 754 10.68 7.78 1.86
CA GLY B 754 11.08 7.87 3.24
C GLY B 754 12.36 7.10 3.49
N SER B 755 12.65 6.92 4.77
CA SER B 755 13.90 6.31 5.21
C SER B 755 13.82 4.80 5.40
N PHE B 756 12.96 4.10 4.67
CA PHE B 756 12.86 2.65 4.83
C PHE B 756 14.19 1.97 4.51
N CYS B 757 14.84 2.38 3.43
CA CYS B 757 16.02 1.68 2.95
C CYS B 757 17.14 1.71 3.97
N THR B 758 17.42 2.87 4.55
CA THR B 758 18.46 2.97 5.55
C THR B 758 18.14 2.10 6.77
N GLN B 759 16.88 2.13 7.22
CA GLN B 759 16.50 1.34 8.38
C GLN B 759 16.68 -0.16 8.11
N LEU B 760 16.23 -0.63 6.95
CA LEU B 760 16.34 -2.05 6.66
C LEU B 760 17.79 -2.47 6.46
N ASN B 761 18.58 -1.65 5.79
CA ASN B 761 20.00 -1.97 5.61
C ASN B 761 20.71 -2.06 6.96
N ARG B 762 20.42 -1.10 7.85
CA ARG B 762 21.03 -1.13 9.18
C ARG B 762 20.57 -2.35 9.97
N ALA B 763 19.29 -2.70 9.85
CA ALA B 763 18.78 -3.86 10.57
C ALA B 763 19.48 -5.14 10.11
N LEU B 764 19.61 -5.32 8.80
CA LEU B 764 20.28 -6.53 8.33
C LEU B 764 21.77 -6.54 8.64
N THR B 765 22.43 -5.38 8.62
CA THR B 765 23.82 -5.31 9.05
C THR B 765 23.94 -5.71 10.51
N GLY B 766 22.99 -5.26 11.34
CA GLY B 766 22.96 -5.71 12.72
C GLY B 766 22.77 -7.20 12.85
N ILE B 767 21.91 -7.78 12.00
CA ILE B 767 21.73 -9.23 11.99
C ILE B 767 23.04 -9.94 11.67
N ALA B 768 23.75 -9.44 10.65
CA ALA B 768 25.00 -10.07 10.25
C ALA B 768 26.03 -10.01 11.37
N VAL B 769 26.22 -8.83 11.95
CA VAL B 769 27.23 -8.68 12.99
C VAL B 769 26.84 -9.47 14.23
N GLU B 770 25.54 -9.55 14.54
CA GLU B 770 25.10 -10.33 15.68
C GLU B 770 25.32 -11.82 15.46
N GLN B 771 25.06 -12.31 14.26
CA GLN B 771 25.33 -13.71 13.95
C GLN B 771 26.82 -14.03 14.10
N ASP B 772 27.67 -13.14 13.57
CA ASP B 772 29.11 -13.35 13.70
C ASP B 772 29.52 -13.31 15.16
N LYS B 773 28.89 -12.43 15.95
CA LYS B 773 29.17 -12.36 17.38
C LYS B 773 28.75 -13.64 18.09
N ASN B 774 27.64 -14.24 17.67
CA ASN B 774 27.26 -15.53 18.24
C ASN B 774 28.32 -16.58 17.96
N THR B 775 28.81 -16.63 16.72
CA THR B 775 29.85 -17.61 16.38
C THR B 775 31.09 -17.39 17.25
N GLN B 776 31.49 -16.13 17.41
CA GLN B 776 32.63 -15.82 18.27
C GLN B 776 32.33 -16.19 19.72
N GLU B 777 31.07 -16.04 20.15
CA GLU B 777 30.71 -16.31 21.53
C GLU B 777 30.79 -17.79 21.85
N VAL B 778 30.43 -18.64 20.90
CA VAL B 778 30.41 -20.08 21.14
C VAL B 778 31.79 -20.71 20.92
N PHE B 779 32.47 -20.37 19.83
CA PHE B 779 33.68 -21.10 19.47
C PHE B 779 34.96 -20.44 19.94
N ALA B 780 34.90 -19.33 20.66
CA ALA B 780 36.11 -18.60 21.01
C ALA B 780 36.14 -18.31 22.51
N GLN B 781 35.83 -19.31 23.33
CA GLN B 781 35.93 -19.12 24.77
C GLN B 781 37.37 -18.95 25.20
N VAL B 782 38.26 -19.83 24.73
CA VAL B 782 39.67 -19.73 25.08
C VAL B 782 40.37 -18.82 24.09
N LYS B 783 41.25 -17.96 24.60
CA LYS B 783 42.00 -17.02 23.77
C LYS B 783 43.37 -17.55 23.36
N GLN B 784 43.74 -18.74 23.82
CA GLN B 784 45.06 -19.31 23.52
C GLN B 784 44.87 -20.58 22.70
N ILE B 785 45.65 -20.72 21.62
CA ILE B 785 45.65 -21.98 20.88
C ILE B 785 46.23 -23.06 21.77
N TYR B 786 45.55 -24.20 21.80
CA TYR B 786 46.10 -25.38 22.47
C TYR B 786 46.28 -26.49 21.45
N LYS B 787 47.45 -27.11 21.48
CA LYS B 787 47.79 -28.21 20.59
C LYS B 787 48.03 -29.46 21.42
N THR B 788 47.44 -30.57 20.99
CA THR B 788 47.66 -31.83 21.68
C THR B 788 49.12 -32.27 21.52
N PRO B 789 49.62 -33.09 22.44
CA PRO B 789 51.00 -33.55 22.32
C PRO B 789 51.20 -34.27 21.00
N PRO B 790 52.42 -34.24 20.44
CA PRO B 790 52.65 -34.88 19.15
C PRO B 790 52.31 -36.35 19.13
N ILE B 791 52.53 -37.06 20.23
CA ILE B 791 52.18 -38.46 20.33
C ILE B 791 50.77 -38.57 20.92
N LYS B 792 49.94 -39.41 20.30
CA LYS B 792 48.54 -39.55 20.70
C LYS B 792 48.39 -40.68 21.74
N ASP B 793 49.20 -40.57 22.79
CA ASP B 793 49.17 -41.52 23.90
C ASP B 793 48.39 -40.90 25.05
N PHE B 794 47.26 -41.54 25.41
CA PHE B 794 46.35 -41.00 26.40
C PHE B 794 45.98 -42.10 27.40
N GLY B 795 46.98 -42.84 27.86
CA GLY B 795 46.77 -43.80 28.93
C GLY B 795 45.72 -44.85 28.63
N GLY B 796 45.74 -45.41 27.43
CA GLY B 796 44.81 -46.45 27.07
C GLY B 796 43.52 -45.99 26.41
N PHE B 797 43.29 -44.68 26.33
CA PHE B 797 42.12 -44.14 25.66
C PHE B 797 42.50 -43.68 24.26
N ASN B 798 41.87 -44.29 23.25
CA ASN B 798 42.15 -43.98 21.85
C ASN B 798 41.17 -42.93 21.36
N PHE B 799 41.67 -41.76 20.98
CA PHE B 799 40.83 -40.64 20.57
C PHE B 799 41.15 -40.17 19.15
N SER B 800 41.65 -41.06 18.29
CA SER B 800 42.14 -40.62 16.99
C SER B 800 41.04 -40.04 16.13
N GLN B 801 39.83 -40.62 16.22
CA GLN B 801 38.73 -40.15 15.39
C GLN B 801 38.34 -38.72 15.75
N ILE B 802 38.42 -38.36 17.04
CA ILE B 802 37.93 -37.05 17.46
C ILE B 802 39.01 -35.99 17.30
N LEU B 803 40.28 -36.41 17.25
CA LEU B 803 41.37 -35.47 17.09
C LEU B 803 41.59 -35.15 15.62
N PRO B 804 42.06 -33.94 15.30
CA PRO B 804 42.41 -33.64 13.91
C PRO B 804 43.58 -34.49 13.44
N ASP B 805 43.56 -34.83 12.15
CA ASP B 805 44.62 -35.62 11.55
C ASP B 805 45.19 -34.89 10.34
N PRO B 806 46.53 -34.81 10.23
CA PRO B 806 47.11 -34.06 9.10
C PRO B 806 46.86 -34.70 7.74
N SER B 807 46.45 -35.97 7.71
CA SER B 807 46.28 -36.66 6.44
C SER B 807 45.24 -35.99 5.56
N LYS B 808 44.16 -35.49 6.15
CA LYS B 808 43.16 -34.78 5.38
C LYS B 808 43.76 -33.48 4.84
N PRO B 809 43.29 -33.00 3.68
CA PRO B 809 43.86 -31.76 3.12
C PRO B 809 43.75 -30.57 4.07
N SER B 810 42.63 -30.46 4.77
CA SER B 810 42.48 -29.42 5.78
C SER B 810 42.76 -30.00 7.17
N LYS B 811 43.07 -29.10 8.10
CA LYS B 811 43.34 -29.51 9.49
C LYS B 811 42.01 -29.76 10.19
N ARG B 812 41.40 -30.89 9.84
CA ARG B 812 40.05 -31.21 10.27
C ARG B 812 39.98 -32.65 10.78
N SER B 813 38.99 -32.91 11.62
CA SER B 813 38.82 -34.23 12.19
C SER B 813 37.87 -35.08 11.32
N PRO B 814 38.05 -36.40 11.32
CA PRO B 814 37.21 -37.24 10.45
C PRO B 814 35.72 -37.11 10.73
N ILE B 815 35.34 -36.97 12.00
CA ILE B 815 33.93 -36.72 12.32
C ILE B 815 33.48 -35.42 11.67
N GLU B 816 34.30 -34.39 11.77
CA GLU B 816 33.99 -33.13 11.10
C GLU B 816 33.93 -33.29 9.59
N ASP B 817 34.82 -34.13 9.04
CA ASP B 817 34.82 -34.35 7.59
C ASP B 817 33.49 -34.96 7.15
N LEU B 818 33.01 -35.96 7.89
CA LEU B 818 31.70 -36.53 7.59
C LEU B 818 30.60 -35.49 7.74
N LEU B 819 30.72 -34.63 8.76
CA LEU B 819 29.68 -33.62 8.98
C LEU B 819 29.60 -32.63 7.83
N PHE B 820 30.75 -32.12 7.36
CA PHE B 820 30.73 -31.27 6.17
C PHE B 820 30.19 -32.01 4.95
N ASN B 821 30.57 -33.27 4.77
CA ASN B 821 30.14 -33.99 3.59
C ASN B 821 28.62 -34.17 3.57
N LYS B 822 28.01 -34.41 4.74
CA LYS B 822 26.57 -34.65 4.76
C LYS B 822 25.77 -33.38 4.44
N VAL B 823 26.18 -32.23 5.01
CA VAL B 823 25.45 -31.00 4.78
C VAL B 823 25.62 -30.55 3.34
N THR B 824 24.52 -30.17 2.70
CA THR B 824 24.55 -29.64 1.34
C THR B 824 24.36 -28.12 1.35
N LYS B 851 23.44 -15.66 -9.96
CA LYS B 851 23.13 -15.86 -8.55
C LYS B 851 22.90 -14.54 -7.85
N PHE B 852 22.85 -13.46 -8.63
CA PHE B 852 22.69 -12.11 -8.11
C PHE B 852 21.39 -11.51 -8.64
N ASN B 853 20.56 -11.02 -7.73
CA ASN B 853 19.34 -10.30 -8.07
C ASN B 853 19.16 -9.09 -7.16
N GLY B 854 20.25 -8.40 -6.84
CA GLY B 854 20.24 -7.36 -5.83
C GLY B 854 20.66 -7.82 -4.45
N LEU B 855 21.05 -9.08 -4.30
CA LEU B 855 21.37 -9.67 -3.01
C LEU B 855 22.86 -10.00 -2.91
N THR B 856 23.38 -9.94 -1.70
CA THR B 856 24.77 -10.27 -1.44
C THR B 856 24.83 -11.22 -0.26
N VAL B 857 25.88 -12.04 -0.22
CA VAL B 857 26.12 -12.97 0.86
C VAL B 857 27.51 -12.68 1.42
N LEU B 858 27.57 -11.99 2.53
CA LEU B 858 28.87 -11.65 3.13
C LEU B 858 29.46 -12.88 3.81
N PRO B 859 30.68 -13.27 3.47
CA PRO B 859 31.28 -14.42 4.14
C PRO B 859 31.50 -14.14 5.61
N PRO B 860 31.42 -15.15 6.46
CA PRO B 860 31.61 -14.92 7.91
C PRO B 860 33.04 -14.54 8.22
N LEU B 861 33.22 -13.83 9.35
CA LEU B 861 34.56 -13.47 9.81
C LEU B 861 35.39 -14.72 10.08
N LEU B 862 34.80 -15.71 10.74
CA LEU B 862 35.49 -16.96 11.02
C LEU B 862 35.20 -17.94 9.89
N THR B 863 36.24 -18.41 9.22
CA THR B 863 36.07 -19.38 8.15
C THR B 863 36.04 -20.79 8.73
N ASP B 864 35.75 -21.76 7.85
CA ASP B 864 35.60 -23.13 8.30
C ASP B 864 36.90 -23.67 8.89
N GLU B 865 38.03 -23.38 8.25
CA GLU B 865 39.31 -23.81 8.82
C GLU B 865 39.57 -23.11 10.14
N MET B 866 39.16 -21.85 10.26
CA MET B 866 39.38 -21.11 11.51
C MET B 866 38.60 -21.70 12.66
N ILE B 867 37.30 -21.96 12.46
CA ILE B 867 36.51 -22.56 13.53
C ILE B 867 36.97 -23.99 13.80
N ALA B 868 37.47 -24.67 12.77
CA ALA B 868 38.05 -25.98 12.98
C ALA B 868 39.26 -25.89 13.91
N GLN B 869 40.11 -24.88 13.71
CA GLN B 869 41.24 -24.69 14.61
C GLN B 869 40.77 -24.34 16.02
N TYR B 870 39.72 -23.53 16.13
CA TYR B 870 39.18 -23.23 17.46
C TYR B 870 38.73 -24.51 18.16
N THR B 871 38.01 -25.38 17.44
CA THR B 871 37.56 -26.63 18.02
C THR B 871 38.73 -27.52 18.41
N SER B 872 39.76 -27.56 17.56
CA SER B 872 40.97 -28.31 17.91
C SER B 872 41.59 -27.79 19.19
N ALA B 873 41.69 -26.47 19.34
CA ALA B 873 42.26 -25.89 20.54
C ALA B 873 41.43 -26.20 21.78
N LEU B 874 40.11 -26.08 21.68
CA LEU B 874 39.26 -26.39 22.81
C LEU B 874 39.36 -27.86 23.20
N LEU B 875 39.33 -28.76 22.22
CA LEU B 875 39.43 -30.17 22.53
C LEU B 875 40.79 -30.49 23.13
N ALA B 876 41.84 -29.84 22.63
CA ALA B 876 43.17 -30.03 23.21
C ALA B 876 43.21 -29.58 24.66
N GLY B 877 42.65 -28.41 24.95
CA GLY B 877 42.61 -27.96 26.32
C GLY B 877 41.84 -28.89 27.22
N THR B 878 40.71 -29.41 26.73
CA THR B 878 39.91 -30.33 27.53
C THR B 878 40.63 -31.67 27.72
N ILE B 879 41.45 -32.06 26.74
CA ILE B 879 42.02 -33.40 26.77
C ILE B 879 43.34 -33.44 27.56
N THR B 880 44.24 -32.49 27.33
CA THR B 880 45.57 -32.62 27.92
C THR B 880 45.61 -32.05 29.32
N SER B 881 44.90 -30.94 29.57
CA SER B 881 45.07 -30.23 30.83
C SER B 881 44.03 -30.67 31.85
N GLY B 882 42.76 -30.47 31.54
CA GLY B 882 41.68 -30.65 32.48
C GLY B 882 40.81 -29.41 32.55
N TRP B 883 39.80 -29.47 33.40
CA TRP B 883 38.78 -28.42 33.37
C TRP B 883 39.29 -27.10 33.93
N THR B 884 40.55 -27.07 34.37
CA THR B 884 41.10 -25.85 34.95
C THR B 884 41.31 -24.74 33.92
N PHE B 885 41.58 -25.09 32.65
CA PHE B 885 42.13 -24.07 31.75
C PHE B 885 41.09 -22.97 31.48
N GLY B 886 39.81 -23.33 31.47
CA GLY B 886 38.78 -22.32 31.31
C GLY B 886 38.70 -21.38 32.50
N ALA B 887 39.34 -21.77 33.61
CA ALA B 887 39.35 -20.93 34.79
C ALA B 887 40.58 -20.03 34.83
N GLY B 888 41.70 -20.48 34.26
CA GLY B 888 42.92 -19.71 34.29
C GLY B 888 44.02 -20.33 33.44
N PRO B 889 45.23 -20.37 33.97
CA PRO B 889 46.32 -21.05 33.28
C PRO B 889 46.02 -22.52 33.08
N ALA B 890 46.48 -23.08 31.97
CA ALA B 890 46.28 -24.50 31.71
C ALA B 890 47.17 -25.34 32.62
N LEU B 891 46.55 -26.32 33.27
CA LEU B 891 47.25 -27.23 34.18
C LEU B 891 47.24 -28.63 33.59
N GLN B 892 48.43 -29.11 33.23
CA GLN B 892 48.54 -30.41 32.58
C GLN B 892 48.31 -31.53 33.59
N ILE B 893 47.37 -32.42 33.27
CA ILE B 893 47.00 -33.54 34.12
C ILE B 893 46.87 -34.77 33.23
N PRO B 894 47.38 -35.93 33.64
CA PRO B 894 47.16 -37.14 32.86
C PRO B 894 45.67 -37.45 32.77
N PHE B 895 45.26 -38.00 31.63
CA PHE B 895 43.84 -38.19 31.36
C PHE B 895 43.12 -39.10 32.35
N PRO B 896 43.67 -40.24 32.77
CA PRO B 896 42.95 -41.06 33.75
C PRO B 896 42.64 -40.32 35.05
N MET B 897 43.56 -39.49 35.54
CA MET B 897 43.26 -38.72 36.75
C MET B 897 42.14 -37.72 36.49
N GLN B 898 42.16 -37.09 35.32
CA GLN B 898 41.19 -36.06 34.97
C GLN B 898 39.84 -36.69 34.68
N MET B 899 39.79 -38.01 34.51
CA MET B 899 38.53 -38.76 34.55
C MET B 899 38.16 -39.22 35.96
N ALA B 900 39.16 -39.52 36.78
CA ALA B 900 38.88 -39.96 38.15
C ALA B 900 38.19 -38.85 38.93
N TYR B 901 38.64 -37.61 38.75
CA TYR B 901 37.90 -36.49 39.34
C TYR B 901 36.47 -36.41 38.80
N ARG B 902 36.27 -36.69 37.53
CA ARG B 902 34.91 -36.60 37.01
C ARG B 902 34.01 -37.67 37.60
N PHE B 903 34.54 -38.85 37.87
CA PHE B 903 33.76 -39.80 38.68
C PHE B 903 33.55 -39.29 40.09
N ASN B 904 34.58 -38.72 40.71
CA ASN B 904 34.43 -38.20 42.07
C ASN B 904 33.35 -37.11 42.13
N GLY B 905 33.07 -36.48 41.01
CA GLY B 905 31.94 -35.57 40.91
C GLY B 905 30.60 -36.23 40.67
N ILE B 906 30.55 -37.56 40.54
CA ILE B 906 29.30 -38.28 40.30
C ILE B 906 29.08 -39.29 41.40
N GLY B 907 29.35 -38.89 42.64
CA GLY B 907 29.00 -39.70 43.80
C GLY B 907 29.84 -40.93 43.99
N VAL B 908 30.35 -41.50 42.90
CA VAL B 908 31.17 -42.70 42.94
C VAL B 908 32.62 -42.32 43.12
N THR B 909 33.30 -42.99 44.03
CA THR B 909 34.68 -42.66 44.33
C THR B 909 35.58 -43.05 43.16
N GLN B 910 36.83 -42.59 43.21
CA GLN B 910 37.77 -42.83 42.13
C GLN B 910 38.37 -44.23 42.16
N ASN B 911 37.77 -45.17 42.88
CA ASN B 911 38.23 -46.54 42.84
C ASN B 911 37.82 -47.22 41.53
N VAL B 912 36.59 -46.96 41.09
CA VAL B 912 36.02 -47.71 39.97
C VAL B 912 36.83 -47.48 38.70
N LEU B 913 37.28 -46.24 38.48
CA LEU B 913 37.97 -45.93 37.23
C LEU B 913 39.31 -46.65 37.15
N TYR B 914 40.12 -46.54 38.20
CA TYR B 914 41.42 -47.22 38.18
C TYR B 914 41.25 -48.72 38.14
N GLU B 915 40.24 -49.26 38.80
CA GLU B 915 40.09 -50.72 38.79
C GLU B 915 39.49 -51.22 37.49
N ASN B 916 38.90 -50.35 36.68
CA ASN B 916 38.25 -50.74 35.44
C ASN B 916 38.73 -49.92 34.24
N GLN B 917 40.04 -49.74 34.10
CA GLN B 917 40.55 -48.87 33.04
C GLN B 917 40.38 -49.50 31.67
N LYS B 918 40.76 -50.78 31.53
CA LYS B 918 40.70 -51.42 30.21
C LYS B 918 39.25 -51.53 29.73
N LEU B 919 38.35 -51.93 30.61
CA LEU B 919 36.95 -52.07 30.23
C LEU B 919 36.35 -50.73 29.82
N ILE B 920 36.63 -49.68 30.59
CA ILE B 920 36.09 -48.36 30.24
C ILE B 920 36.70 -47.87 28.94
N ALA B 921 37.96 -48.21 28.69
CA ALA B 921 38.60 -47.82 27.43
C ALA B 921 37.90 -48.47 26.24
N ASN B 922 37.67 -49.78 26.34
CA ASN B 922 36.97 -50.48 25.26
C ASN B 922 35.56 -49.94 25.09
N GLN B 923 34.87 -49.66 26.19
CA GLN B 923 33.53 -49.10 26.12
C GLN B 923 33.54 -47.78 25.37
N PHE B 924 34.47 -46.89 25.71
CA PHE B 924 34.45 -45.56 25.11
C PHE B 924 34.81 -45.64 23.64
N ASN B 925 35.79 -46.47 23.29
CA ASN B 925 36.17 -46.61 21.88
C ASN B 925 35.04 -47.19 21.05
N SER B 926 34.36 -48.22 21.55
CA SER B 926 33.23 -48.78 20.83
C SER B 926 32.10 -47.76 20.71
N ALA B 927 31.91 -46.94 21.75
CA ALA B 927 30.90 -45.89 21.67
C ALA B 927 31.24 -44.88 20.59
N ILE B 928 32.51 -44.51 20.47
CA ILE B 928 32.92 -43.56 19.44
C ILE B 928 32.68 -44.16 18.05
N GLY B 929 33.05 -45.43 17.87
CA GLY B 929 32.77 -46.07 16.59
C GLY B 929 31.29 -46.10 16.26
N LYS B 930 30.46 -46.44 17.25
CA LYS B 930 29.02 -46.49 17.03
C LYS B 930 28.46 -45.12 16.70
N ILE B 931 28.97 -44.06 17.34
CA ILE B 931 28.42 -42.73 17.06
C ILE B 931 28.84 -42.28 15.66
N GLN B 932 30.05 -42.64 15.23
CA GLN B 932 30.43 -42.32 13.85
C GLN B 932 29.50 -43.02 12.87
N ASP B 933 29.24 -44.30 13.11
CA ASP B 933 28.33 -45.03 12.22
C ASP B 933 26.92 -44.44 12.24
N SER B 934 26.45 -44.03 13.42
CA SER B 934 25.11 -43.47 13.54
C SER B 934 24.99 -42.16 12.75
N LEU B 935 25.99 -41.28 12.87
CA LEU B 935 25.97 -40.06 12.08
C LEU B 935 26.08 -40.36 10.59
N SER B 936 26.84 -41.40 10.23
CA SER B 936 26.95 -41.76 8.81
C SER B 936 25.63 -42.28 8.25
N SER B 937 24.86 -42.99 9.06
CA SER B 937 23.69 -43.70 8.53
C SER B 937 22.49 -42.78 8.34
N THR B 938 21.99 -42.19 9.42
CA THR B 938 20.71 -41.48 9.38
C THR B 938 20.92 -39.99 9.26
N PRO B 939 20.50 -39.38 8.14
CA PRO B 939 20.59 -37.92 8.02
C PRO B 939 19.71 -37.16 9.01
N SER B 940 18.72 -37.84 9.60
CA SER B 940 17.79 -37.16 10.50
C SER B 940 18.51 -36.57 11.71
N ALA B 941 19.65 -37.16 12.11
CA ALA B 941 20.40 -36.59 13.22
C ALA B 941 20.94 -35.21 12.87
N LEU B 942 21.38 -35.01 11.64
CA LEU B 942 21.86 -33.73 11.15
C LEU B 942 20.74 -32.92 10.51
N GLY B 943 19.51 -33.43 10.57
CA GLY B 943 18.40 -32.75 9.93
C GLY B 943 18.13 -31.37 10.47
N LYS B 944 18.51 -31.11 11.72
CA LYS B 944 18.27 -29.78 12.29
C LYS B 944 19.13 -28.72 11.59
N LEU B 945 20.43 -28.99 11.48
CA LEU B 945 21.32 -28.07 10.78
C LEU B 945 20.99 -28.02 9.30
N GLN B 946 20.53 -29.13 8.73
CA GLN B 946 20.05 -29.09 7.35
C GLN B 946 18.83 -28.18 7.23
N ASP B 947 17.94 -28.24 8.23
CA ASP B 947 16.66 -27.55 8.15
C ASP B 947 16.82 -26.05 8.31
N VAL B 948 17.76 -25.60 9.15
CA VAL B 948 17.95 -24.15 9.30
C VAL B 948 18.39 -23.53 7.98
N VAL B 949 19.36 -24.16 7.30
CA VAL B 949 19.83 -23.65 6.02
C VAL B 949 18.76 -23.80 4.96
N ASN B 950 17.98 -24.88 5.01
CA ASN B 950 16.88 -25.05 4.07
C ASN B 950 15.84 -23.96 4.24
N GLN B 951 15.53 -23.60 5.49
CA GLN B 951 14.57 -22.53 5.74
C GLN B 951 15.08 -21.20 5.20
N ASN B 952 16.36 -20.89 5.45
CA ASN B 952 16.90 -19.63 4.94
C ASN B 952 16.87 -19.60 3.41
N ALA B 953 17.29 -20.69 2.77
CA ALA B 953 17.29 -20.75 1.32
C ALA B 953 15.88 -20.64 0.78
N GLN B 954 14.91 -21.28 1.44
CA GLN B 954 13.53 -21.22 0.99
C GLN B 954 12.99 -19.80 1.10
N ALA B 955 13.33 -19.09 2.17
CA ALA B 955 12.90 -17.70 2.30
C ALA B 955 13.51 -16.84 1.20
N LEU B 956 14.80 -17.01 0.92
CA LEU B 956 15.43 -16.24 -0.14
C LEU B 956 14.80 -16.56 -1.49
N ASN B 957 14.51 -17.83 -1.74
CA ASN B 957 13.87 -18.23 -2.99
C ASN B 957 12.48 -17.61 -3.12
N THR B 958 11.72 -17.58 -2.03
CA THR B 958 10.41 -16.93 -2.07
C THR B 958 10.56 -15.46 -2.40
N LEU B 959 11.54 -14.79 -1.79
CA LEU B 959 11.76 -13.38 -2.10
C LEU B 959 12.07 -13.19 -3.59
N VAL B 960 12.99 -13.97 -4.12
CA VAL B 960 13.40 -13.80 -5.51
C VAL B 960 12.24 -14.09 -6.46
N LYS B 961 11.49 -15.17 -6.21
CA LYS B 961 10.36 -15.50 -7.06
C LYS B 961 9.27 -14.43 -6.96
N GLN B 962 9.02 -13.93 -5.75
CA GLN B 962 7.97 -12.93 -5.57
C GLN B 962 8.34 -11.61 -6.23
N LEU B 963 9.64 -11.36 -6.41
CA LEU B 963 10.05 -10.22 -7.22
C LEU B 963 9.41 -10.27 -8.60
N SER B 964 9.29 -11.47 -9.17
CA SER B 964 8.71 -11.61 -10.51
C SER B 964 7.20 -11.45 -10.53
N SER B 965 6.54 -11.40 -9.37
CA SER B 965 5.10 -11.23 -9.35
C SER B 965 4.71 -9.82 -9.76
N ASN B 966 3.56 -9.69 -10.43
CA ASN B 966 3.15 -8.39 -10.94
C ASN B 966 2.65 -7.46 -9.84
N PHE B 967 2.03 -8.01 -8.81
CA PHE B 967 1.49 -7.23 -7.69
C PHE B 967 0.47 -6.21 -8.17
N GLY B 968 -0.54 -6.72 -8.87
CA GLY B 968 -1.62 -5.85 -9.33
C GLY B 968 -1.14 -4.76 -10.27
N ALA B 969 -0.24 -5.10 -11.19
CA ALA B 969 0.30 -4.15 -12.15
C ALA B 969 0.15 -4.70 -13.56
N ILE B 970 0.20 -3.80 -14.54
CA ILE B 970 0.07 -4.21 -15.93
C ILE B 970 1.22 -5.14 -16.31
N SER B 971 2.40 -4.92 -15.75
CA SER B 971 3.55 -5.76 -16.00
C SER B 971 4.36 -5.90 -14.72
N SER B 972 5.16 -6.97 -14.65
CA SER B 972 6.01 -7.19 -13.51
C SER B 972 7.41 -6.63 -13.69
N VAL B 973 7.98 -6.77 -14.88
CA VAL B 973 9.32 -6.23 -15.15
C VAL B 973 9.22 -4.70 -15.24
N LEU B 974 10.28 -4.04 -14.80
CA LEU B 974 10.22 -2.59 -14.63
C LEU B 974 10.26 -1.85 -15.97
N ASN B 975 11.07 -2.33 -16.92
CA ASN B 975 11.27 -1.58 -18.15
C ASN B 975 10.03 -1.59 -19.03
N ASP B 976 9.19 -2.62 -18.91
CA ASP B 976 8.03 -2.75 -19.79
C ASP B 976 7.04 -1.60 -19.57
N ILE B 977 6.78 -1.26 -18.31
CA ILE B 977 5.82 -0.19 -18.03
C ILE B 977 6.35 1.16 -18.49
N LEU B 978 7.67 1.39 -18.35
CA LEU B 978 8.25 2.62 -18.87
C LEU B 978 8.14 2.70 -20.38
N SER B 979 8.41 1.58 -21.07
CA SER B 979 8.39 1.58 -22.52
C SER B 979 6.98 1.69 -23.08
N ARG B 980 5.99 1.12 -22.39
CA ARG B 980 4.64 1.08 -22.94
C ARG B 980 3.80 2.29 -22.53
N LEU B 981 3.98 2.79 -21.31
CA LEU B 981 3.15 3.86 -20.78
C LEU B 981 3.98 5.10 -20.51
N ASP B 982 3.34 6.26 -20.65
CA ASP B 982 3.99 7.52 -20.34
C ASP B 982 4.18 7.65 -18.83
N PRO B 983 5.22 8.36 -18.41
CA PRO B 983 5.50 8.49 -16.96
C PRO B 983 4.34 9.08 -16.17
N PRO B 984 3.62 10.10 -16.70
CA PRO B 984 2.44 10.58 -15.95
C PRO B 984 1.40 9.52 -15.69
N GLU B 985 1.17 8.61 -16.64
CA GLU B 985 0.25 7.50 -16.42
C GLU B 985 0.92 6.34 -15.68
N ALA B 986 2.19 6.08 -15.96
CA ALA B 986 2.91 4.99 -15.30
C ALA B 986 3.21 5.31 -13.84
N GLU B 987 2.94 6.52 -13.38
CA GLU B 987 3.21 6.87 -11.99
C GLU B 987 2.41 6.00 -11.02
N VAL B 988 1.13 5.79 -11.32
CA VAL B 988 0.31 4.98 -10.42
C VAL B 988 0.78 3.52 -10.43
N GLN B 989 1.14 3.01 -11.61
CA GLN B 989 1.61 1.63 -11.70
C GLN B 989 2.92 1.45 -10.95
N ILE B 990 3.85 2.38 -11.10
CA ILE B 990 5.12 2.26 -10.39
C ILE B 990 4.91 2.43 -8.90
N ASP B 991 3.95 3.27 -8.49
CA ASP B 991 3.66 3.40 -7.05
C ASP B 991 3.13 2.09 -6.48
N ARG B 992 2.19 1.46 -7.19
CA ARG B 992 1.66 0.18 -6.73
C ARG B 992 2.77 -0.86 -6.66
N LEU B 993 3.61 -0.92 -7.69
CA LEU B 993 4.66 -1.93 -7.72
C LEU B 993 5.69 -1.69 -6.62
N ILE B 994 6.05 -0.42 -6.37
CA ILE B 994 7.05 -0.13 -5.37
C ILE B 994 6.51 -0.40 -3.97
N THR B 995 5.24 -0.06 -3.71
CA THR B 995 4.71 -0.35 -2.38
C THR B 995 4.57 -1.86 -2.17
N GLY B 996 4.24 -2.60 -3.24
CA GLY B 996 4.19 -4.05 -3.10
C GLY B 996 5.54 -4.65 -2.81
N ARG B 997 6.57 -4.22 -3.54
CA ARG B 997 7.92 -4.72 -3.26
C ARG B 997 8.38 -4.32 -1.87
N LEU B 998 7.99 -3.13 -1.42
CA LEU B 998 8.30 -2.72 -0.05
C LEU B 998 7.63 -3.63 0.96
N GLN B 999 6.37 -3.98 0.74
CA GLN B 999 5.70 -4.91 1.66
C GLN B 999 6.40 -6.26 1.66
N SER B 1000 6.85 -6.72 0.49
CA SER B 1000 7.59 -7.97 0.42
C SER B 1000 8.86 -7.91 1.24
N LEU B 1001 9.66 -6.85 1.05
CA LEU B 1001 10.89 -6.71 1.81
C LEU B 1001 10.61 -6.59 3.29
N GLN B 1002 9.49 -5.94 3.65
CA GLN B 1002 9.16 -5.76 5.04
C GLN B 1002 8.82 -7.08 5.71
N THR B 1003 8.00 -7.91 5.06
CA THR B 1003 7.70 -9.22 5.65
C THR B 1003 8.93 -10.10 5.68
N TYR B 1004 9.80 -9.98 4.67
CA TYR B 1004 11.03 -10.76 4.67
C TYR B 1004 11.92 -10.37 5.85
N VAL B 1005 12.09 -9.06 6.07
CA VAL B 1005 12.97 -8.63 7.15
C VAL B 1005 12.36 -8.97 8.50
N THR B 1006 11.04 -8.91 8.62
CA THR B 1006 10.41 -9.31 9.88
C THR B 1006 10.66 -10.79 10.17
N GLN B 1007 10.45 -11.65 9.18
CA GLN B 1007 10.74 -13.07 9.38
C GLN B 1007 12.20 -13.30 9.68
N GLN B 1008 13.08 -12.55 9.01
CA GLN B 1008 14.52 -12.69 9.24
C GLN B 1008 14.88 -12.31 10.66
N LEU B 1009 14.31 -11.22 11.18
CA LEU B 1009 14.53 -10.85 12.57
C LEU B 1009 14.02 -11.93 13.52
N ILE B 1010 12.85 -12.49 13.26
CA ILE B 1010 12.32 -13.52 14.16
C ILE B 1010 13.27 -14.71 14.21
N ARG B 1011 13.66 -15.21 13.04
CA ARG B 1011 14.52 -16.39 13.00
C ARG B 1011 15.89 -16.07 13.57
N ALA B 1012 16.38 -14.86 13.34
CA ALA B 1012 17.67 -14.46 13.88
C ALA B 1012 17.63 -14.38 15.40
N ALA B 1013 16.53 -13.88 15.96
CA ALA B 1013 16.41 -13.84 17.41
C ALA B 1013 16.36 -15.25 17.99
N GLU B 1014 15.62 -16.15 17.35
CA GLU B 1014 15.58 -17.53 17.83
C GLU B 1014 16.96 -18.18 17.75
N ILE B 1015 17.67 -17.95 16.64
CA ILE B 1015 19.00 -18.52 16.49
C ILE B 1015 19.97 -17.91 17.50
N ARG B 1016 19.81 -16.63 17.81
CA ARG B 1016 20.67 -15.98 18.80
C ARG B 1016 20.42 -16.56 20.19
N ALA B 1017 19.16 -16.80 20.54
CA ALA B 1017 18.86 -17.45 21.81
C ALA B 1017 19.48 -18.84 21.85
N SER B 1018 19.34 -19.60 20.76
CA SER B 1018 19.93 -20.92 20.71
C SER B 1018 21.46 -20.85 20.80
N ALA B 1019 22.03 -19.78 20.26
CA ALA B 1019 23.49 -19.63 20.30
C ALA B 1019 23.97 -19.31 21.70
N ASN B 1020 23.24 -18.46 22.43
CA ASN B 1020 23.57 -18.21 23.82
C ASN B 1020 23.45 -19.50 24.64
N LEU B 1021 22.41 -20.29 24.35
CA LEU B 1021 22.29 -21.60 24.99
C LEU B 1021 23.48 -22.47 24.66
N ALA B 1022 23.94 -22.44 23.41
CA ALA B 1022 25.09 -23.23 23.00
C ALA B 1022 26.35 -22.77 23.71
N ALA B 1023 26.51 -21.46 23.89
CA ALA B 1023 27.67 -20.94 24.60
C ALA B 1023 27.66 -21.39 26.06
N THR B 1024 26.50 -21.35 26.70
CA THR B 1024 26.39 -21.86 28.06
C THR B 1024 26.69 -23.36 28.10
N LYS B 1025 26.20 -24.09 27.09
CA LYS B 1025 26.56 -25.50 26.93
C LYS B 1025 28.07 -25.67 26.93
N MET B 1026 28.76 -24.91 26.08
CA MET B 1026 30.20 -24.96 25.97
C MET B 1026 30.85 -24.73 27.32
N SER B 1027 30.48 -23.63 27.97
CA SER B 1027 31.20 -23.18 29.16
C SER B 1027 30.86 -24.00 30.40
N GLU B 1028 29.74 -24.72 30.39
CA GLU B 1028 29.36 -25.53 31.53
C GLU B 1028 29.58 -27.02 31.30
N CYS B 1029 29.90 -27.42 30.09
CA CYS B 1029 30.03 -28.84 29.85
C CYS B 1029 31.34 -29.24 29.19
N VAL B 1030 31.89 -28.40 28.31
CA VAL B 1030 33.21 -28.70 27.75
C VAL B 1030 34.31 -28.21 28.66
N LEU B 1031 34.21 -26.96 29.12
CA LEU B 1031 35.23 -26.41 30.00
C LEU B 1031 35.20 -27.02 31.40
N GLY B 1032 34.19 -27.81 31.71
CA GLY B 1032 34.15 -28.45 33.01
C GLY B 1032 32.89 -29.26 33.20
N GLN B 1033 32.88 -30.02 34.28
CA GLN B 1033 31.73 -30.82 34.66
C GLN B 1033 30.59 -29.93 35.14
N SER B 1034 29.37 -30.38 34.93
CA SER B 1034 28.18 -29.69 35.40
C SER B 1034 27.33 -30.68 36.19
N LYS B 1035 27.22 -30.45 37.51
CA LYS B 1035 26.53 -31.40 38.37
C LYS B 1035 25.06 -31.54 38.01
N ARG B 1036 24.47 -30.48 37.45
CA ARG B 1036 23.06 -30.50 37.07
C ARG B 1036 22.81 -31.62 36.08
N VAL B 1037 21.69 -32.32 36.26
CA VAL B 1037 21.40 -33.49 35.44
C VAL B 1037 20.63 -33.06 34.19
N ASP B 1038 20.82 -33.84 33.12
CA ASP B 1038 20.06 -33.71 31.88
C ASP B 1038 20.28 -32.38 31.18
N PHE B 1039 21.15 -31.52 31.71
CA PHE B 1039 21.47 -30.29 31.00
C PHE B 1039 22.35 -30.57 29.79
N CYS B 1040 23.27 -31.52 29.91
CA CYS B 1040 24.09 -31.98 28.81
C CYS B 1040 24.04 -33.49 28.73
N GLY B 1041 23.42 -34.01 27.68
CA GLY B 1041 23.36 -35.44 27.47
C GLY B 1041 22.30 -36.11 28.32
N LYS B 1042 22.33 -37.44 28.29
CA LYS B 1042 21.40 -38.25 29.06
C LYS B 1042 22.08 -38.74 30.33
N GLY B 1043 21.37 -38.67 31.44
CA GLY B 1043 21.91 -39.12 32.71
C GLY B 1043 22.96 -38.16 33.25
N TYR B 1044 23.77 -38.69 34.18
CA TYR B 1044 24.85 -37.92 34.74
C TYR B 1044 25.82 -37.46 33.65
N HIS B 1045 26.67 -36.51 34.00
CA HIS B 1045 27.59 -35.89 33.05
C HIS B 1045 29.04 -36.20 33.41
N LEU B 1046 29.82 -36.52 32.39
CA LEU B 1046 31.26 -36.75 32.55
C LEU B 1046 32.10 -35.72 31.81
N MET B 1047 31.91 -35.57 30.50
CA MET B 1047 32.72 -34.65 29.71
C MET B 1047 31.87 -34.08 28.58
N SER B 1048 32.51 -33.32 27.70
CA SER B 1048 31.86 -32.80 26.50
C SER B 1048 32.93 -32.39 25.51
N PHE B 1049 32.96 -33.05 24.35
CA PHE B 1049 33.90 -32.62 23.33
C PHE B 1049 33.16 -31.82 22.27
N PRO B 1050 33.65 -30.65 21.87
CA PRO B 1050 33.06 -29.94 20.74
C PRO B 1050 33.61 -30.47 19.42
N GLN B 1051 32.85 -30.22 18.37
CA GLN B 1051 33.26 -30.61 17.03
C GLN B 1051 32.67 -29.62 16.03
N SER B 1052 33.51 -29.12 15.12
CA SER B 1052 33.05 -28.14 14.16
C SER B 1052 32.03 -28.73 13.21
N ALA B 1053 31.14 -27.87 12.71
CA ALA B 1053 30.08 -28.29 11.81
C ALA B 1053 29.76 -27.13 10.88
N PRO B 1054 29.17 -27.41 9.72
CA PRO B 1054 28.79 -26.32 8.82
C PRO B 1054 27.76 -25.41 9.45
N HIS B 1055 28.14 -24.16 9.71
CA HIS B 1055 27.29 -23.15 10.34
C HIS B 1055 26.82 -23.56 11.72
N GLY B 1056 27.34 -24.66 12.27
CA GLY B 1056 26.80 -25.18 13.50
C GLY B 1056 27.86 -25.85 14.34
N VAL B 1057 27.42 -26.46 15.44
CA VAL B 1057 28.28 -27.16 16.38
C VAL B 1057 27.72 -28.55 16.60
N VAL B 1058 28.60 -29.54 16.65
CA VAL B 1058 28.24 -30.92 16.95
C VAL B 1058 28.90 -31.29 18.26
N PHE B 1059 28.08 -31.71 19.23
CA PHE B 1059 28.56 -32.07 20.55
C PHE B 1059 28.71 -33.58 20.65
N LEU B 1060 29.69 -34.00 21.45
CA LEU B 1060 29.76 -35.38 21.91
C LEU B 1060 29.82 -35.35 23.43
N HIS B 1061 28.82 -35.96 24.06
CA HIS B 1061 28.69 -35.97 25.52
C HIS B 1061 29.08 -37.33 26.04
N VAL B 1062 29.97 -37.34 27.03
CA VAL B 1062 30.36 -38.56 27.73
C VAL B 1062 29.52 -38.62 29.00
N THR B 1063 28.70 -39.66 29.14
CA THR B 1063 27.80 -39.78 30.27
C THR B 1063 27.99 -41.12 30.94
N TYR B 1064 27.68 -41.16 32.23
CA TYR B 1064 27.85 -42.34 33.06
C TYR B 1064 26.46 -42.88 33.38
N VAL B 1065 26.07 -43.97 32.72
CA VAL B 1065 24.73 -44.53 32.86
C VAL B 1065 24.83 -45.97 33.35
N PRO B 1066 24.45 -46.27 34.58
CA PRO B 1066 24.50 -47.65 35.06
C PRO B 1066 23.47 -48.51 34.33
N ALA B 1067 23.79 -49.80 34.21
CA ALA B 1067 22.97 -50.70 33.40
C ALA B 1067 22.29 -51.79 34.21
N GLN B 1068 23.04 -52.62 34.93
CA GLN B 1068 22.47 -53.79 35.60
C GLN B 1068 22.22 -53.48 37.07
N GLU B 1069 20.98 -53.63 37.49
CA GLU B 1069 20.59 -53.41 38.88
C GLU B 1069 20.54 -54.73 39.64
N LYS B 1070 20.31 -54.63 40.94
CA LYS B 1070 20.22 -55.81 41.79
C LYS B 1070 19.50 -55.43 43.07
N ASN B 1071 18.43 -56.15 43.39
CA ASN B 1071 17.66 -55.86 44.59
C ASN B 1071 18.44 -56.24 45.84
N PHE B 1072 18.30 -55.43 46.89
CA PHE B 1072 18.90 -55.74 48.18
C PHE B 1072 17.91 -55.37 49.28
N THR B 1073 18.07 -56.01 50.43
CA THR B 1073 17.30 -55.68 51.62
C THR B 1073 18.02 -54.57 52.38
N THR B 1074 17.32 -53.47 52.63
CA THR B 1074 17.92 -52.27 53.19
C THR B 1074 17.46 -52.02 54.60
N ALA B 1075 17.94 -50.91 55.16
CA ALA B 1075 17.53 -50.41 56.45
C ALA B 1075 18.01 -48.96 56.54
N PRO B 1076 17.21 -48.07 57.13
CA PRO B 1076 17.66 -46.68 57.26
C PRO B 1076 18.93 -46.54 58.08
N ALA B 1077 19.12 -47.37 59.10
CA ALA B 1077 20.27 -47.27 59.97
C ALA B 1077 20.43 -48.57 60.76
N ILE B 1078 21.50 -48.64 61.54
CA ILE B 1078 21.75 -49.79 62.40
C ILE B 1078 21.88 -49.32 63.84
N CYS B 1079 21.19 -49.99 64.75
CA CYS B 1079 21.31 -49.75 66.19
C CYS B 1079 22.28 -50.74 66.78
N HIS B 1080 23.37 -50.23 67.36
CA HIS B 1080 24.36 -51.05 68.03
C HIS B 1080 24.69 -50.43 69.38
N ASP B 1081 24.74 -51.28 70.40
CA ASP B 1081 25.08 -50.85 71.77
C ASP B 1081 24.14 -49.75 72.25
N GLY B 1082 22.91 -49.75 71.76
CA GLY B 1082 21.93 -48.78 72.19
C GLY B 1082 22.07 -47.41 71.57
N LYS B 1083 23.01 -47.21 70.67
CA LYS B 1083 23.21 -45.92 70.01
C LYS B 1083 23.06 -46.08 68.51
N ALA B 1084 22.52 -45.05 67.87
CA ALA B 1084 22.28 -45.12 66.44
C ALA B 1084 23.61 -45.07 65.67
N HIS B 1085 23.55 -45.54 64.43
CA HIS B 1085 24.70 -45.52 63.52
C HIS B 1085 24.18 -45.22 62.13
N PHE B 1086 24.58 -44.09 61.58
CA PHE B 1086 24.14 -43.79 60.22
C PHE B 1086 25.30 -43.98 59.24
N PRO B 1087 25.01 -44.30 57.98
CA PRO B 1087 26.08 -44.42 56.99
C PRO B 1087 26.65 -43.05 56.65
N ARG B 1088 27.98 -42.95 56.68
CA ARG B 1088 28.62 -41.71 56.29
C ARG B 1088 28.35 -41.38 54.82
N GLU B 1089 28.34 -42.40 53.96
CA GLU B 1089 28.02 -42.20 52.56
C GLU B 1089 27.23 -43.40 52.07
N GLY B 1090 26.21 -43.16 51.25
CA GLY B 1090 25.39 -44.22 50.73
C GLY B 1090 24.35 -44.68 51.73
N VAL B 1091 23.80 -45.86 51.47
CA VAL B 1091 22.81 -46.46 52.35
C VAL B 1091 23.23 -47.88 52.69
N PHE B 1092 22.79 -48.35 53.86
CA PHE B 1092 23.07 -49.71 54.28
C PHE B 1092 22.32 -50.72 53.42
N VAL B 1093 23.01 -51.79 53.04
CA VAL B 1093 22.42 -52.86 52.25
C VAL B 1093 22.83 -54.19 52.86
N SER B 1094 22.09 -55.24 52.49
CA SER B 1094 22.43 -56.60 52.89
C SER B 1094 21.84 -57.57 51.88
N ASN B 1095 22.65 -58.53 51.46
CA ASN B 1095 22.12 -59.55 50.53
C ASN B 1095 21.18 -60.51 51.22
N GLY B 1096 21.09 -60.48 52.55
CA GLY B 1096 20.14 -61.30 53.26
C GLY B 1096 20.65 -61.84 54.58
N THR B 1097 21.96 -61.87 54.76
CA THR B 1097 22.53 -62.41 55.99
C THR B 1097 23.51 -61.47 56.67
N HIS B 1098 24.31 -60.73 55.90
CA HIS B 1098 25.27 -59.80 56.44
C HIS B 1098 25.05 -58.42 55.86
N TRP B 1099 25.30 -57.39 56.67
CA TRP B 1099 24.98 -56.02 56.31
C TRP B 1099 26.21 -55.30 55.79
N PHE B 1100 26.05 -54.65 54.63
CA PHE B 1100 27.15 -53.95 53.97
C PHE B 1100 26.73 -52.53 53.62
N VAL B 1101 27.71 -51.64 53.54
CA VAL B 1101 27.52 -50.27 53.08
C VAL B 1101 28.22 -50.10 51.75
N THR B 1102 27.57 -49.39 50.83
CA THR B 1102 28.10 -49.23 49.48
C THR B 1102 27.87 -47.81 49.02
N GLN B 1103 28.58 -47.43 47.95
CA GLN B 1103 28.45 -46.10 47.39
C GLN B 1103 27.11 -45.94 46.70
N ARG B 1104 26.82 -44.72 46.26
CA ARG B 1104 25.49 -44.41 45.75
C ARG B 1104 25.21 -45.05 44.41
N ASN B 1105 26.25 -45.26 43.58
CA ASN B 1105 25.99 -45.67 42.20
C ASN B 1105 26.95 -46.74 41.72
N PHE B 1106 27.48 -47.56 42.63
CA PHE B 1106 28.29 -48.71 42.23
C PHE B 1106 28.38 -49.66 43.41
N TYR B 1107 27.87 -50.88 43.24
CA TYR B 1107 27.78 -51.83 44.35
C TYR B 1107 29.17 -52.31 44.71
N GLU B 1108 29.76 -51.72 45.75
CA GLU B 1108 31.07 -52.09 46.26
C GLU B 1108 30.96 -52.26 47.76
N PRO B 1109 30.50 -53.42 48.22
CA PRO B 1109 30.27 -53.60 49.65
C PRO B 1109 31.54 -53.45 50.47
N GLN B 1110 31.40 -52.82 51.63
CA GLN B 1110 32.47 -52.67 52.60
C GLN B 1110 31.91 -53.03 53.98
N ILE B 1111 32.71 -53.74 54.78
CA ILE B 1111 32.26 -54.10 56.11
C ILE B 1111 32.06 -52.84 56.94
N ILE B 1112 30.98 -52.81 57.73
CA ILE B 1112 30.62 -51.60 58.47
C ILE B 1112 31.66 -51.34 59.54
N THR B 1113 32.26 -50.16 59.50
CA THR B 1113 33.26 -49.74 60.47
C THR B 1113 32.93 -48.32 60.95
N THR B 1114 33.50 -47.96 62.09
CA THR B 1114 33.28 -46.62 62.62
C THR B 1114 33.89 -45.55 61.74
N ASP B 1115 34.79 -45.91 60.82
CA ASP B 1115 35.43 -44.93 59.95
C ASP B 1115 34.42 -44.30 59.00
N ASN B 1116 33.50 -45.09 58.46
CA ASN B 1116 32.50 -44.60 57.52
C ASN B 1116 31.10 -44.58 58.13
N THR B 1117 31.00 -44.18 59.40
CA THR B 1117 29.72 -43.97 60.06
C THR B 1117 29.91 -43.01 61.22
N PHE B 1118 28.83 -42.35 61.62
CA PHE B 1118 28.90 -41.39 62.71
C PHE B 1118 27.67 -41.53 63.60
N VAL B 1119 27.91 -41.60 64.91
CA VAL B 1119 26.84 -41.81 65.88
C VAL B 1119 26.00 -40.55 66.01
N SER B 1120 24.70 -40.73 66.26
CA SER B 1120 23.77 -39.61 66.36
C SER B 1120 22.68 -39.88 67.39
N GLY B 1121 23.08 -40.35 68.57
CA GLY B 1121 22.14 -40.55 69.66
C GLY B 1121 21.56 -41.95 69.70
N ASN B 1122 20.59 -42.13 70.58
CA ASN B 1122 19.97 -43.42 70.80
C ASN B 1122 19.04 -43.78 69.63
N CYS B 1123 18.72 -45.07 69.54
CA CYS B 1123 17.99 -45.62 68.40
C CYS B 1123 16.51 -45.83 68.71
N ASP B 1124 15.92 -44.99 69.55
CA ASP B 1124 14.52 -45.17 69.90
C ASP B 1124 13.58 -44.51 68.89
N VAL B 1125 14.00 -43.42 68.26
CA VAL B 1125 13.09 -42.64 67.43
C VAL B 1125 13.19 -43.02 65.96
N VAL B 1126 14.37 -43.40 65.49
CA VAL B 1126 14.55 -43.70 64.08
C VAL B 1126 13.73 -44.93 63.72
N ILE B 1127 12.87 -44.80 62.72
CA ILE B 1127 11.99 -45.88 62.31
C ILE B 1127 12.69 -46.72 61.25
N GLY B 1128 12.40 -48.02 61.26
CA GLY B 1128 12.99 -48.93 60.33
C GLY B 1128 14.39 -49.41 60.67
N ILE B 1129 14.95 -48.94 61.79
CA ILE B 1129 16.30 -49.33 62.16
C ILE B 1129 16.33 -50.82 62.51
N VAL B 1130 17.45 -51.47 62.19
CA VAL B 1130 17.60 -52.91 62.38
C VAL B 1130 18.86 -53.18 63.19
N ASN B 1131 18.85 -54.28 63.92
CA ASN B 1131 19.99 -54.65 64.75
C ASN B 1131 21.08 -55.30 63.92
N ASN B 1132 22.32 -54.93 64.19
CA ASN B 1132 23.49 -55.47 63.51
C ASN B 1132 24.73 -54.95 64.21
N THR B 1133 25.81 -55.73 64.13
CA THR B 1133 27.08 -55.31 64.70
C THR B 1133 27.75 -54.28 63.81
N VAL B 1134 28.67 -53.52 64.40
CA VAL B 1134 29.54 -52.61 63.68
C VAL B 1134 30.96 -52.83 64.17
N TYR B 1135 31.91 -52.88 63.23
CA TYR B 1135 33.28 -53.23 63.55
C TYR B 1135 34.05 -52.02 64.07
N ASP B 1136 34.93 -52.27 65.04
CA ASP B 1136 35.74 -51.21 65.62
C ASP B 1136 37.18 -51.37 65.17
N PRO B 1137 37.71 -50.47 64.33
CA PRO B 1137 39.11 -50.60 63.91
C PRO B 1137 40.10 -50.53 65.06
N LEU B 1138 39.79 -49.80 66.12
CA LEU B 1138 40.71 -49.69 67.25
C LEU B 1138 40.84 -50.99 68.01
N GLN B 1139 39.79 -51.81 68.04
CA GLN B 1139 39.77 -52.99 68.92
C GLN B 1139 40.84 -54.02 68.60
N PRO B 1140 41.04 -54.49 67.36
CA PRO B 1140 41.98 -55.59 67.15
C PRO B 1140 43.42 -55.27 67.50
N GLU B 1141 43.81 -53.99 67.52
CA GLU B 1141 45.18 -53.64 67.87
C GLU B 1141 45.40 -53.52 69.38
N LEU B 1142 44.34 -53.48 70.18
CA LEU B 1142 44.50 -53.29 71.62
C LEU B 1142 45.13 -54.52 72.26
N ASP B 1143 44.59 -55.71 71.97
CA ASP B 1143 45.09 -56.92 72.61
C ASP B 1143 46.42 -57.37 72.02
N SER B 1144 46.59 -57.24 70.71
CA SER B 1144 47.82 -57.67 70.05
C SER B 1144 48.72 -56.48 69.75
N PRO C 26 -42.05 23.92 36.81
CA PRO C 26 -41.45 22.65 36.40
C PRO C 26 -40.60 22.02 37.50
N ALA C 27 -40.80 20.73 37.76
CA ALA C 27 -40.06 20.01 38.77
C ALA C 27 -38.97 19.17 38.11
N TYR C 28 -38.00 18.77 38.91
CA TYR C 28 -36.85 17.99 38.43
C TYR C 28 -36.67 16.77 39.33
N THR C 29 -37.10 15.62 38.84
CA THR C 29 -36.89 14.36 39.57
C THR C 29 -35.59 13.71 39.10
N ASN C 30 -34.89 13.10 40.06
CA ASN C 30 -33.66 12.39 39.75
C ASN C 30 -34.00 11.16 38.92
N SER C 31 -33.44 11.08 37.71
CA SER C 31 -33.67 9.92 36.88
C SER C 31 -33.02 8.70 37.49
N PHE C 32 -33.55 7.52 37.16
CA PHE C 32 -33.02 6.28 37.72
C PHE C 32 -32.48 5.40 36.60
N THR C 33 -32.10 4.17 36.94
CA THR C 33 -31.54 3.25 35.97
C THR C 33 -32.51 2.94 34.84
N ARG C 34 -33.80 3.15 35.07
CA ARG C 34 -34.82 2.90 34.06
C ARG C 34 -34.55 3.73 32.81
N GLY C 35 -34.86 3.15 31.65
CA GLY C 35 -34.78 3.90 30.41
C GLY C 35 -33.89 3.31 29.34
N VAL C 36 -33.72 1.99 29.35
CA VAL C 36 -32.93 1.29 28.34
C VAL C 36 -33.82 0.28 27.63
N TYR C 37 -33.83 0.33 26.31
CA TYR C 37 -34.59 -0.59 25.49
C TYR C 37 -33.67 -1.31 24.53
N TYR C 38 -34.21 -2.31 23.84
CA TYR C 38 -33.41 -3.14 22.95
C TYR C 38 -32.84 -2.30 21.82
N PRO C 39 -31.52 -2.33 21.60
CA PRO C 39 -30.93 -1.48 20.56
C PRO C 39 -31.53 -1.69 19.18
N ASP C 40 -31.77 -2.95 18.82
CA ASP C 40 -32.30 -3.33 17.52
C ASP C 40 -33.18 -4.56 17.73
N LYS C 41 -33.50 -5.25 16.65
CA LYS C 41 -34.11 -6.57 16.76
C LYS C 41 -33.08 -7.65 17.03
N VAL C 42 -31.80 -7.30 17.06
CA VAL C 42 -30.73 -8.26 17.27
C VAL C 42 -30.93 -8.98 18.61
N PHE C 43 -30.50 -10.24 18.67
CA PHE C 43 -30.54 -11.03 19.88
C PHE C 43 -29.16 -11.62 20.14
N ARG C 44 -28.84 -11.81 21.42
CA ARG C 44 -27.56 -12.38 21.82
C ARG C 44 -27.77 -13.32 22.99
N SER C 45 -26.77 -14.15 23.25
CA SER C 45 -26.84 -15.15 24.31
C SER C 45 -25.57 -15.09 25.15
N SER C 46 -25.70 -14.54 26.36
CA SER C 46 -24.59 -14.44 27.31
C SER C 46 -23.40 -13.72 26.69
N VAL C 47 -23.68 -12.66 25.93
CA VAL C 47 -22.66 -11.90 25.22
C VAL C 47 -22.75 -10.44 25.66
N LEU C 48 -21.61 -9.86 26.00
CA LEU C 48 -21.54 -8.45 26.35
C LEU C 48 -21.30 -7.65 25.08
N HIS C 49 -22.19 -6.69 24.79
CA HIS C 49 -22.19 -5.98 23.53
C HIS C 49 -22.32 -4.49 23.78
N SER C 50 -21.81 -3.70 22.82
CA SER C 50 -21.88 -2.24 22.87
C SER C 50 -22.50 -1.72 21.58
N THR C 51 -23.29 -0.64 21.72
CA THR C 51 -23.99 -0.05 20.59
C THR C 51 -24.00 1.46 20.73
N GLN C 52 -24.31 2.14 19.63
CA GLN C 52 -24.42 3.59 19.59
C GLN C 52 -25.83 3.95 19.15
N ASP C 53 -26.62 4.51 20.05
CA ASP C 53 -27.96 4.95 19.68
C ASP C 53 -28.46 5.95 20.69
N LEU C 54 -29.42 6.75 20.26
CA LEU C 54 -30.07 7.73 21.12
C LEU C 54 -30.83 7.01 22.23
N PHE C 55 -30.26 7.02 23.43
CA PHE C 55 -30.86 6.38 24.60
C PHE C 55 -31.00 7.42 25.71
N LEU C 56 -31.74 7.03 26.75
CA LEU C 56 -31.95 7.89 27.90
C LEU C 56 -30.67 8.01 28.71
N PRO C 57 -30.25 9.22 29.08
CA PRO C 57 -29.06 9.35 29.94
C PRO C 57 -29.29 8.74 31.30
N PHE C 58 -28.20 8.28 31.92
CA PHE C 58 -28.27 7.74 33.27
C PHE C 58 -28.06 8.82 34.32
N PHE C 59 -28.85 8.76 35.39
CA PHE C 59 -28.76 9.70 36.51
C PHE C 59 -28.85 11.14 36.02
N SER C 60 -29.77 11.39 35.09
CA SER C 60 -30.00 12.71 34.54
C SER C 60 -31.21 13.34 35.21
N ASN C 61 -31.67 14.46 34.67
CA ASN C 61 -32.83 15.18 35.19
C ASN C 61 -34.02 14.90 34.28
N VAL C 62 -35.11 14.40 34.88
CA VAL C 62 -36.35 14.15 34.17
C VAL C 62 -37.37 15.18 34.65
N THR C 63 -37.90 15.97 33.71
CA THR C 63 -38.82 17.04 34.07
C THR C 63 -40.22 16.47 34.27
N TRP C 64 -40.70 16.54 35.51
CA TRP C 64 -41.99 15.97 35.89
C TRP C 64 -43.02 17.08 35.95
N PHE C 65 -44.15 16.87 35.29
CA PHE C 65 -45.17 17.90 35.12
C PHE C 65 -46.52 17.39 35.60
N HIS C 66 -47.40 18.34 35.91
CA HIS C 66 -48.82 18.08 36.11
C HIS C 66 -49.55 18.63 34.90
N ALA C 67 -50.12 17.74 34.09
CA ALA C 67 -50.69 18.16 32.81
C ALA C 67 -51.84 19.14 33.00
N ILE C 68 -52.81 18.79 33.84
CA ILE C 68 -53.95 19.65 34.12
C ILE C 68 -54.21 19.62 35.62
N HIS C 69 -54.49 20.80 36.18
CA HIS C 69 -54.83 20.92 37.59
C HIS C 69 -56.18 21.61 37.72
N VAL C 70 -56.95 21.19 38.71
CA VAL C 70 -58.30 21.72 38.96
C VAL C 70 -58.25 22.51 40.26
N SER C 71 -58.67 23.77 40.21
CA SER C 71 -58.68 24.63 41.39
C SER C 71 -60.12 24.85 41.88
N ASN C 74 -63.44 27.49 42.45
CA ASN C 74 -63.94 26.12 42.50
C ASN C 74 -64.04 25.51 41.11
N GLY C 75 -63.32 24.42 40.89
CA GLY C 75 -63.34 23.78 39.59
C GLY C 75 -62.77 24.64 38.48
N THR C 76 -61.62 25.25 38.72
CA THR C 76 -60.99 26.14 37.75
C THR C 76 -59.98 25.35 36.91
N LYS C 77 -60.07 25.50 35.60
CA LYS C 77 -59.18 24.77 34.70
C LYS C 77 -57.81 25.44 34.64
N ARG C 78 -56.75 24.64 34.72
CA ARG C 78 -55.39 25.13 34.64
C ARG C 78 -54.65 24.35 33.55
N PHE C 79 -53.95 25.07 32.69
CA PHE C 79 -53.23 24.47 31.57
C PHE C 79 -51.74 24.39 31.89
N ASP C 80 -51.22 23.17 31.98
CA ASP C 80 -49.80 22.94 32.19
C ASP C 80 -49.36 21.69 31.43
N ASN C 81 -49.83 21.52 30.20
CA ASN C 81 -49.41 20.44 29.32
C ASN C 81 -49.04 21.00 27.96
N PRO C 82 -47.98 21.79 27.89
CA PRO C 82 -47.62 22.45 26.63
C PRO C 82 -46.84 21.54 25.70
N VAL C 83 -46.36 22.08 24.59
CA VAL C 83 -45.59 21.32 23.62
C VAL C 83 -44.12 21.27 24.01
N LEU C 84 -43.71 20.16 24.62
CA LEU C 84 -42.31 20.00 24.96
C LEU C 84 -41.51 19.66 23.70
N PRO C 85 -40.30 20.20 23.54
CA PRO C 85 -39.48 19.85 22.38
C PRO C 85 -39.25 18.35 22.27
N PHE C 86 -39.31 17.84 21.04
CA PHE C 86 -39.09 16.41 20.78
C PHE C 86 -37.66 16.25 20.27
N ASN C 87 -36.70 16.63 21.10
CA ASN C 87 -35.29 16.60 20.71
C ASN C 87 -34.82 15.15 20.75
N ASP C 88 -34.68 14.55 19.57
CA ASP C 88 -34.29 13.14 19.41
C ASP C 88 -35.27 12.30 20.24
N GLY C 89 -34.81 11.31 21.00
CA GLY C 89 -35.72 10.45 21.71
C GLY C 89 -36.31 11.11 22.95
N VAL C 90 -37.44 10.56 23.39
CA VAL C 90 -38.12 11.02 24.60
C VAL C 90 -38.50 9.80 25.43
N TYR C 91 -38.17 9.84 26.72
CA TYR C 91 -38.55 8.78 27.65
C TYR C 91 -39.78 9.25 28.41
N PHE C 92 -40.88 8.50 28.29
CA PHE C 92 -42.16 8.87 28.89
C PHE C 92 -42.60 7.79 29.86
N ALA C 93 -43.15 8.21 30.99
CA ALA C 93 -43.67 7.28 31.99
C ALA C 93 -44.75 7.96 32.81
N SER C 94 -45.72 7.16 33.24
CA SER C 94 -46.81 7.65 34.08
C SER C 94 -47.28 6.53 35.00
N THR C 95 -47.63 6.90 36.23
CA THR C 95 -48.10 5.95 37.22
C THR C 95 -49.62 5.92 37.31
N GLU C 96 -50.33 6.66 36.46
CA GLU C 96 -51.78 6.69 36.53
C GLU C 96 -52.37 5.34 36.16
N LYS C 97 -53.28 4.84 37.00
CA LYS C 97 -53.93 3.56 36.77
C LYS C 97 -55.35 3.69 36.24
N SER C 98 -55.86 4.92 36.12
CA SER C 98 -57.19 5.17 35.60
C SER C 98 -57.19 5.43 34.10
N ASN C 99 -56.09 5.12 33.40
CA ASN C 99 -55.94 5.35 31.97
C ASN C 99 -56.11 6.81 31.60
N ILE C 100 -55.73 7.71 32.50
CA ILE C 100 -55.89 9.14 32.25
C ILE C 100 -54.96 9.58 31.11
N ILE C 101 -53.78 8.98 31.02
CA ILE C 101 -52.87 9.22 29.92
C ILE C 101 -53.34 8.41 28.72
N ARG C 102 -54.02 9.09 27.78
CA ARG C 102 -54.66 8.37 26.69
C ARG C 102 -53.71 8.19 25.51
N GLY C 103 -52.97 9.23 25.13
CA GLY C 103 -52.15 9.12 23.95
C GLY C 103 -51.09 10.20 23.89
N TRP C 104 -50.38 10.22 22.77
CA TRP C 104 -49.28 11.15 22.54
C TRP C 104 -49.47 11.83 21.19
N ILE C 105 -49.27 13.14 21.16
CA ILE C 105 -49.49 13.96 19.97
C ILE C 105 -48.15 14.48 19.47
N PHE C 106 -47.89 14.28 18.18
CA PHE C 106 -46.59 14.57 17.57
C PHE C 106 -46.79 15.52 16.39
N GLY C 107 -45.96 16.55 16.32
CA GLY C 107 -46.01 17.46 15.18
C GLY C 107 -44.82 18.40 15.14
N THR C 108 -44.22 18.52 13.96
CA THR C 108 -43.16 19.50 13.77
C THR C 108 -43.71 20.92 13.83
N THR C 109 -44.79 21.18 13.08
CA THR C 109 -45.40 22.49 13.07
C THR C 109 -46.80 22.51 13.67
N LEU C 110 -47.36 21.34 14.03
CA LEU C 110 -48.59 21.26 14.80
C LEU C 110 -49.73 21.94 14.04
N ASP C 111 -49.63 21.92 12.71
CA ASP C 111 -50.51 22.67 11.83
C ASP C 111 -50.95 21.80 10.67
N SER C 112 -52.10 22.16 10.08
CA SER C 112 -52.63 21.41 8.95
C SER C 112 -51.80 21.60 7.69
N LYS C 113 -50.88 22.58 7.69
CA LYS C 113 -50.05 22.82 6.51
C LYS C 113 -49.19 21.62 6.17
N THR C 114 -48.62 20.97 7.19
CA THR C 114 -47.80 19.79 7.01
C THR C 114 -48.46 18.58 7.67
N GLN C 115 -48.05 17.39 7.24
CA GLN C 115 -48.56 16.16 7.84
C GLN C 115 -48.18 16.10 9.32
N SER C 116 -49.07 15.53 10.13
CA SER C 116 -48.87 15.42 11.56
C SER C 116 -49.14 13.99 12.01
N LEU C 117 -48.55 13.63 13.15
CA LEU C 117 -48.65 12.30 13.71
C LEU C 117 -49.55 12.33 14.93
N LEU C 118 -50.49 11.38 15.00
CA LEU C 118 -51.43 11.28 16.11
C LEU C 118 -51.44 9.85 16.62
N ILE C 119 -51.38 9.69 17.94
CA ILE C 119 -51.49 8.39 18.58
C ILE C 119 -52.50 8.47 19.72
N VAL C 120 -53.67 7.88 19.52
CA VAL C 120 -54.70 7.84 20.56
C VAL C 120 -55.07 6.39 20.82
N ASN C 121 -55.23 6.05 22.10
CA ASN C 121 -55.55 4.67 22.50
C ASN C 121 -56.87 4.70 23.27
N ASN C 122 -57.97 4.47 22.56
CA ASN C 122 -59.26 4.38 23.23
C ASN C 122 -59.50 2.96 23.72
N ALA C 123 -60.51 2.80 24.58
CA ALA C 123 -60.55 1.69 25.53
C ALA C 123 -60.45 0.33 24.87
N THR C 124 -60.92 0.19 23.63
CA THR C 124 -60.98 -1.13 23.01
C THR C 124 -59.71 -1.47 22.24
N ASN C 125 -59.13 -0.49 21.54
CA ASN C 125 -57.96 -0.78 20.71
C ASN C 125 -57.19 0.50 20.43
N VAL C 126 -55.96 0.33 19.94
CA VAL C 126 -55.10 1.45 19.59
C VAL C 126 -55.49 1.99 18.22
N VAL C 127 -55.63 3.30 18.11
CA VAL C 127 -55.97 3.96 16.86
C VAL C 127 -54.86 4.96 16.53
N ILE C 128 -54.14 4.71 15.44
CA ILE C 128 -53.05 5.56 15.01
C ILE C 128 -53.40 6.14 13.65
N LYS C 129 -53.46 7.46 13.56
CA LYS C 129 -53.82 8.15 12.33
C LYS C 129 -52.84 9.29 12.10
N VAL C 130 -52.23 9.32 10.91
CA VAL C 130 -51.33 10.40 10.52
C VAL C 130 -51.91 11.08 9.28
N CYS C 131 -52.16 12.37 9.39
CA CYS C 131 -52.84 13.10 8.33
C CYS C 131 -52.68 14.59 8.62
N GLU C 132 -52.90 15.40 7.59
CA GLU C 132 -52.86 16.85 7.77
C GLU C 132 -54.00 17.28 8.70
N PHE C 133 -53.62 17.72 9.89
CA PHE C 133 -54.57 18.04 10.95
C PHE C 133 -54.36 19.47 11.42
N GLN C 134 -55.46 20.19 11.64
CA GLN C 134 -55.38 21.50 12.28
C GLN C 134 -55.70 21.32 13.76
N PHE C 135 -54.67 20.93 14.51
CA PHE C 135 -54.81 20.79 15.95
C PHE C 135 -55.09 22.13 16.61
N CYS C 136 -55.89 22.09 17.67
CA CYS C 136 -56.26 23.29 18.40
C CYS C 136 -55.14 23.70 19.36
N ASN C 137 -55.38 24.82 20.04
CA ASN C 137 -54.40 25.32 20.99
C ASN C 137 -54.20 24.35 22.14
N ASP C 138 -55.28 23.79 22.67
CA ASP C 138 -55.20 22.81 23.74
C ASP C 138 -55.72 21.46 23.26
N PRO C 139 -54.85 20.55 22.84
CA PRO C 139 -55.31 19.25 22.34
C PRO C 139 -56.01 18.47 23.43
N PHE C 140 -57.18 17.93 23.09
CA PHE C 140 -57.93 17.10 24.04
C PHE C 140 -58.95 16.28 23.26
N LEU C 141 -59.38 15.19 23.90
CA LEU C 141 -60.26 14.20 23.28
C LEU C 141 -61.65 14.30 23.89
N GLY C 142 -62.67 14.28 23.03
CA GLY C 142 -64.04 14.37 23.51
C GLY C 142 -64.58 13.00 23.88
N VAL C 143 -65.01 12.86 25.13
CA VAL C 143 -65.62 11.64 25.64
C VAL C 143 -66.84 12.04 26.48
N TYR C 144 -67.93 11.30 26.32
CA TYR C 144 -69.19 11.63 26.98
C TYR C 144 -69.76 10.40 27.66
N TYR C 145 -70.51 10.64 28.74
CA TYR C 145 -71.12 9.58 29.53
C TYR C 145 -72.56 9.37 29.08
N HIS C 146 -72.92 8.11 28.80
CA HIS C 146 -74.25 7.76 28.32
C HIS C 146 -75.03 7.08 29.46
N LYS C 147 -76.30 7.47 29.61
CA LYS C 147 -77.12 6.94 30.69
C LYS C 147 -77.38 5.45 30.51
N ASN C 148 -77.62 5.01 29.28
CA ASN C 148 -77.96 3.61 29.03
C ASN C 148 -76.76 2.71 29.26
N ASN C 149 -75.60 3.07 28.69
CA ASN C 149 -74.42 2.23 28.85
C ASN C 149 -73.80 2.38 30.23
N LYS C 150 -74.10 3.48 30.92
CA LYS C 150 -73.56 3.76 32.26
C LYS C 150 -72.04 3.77 32.27
N SER C 151 -71.44 4.30 31.20
CA SER C 151 -69.99 4.33 31.08
C SER C 151 -69.60 5.46 30.13
N TRP C 152 -68.32 5.81 30.16
CA TRP C 152 -67.80 6.81 29.24
C TRP C 152 -67.42 6.17 27.92
N MET C 153 -67.88 6.77 26.81
CA MET C 153 -67.44 6.42 25.48
C MET C 153 -67.08 7.68 24.72
N GLU C 154 -66.09 7.56 23.83
CA GLU C 154 -65.52 8.71 23.13
C GLU C 154 -66.56 9.28 22.19
N SER C 155 -66.85 10.58 22.33
CA SER C 155 -67.85 11.22 21.49
C SER C 155 -67.29 11.54 20.11
N GLU C 156 -66.21 12.33 20.06
CA GLU C 156 -65.65 12.79 18.80
C GLU C 156 -64.22 13.23 19.04
N PHE C 157 -63.42 13.17 17.98
CA PHE C 157 -62.03 13.62 18.02
C PHE C 157 -62.02 15.15 17.94
N ARG C 158 -61.85 15.80 19.08
CA ARG C 158 -61.85 17.26 19.15
C ARG C 158 -60.45 17.83 19.05
N VAL C 159 -59.44 17.00 18.79
CA VAL C 159 -58.07 17.50 18.67
C VAL C 159 -57.89 18.31 17.39
N TYR C 160 -58.44 17.84 16.28
CA TYR C 160 -58.15 18.41 14.97
C TYR C 160 -59.42 18.96 14.34
N SER C 161 -59.24 19.92 13.44
CA SER C 161 -60.38 20.49 12.73
C SER C 161 -60.62 19.80 11.40
N SER C 162 -59.54 19.49 10.66
CA SER C 162 -59.66 18.93 9.32
C SER C 162 -58.70 17.76 9.18
N ALA C 163 -59.00 16.88 8.22
CA ALA C 163 -58.19 15.70 7.92
C ALA C 163 -58.07 15.57 6.40
N ASN C 164 -56.96 16.04 5.85
CA ASN C 164 -56.72 16.02 4.41
C ASN C 164 -55.41 15.32 4.09
N ASN C 165 -55.38 14.65 2.94
CA ASN C 165 -54.17 14.00 2.43
C ASN C 165 -53.62 12.97 3.43
N CYS C 166 -54.52 12.10 3.90
CA CYS C 166 -54.11 11.06 4.84
C CYS C 166 -53.25 10.02 4.12
N THR C 167 -52.20 9.56 4.81
CA THR C 167 -51.22 8.65 4.22
C THR C 167 -51.21 7.27 4.86
N PHE C 168 -51.02 7.19 6.18
CA PHE C 168 -50.83 5.93 6.87
C PHE C 168 -51.86 5.76 7.98
N GLU C 169 -52.20 4.51 8.26
CA GLU C 169 -53.11 4.16 9.34
C GLU C 169 -52.68 2.81 9.90
N TYR C 170 -52.85 2.64 11.21
CA TYR C 170 -52.45 1.41 11.88
C TYR C 170 -53.39 1.13 13.05
N VAL C 171 -53.69 -0.14 13.26
CA VAL C 171 -54.56 -0.58 14.34
C VAL C 171 -53.90 -1.78 15.03
N SER C 172 -53.92 -1.79 16.35
CA SER C 172 -53.37 -2.90 17.12
C SER C 172 -54.11 -3.00 18.44
N GLN C 173 -53.77 -4.03 19.21
CA GLN C 173 -54.39 -4.24 20.50
C GLN C 173 -53.97 -3.13 21.47
N PRO C 174 -54.83 -2.75 22.41
CA PRO C 174 -54.46 -1.70 23.37
C PRO C 174 -53.37 -2.16 24.32
N PHE C 175 -52.47 -1.25 24.67
CA PHE C 175 -51.41 -1.55 25.62
C PHE C 175 -51.29 -0.52 26.75
N LEU C 176 -52.08 0.54 26.73
CA LEU C 176 -52.16 1.48 27.85
C LEU C 176 -53.10 1.01 28.95
N MET C 177 -53.97 0.04 28.67
CA MET C 177 -55.02 -0.36 29.58
C MET C 177 -54.67 -1.68 30.25
N ASP C 178 -54.63 -1.68 31.57
CA ASP C 178 -54.33 -2.86 32.37
C ASP C 178 -53.05 -3.55 31.93
N LYS C 187 -50.95 1.02 40.78
CA LYS C 187 -49.56 0.88 41.21
C LYS C 187 -48.71 0.25 40.11
N ASN C 188 -49.12 0.44 38.86
CA ASN C 188 -48.43 -0.11 37.70
C ASN C 188 -47.84 1.04 36.90
N LEU C 189 -46.57 0.89 36.51
CA LEU C 189 -45.85 1.91 35.77
C LEU C 189 -45.71 1.51 34.31
N ARG C 190 -46.09 2.40 33.41
CA ARG C 190 -45.97 2.20 31.97
C ARG C 190 -44.90 3.14 31.44
N GLU C 191 -43.99 2.60 30.64
CA GLU C 191 -42.91 3.39 30.04
C GLU C 191 -42.91 3.19 28.54
N PHE C 192 -42.83 4.30 27.79
CA PHE C 192 -42.77 4.28 26.34
C PHE C 192 -41.61 5.15 25.89
N VAL C 193 -40.80 4.64 24.98
CA VAL C 193 -39.72 5.41 24.38
C VAL C 193 -40.08 5.76 22.95
N PHE C 194 -40.06 7.05 22.63
CA PHE C 194 -40.43 7.53 21.31
C PHE C 194 -39.19 8.05 20.60
N LYS C 195 -38.78 7.35 19.55
CA LYS C 195 -37.59 7.71 18.78
C LYS C 195 -37.91 7.58 17.31
N ASN C 196 -37.37 8.49 16.50
CA ASN C 196 -37.66 8.53 15.07
C ASN C 196 -36.41 8.91 14.29
N ILE C 197 -35.86 7.94 13.55
CA ILE C 197 -34.76 8.18 12.62
C ILE C 197 -35.03 7.36 11.36
N ASP C 198 -34.69 7.94 10.21
CA ASP C 198 -34.73 7.25 8.92
C ASP C 198 -36.16 6.91 8.51
N GLY C 199 -37.05 7.87 8.69
CA GLY C 199 -38.44 7.68 8.28
C GLY C 199 -39.16 6.59 9.01
N TYR C 200 -38.66 6.18 10.17
CA TYR C 200 -39.29 5.13 10.96
C TYR C 200 -39.42 5.60 12.41
N PHE C 201 -40.64 5.57 12.92
CA PHE C 201 -40.93 5.90 14.31
C PHE C 201 -41.27 4.63 15.06
N LYS C 202 -40.55 4.37 16.15
CA LYS C 202 -40.64 3.11 16.86
C LYS C 202 -41.04 3.34 18.31
N ILE C 203 -41.92 2.48 18.81
CA ILE C 203 -42.43 2.59 20.18
C ILE C 203 -42.08 1.34 20.96
N TYR C 204 -41.16 1.48 21.92
CA TYR C 204 -40.81 0.36 22.79
C TYR C 204 -41.52 0.53 24.14
N SER C 205 -42.03 -0.58 24.68
CA SER C 205 -42.88 -0.49 25.86
C SER C 205 -42.53 -1.60 26.83
N LYS C 206 -42.88 -1.37 28.10
CA LYS C 206 -42.74 -2.35 29.17
C LYS C 206 -43.59 -1.91 30.35
N HIS C 207 -44.23 -2.88 31.00
CA HIS C 207 -45.11 -2.61 32.12
C HIS C 207 -44.59 -3.31 33.36
N THR C 208 -44.48 -2.58 34.46
CA THR C 208 -43.95 -3.11 35.71
C THR C 208 -44.65 -2.45 36.88
N PRO C 209 -45.11 -3.22 37.87
CA PRO C 209 -45.68 -2.60 39.07
C PRO C 209 -44.61 -1.89 39.88
N ILE C 210 -45.04 -0.90 40.68
CA ILE C 210 -44.14 -0.08 41.47
C ILE C 210 -44.65 -0.02 42.90
N ASN C 211 -43.73 0.17 43.85
CA ASN C 211 -44.10 0.32 45.24
C ASN C 211 -44.07 1.78 45.68
N LEU C 212 -43.17 2.59 45.11
CA LEU C 212 -43.06 4.01 45.42
C LEU C 212 -43.77 4.79 44.30
N VAL C 213 -44.87 5.44 44.65
CA VAL C 213 -45.68 6.11 43.63
C VAL C 213 -44.97 7.34 43.08
N ARG C 214 -44.38 8.16 43.95
CA ARG C 214 -43.85 9.45 43.55
C ARG C 214 -42.46 9.37 42.90
N ASP C 215 -41.75 8.26 43.05
CA ASP C 215 -40.40 8.13 42.53
C ASP C 215 -40.31 6.95 41.58
N LEU C 216 -39.61 7.14 40.47
CA LEU C 216 -39.37 6.05 39.54
C LEU C 216 -38.49 4.99 40.20
N PRO C 217 -38.86 3.72 40.14
CA PRO C 217 -38.10 2.69 40.87
C PRO C 217 -36.68 2.57 40.36
N GLN C 218 -35.77 2.30 41.29
CA GLN C 218 -34.34 2.13 40.95
C GLN C 218 -34.08 0.67 40.57
N GLY C 219 -34.79 0.22 39.54
CA GLY C 219 -34.62 -1.11 39.03
C GLY C 219 -34.55 -1.08 37.51
N PHE C 220 -33.92 -2.11 36.94
CA PHE C 220 -33.70 -2.18 35.51
C PHE C 220 -34.67 -3.18 34.89
N SER C 221 -35.32 -2.76 33.81
CA SER C 221 -36.12 -3.65 32.97
C SER C 221 -36.19 -3.05 31.57
N ALA C 222 -35.73 -3.80 30.58
CA ALA C 222 -35.72 -3.29 29.22
C ALA C 222 -37.14 -3.17 28.67
N LEU C 223 -37.28 -2.37 27.63
CA LEU C 223 -38.56 -2.20 26.93
C LEU C 223 -38.49 -2.93 25.61
N GLU C 224 -39.32 -3.96 25.45
CA GLU C 224 -39.31 -4.74 24.23
C GLU C 224 -39.89 -3.92 23.08
N PRO C 225 -39.42 -4.14 21.85
CA PRO C 225 -40.05 -3.47 20.69
C PRO C 225 -41.50 -3.90 20.56
N LEU C 226 -42.35 -2.94 20.21
CA LEU C 226 -43.78 -3.19 20.08
C LEU C 226 -44.29 -3.00 18.66
N VAL C 227 -43.87 -1.91 18.00
CA VAL C 227 -44.28 -1.64 16.63
C VAL C 227 -43.28 -0.69 16.00
N ASP C 228 -43.15 -0.78 14.67
CA ASP C 228 -42.23 0.05 13.90
C ASP C 228 -43.06 0.77 12.83
N LEU C 229 -43.53 1.96 13.16
CA LEU C 229 -44.33 2.72 12.21
C LEU C 229 -43.43 3.36 11.15
N PRO C 230 -43.62 3.03 9.88
CA PRO C 230 -42.90 3.78 8.83
C PRO C 230 -43.63 5.07 8.47
N ILE C 231 -43.09 6.20 8.90
CA ILE C 231 -43.68 7.51 8.62
C ILE C 231 -42.57 8.42 8.10
N GLY C 232 -42.80 9.02 6.93
CA GLY C 232 -41.76 9.83 6.31
C GLY C 232 -41.56 11.18 6.95
N ILE C 233 -42.58 11.69 7.64
CA ILE C 233 -42.51 13.05 8.16
C ILE C 233 -41.60 13.11 9.38
N ASN C 234 -41.24 14.32 9.78
CA ASN C 234 -40.40 14.55 10.94
C ASN C 234 -41.20 15.28 12.01
N ILE C 235 -40.85 15.04 13.28
CA ILE C 235 -41.52 15.63 14.42
C ILE C 235 -40.50 16.35 15.27
N THR C 236 -40.81 17.57 15.70
CA THR C 236 -39.90 18.37 16.51
C THR C 236 -40.45 18.70 17.89
N ARG C 237 -41.75 18.53 18.13
CA ARG C 237 -42.34 18.87 19.41
C ARG C 237 -43.15 17.68 19.94
N PHE C 238 -42.99 17.40 21.23
CA PHE C 238 -43.63 16.28 21.91
C PHE C 238 -44.65 16.80 22.92
N GLN C 239 -45.83 16.19 22.93
CA GLN C 239 -46.91 16.62 23.81
C GLN C 239 -47.78 15.42 24.18
N THR C 240 -48.31 15.42 25.40
CA THR C 240 -49.19 14.36 25.86
C THR C 240 -50.64 14.67 25.53
N LEU C 241 -51.38 13.63 25.13
CA LEU C 241 -52.82 13.70 24.92
C LEU C 241 -53.52 13.10 26.13
N LEU C 242 -54.44 13.87 26.72
CA LEU C 242 -55.22 13.43 27.87
C LEU C 242 -56.68 13.74 27.59
N ALA C 243 -57.52 12.71 27.59
CA ALA C 243 -58.92 12.89 27.22
C ALA C 243 -59.68 13.68 28.28
N LEU C 244 -60.50 14.62 27.82
CA LEU C 244 -61.30 15.47 28.70
C LEU C 244 -62.78 15.13 28.54
N HIS C 245 -63.46 14.98 29.67
CA HIS C 245 -64.81 14.42 29.69
C HIS C 245 -65.85 15.52 29.48
N ARG C 246 -67.13 15.18 29.71
CA ARG C 246 -68.21 16.14 29.49
C ARG C 246 -68.08 17.35 30.40
N SER C 247 -67.47 17.17 31.58
CA SER C 247 -67.26 18.29 32.48
C SER C 247 -66.38 19.36 31.84
N TYR C 248 -65.30 18.93 31.19
CA TYR C 248 -64.46 19.88 30.47
C TYR C 248 -65.05 20.23 29.11
N LEU C 249 -65.80 19.30 28.52
CA LEU C 249 -66.32 19.50 27.17
C LEU C 249 -67.25 20.71 27.10
N THR C 250 -68.02 20.94 28.15
CA THR C 250 -68.85 22.13 28.21
C THR C 250 -67.97 23.38 28.25
N PRO C 251 -68.36 24.47 27.61
CA PRO C 251 -67.51 25.68 27.62
C PRO C 251 -67.30 26.26 29.01
N GLY C 252 -68.16 25.93 29.96
CA GLY C 252 -67.97 26.43 31.31
C GLY C 252 -66.70 25.87 31.94
N ASP C 253 -66.11 26.67 32.82
CA ASP C 253 -64.86 26.26 33.45
C ASP C 253 -65.06 25.11 34.44
N SER C 254 -66.29 24.92 34.92
CA SER C 254 -66.57 23.90 35.92
C SER C 254 -66.23 22.51 35.39
N SER C 255 -65.53 21.74 36.21
CA SER C 255 -65.11 20.39 35.86
C SER C 255 -65.72 19.33 36.78
N SER C 256 -66.85 19.65 37.42
CA SER C 256 -67.49 18.70 38.32
C SER C 256 -67.99 17.49 37.55
N GLY C 257 -67.86 16.32 38.18
CA GLY C 257 -68.24 15.06 37.55
C GLY C 257 -67.07 14.25 37.04
N TRP C 258 -65.89 14.84 36.93
CA TRP C 258 -64.70 14.12 36.49
C TRP C 258 -63.47 14.79 37.09
N THR C 259 -62.39 14.03 37.20
CA THR C 259 -61.15 14.49 37.82
C THR C 259 -60.08 14.63 36.74
N ALA C 260 -59.49 15.83 36.65
CA ALA C 260 -58.40 16.09 35.73
C ALA C 260 -57.10 16.43 36.43
N GLY C 261 -57.12 16.70 37.74
CA GLY C 261 -55.91 17.07 38.45
C GLY C 261 -54.91 15.92 38.53
N ALA C 262 -55.41 14.69 38.64
CA ALA C 262 -54.55 13.52 38.80
C ALA C 262 -53.83 13.22 37.48
N ALA C 263 -52.86 14.07 37.16
CA ALA C 263 -52.05 13.94 35.96
C ALA C 263 -50.58 13.95 36.38
N ALA C 264 -49.93 12.79 36.24
CA ALA C 264 -48.53 12.62 36.64
C ALA C 264 -47.79 11.88 35.52
N TYR C 265 -47.12 12.64 34.66
CA TYR C 265 -46.36 12.09 33.55
C TYR C 265 -44.94 12.62 33.60
N TYR C 266 -43.97 11.73 33.35
CA TYR C 266 -42.56 12.08 33.38
C TYR C 266 -42.03 12.20 31.95
N VAL C 267 -41.21 13.21 31.70
CA VAL C 267 -40.64 13.43 30.37
C VAL C 267 -39.13 13.60 30.49
N GLY C 268 -38.39 12.79 29.74
CA GLY C 268 -36.95 12.90 29.71
C GLY C 268 -36.47 13.07 28.28
N TYR C 269 -35.24 13.59 28.15
CA TYR C 269 -34.68 13.95 26.86
C TYR C 269 -33.44 13.12 26.59
N LEU C 270 -33.38 12.53 25.39
CA LEU C 270 -32.36 11.55 25.05
C LEU C 270 -31.14 12.21 24.41
N GLN C 271 -29.98 11.58 24.58
CA GLN C 271 -28.72 12.07 24.05
C GLN C 271 -27.88 10.94 23.52
N PRO C 272 -27.03 11.21 22.52
CA PRO C 272 -26.15 10.17 21.97
C PRO C 272 -24.99 9.87 22.91
N ARG C 273 -24.93 8.63 23.37
CA ARG C 273 -23.85 8.25 24.28
C ARG C 273 -23.61 6.75 24.15
N THR C 274 -22.48 6.30 24.68
CA THR C 274 -22.03 4.92 24.55
C THR C 274 -22.33 4.16 25.83
N PHE C 275 -23.03 3.04 25.71
CA PHE C 275 -23.32 2.15 26.83
C PHE C 275 -22.95 0.71 26.51
N LEU C 276 -22.74 -0.06 27.57
CA LEU C 276 -22.46 -1.48 27.48
C LEU C 276 -23.66 -2.24 28.07
N LEU C 277 -24.18 -3.19 27.31
CA LEU C 277 -25.38 -3.94 27.69
C LEU C 277 -25.01 -5.35 28.09
N LYS C 278 -25.76 -5.92 29.03
CA LYS C 278 -25.59 -7.30 29.46
C LYS C 278 -26.78 -8.14 28.97
N TYR C 279 -26.49 -9.23 28.29
CA TYR C 279 -27.50 -10.18 27.85
C TYR C 279 -27.33 -11.49 28.61
N ASN C 280 -28.43 -12.02 29.14
CA ASN C 280 -28.40 -13.31 29.80
C ASN C 280 -28.66 -14.42 28.78
N GLU C 281 -28.73 -15.66 29.27
CA GLU C 281 -28.92 -16.80 28.37
C GLU C 281 -30.28 -16.73 27.68
N ASN C 282 -31.31 -16.26 28.38
CA ASN C 282 -32.62 -16.17 27.75
C ASN C 282 -32.70 -14.97 26.82
N GLY C 283 -31.94 -13.91 27.10
CA GLY C 283 -31.89 -12.76 26.23
C GLY C 283 -32.55 -11.50 26.75
N THR C 284 -33.07 -11.51 27.97
CA THR C 284 -33.65 -10.32 28.57
C THR C 284 -32.53 -9.55 29.28
N ILE C 285 -32.35 -8.27 28.91
CA ILE C 285 -31.26 -7.49 29.45
C ILE C 285 -31.46 -7.29 30.95
N THR C 286 -30.40 -7.52 31.72
CA THR C 286 -30.47 -7.45 33.18
C THR C 286 -29.96 -6.12 33.73
N ASP C 287 -28.87 -5.59 33.17
CA ASP C 287 -28.26 -4.38 33.70
C ASP C 287 -27.57 -3.64 32.55
N ALA C 288 -27.34 -2.36 32.77
CA ALA C 288 -26.68 -1.50 31.80
C ALA C 288 -25.67 -0.62 32.54
N VAL C 289 -24.77 0.00 31.76
CA VAL C 289 -23.74 0.86 32.31
C VAL C 289 -23.45 1.97 31.32
N ASP C 290 -23.27 3.19 31.85
CA ASP C 290 -23.10 4.40 31.05
C ASP C 290 -21.62 4.76 31.03
N CYS C 291 -21.00 4.68 29.85
CA CYS C 291 -19.57 4.93 29.76
C CYS C 291 -19.22 6.37 30.14
N ALA C 292 -20.03 7.34 29.70
CA ALA C 292 -19.66 8.74 29.91
C ALA C 292 -20.06 9.21 31.30
N LEU C 293 -20.89 8.45 32.02
CA LEU C 293 -21.40 8.91 33.31
C LEU C 293 -20.27 9.08 34.32
N ASP C 294 -19.47 8.04 34.52
CA ASP C 294 -18.49 8.03 35.60
C ASP C 294 -17.21 7.37 35.11
N PRO C 295 -16.05 7.82 35.60
CA PRO C 295 -14.79 7.16 35.22
C PRO C 295 -14.75 5.67 35.53
N LEU C 296 -15.36 5.24 36.64
CA LEU C 296 -15.44 3.81 36.91
C LEU C 296 -16.24 3.10 35.81
N SER C 297 -17.34 3.71 35.37
CA SER C 297 -18.11 3.12 34.29
C SER C 297 -17.35 3.17 32.98
N GLU C 298 -16.51 4.20 32.79
CA GLU C 298 -15.64 4.23 31.63
C GLU C 298 -14.67 3.05 31.65
N THR C 299 -14.12 2.74 32.82
CA THR C 299 -13.27 1.56 32.95
C THR C 299 -14.06 0.29 32.67
N LYS C 300 -15.31 0.23 33.14
CA LYS C 300 -16.16 -0.91 32.85
C LYS C 300 -16.35 -1.10 31.35
N CYS C 301 -16.60 -0.02 30.61
CA CYS C 301 -16.72 -0.11 29.17
C CYS C 301 -15.40 -0.53 28.51
N THR C 302 -14.28 -0.02 29.02
CA THR C 302 -12.99 -0.37 28.44
C THR C 302 -12.69 -1.85 28.62
N LEU C 303 -12.97 -2.40 29.81
CA LEU C 303 -12.66 -3.80 30.06
C LEU C 303 -13.76 -4.73 29.56
N LYS C 304 -14.86 -4.18 29.06
CA LYS C 304 -15.98 -4.91 28.47
C LYS C 304 -16.70 -5.81 29.46
N SER C 305 -16.47 -5.66 30.76
CA SER C 305 -17.10 -6.48 31.78
C SER C 305 -17.58 -5.62 32.94
N PHE C 306 -18.65 -6.07 33.60
CA PHE C 306 -19.15 -5.35 34.76
C PHE C 306 -18.15 -5.35 35.90
N THR C 307 -17.59 -6.51 36.21
CA THR C 307 -16.66 -6.65 37.33
C THR C 307 -15.27 -6.22 36.87
N VAL C 308 -14.69 -5.25 37.57
CA VAL C 308 -13.36 -4.75 37.28
C VAL C 308 -12.45 -5.11 38.44
N GLU C 309 -11.41 -5.89 38.16
CA GLU C 309 -10.47 -6.31 39.18
C GLU C 309 -9.59 -5.13 39.61
N LYS C 310 -9.03 -5.25 40.80
CA LYS C 310 -8.19 -4.19 41.34
C LYS C 310 -6.96 -3.99 40.47
N GLY C 311 -6.71 -2.74 40.10
CA GLY C 311 -5.60 -2.43 39.22
C GLY C 311 -5.74 -1.04 38.65
N ILE C 312 -5.01 -0.79 37.57
CA ILE C 312 -5.04 0.47 36.84
C ILE C 312 -5.29 0.18 35.38
N TYR C 313 -6.03 1.07 34.72
CA TYR C 313 -6.41 0.87 33.31
C TYR C 313 -6.45 2.21 32.60
N GLN C 314 -6.04 2.21 31.34
CA GLN C 314 -6.06 3.41 30.52
C GLN C 314 -7.33 3.42 29.69
N THR C 315 -8.13 4.48 29.82
CA THR C 315 -9.43 4.57 29.18
C THR C 315 -9.48 5.55 28.02
N SER C 316 -8.73 6.64 28.07
CA SER C 316 -8.75 7.64 27.00
C SER C 316 -7.50 8.49 27.13
N ASN C 317 -7.46 9.58 26.35
CA ASN C 317 -6.35 10.51 26.35
C ASN C 317 -6.85 11.93 26.56
N PHE C 318 -6.14 12.67 27.41
CA PHE C 318 -6.51 14.04 27.71
C PHE C 318 -5.95 14.97 26.64
N ARG C 319 -6.80 15.83 26.10
CA ARG C 319 -6.39 16.82 25.11
C ARG C 319 -6.97 18.16 25.51
N VAL C 320 -6.21 19.23 25.22
CA VAL C 320 -6.63 20.59 25.49
C VAL C 320 -6.78 21.30 24.16
N GLN C 321 -8.02 21.54 23.74
CA GLN C 321 -8.25 22.22 22.49
C GLN C 321 -7.81 23.68 22.58
N PRO C 322 -7.28 24.25 21.50
CA PRO C 322 -6.91 25.67 21.53
C PRO C 322 -8.11 26.56 21.76
N THR C 323 -7.88 27.68 22.45
CA THR C 323 -8.99 28.59 22.77
C THR C 323 -9.33 29.48 21.58
N GLU C 324 -8.38 30.30 21.13
CA GLU C 324 -8.61 31.24 20.05
C GLU C 324 -7.43 31.23 19.09
N SER C 325 -7.70 31.69 17.87
CA SER C 325 -6.67 31.75 16.83
C SER C 325 -5.96 33.09 16.88
N ILE C 326 -4.63 33.05 16.73
CA ILE C 326 -3.80 34.25 16.76
C ILE C 326 -3.04 34.34 15.44
N VAL C 327 -3.05 35.53 14.84
CA VAL C 327 -2.38 35.79 13.57
C VAL C 327 -1.54 37.05 13.72
N ARG C 328 -0.29 36.99 13.28
CA ARG C 328 0.62 38.12 13.38
C ARG C 328 1.38 38.29 12.07
N PHE C 329 1.68 39.54 11.74
CA PHE C 329 2.46 39.90 10.57
C PHE C 329 3.37 41.08 10.92
N PRO C 330 4.49 41.22 10.21
CA PRO C 330 5.45 42.27 10.58
C PRO C 330 4.92 43.66 10.30
N ASN C 331 5.62 44.65 10.85
CA ASN C 331 5.35 46.05 10.52
C ASN C 331 5.46 46.25 9.02
N ILE C 332 4.39 46.76 8.42
CA ILE C 332 4.29 46.87 6.98
C ILE C 332 5.05 48.12 6.53
N THR C 333 6.25 47.91 6.00
CA THR C 333 7.07 48.98 5.44
C THR C 333 6.91 49.11 3.94
N ASN C 334 6.08 48.27 3.32
CA ASN C 334 5.85 48.29 1.88
C ASN C 334 4.52 48.96 1.60
N LEU C 335 4.51 49.86 0.63
CA LEU C 335 3.29 50.56 0.22
C LEU C 335 3.32 50.74 -1.29
N CYS C 336 2.19 50.48 -1.94
CA CYS C 336 2.10 50.72 -3.37
C CYS C 336 2.25 52.21 -3.66
N PRO C 337 2.86 52.57 -4.79
CA PRO C 337 3.16 53.99 -5.07
C PRO C 337 1.93 54.76 -5.53
N PHE C 338 0.85 54.67 -4.74
CA PHE C 338 -0.31 55.50 -5.00
C PHE C 338 0.00 56.97 -4.76
N GLY C 339 0.73 57.27 -3.69
CA GLY C 339 1.12 58.65 -3.42
C GLY C 339 2.03 59.21 -4.49
N GLU C 340 2.91 58.39 -5.05
CA GLU C 340 3.79 58.84 -6.12
C GLU C 340 2.99 59.30 -7.33
N VAL C 341 1.98 58.52 -7.71
CA VAL C 341 1.15 58.90 -8.86
C VAL C 341 0.30 60.11 -8.52
N PHE C 342 -0.35 60.11 -7.35
CA PHE C 342 -1.27 61.19 -7.01
C PHE C 342 -0.52 62.47 -6.66
N ASN C 343 0.53 62.36 -5.85
CA ASN C 343 1.30 63.53 -5.43
C ASN C 343 2.51 63.71 -6.35
N ALA C 344 2.22 64.00 -7.61
CA ALA C 344 3.23 64.30 -8.61
C ALA C 344 3.10 65.76 -9.03
N THR C 345 4.25 66.42 -9.25
CA THR C 345 4.23 67.84 -9.56
C THR C 345 3.51 68.13 -10.87
N ARG C 346 3.75 67.32 -11.89
CA ARG C 346 3.16 67.53 -13.21
C ARG C 346 2.46 66.26 -13.69
N PHE C 347 1.32 66.43 -14.32
CA PHE C 347 0.64 65.36 -15.04
C PHE C 347 0.65 65.65 -16.53
N ALA C 348 0.75 64.59 -17.33
CA ALA C 348 0.80 64.74 -18.78
C ALA C 348 -0.56 65.18 -19.32
N SER C 349 -0.55 65.61 -20.58
CA SER C 349 -1.75 66.11 -21.23
C SER C 349 -2.77 64.99 -21.41
N VAL C 350 -4.03 65.38 -21.63
CA VAL C 350 -5.11 64.41 -21.74
C VAL C 350 -4.92 63.52 -22.96
N TYR C 351 -4.56 64.10 -24.11
CA TYR C 351 -4.34 63.29 -25.31
C TYR C 351 -3.13 62.38 -25.15
N ALA C 352 -2.05 62.90 -24.58
CA ALA C 352 -0.87 62.10 -24.28
C ALA C 352 -0.87 61.68 -22.81
N TRP C 353 -1.88 60.90 -22.45
CA TRP C 353 -2.07 60.52 -21.05
C TRP C 353 -0.97 59.59 -20.59
N ASN C 354 -0.36 59.91 -19.45
CA ASN C 354 0.68 59.06 -18.89
C ASN C 354 0.08 57.79 -18.30
N ARG C 355 0.83 56.69 -18.41
CA ARG C 355 0.40 55.40 -17.91
C ARG C 355 1.43 54.85 -16.93
N LYS C 356 0.97 54.42 -15.76
CA LYS C 356 1.82 53.85 -14.73
C LYS C 356 1.28 52.49 -14.34
N ARG C 357 2.17 51.49 -14.30
CA ARG C 357 1.80 50.13 -13.94
C ARG C 357 2.27 49.84 -12.52
N ILE C 358 1.37 49.34 -11.68
CA ILE C 358 1.65 49.08 -10.28
C ILE C 358 1.46 47.59 -10.03
N SER C 359 2.48 46.97 -9.44
CA SER C 359 2.44 45.53 -9.15
C SER C 359 3.45 45.21 -8.06
N ASN C 360 3.32 44.02 -7.48
CA ASN C 360 4.24 43.50 -6.47
C ASN C 360 4.35 44.43 -5.26
N CYS C 361 3.20 44.96 -4.83
CA CYS C 361 3.14 45.75 -3.60
C CYS C 361 1.74 45.64 -3.02
N VAL C 362 1.62 46.01 -1.76
CA VAL C 362 0.32 46.06 -1.08
C VAL C 362 -0.26 47.45 -1.26
N ALA C 363 -1.53 47.52 -1.66
CA ALA C 363 -2.18 48.79 -1.95
C ALA C 363 -2.95 49.27 -0.74
N ASP C 364 -2.73 50.52 -0.36
CA ASP C 364 -3.42 51.16 0.75
C ASP C 364 -4.35 52.24 0.20
N TYR C 365 -5.65 51.97 0.27
CA TYR C 365 -6.67 52.93 -0.16
C TYR C 365 -7.16 53.81 0.98
N SER C 366 -6.58 53.67 2.17
CA SER C 366 -7.02 54.47 3.31
C SER C 366 -6.73 55.96 3.08
N VAL C 367 -5.62 56.26 2.43
CA VAL C 367 -5.28 57.66 2.14
C VAL C 367 -6.31 58.26 1.19
N LEU C 368 -6.81 57.47 0.24
CA LEU C 368 -7.84 57.95 -0.67
C LEU C 368 -9.13 58.26 0.08
N TYR C 369 -9.52 57.40 1.02
CA TYR C 369 -10.73 57.66 1.79
C TYR C 369 -10.57 58.87 2.70
N ASN C 370 -9.41 59.01 3.33
CA ASN C 370 -9.20 60.11 4.27
C ASN C 370 -9.17 61.46 3.57
N SER C 371 -8.58 61.51 2.38
CA SER C 371 -8.44 62.77 1.66
C SER C 371 -9.81 63.27 1.18
N ALA C 372 -10.13 64.51 1.52
CA ALA C 372 -11.38 65.15 1.09
C ALA C 372 -11.19 66.06 -0.11
N SER C 373 -9.98 66.15 -0.65
CA SER C 373 -9.73 67.03 -1.79
C SER C 373 -10.37 66.47 -3.06
N PHE C 374 -10.59 65.16 -3.13
CA PHE C 374 -11.18 64.56 -4.32
C PHE C 374 -12.61 65.07 -4.54
N SER C 375 -12.93 65.33 -5.79
CA SER C 375 -14.27 65.79 -6.17
C SER C 375 -15.12 64.71 -6.82
N THR C 376 -14.51 63.73 -7.49
CA THR C 376 -15.22 62.62 -8.11
C THR C 376 -14.51 61.33 -7.76
N PHE C 377 -15.22 60.43 -7.08
CA PHE C 377 -14.69 59.12 -6.70
C PHE C 377 -15.75 58.08 -7.08
N LYS C 378 -15.67 57.58 -8.31
CA LYS C 378 -16.61 56.59 -8.83
C LYS C 378 -15.82 55.34 -9.19
N CYS C 379 -16.11 54.23 -8.52
CA CYS C 379 -15.46 52.95 -8.78
C CYS C 379 -16.42 52.07 -9.58
N TYR C 380 -15.96 51.62 -10.74
CA TYR C 380 -16.79 50.84 -11.65
C TYR C 380 -16.33 49.39 -11.62
N GLY C 381 -17.25 48.48 -11.27
CA GLY C 381 -16.95 47.07 -11.20
C GLY C 381 -16.38 46.61 -9.87
N VAL C 382 -15.93 47.53 -9.02
CA VAL C 382 -15.37 47.21 -7.72
C VAL C 382 -16.02 48.12 -6.69
N SER C 383 -16.46 47.54 -5.57
CA SER C 383 -17.04 48.34 -4.50
C SER C 383 -15.97 49.25 -3.91
N PRO C 384 -16.25 50.55 -3.75
CA PRO C 384 -15.23 51.46 -3.20
C PRO C 384 -14.76 51.06 -1.82
N THR C 385 -15.63 50.52 -0.97
CA THR C 385 -15.22 50.08 0.35
C THR C 385 -14.55 48.71 0.33
N LYS C 386 -14.60 48.01 -0.80
CA LYS C 386 -13.97 46.70 -0.93
C LYS C 386 -12.66 46.76 -1.72
N LEU C 387 -12.11 47.95 -1.93
CA LEU C 387 -10.87 48.07 -2.69
C LEU C 387 -9.72 47.36 -2.01
N ASN C 388 -9.59 47.52 -0.69
CA ASN C 388 -8.51 46.87 0.04
C ASN C 388 -8.68 45.35 0.05
N ASP C 389 -9.92 44.88 0.20
CA ASP C 389 -10.16 43.44 0.29
C ASP C 389 -9.81 42.74 -1.02
N LEU C 390 -10.17 43.34 -2.16
CA LEU C 390 -9.96 42.69 -3.44
C LEU C 390 -8.48 42.71 -3.83
N CYS C 391 -8.06 41.66 -4.52
CA CYS C 391 -6.69 41.53 -5.02
C CYS C 391 -6.72 41.54 -6.55
N PHE C 392 -5.75 42.24 -7.15
CA PHE C 392 -5.70 42.41 -8.59
C PHE C 392 -4.32 42.03 -9.11
N THR C 393 -4.29 41.39 -10.28
CA THR C 393 -3.02 40.97 -10.87
C THR C 393 -2.18 42.18 -11.27
N ASN C 394 -2.81 43.17 -11.91
CA ASN C 394 -2.10 44.36 -12.36
C ASN C 394 -3.01 45.57 -12.20
N VAL C 395 -2.43 46.69 -11.81
CA VAL C 395 -3.14 47.96 -11.64
C VAL C 395 -2.45 49.01 -12.50
N TYR C 396 -3.23 49.67 -13.36
CA TYR C 396 -2.72 50.72 -14.23
C TYR C 396 -3.18 52.07 -13.72
N ALA C 397 -2.24 52.99 -13.53
CA ALA C 397 -2.51 54.33 -13.04
C ALA C 397 -2.32 55.32 -14.17
N ASP C 398 -3.43 55.85 -14.68
CA ASP C 398 -3.41 56.83 -15.77
C ASP C 398 -3.85 58.18 -15.24
N SER C 399 -3.04 59.21 -15.49
CA SER C 399 -3.31 60.55 -15.03
C SER C 399 -3.26 61.53 -16.19
N PHE C 400 -4.14 62.52 -16.17
CA PHE C 400 -4.22 63.52 -17.22
C PHE C 400 -4.94 64.75 -16.67
N VAL C 401 -4.95 65.81 -17.47
CA VAL C 401 -5.49 67.10 -17.07
C VAL C 401 -6.61 67.48 -18.03
N ILE C 402 -7.78 67.80 -17.48
CA ILE C 402 -8.93 68.29 -18.24
C ILE C 402 -9.59 69.41 -17.46
N ARG C 403 -10.56 70.06 -18.09
CA ARG C 403 -11.32 71.12 -17.47
C ARG C 403 -12.41 70.54 -16.57
N GLY C 404 -13.12 71.43 -15.87
CA GLY C 404 -14.11 70.99 -14.90
C GLY C 404 -15.31 70.30 -15.53
N ASP C 405 -15.81 70.82 -16.64
CA ASP C 405 -17.04 70.30 -17.23
C ASP C 405 -16.81 69.05 -18.07
N GLU C 406 -15.56 68.70 -18.36
CA GLU C 406 -15.24 67.51 -19.14
C GLU C 406 -14.88 66.32 -18.26
N VAL C 407 -15.02 66.44 -16.94
CA VAL C 407 -14.73 65.32 -16.05
C VAL C 407 -15.74 64.18 -16.28
N ARG C 408 -16.99 64.53 -16.58
CA ARG C 408 -18.01 63.52 -16.81
C ARG C 408 -17.71 62.65 -18.01
N GLN C 409 -16.87 63.12 -18.95
CA GLN C 409 -16.52 62.34 -20.12
C GLN C 409 -15.59 61.18 -19.81
N ILE C 410 -14.99 61.15 -18.63
CA ILE C 410 -14.06 60.07 -18.26
C ILE C 410 -14.90 58.97 -17.62
N ALA C 411 -15.49 58.14 -18.48
CA ALA C 411 -16.31 57.02 -18.05
C ALA C 411 -16.58 56.15 -19.27
N PRO C 412 -16.87 54.86 -19.07
CA PRO C 412 -17.23 54.00 -20.20
C PRO C 412 -18.48 54.49 -20.90
N GLY C 413 -18.48 54.37 -22.22
CA GLY C 413 -19.63 54.74 -23.03
C GLY C 413 -19.86 56.22 -23.21
N GLN C 414 -18.91 57.06 -22.79
CA GLN C 414 -19.07 58.49 -22.94
C GLN C 414 -18.71 58.95 -24.35
N THR C 415 -19.18 60.14 -24.70
CA THR C 415 -18.91 60.75 -25.99
C THR C 415 -18.46 62.19 -25.76
N GLY C 416 -17.91 62.80 -26.81
CA GLY C 416 -17.40 64.15 -26.76
C GLY C 416 -15.98 64.23 -27.30
N LYS C 417 -15.43 65.44 -27.22
CA LYS C 417 -14.07 65.65 -27.72
C LYS C 417 -13.06 64.84 -26.94
N ILE C 418 -13.08 64.94 -25.61
CA ILE C 418 -12.12 64.21 -24.80
C ILE C 418 -12.33 62.70 -24.94
N ALA C 419 -13.57 62.24 -24.82
CA ALA C 419 -13.84 60.80 -24.83
C ALA C 419 -13.43 60.17 -26.16
N ASP C 420 -13.69 60.86 -27.28
CA ASP C 420 -13.46 60.25 -28.59
C ASP C 420 -12.04 60.48 -29.10
N TYR C 421 -11.42 61.62 -28.79
CA TYR C 421 -10.16 61.99 -29.40
C TYR C 421 -8.98 62.02 -28.44
N ASN C 422 -9.22 61.97 -27.13
CA ASN C 422 -8.15 62.09 -26.14
C ASN C 422 -8.01 60.86 -25.27
N TYR C 423 -9.10 60.38 -24.67
CA TYR C 423 -9.05 59.23 -23.77
C TYR C 423 -10.40 58.54 -23.81
N LYS C 424 -10.41 57.27 -24.22
CA LYS C 424 -11.64 56.49 -24.34
C LYS C 424 -11.54 55.28 -23.44
N LEU C 425 -12.63 55.00 -22.70
CA LEU C 425 -12.69 53.84 -21.82
C LEU C 425 -13.49 52.72 -22.45
N PRO C 426 -13.10 51.47 -22.21
CA PRO C 426 -13.85 50.34 -22.78
C PRO C 426 -15.20 50.17 -22.08
N ASP C 427 -16.10 49.47 -22.78
CA ASP C 427 -17.43 49.22 -22.24
C ASP C 427 -17.36 48.38 -20.97
N ASP C 428 -16.43 47.42 -20.91
CA ASP C 428 -16.26 46.54 -19.77
C ASP C 428 -15.15 47.01 -18.83
N PHE C 429 -14.95 48.32 -18.73
CA PHE C 429 -13.89 48.85 -17.87
C PHE C 429 -14.21 48.57 -16.40
N THR C 430 -13.21 48.08 -15.67
CA THR C 430 -13.33 47.81 -14.24
C THR C 430 -12.26 48.60 -13.51
N GLY C 431 -12.69 49.55 -12.68
CA GLY C 431 -11.74 50.36 -11.94
C GLY C 431 -12.42 51.56 -11.32
N CYS C 432 -11.61 52.56 -10.96
CA CYS C 432 -12.09 53.77 -10.34
C CYS C 432 -11.56 54.98 -11.07
N VAL C 433 -12.37 56.03 -11.13
CA VAL C 433 -12.01 57.31 -11.74
C VAL C 433 -12.00 58.36 -10.63
N ILE C 434 -10.85 58.99 -10.43
CA ILE C 434 -10.66 59.96 -9.35
C ILE C 434 -10.28 61.29 -9.96
N ALA C 435 -11.02 62.34 -9.58
CA ALA C 435 -10.78 63.69 -10.08
C ALA C 435 -10.90 64.68 -8.95
N TRP C 436 -10.19 65.80 -9.07
CA TRP C 436 -10.24 66.85 -8.07
C TRP C 436 -9.79 68.16 -8.70
N ASN C 437 -10.18 69.26 -8.07
CA ASN C 437 -9.84 70.59 -8.58
C ASN C 437 -8.38 70.91 -8.33
N SER C 438 -7.75 71.55 -9.30
CA SER C 438 -6.34 71.95 -9.21
C SER C 438 -6.15 73.36 -9.72
N ASN C 439 -7.03 74.28 -9.34
CA ASN C 439 -6.91 75.66 -9.78
C ASN C 439 -5.68 76.34 -9.18
N ASN C 440 -5.21 75.87 -8.04
CA ASN C 440 -4.07 76.49 -7.39
C ASN C 440 -2.73 76.05 -7.97
N LEU C 441 -2.73 75.05 -8.85
CA LEU C 441 -1.49 74.51 -9.42
C LEU C 441 -1.37 74.74 -10.92
N ASP C 442 -2.44 74.55 -11.69
CA ASP C 442 -2.38 74.62 -13.14
C ASP C 442 -2.88 75.95 -13.69
N SER C 443 -3.06 76.96 -12.85
CA SER C 443 -3.50 78.27 -13.28
C SER C 443 -2.51 79.33 -12.81
N LYS C 444 -2.22 80.28 -13.68
CA LYS C 444 -1.32 81.38 -13.36
C LYS C 444 -1.94 82.68 -13.86
N VAL C 445 -1.24 83.79 -13.58
CA VAL C 445 -1.75 85.12 -13.94
C VAL C 445 -1.88 85.25 -15.45
N GLY C 446 -0.85 84.82 -16.18
CA GLY C 446 -0.84 84.93 -17.62
C GLY C 446 -1.59 83.85 -18.37
N GLY C 447 -2.12 82.86 -17.67
CA GLY C 447 -2.85 81.78 -18.32
C GLY C 447 -1.95 80.63 -18.73
N ASN C 448 -2.23 79.44 -18.22
CA ASN C 448 -1.41 78.27 -18.50
C ASN C 448 -1.93 77.55 -19.73
N TYR C 449 -1.14 77.54 -20.80
CA TYR C 449 -1.49 76.85 -22.03
C TYR C 449 -0.65 75.60 -22.26
N ASN C 450 0.05 75.11 -21.22
CA ASN C 450 0.89 73.93 -21.37
C ASN C 450 0.08 72.66 -21.55
N TYR C 451 -1.21 72.69 -21.22
CA TYR C 451 -2.07 71.53 -21.35
C TYR C 451 -2.86 71.61 -22.65
N LEU C 452 -2.83 70.53 -23.43
CA LEU C 452 -3.46 70.50 -24.73
C LEU C 452 -4.40 69.31 -24.83
N TYR C 453 -5.40 69.43 -25.69
CA TYR C 453 -6.34 68.36 -25.98
C TYR C 453 -6.49 68.21 -27.48
N ARG C 454 -6.79 66.98 -27.91
CA ARG C 454 -6.93 66.69 -29.33
C ARG C 454 -8.28 67.21 -29.81
N LEU C 455 -8.26 68.19 -30.71
CA LEU C 455 -9.48 68.80 -31.20
C LEU C 455 -9.99 68.16 -32.48
N PHE C 456 -9.09 67.72 -33.36
CA PHE C 456 -9.46 67.13 -34.64
C PHE C 456 -8.78 65.78 -34.80
N ARG C 457 -9.55 64.80 -35.28
CA ARG C 457 -9.01 63.47 -35.55
C ARG C 457 -9.86 62.80 -36.62
N LYS C 458 -9.27 61.83 -37.30
CA LYS C 458 -9.96 61.13 -38.38
C LYS C 458 -11.01 60.17 -37.84
N SER C 459 -10.71 59.48 -36.74
CA SER C 459 -11.62 58.49 -36.19
C SER C 459 -11.52 58.49 -34.68
N ASN C 460 -12.55 57.94 -34.03
CA ASN C 460 -12.59 57.88 -32.58
C ASN C 460 -11.51 56.96 -32.05
N LEU C 461 -10.95 57.34 -30.90
CA LEU C 461 -9.90 56.53 -30.28
C LEU C 461 -10.46 55.22 -29.75
N LYS C 462 -9.69 54.15 -29.92
CA LYS C 462 -10.03 52.87 -29.32
C LYS C 462 -9.82 52.94 -27.81
N PRO C 463 -10.46 52.04 -27.05
CA PRO C 463 -10.23 52.03 -25.60
C PRO C 463 -8.76 51.85 -25.26
N PHE C 464 -8.30 52.62 -24.29
CA PHE C 464 -6.91 52.59 -23.83
C PHE C 464 -5.93 52.79 -24.98
N GLU C 465 -6.24 53.74 -25.85
CA GLU C 465 -5.37 54.11 -26.96
C GLU C 465 -4.80 55.50 -26.70
N ARG C 466 -3.48 55.63 -26.83
CA ARG C 466 -2.78 56.90 -26.60
C ARG C 466 -2.24 57.40 -27.93
N ASP C 467 -2.73 58.54 -28.39
CA ASP C 467 -2.31 59.14 -29.64
C ASP C 467 -1.58 60.44 -29.34
N ILE C 468 -0.34 60.55 -29.83
CA ILE C 468 0.49 61.73 -29.63
C ILE C 468 0.87 62.38 -30.95
N SER C 469 0.24 61.98 -32.05
CA SER C 469 0.58 62.51 -33.37
C SER C 469 0.17 63.98 -33.48
N THR C 470 1.02 64.75 -34.16
CA THR C 470 0.76 66.17 -34.41
C THR C 470 0.55 66.43 -35.90
N GLU C 471 0.11 65.42 -36.63
CA GLU C 471 -0.13 65.57 -38.06
C GLU C 471 -1.25 66.57 -38.33
N ILE C 472 -1.06 67.39 -39.37
CA ILE C 472 -2.05 68.40 -39.70
C ILE C 472 -3.33 67.71 -40.19
N TYR C 473 -4.45 68.07 -39.58
CA TYR C 473 -5.72 67.46 -39.92
C TYR C 473 -6.21 67.99 -41.26
N GLN C 474 -6.62 67.09 -42.15
CA GLN C 474 -7.08 67.44 -43.48
C GLN C 474 -8.60 67.36 -43.49
N ALA C 475 -9.25 68.52 -43.31
CA ALA C 475 -10.70 68.58 -43.28
C ALA C 475 -11.34 68.65 -44.66
N GLY C 476 -10.53 68.84 -45.72
CA GLY C 476 -11.07 68.92 -47.06
C GLY C 476 -10.37 67.99 -48.04
N SER C 477 -10.71 68.11 -49.32
CA SER C 477 -10.09 67.27 -50.34
C SER C 477 -8.67 67.71 -50.65
N THR C 478 -8.37 68.99 -50.48
CA THR C 478 -7.03 69.49 -50.78
C THR C 478 -6.04 68.99 -49.73
N PRO C 479 -4.96 68.34 -50.13
CA PRO C 479 -3.97 67.87 -49.15
C PRO C 479 -3.30 69.03 -48.43
N CYS C 480 -2.98 68.80 -47.15
CA CYS C 480 -2.34 69.81 -46.33
C CYS C 480 -0.85 69.97 -46.63
N ASN C 481 -0.17 68.87 -46.94
CA ASN C 481 1.28 68.88 -47.19
C ASN C 481 2.06 69.43 -45.99
N GLY C 482 1.54 69.21 -44.79
CA GLY C 482 2.20 69.66 -43.59
C GLY C 482 2.10 71.14 -43.31
N VAL C 483 1.22 71.86 -44.01
CA VAL C 483 1.05 73.30 -43.84
C VAL C 483 -0.42 73.59 -43.57
N GLU C 484 -0.68 74.37 -42.52
CA GLU C 484 -2.05 74.75 -42.19
C GLU C 484 -2.64 75.65 -43.26
N GLY C 485 -3.95 75.58 -43.41
CA GLY C 485 -4.63 76.38 -44.40
C GLY C 485 -6.09 76.53 -44.11
N PHE C 486 -6.87 76.80 -45.16
CA PHE C 486 -8.31 76.97 -45.01
C PHE C 486 -8.97 75.68 -44.53
N ASN C 487 -8.55 74.54 -45.07
CA ASN C 487 -9.08 73.24 -44.70
C ASN C 487 -8.05 72.40 -43.97
N CYS C 488 -7.15 73.04 -43.22
CA CYS C 488 -6.08 72.35 -42.50
C CYS C 488 -5.89 73.03 -41.16
N TYR C 489 -6.14 72.30 -40.07
CA TYR C 489 -6.06 72.82 -38.72
C TYR C 489 -5.16 71.92 -37.87
N PHE C 490 -4.53 72.52 -36.87
CA PHE C 490 -3.71 71.76 -35.95
C PHE C 490 -4.58 70.82 -35.12
N PRO C 491 -4.20 69.56 -34.94
CA PRO C 491 -5.06 68.62 -34.22
C PRO C 491 -5.17 68.90 -32.73
N LEU C 492 -4.24 69.67 -32.16
CA LEU C 492 -4.20 69.91 -30.72
C LEU C 492 -4.56 71.37 -30.42
N GLN C 493 -5.35 71.56 -29.37
CA GLN C 493 -5.74 72.88 -28.91
C GLN C 493 -5.32 73.06 -27.45
N SER C 494 -4.77 74.22 -27.14
CA SER C 494 -4.24 74.50 -25.81
C SER C 494 -5.35 75.01 -24.89
N TYR C 495 -5.44 74.42 -23.71
CA TYR C 495 -6.39 74.90 -22.71
C TYR C 495 -5.94 76.25 -22.16
N GLY C 496 -6.88 77.17 -22.00
CA GLY C 496 -6.60 78.43 -21.37
C GLY C 496 -7.07 78.44 -19.92
N PHE C 497 -6.15 78.26 -18.98
CA PHE C 497 -6.49 78.10 -17.57
C PHE C 497 -6.25 79.43 -16.86
N GLN C 498 -7.34 80.20 -16.68
CA GLN C 498 -7.30 81.44 -15.93
C GLN C 498 -7.68 81.20 -14.47
N PRO C 499 -7.14 81.99 -13.55
CA PRO C 499 -7.51 81.81 -12.13
C PRO C 499 -8.99 82.02 -11.86
N THR C 500 -9.65 82.91 -12.58
CA THR C 500 -11.05 83.23 -12.34
C THR C 500 -11.96 82.81 -13.50
N ASN C 501 -11.56 81.80 -14.27
CA ASN C 501 -12.40 81.33 -15.36
C ASN C 501 -13.70 80.73 -14.84
N GLY C 502 -13.64 79.99 -13.73
CA GLY C 502 -14.81 79.36 -13.18
C GLY C 502 -14.61 77.89 -12.90
N VAL C 503 -15.41 77.31 -12.01
CA VAL C 503 -15.23 75.92 -11.62
C VAL C 503 -15.46 74.99 -12.82
N GLY C 504 -16.37 75.35 -13.72
CA GLY C 504 -16.60 74.55 -14.90
C GLY C 504 -15.43 74.52 -15.85
N TYR C 505 -14.65 75.60 -15.89
CA TYR C 505 -13.51 75.71 -16.79
C TYR C 505 -12.17 75.66 -16.05
N GLN C 506 -12.20 75.38 -14.75
CA GLN C 506 -10.97 75.27 -13.97
C GLN C 506 -10.26 73.95 -14.31
N PRO C 507 -8.93 73.92 -14.20
CA PRO C 507 -8.21 72.67 -14.44
C PRO C 507 -8.48 71.65 -13.34
N TYR C 508 -8.63 70.39 -13.74
CA TYR C 508 -8.90 69.29 -12.82
C TYR C 508 -7.91 68.17 -13.08
N ARG C 509 -7.33 67.65 -12.00
CA ARG C 509 -6.44 66.51 -12.08
C ARG C 509 -7.25 65.22 -11.97
N VAL C 510 -7.16 64.38 -13.00
CA VAL C 510 -7.94 63.15 -13.09
C VAL C 510 -6.98 61.96 -13.15
N VAL C 511 -7.17 61.01 -12.25
CA VAL C 511 -6.39 59.78 -12.20
C VAL C 511 -7.35 58.61 -12.39
N VAL C 512 -7.08 57.79 -13.41
CA VAL C 512 -7.90 56.63 -13.72
C VAL C 512 -7.12 55.38 -13.35
N LEU C 513 -7.67 54.60 -12.42
CA LEU C 513 -7.08 53.34 -12.00
C LEU C 513 -7.91 52.19 -12.57
N SER C 514 -7.26 51.33 -13.34
CA SER C 514 -7.91 50.18 -13.97
C SER C 514 -7.37 48.90 -13.36
N PHE C 515 -8.27 48.01 -12.94
CA PHE C 515 -7.91 46.74 -12.33
C PHE C 515 -8.30 45.60 -13.27
N GLU C 516 -7.33 44.75 -13.57
CA GLU C 516 -7.54 43.60 -14.46
C GLU C 516 -7.27 42.31 -13.69
N LEU C 517 -8.09 41.29 -13.95
CA LEU C 517 -7.99 40.00 -13.28
C LEU C 517 -7.75 38.92 -14.33
N LEU C 518 -6.48 38.58 -14.56
CA LEU C 518 -6.12 37.52 -15.48
C LEU C 518 -5.94 36.21 -14.73
N HIS C 519 -5.54 35.17 -15.44
CA HIS C 519 -5.32 33.87 -14.83
C HIS C 519 -3.98 33.79 -14.09
N ALA C 520 -3.10 34.78 -14.29
CA ALA C 520 -1.86 34.81 -13.54
C ALA C 520 -2.11 35.15 -12.08
N PRO C 521 -1.24 34.71 -11.17
CA PRO C 521 -1.44 35.05 -9.76
C PRO C 521 -1.41 36.55 -9.52
N ALA C 522 -2.24 37.00 -8.59
CA ALA C 522 -2.34 38.42 -8.30
C ALA C 522 -1.05 38.93 -7.65
N THR C 523 -0.67 40.15 -8.01
CA THR C 523 0.52 40.79 -7.48
C THR C 523 0.24 41.86 -6.45
N VAL C 524 -1.02 42.31 -6.33
CA VAL C 524 -1.39 43.38 -5.41
C VAL C 524 -2.48 42.85 -4.49
N CYS C 525 -2.30 43.06 -3.18
CA CYS C 525 -3.28 42.63 -2.19
C CYS C 525 -3.29 43.61 -1.04
N GLY C 526 -4.39 43.61 -0.29
CA GLY C 526 -4.55 44.50 0.82
C GLY C 526 -3.72 44.09 2.03
N PRO C 527 -3.54 45.01 2.97
CA PRO C 527 -2.78 44.69 4.18
C PRO C 527 -3.47 43.62 5.01
N LYS C 528 -2.66 42.83 5.72
CA LYS C 528 -3.16 41.76 6.56
C LYS C 528 -3.47 42.30 7.95
N LYS C 529 -4.00 41.43 8.81
CA LYS C 529 -4.42 41.79 10.15
C LYS C 529 -3.51 41.13 11.19
N SER C 530 -3.41 41.76 12.35
CA SER C 530 -2.55 41.30 13.42
C SER C 530 -3.32 41.25 14.72
N THR C 531 -2.84 40.41 15.64
CA THR C 531 -3.47 40.23 16.94
C THR C 531 -2.38 40.20 18.01
N ASN C 532 -2.72 40.67 19.20
CA ASN C 532 -1.76 40.75 20.29
C ASN C 532 -1.29 39.36 20.70
N LEU C 533 -0.03 39.27 21.12
CA LEU C 533 0.55 38.00 21.53
C LEU C 533 -0.17 37.43 22.76
N VAL C 534 -0.23 36.10 22.81
CA VAL C 534 -0.76 35.37 23.95
C VAL C 534 0.30 34.39 24.41
N LYS C 535 0.64 34.44 25.69
CA LYS C 535 1.69 33.61 26.26
C LYS C 535 1.12 32.72 27.36
N ASN C 536 1.71 31.54 27.51
CA ASN C 536 1.29 30.55 28.50
C ASN C 536 -0.17 30.14 28.34
N LYS C 537 -0.67 30.12 27.11
CA LYS C 537 -2.03 29.70 26.84
C LYS C 537 -2.07 29.13 25.43
N CYS C 538 -2.42 27.85 25.31
CA CYS C 538 -2.38 27.19 24.01
C CYS C 538 -3.35 27.84 23.04
N VAL C 539 -2.84 28.16 21.84
CA VAL C 539 -3.60 28.86 20.82
C VAL C 539 -3.22 28.29 19.46
N ASN C 540 -3.85 28.81 18.41
CA ASN C 540 -3.49 28.50 17.04
C ASN C 540 -2.77 29.69 16.45
N PHE C 541 -1.51 29.51 16.07
CA PHE C 541 -0.67 30.60 15.59
C PHE C 541 -0.30 30.37 14.13
N ASN C 542 -0.37 31.45 13.35
CA ASN C 542 0.01 31.46 11.94
C ASN C 542 0.97 32.63 11.75
N PHE C 543 2.26 32.38 11.95
CA PHE C 543 3.29 33.41 11.82
C PHE C 543 3.85 33.35 10.40
N ASN C 544 3.32 34.21 9.52
CA ASN C 544 3.82 34.35 8.15
C ASN C 544 3.78 33.04 7.38
N GLY C 545 2.84 32.16 7.72
CA GLY C 545 2.63 30.91 7.00
C GLY C 545 3.06 29.66 7.73
N LEU C 546 3.52 29.76 8.97
CA LEU C 546 3.87 28.54 9.71
C LEU C 546 2.62 27.77 10.14
N THR C 547 1.51 28.47 10.39
CA THR C 547 0.20 27.91 10.75
C THR C 547 0.33 26.69 11.65
N GLY C 548 1.00 26.89 12.78
CA GLY C 548 1.18 25.84 13.76
C GLY C 548 0.14 25.89 14.88
N THR C 549 0.17 24.86 15.72
CA THR C 549 -0.72 24.76 16.86
C THR C 549 0.08 24.40 18.11
N GLY C 550 -0.37 24.90 19.25
CA GLY C 550 0.33 24.65 20.50
C GLY C 550 0.30 25.84 21.43
N VAL C 551 1.31 25.97 22.28
CA VAL C 551 1.41 27.06 23.24
C VAL C 551 2.74 27.77 23.05
N LEU C 552 2.73 29.08 23.20
CA LEU C 552 3.90 29.93 23.02
C LEU C 552 4.43 30.37 24.36
N THR C 553 5.74 30.22 24.57
CA THR C 553 6.39 30.53 25.83
C THR C 553 7.60 31.40 25.57
N GLU C 554 7.83 32.39 26.45
CA GLU C 554 9.01 33.22 26.37
C GLU C 554 10.26 32.36 26.57
N SER C 555 11.32 32.69 25.83
CA SER C 555 12.53 31.87 25.79
C SER C 555 13.74 32.69 26.19
N ASN C 556 14.88 31.99 26.26
CA ASN C 556 16.17 32.60 26.47
C ASN C 556 17.13 32.44 25.31
N LYS C 557 16.88 31.49 24.41
CA LYS C 557 17.75 31.27 23.27
C LYS C 557 17.69 32.47 22.32
N LYS C 558 18.83 32.76 21.69
CA LYS C 558 18.96 33.88 20.78
C LYS C 558 19.40 33.37 19.41
N PHE C 559 18.71 33.80 18.37
CA PHE C 559 19.03 33.39 17.01
C PHE C 559 20.02 34.38 16.39
N LEU C 560 20.53 34.02 15.23
CA LEU C 560 21.24 34.98 14.40
C LEU C 560 20.24 36.03 13.93
N PRO C 561 20.67 37.29 13.74
CA PRO C 561 19.72 38.35 13.39
C PRO C 561 18.86 38.05 12.16
N PHE C 562 19.40 37.37 11.15
CA PHE C 562 18.59 37.05 10.00
C PHE C 562 17.67 35.85 10.24
N GLN C 563 18.09 34.91 11.08
CA GLN C 563 17.32 33.69 11.30
C GLN C 563 15.95 34.00 11.87
N GLN C 564 14.92 33.35 11.32
CA GLN C 564 13.55 33.57 11.75
C GLN C 564 13.04 32.49 12.70
N PHE C 565 12.99 31.24 12.25
CA PHE C 565 12.44 30.17 13.07
C PHE C 565 13.34 28.94 12.97
N GLY C 566 13.28 28.11 14.01
CA GLY C 566 14.15 26.96 14.11
C GLY C 566 13.35 25.68 14.35
N ARG C 567 14.03 24.57 14.16
CA ARG C 567 13.45 23.24 14.30
C ARG C 567 14.20 22.46 15.37
N ASP C 568 13.75 21.23 15.60
CA ASP C 568 14.36 20.32 16.55
C ASP C 568 15.41 19.47 15.83
N ILE C 569 15.88 18.42 16.50
CA ILE C 569 16.74 17.45 15.85
C ILE C 569 15.97 16.71 14.76
N ALA C 570 14.70 16.42 15.02
CA ALA C 570 13.87 15.60 14.12
C ALA C 570 13.12 16.42 13.09
N ASP C 571 13.58 17.65 12.80
CA ASP C 571 13.01 18.47 11.73
C ASP C 571 11.52 18.76 11.96
N THR C 572 11.17 19.12 13.19
CA THR C 572 9.83 19.57 13.51
C THR C 572 9.90 20.98 14.10
N THR C 573 8.81 21.73 13.94
CA THR C 573 8.79 23.11 14.39
C THR C 573 9.04 23.19 15.89
N ASP C 574 9.99 24.05 16.28
CA ASP C 574 10.36 24.20 17.68
C ASP C 574 10.17 25.62 18.19
N ALA C 575 10.62 26.63 17.45
CA ALA C 575 10.54 28.00 17.93
C ALA C 575 10.38 28.94 16.74
N VAL C 576 9.66 30.03 16.96
CA VAL C 576 9.42 31.04 15.95
C VAL C 576 9.69 32.41 16.55
N ARG C 577 10.01 33.37 15.68
CA ARG C 577 10.33 34.73 16.09
C ARG C 577 9.16 35.65 15.78
N ASP C 578 8.94 36.62 16.65
CA ASP C 578 7.86 37.58 16.46
C ASP C 578 8.12 38.42 15.23
N PRO C 579 7.23 38.45 14.25
CA PRO C 579 7.39 39.40 13.14
C PRO C 579 7.33 40.85 13.58
N GLN C 580 6.65 41.16 14.68
CA GLN C 580 6.57 42.53 15.15
C GLN C 580 7.81 42.93 15.95
N THR C 581 8.04 42.27 17.08
CA THR C 581 9.17 42.58 17.94
C THR C 581 10.37 41.72 17.53
N LEU C 582 11.39 41.69 18.38
CA LEU C 582 12.55 40.83 18.18
C LEU C 582 12.71 39.99 19.45
N GLU C 583 11.98 38.88 19.51
CA GLU C 583 12.06 37.97 20.63
C GLU C 583 11.85 36.55 20.13
N ILE C 584 12.37 35.59 20.89
CA ILE C 584 12.34 34.19 20.53
C ILE C 584 11.39 33.46 21.46
N LEU C 585 10.51 32.65 20.88
CA LEU C 585 9.45 31.98 21.64
C LEU C 585 9.51 30.49 21.34
N ASP C 586 9.60 29.68 22.39
CA ASP C 586 9.47 28.23 22.23
C ASP C 586 8.05 27.87 21.82
N ILE C 587 7.94 26.76 21.10
CA ILE C 587 6.66 26.24 20.64
C ILE C 587 6.54 24.82 21.17
N THR C 588 5.96 24.68 22.34
CA THR C 588 5.76 23.28 22.65
C THR C 588 4.30 22.90 22.43
N PRO C 589 4.05 21.68 21.94
CA PRO C 589 2.67 21.26 21.67
C PRO C 589 1.82 21.30 22.94
N CYS C 590 0.53 21.53 22.75
CA CYS C 590 -0.40 21.62 23.86
C CYS C 590 -0.36 20.34 24.68
N SER C 591 -0.45 20.48 26.00
CA SER C 591 -0.29 19.36 26.90
C SER C 591 -1.33 18.28 26.60
N PHE C 592 -0.88 17.04 26.54
CA PHE C 592 -1.76 15.91 26.28
C PHE C 592 -1.19 14.67 26.96
N GLY C 593 -2.05 13.69 27.16
CA GLY C 593 -1.62 12.43 27.72
C GLY C 593 -2.82 11.57 28.04
N GLY C 594 -2.56 10.28 28.17
CA GLY C 594 -3.61 9.34 28.51
C GLY C 594 -4.15 9.57 29.90
N VAL C 595 -5.46 9.42 30.05
CA VAL C 595 -6.13 9.53 31.35
C VAL C 595 -6.25 8.14 31.94
N SER C 596 -5.88 8.01 33.21
CA SER C 596 -5.86 6.72 33.89
C SER C 596 -6.86 6.73 35.04
N VAL C 597 -7.38 5.53 35.34
CA VAL C 597 -8.33 5.34 36.43
C VAL C 597 -7.70 4.41 37.46
N ILE C 598 -7.68 4.85 38.71
CA ILE C 598 -7.24 4.03 39.83
C ILE C 598 -8.48 3.55 40.57
N THR C 599 -8.70 2.24 40.60
CA THR C 599 -9.84 1.70 41.29
C THR C 599 -9.46 0.43 42.04
N PRO C 600 -10.07 0.19 43.20
CA PRO C 600 -9.98 -1.11 43.85
C PRO C 600 -11.03 -2.04 43.23
N GLY C 601 -11.12 -3.24 43.79
CA GLY C 601 -12.10 -4.21 43.32
C GLY C 601 -13.52 -3.70 43.41
N THR C 602 -14.26 -3.77 42.30
CA THR C 602 -15.63 -3.28 42.30
C THR C 602 -16.49 -4.00 43.31
N ASN C 603 -16.22 -5.28 43.54
CA ASN C 603 -16.93 -6.03 44.57
C ASN C 603 -16.58 -5.56 45.98
N THR C 604 -15.51 -4.79 46.13
CA THR C 604 -15.07 -4.30 47.44
C THR C 604 -15.50 -2.86 47.69
N SER C 605 -15.36 -1.99 46.70
CA SER C 605 -15.71 -0.58 46.85
C SER C 605 -16.27 -0.06 45.54
N ASN C 606 -16.68 1.21 45.54
CA ASN C 606 -17.26 1.83 44.36
C ASN C 606 -16.74 3.25 44.14
N GLN C 607 -15.68 3.64 44.83
CA GLN C 607 -15.10 4.97 44.72
C GLN C 607 -13.80 4.90 43.94
N VAL C 608 -13.62 5.85 43.02
CA VAL C 608 -12.46 5.85 42.13
C VAL C 608 -11.80 7.20 42.15
N ALA C 609 -10.51 7.22 41.82
CA ALA C 609 -9.74 8.44 41.70
C ALA C 609 -9.06 8.46 40.33
N VAL C 610 -9.25 9.55 39.60
CA VAL C 610 -8.67 9.67 38.26
C VAL C 610 -7.25 10.19 38.38
N LEU C 611 -6.42 9.86 37.38
CA LEU C 611 -5.04 10.28 37.34
C LEU C 611 -4.69 10.70 35.91
N TYR C 612 -4.05 11.85 35.78
CA TYR C 612 -3.64 12.37 34.48
C TYR C 612 -2.13 12.25 34.34
N GLN C 613 -1.68 11.79 33.18
CA GLN C 613 -0.27 11.51 32.94
C GLN C 613 0.38 12.62 32.13
N ASP C 614 1.60 12.99 32.53
CA ASP C 614 2.44 13.93 31.81
C ASP C 614 1.74 15.28 31.62
N VAL C 615 0.98 15.70 32.62
CA VAL C 615 0.34 17.01 32.58
C VAL C 615 0.09 17.52 33.99
N ASN C 616 0.48 18.76 34.25
CA ASN C 616 0.17 19.39 35.52
C ASN C 616 -1.31 19.76 35.57
N CYS C 617 -1.92 19.59 36.72
CA CYS C 617 -3.35 19.89 36.87
C CYS C 617 -3.65 21.37 36.89
N THR C 618 -2.68 22.27 36.67
CA THR C 618 -3.03 23.67 36.49
C THR C 618 -3.83 23.89 35.23
N GLU C 619 -3.79 22.94 34.29
CA GLU C 619 -4.46 23.05 33.01
C GLU C 619 -5.60 22.04 32.85
N VAL C 620 -5.92 21.30 33.90
CA VAL C 620 -6.96 20.27 33.81
C VAL C 620 -8.31 20.89 33.52
N TYR C 636 -13.90 12.91 37.13
CA TYR C 636 -14.19 13.86 38.20
C TYR C 636 -13.56 15.21 37.91
N SER C 637 -14.33 16.27 38.14
CA SER C 637 -13.82 17.62 37.95
C SER C 637 -12.82 17.96 39.06
N THR C 638 -12.04 19.00 38.82
CA THR C 638 -11.01 19.41 39.75
C THR C 638 -11.62 19.97 41.03
N GLY C 639 -10.79 20.08 42.06
CA GLY C 639 -11.20 20.64 43.33
C GLY C 639 -11.50 19.62 44.42
N SER C 640 -11.28 18.34 44.18
CA SER C 640 -11.55 17.29 45.16
C SER C 640 -10.22 16.65 45.54
N ASN C 641 -9.55 17.24 46.53
CA ASN C 641 -8.29 16.72 47.06
C ASN C 641 -7.25 16.57 45.95
N VAL C 642 -6.91 17.69 45.33
CA VAL C 642 -5.94 17.69 44.25
C VAL C 642 -4.54 17.44 44.80
N PHE C 643 -3.88 16.42 44.28
CA PHE C 643 -2.51 16.10 44.66
C PHE C 643 -1.69 15.85 43.40
N GLN C 644 -0.46 16.34 43.39
CA GLN C 644 0.40 16.24 42.22
C GLN C 644 1.63 15.40 42.55
N THR C 645 2.13 14.68 41.54
CA THR C 645 3.30 13.84 41.71
C THR C 645 4.08 13.84 40.39
N ARG C 646 5.20 13.12 40.38
CA ARG C 646 6.02 13.06 39.17
C ARG C 646 5.26 12.40 38.02
N ALA C 647 4.49 11.35 38.32
CA ALA C 647 3.70 10.71 37.28
C ALA C 647 2.62 11.63 36.74
N GLY C 648 2.15 12.56 37.57
CA GLY C 648 1.11 13.48 37.14
C GLY C 648 0.46 14.11 38.36
N CYS C 649 -0.72 14.68 38.13
CA CYS C 649 -1.50 15.30 39.20
C CYS C 649 -2.82 14.55 39.29
N LEU C 650 -2.86 13.53 40.14
CA LEU C 650 -4.05 12.71 40.31
C LEU C 650 -5.13 13.47 41.07
N ILE C 651 -6.38 13.11 40.80
CA ILE C 651 -7.54 13.75 41.41
C ILE C 651 -8.40 12.66 42.03
N GLY C 652 -8.82 12.87 43.28
CA GLY C 652 -9.70 11.95 43.97
C GLY C 652 -9.05 11.16 45.08
N ALA C 653 -7.77 11.37 45.35
CA ALA C 653 -7.09 10.67 46.44
C ALA C 653 -6.33 11.68 47.29
N GLU C 654 -6.17 11.36 48.57
CA GLU C 654 -5.49 12.22 49.52
C GLU C 654 -4.10 11.67 49.82
N HIS C 655 -3.10 12.53 49.72
CA HIS C 655 -1.73 12.13 50.00
C HIS C 655 -1.54 11.87 51.48
N VAL C 656 -0.57 11.02 51.81
CA VAL C 656 -0.31 10.65 53.19
C VAL C 656 1.16 10.26 53.32
N ASN C 657 1.80 10.75 54.39
CA ASN C 657 3.18 10.34 54.67
C ASN C 657 3.23 8.89 55.12
N ASN C 658 2.27 8.46 55.92
CA ASN C 658 2.17 7.08 56.35
C ASN C 658 2.07 6.19 55.12
N SER C 659 3.10 5.39 54.88
CA SER C 659 3.26 4.68 53.63
C SER C 659 3.31 3.18 53.90
N TYR C 660 2.66 2.41 53.04
CA TYR C 660 2.54 0.97 53.19
C TYR C 660 3.19 0.28 51.98
N GLU C 661 3.10 -1.05 51.97
CA GLU C 661 3.64 -1.80 50.83
C GLU C 661 2.80 -1.55 49.59
N CYS C 662 3.47 -1.47 48.45
CA CYS C 662 2.82 -1.04 47.22
C CYS C 662 1.80 -2.06 46.74
N ASP C 663 0.67 -1.57 46.24
CA ASP C 663 -0.41 -2.41 45.76
C ASP C 663 -0.75 -2.17 44.30
N ILE C 664 -0.84 -0.91 43.89
CA ILE C 664 -1.27 -0.55 42.54
C ILE C 664 -0.15 0.26 41.88
N PRO C 665 0.29 -0.09 40.68
CA PRO C 665 1.34 0.68 40.01
C PRO C 665 0.82 2.01 39.49
N ILE C 666 1.62 3.06 39.70
CA ILE C 666 1.33 4.37 39.13
C ILE C 666 2.56 4.87 38.38
N GLY C 667 3.69 4.91 39.06
CA GLY C 667 4.92 5.41 38.52
C GLY C 667 5.63 6.30 39.53
N ALA C 668 6.94 6.39 39.40
CA ALA C 668 7.77 7.24 40.25
C ALA C 668 7.56 6.94 41.73
N GLY C 669 7.40 5.65 42.04
CA GLY C 669 7.28 5.23 43.43
C GLY C 669 5.98 5.57 44.11
N ILE C 670 4.94 5.90 43.35
CA ILE C 670 3.64 6.25 43.90
C ILE C 670 2.71 5.07 43.76
N CYS C 671 2.05 4.69 44.85
CA CYS C 671 1.11 3.57 44.85
C CYS C 671 -0.14 3.96 45.61
N ALA C 672 -1.29 3.47 45.12
CA ALA C 672 -2.58 3.79 45.70
C ALA C 672 -3.28 2.51 46.15
N SER C 673 -4.03 2.62 47.25
CA SER C 673 -4.73 1.47 47.81
C SER C 673 -5.96 1.97 48.56
N TYR C 674 -6.87 1.04 48.84
CA TYR C 674 -8.09 1.34 49.57
C TYR C 674 -7.90 0.95 51.03
N GLN C 675 -7.98 1.93 51.91
CA GLN C 675 -7.73 1.72 53.33
C GLN C 675 -8.33 2.87 54.12
N THR C 676 -8.79 2.57 55.33
CA THR C 676 -9.34 3.58 56.21
C THR C 676 -8.24 4.42 56.82
N SER C 686 -15.28 7.19 56.22
CA SER C 686 -14.09 6.76 56.96
C SER C 686 -13.17 5.91 56.08
N GLN C 687 -13.55 5.76 54.81
CA GLN C 687 -12.78 5.00 53.85
C GLN C 687 -12.54 5.87 52.62
N SER C 688 -11.28 5.92 52.16
CA SER C 688 -10.92 6.72 51.00
C SER C 688 -9.67 6.14 50.38
N ILE C 689 -9.46 6.47 49.10
CA ILE C 689 -8.28 6.03 48.38
C ILE C 689 -7.11 6.96 48.72
N ILE C 690 -5.98 6.37 49.11
CA ILE C 690 -4.80 7.13 49.50
C ILE C 690 -3.66 6.81 48.54
N ALA C 691 -2.94 7.86 48.13
CA ALA C 691 -1.77 7.73 47.27
C ALA C 691 -0.56 8.24 48.01
N TYR C 692 0.56 7.51 47.89
CA TYR C 692 1.71 7.79 48.73
C TYR C 692 2.98 7.30 48.04
N THR C 693 4.11 7.85 48.46
CA THR C 693 5.40 7.30 48.08
C THR C 693 5.55 5.94 48.73
N MET C 694 5.79 4.91 47.92
CA MET C 694 5.66 3.54 48.38
C MET C 694 6.68 3.20 49.45
N SER C 695 6.22 2.57 50.52
CA SER C 695 7.12 1.89 51.44
C SER C 695 7.65 0.64 50.77
N LEU C 696 8.80 0.17 51.23
CA LEU C 696 9.46 -0.94 50.58
C LEU C 696 9.48 -2.21 51.42
N GLY C 697 9.29 -2.09 52.73
CA GLY C 697 9.34 -3.22 53.62
C GLY C 697 9.73 -2.75 55.02
N ALA C 698 10.31 -3.67 55.77
CA ALA C 698 10.81 -3.39 57.11
C ALA C 698 12.33 -3.36 57.08
N GLU C 699 12.90 -2.28 57.60
CA GLU C 699 14.36 -2.15 57.65
C GLU C 699 14.88 -3.05 58.75
N ASN C 700 15.17 -4.30 58.41
CA ASN C 700 15.63 -5.30 59.36
C ASN C 700 17.14 -5.22 59.44
N SER C 701 17.63 -4.29 60.26
CA SER C 701 19.06 -4.17 60.49
C SER C 701 19.58 -5.46 61.12
N VAL C 702 20.72 -5.93 60.63
CA VAL C 702 21.26 -7.23 61.03
C VAL C 702 22.41 -7.00 61.99
N ALA C 703 22.45 -7.79 63.07
CA ALA C 703 23.44 -7.64 64.13
C ALA C 703 24.75 -8.29 63.69
N TYR C 704 25.55 -7.50 62.98
CA TYR C 704 26.89 -7.91 62.58
C TYR C 704 27.92 -7.39 63.56
N SER C 705 29.00 -8.16 63.75
CA SER C 705 30.07 -7.76 64.65
C SER C 705 31.33 -8.55 64.31
N ASN C 706 32.29 -8.55 65.22
CA ASN C 706 33.49 -9.37 65.09
C ASN C 706 33.11 -10.84 64.92
N ASN C 707 32.48 -11.40 65.95
CA ASN C 707 32.42 -12.84 66.19
C ASN C 707 31.00 -13.27 66.50
N SER C 708 30.03 -12.83 65.71
CA SER C 708 28.63 -13.19 65.93
C SER C 708 28.16 -14.07 64.78
N ILE C 709 27.66 -15.26 65.09
CA ILE C 709 27.09 -16.16 64.09
C ILE C 709 25.76 -16.67 64.58
N ALA C 710 24.91 -17.07 63.63
CA ALA C 710 23.58 -17.59 63.93
C ALA C 710 23.34 -18.86 63.15
N ILE C 711 22.79 -19.86 63.83
CA ILE C 711 22.49 -21.16 63.23
C ILE C 711 21.04 -21.50 63.50
N PRO C 712 20.27 -21.92 62.51
CA PRO C 712 18.87 -22.27 62.75
C PRO C 712 18.75 -23.48 63.66
N THR C 713 17.63 -23.56 64.37
CA THR C 713 17.36 -24.67 65.25
C THR C 713 16.12 -25.45 64.87
N ASN C 714 15.39 -25.04 63.82
CA ASN C 714 14.20 -25.75 63.39
C ASN C 714 14.03 -25.54 61.90
N PHE C 715 13.29 -26.45 61.27
CA PHE C 715 13.10 -26.45 59.82
C PHE C 715 11.61 -26.52 59.49
N THR C 716 11.27 -26.03 58.30
CA THR C 716 9.87 -25.96 57.87
C THR C 716 9.82 -26.28 56.39
N ILE C 717 9.17 -27.40 56.04
CA ILE C 717 9.05 -27.82 54.66
C ILE C 717 7.90 -27.08 54.00
N SER C 718 8.20 -25.94 53.36
CA SER C 718 7.17 -25.15 52.72
C SER C 718 6.99 -25.56 51.28
N VAL C 719 5.74 -25.55 50.81
CA VAL C 719 5.40 -25.89 49.45
C VAL C 719 5.05 -24.62 48.71
N THR C 720 5.84 -24.29 47.69
CA THR C 720 5.67 -23.05 46.93
C THR C 720 5.39 -23.39 45.48
N THR C 721 4.38 -22.74 44.92
CA THR C 721 3.98 -22.98 43.54
C THR C 721 4.72 -22.07 42.58
N GLU C 722 4.81 -22.51 41.33
CA GLU C 722 5.41 -21.76 40.25
C GLU C 722 4.80 -22.23 38.94
N ILE C 723 4.35 -21.28 38.13
CA ILE C 723 3.59 -21.61 36.92
C ILE C 723 4.37 -21.16 35.70
N LEU C 724 4.40 -22.00 34.68
CA LEU C 724 5.06 -21.68 33.42
C LEU C 724 4.19 -22.14 32.26
N PRO C 725 3.83 -21.24 31.34
CA PRO C 725 3.04 -21.67 30.17
C PRO C 725 3.86 -22.60 29.30
N VAL C 726 3.18 -23.60 28.72
CA VAL C 726 3.89 -24.60 27.94
C VAL C 726 3.34 -24.69 26.53
N SER C 727 2.06 -24.34 26.35
CA SER C 727 1.45 -24.43 25.03
C SER C 727 0.13 -23.67 25.03
N MET C 728 -0.05 -22.84 24.02
CA MET C 728 -1.28 -22.12 23.76
C MET C 728 -2.07 -22.84 22.67
N THR C 729 -3.15 -22.23 22.20
CA THR C 729 -4.03 -22.90 21.25
C THR C 729 -3.31 -23.11 19.92
N LYS C 730 -3.38 -24.33 19.40
CA LYS C 730 -2.71 -24.68 18.15
C LYS C 730 -3.43 -24.05 16.96
N THR C 731 -3.36 -22.73 16.84
CA THR C 731 -4.13 -22.03 15.81
C THR C 731 -3.55 -22.28 14.42
N SER C 732 -4.45 -22.34 13.44
CA SER C 732 -4.09 -22.45 12.03
C SER C 732 -5.08 -21.65 11.21
N VAL C 733 -4.62 -21.10 10.09
CA VAL C 733 -5.43 -20.22 9.25
C VAL C 733 -5.26 -20.62 7.80
N ASP C 734 -6.36 -20.61 7.06
CA ASP C 734 -6.35 -20.79 5.61
C ASP C 734 -6.37 -19.41 4.96
N CYS C 735 -5.30 -19.08 4.24
CA CYS C 735 -5.11 -17.72 3.74
C CYS C 735 -6.19 -17.34 2.74
N THR C 736 -6.39 -18.16 1.71
CA THR C 736 -7.24 -17.77 0.59
C THR C 736 -8.69 -17.54 1.03
N MET C 737 -9.23 -18.43 1.85
CA MET C 737 -10.63 -18.31 2.23
C MET C 737 -10.85 -17.15 3.20
N TYR C 738 -9.86 -16.86 4.04
CA TYR C 738 -9.98 -15.68 4.90
C TYR C 738 -9.93 -14.40 4.07
N ILE C 739 -9.01 -14.31 3.11
CA ILE C 739 -8.92 -13.11 2.29
C ILE C 739 -10.19 -12.94 1.45
N CYS C 740 -10.67 -14.03 0.85
CA CYS C 740 -11.80 -13.96 -0.06
C CYS C 740 -12.78 -15.07 0.26
N GLY C 741 -14.07 -14.74 0.23
CA GLY C 741 -15.12 -15.70 0.50
C GLY C 741 -15.33 -16.66 -0.65
N ASP C 742 -16.59 -17.10 -0.81
CA ASP C 742 -16.91 -18.09 -1.83
C ASP C 742 -16.78 -17.55 -3.24
N SER C 743 -16.63 -16.24 -3.41
CA SER C 743 -16.53 -15.67 -4.75
C SER C 743 -15.21 -16.07 -5.39
N THR C 744 -15.28 -16.53 -6.64
CA THR C 744 -14.08 -16.94 -7.37
C THR C 744 -13.28 -15.74 -7.85
N GLU C 745 -13.94 -14.60 -8.08
CA GLU C 745 -13.24 -13.43 -8.60
C GLU C 745 -12.17 -12.94 -7.61
N CYS C 746 -12.52 -12.88 -6.33
CA CYS C 746 -11.55 -12.43 -5.33
C CYS C 746 -10.41 -13.42 -5.20
N SER C 747 -10.70 -14.72 -5.29
CA SER C 747 -9.64 -15.72 -5.25
C SER C 747 -8.69 -15.55 -6.42
N ASN C 748 -9.23 -15.30 -7.61
CA ASN C 748 -8.39 -15.07 -8.78
C ASN C 748 -7.53 -13.83 -8.58
N LEU C 749 -8.11 -12.75 -8.05
CA LEU C 749 -7.34 -11.54 -7.81
C LEU C 749 -6.21 -11.79 -6.81
N LEU C 750 -6.51 -12.51 -5.73
CA LEU C 750 -5.49 -12.81 -4.72
C LEU C 750 -4.38 -13.68 -5.30
N LEU C 751 -4.74 -14.62 -6.19
CA LEU C 751 -3.73 -15.50 -6.75
C LEU C 751 -2.66 -14.72 -7.50
N GLN C 752 -3.08 -13.72 -8.29
CA GLN C 752 -2.10 -12.89 -8.98
C GLN C 752 -1.52 -11.82 -8.05
N TYR C 753 -2.13 -11.61 -6.88
CA TYR C 753 -1.58 -10.62 -5.95
C TYR C 753 -0.17 -11.00 -5.51
N GLY C 754 0.09 -12.27 -5.25
CA GLY C 754 1.41 -12.67 -4.84
C GLY C 754 1.41 -14.07 -4.26
N SER C 755 2.52 -14.40 -3.59
CA SER C 755 2.70 -15.70 -2.96
C SER C 755 2.67 -15.63 -1.43
N PHE C 756 1.99 -14.64 -0.87
CA PHE C 756 1.89 -14.53 0.59
C PHE C 756 1.16 -15.73 1.18
N CYS C 757 0.12 -16.21 0.51
CA CYS C 757 -0.74 -17.23 1.12
C CYS C 757 0.04 -18.51 1.43
N THR C 758 0.80 -19.01 0.46
CA THR C 758 1.52 -20.26 0.67
C THR C 758 2.55 -20.12 1.79
N GLN C 759 3.38 -19.09 1.71
CA GLN C 759 4.42 -18.91 2.73
C GLN C 759 3.81 -18.72 4.11
N LEU C 760 2.73 -17.95 4.21
CA LEU C 760 2.18 -17.62 5.52
C LEU C 760 1.43 -18.80 6.13
N ASN C 761 0.71 -19.56 5.30
CA ASN C 761 0.12 -20.81 5.77
C ASN C 761 1.19 -21.76 6.24
N ARG C 762 2.30 -21.86 5.50
CA ARG C 762 3.40 -22.72 5.92
C ARG C 762 3.97 -22.25 7.25
N ALA C 763 4.11 -20.93 7.42
CA ALA C 763 4.64 -20.41 8.68
C ALA C 763 3.72 -20.73 9.84
N LEU C 764 2.41 -20.60 9.65
CA LEU C 764 1.47 -20.92 10.72
C LEU C 764 1.52 -22.42 11.06
N THR C 765 1.58 -23.27 10.05
CA THR C 765 1.70 -24.71 10.30
C THR C 765 3.00 -25.02 11.02
N GLY C 766 4.07 -24.28 10.68
CA GLY C 766 5.31 -24.43 11.40
C GLY C 766 5.18 -24.03 12.86
N ILE C 767 4.44 -22.96 13.13
CA ILE C 767 4.14 -22.58 14.50
C ILE C 767 3.44 -23.72 15.22
N ALA C 768 2.45 -24.32 14.56
CA ALA C 768 1.69 -25.40 15.18
C ALA C 768 2.60 -26.59 15.51
N VAL C 769 3.37 -27.05 14.54
CA VAL C 769 4.22 -28.22 14.76
C VAL C 769 5.31 -27.90 15.77
N GLU C 770 5.82 -26.67 15.77
CA GLU C 770 6.83 -26.28 16.75
C GLU C 770 6.26 -26.29 18.15
N GLN C 771 5.03 -25.80 18.32
CA GLN C 771 4.41 -25.85 19.64
C GLN C 771 4.17 -27.29 20.09
N ASP C 772 3.74 -28.16 19.17
CA ASP C 772 3.54 -29.55 19.53
C ASP C 772 4.85 -30.21 19.96
N LYS C 773 5.92 -29.97 19.20
CA LYS C 773 7.23 -30.47 19.58
C LYS C 773 7.66 -29.89 20.93
N ASN C 774 7.33 -28.63 21.18
CA ASN C 774 7.65 -28.00 22.45
C ASN C 774 6.95 -28.72 23.60
N THR C 775 5.66 -29.01 23.42
CA THR C 775 4.93 -29.75 24.45
C THR C 775 5.57 -31.09 24.70
N GLN C 776 5.95 -31.79 23.63
CA GLN C 776 6.62 -33.09 23.80
C GLN C 776 7.93 -32.94 24.54
N GLU C 777 8.71 -31.90 24.21
CA GLU C 777 10.03 -31.74 24.80
C GLU C 777 9.96 -31.39 26.27
N VAL C 778 9.05 -30.51 26.65
CA VAL C 778 8.96 -30.00 28.01
C VAL C 778 8.22 -30.97 28.91
N PHE C 779 7.08 -31.47 28.47
CA PHE C 779 6.13 -32.04 29.41
C PHE C 779 6.38 -33.52 29.63
N ALA C 780 6.98 -34.21 28.66
CA ALA C 780 7.26 -35.63 28.76
C ALA C 780 8.72 -35.88 28.41
N GLN C 781 9.48 -36.45 29.34
CA GLN C 781 10.86 -36.82 29.08
C GLN C 781 11.12 -38.31 29.27
N VAL C 782 10.64 -38.90 30.37
CA VAL C 782 10.79 -40.34 30.55
C VAL C 782 10.03 -41.06 29.45
N LYS C 783 10.66 -42.09 28.90
CA LYS C 783 10.11 -42.80 27.75
C LYS C 783 9.30 -44.04 28.12
N GLN C 784 9.50 -44.61 29.31
CA GLN C 784 8.75 -45.77 29.75
C GLN C 784 7.81 -45.35 30.88
N ILE C 785 6.52 -45.64 30.72
CA ILE C 785 5.53 -45.17 31.68
C ILE C 785 5.66 -45.95 32.98
N TYR C 786 5.65 -45.23 34.09
CA TYR C 786 5.75 -45.81 35.43
C TYR C 786 4.38 -45.84 36.09
N LYS C 787 4.19 -46.81 36.99
CA LYS C 787 2.98 -46.92 37.79
C LYS C 787 3.33 -46.99 39.26
N THR C 788 2.60 -46.22 40.07
CA THR C 788 2.81 -46.24 41.51
C THR C 788 2.30 -47.56 42.09
N PRO C 789 2.82 -47.97 43.25
CA PRO C 789 2.39 -49.23 43.83
C PRO C 789 0.93 -49.15 44.27
N PRO C 790 0.24 -50.29 44.31
CA PRO C 790 -1.17 -50.26 44.74
C PRO C 790 -1.36 -49.76 46.16
N ILE C 791 -0.43 -50.03 47.06
CA ILE C 791 -0.53 -49.60 48.45
C ILE C 791 0.28 -48.34 48.65
N LYS C 792 -0.36 -47.30 49.16
CA LYS C 792 0.30 -45.99 49.34
C LYS C 792 0.96 -45.95 50.73
N ASP C 793 1.96 -46.80 50.88
CA ASP C 793 2.76 -46.87 52.10
C ASP C 793 4.11 -46.21 51.84
N PHE C 794 4.31 -45.02 52.41
CA PHE C 794 5.52 -44.23 52.18
C PHE C 794 6.08 -43.71 53.48
N GLY C 795 6.18 -44.59 54.48
CA GLY C 795 6.84 -44.24 55.74
C GLY C 795 6.26 -43.04 56.44
N GLY C 796 4.94 -42.91 56.45
CA GLY C 796 4.27 -41.80 57.09
C GLY C 796 4.00 -40.61 56.19
N PHE C 797 4.56 -40.58 54.99
CA PHE C 797 4.30 -39.50 54.04
C PHE C 797 3.05 -39.85 53.25
N ASN C 798 2.11 -38.90 53.17
CA ASN C 798 0.84 -39.11 52.50
C ASN C 798 0.78 -38.22 51.27
N PHE C 799 0.59 -38.84 50.11
CA PHE C 799 0.56 -38.14 48.83
C PHE C 799 -0.77 -38.31 48.11
N SER C 800 -1.83 -38.70 48.82
CA SER C 800 -3.07 -39.06 48.15
C SER C 800 -3.66 -37.89 47.36
N GLN C 801 -3.33 -36.66 47.76
CA GLN C 801 -3.86 -35.51 47.05
C GLN C 801 -3.14 -35.24 45.74
N ILE C 802 -1.99 -35.88 45.51
CA ILE C 802 -1.18 -35.55 44.35
C ILE C 802 -1.15 -36.71 43.37
N LEU C 803 -1.35 -37.94 43.86
CA LEU C 803 -1.38 -39.10 42.99
C LEU C 803 -2.72 -39.17 42.26
N PRO C 804 -2.75 -39.79 41.09
CA PRO C 804 -4.04 -39.96 40.40
C PRO C 804 -5.01 -40.78 41.22
N ASP C 805 -6.28 -40.39 41.16
CA ASP C 805 -7.33 -41.08 41.89
C ASP C 805 -8.22 -41.86 40.93
N PRO C 806 -8.18 -43.19 40.95
CA PRO C 806 -9.04 -43.96 40.03
C PRO C 806 -10.52 -43.74 40.24
N SER C 807 -10.92 -43.27 41.43
CA SER C 807 -12.34 -42.97 41.66
C SER C 807 -12.83 -41.88 40.71
N LYS C 808 -11.97 -40.92 40.38
CA LYS C 808 -12.30 -39.93 39.37
C LYS C 808 -12.50 -40.60 38.01
N PRO C 809 -13.43 -40.10 37.19
CA PRO C 809 -13.65 -40.72 35.87
C PRO C 809 -12.39 -40.79 35.02
N SER C 810 -11.74 -39.65 34.81
CA SER C 810 -10.47 -39.63 34.10
C SER C 810 -9.33 -39.85 35.08
N LYS C 811 -8.21 -40.38 34.57
CA LYS C 811 -7.06 -40.67 35.41
C LYS C 811 -6.37 -39.37 35.80
N ARG C 812 -6.97 -38.60 36.70
CA ARG C 812 -6.47 -37.29 37.07
C ARG C 812 -6.42 -37.15 38.59
N SER C 813 -5.44 -36.40 39.06
CA SER C 813 -5.28 -36.13 40.48
C SER C 813 -6.20 -35.00 40.93
N PRO C 814 -6.60 -34.98 42.19
CA PRO C 814 -7.50 -33.91 42.65
C PRO C 814 -6.94 -32.51 42.45
N ILE C 815 -5.64 -32.32 42.65
CA ILE C 815 -5.03 -31.01 42.44
C ILE C 815 -5.20 -30.58 41.00
N GLU C 816 -4.86 -31.46 40.06
CA GLU C 816 -5.03 -31.13 38.67
C GLU C 816 -6.50 -31.01 38.29
N ASP C 817 -7.40 -31.69 38.99
CA ASP C 817 -8.82 -31.56 38.70
C ASP C 817 -9.33 -30.17 39.06
N LEU C 818 -9.03 -29.71 40.27
CA LEU C 818 -9.46 -28.36 40.65
C LEU C 818 -8.69 -27.30 39.89
N LEU C 819 -7.51 -27.64 39.36
CA LEU C 819 -6.82 -26.72 38.48
C LEU C 819 -7.52 -26.62 37.13
N PHE C 820 -7.92 -27.77 36.58
CA PHE C 820 -8.61 -27.80 35.30
C PHE C 820 -9.94 -27.06 35.37
N ASN C 821 -10.67 -27.22 36.48
CA ASN C 821 -11.98 -26.58 36.59
C ASN C 821 -11.87 -25.05 36.57
N LYS C 822 -10.73 -24.49 36.97
CA LYS C 822 -10.61 -23.04 37.04
C LYS C 822 -10.40 -22.41 35.66
N VAL C 823 -9.65 -23.06 34.78
CA VAL C 823 -9.35 -22.47 33.48
C VAL C 823 -10.62 -22.42 32.64
N THR C 824 -10.90 -21.26 32.07
CA THR C 824 -12.10 -21.07 31.25
C THR C 824 -11.74 -20.71 29.81
N LYS C 851 -16.19 -20.83 15.97
CA LYS C 851 -15.41 -19.80 15.31
C LYS C 851 -14.91 -20.30 13.96
N PHE C 852 -15.82 -20.39 12.99
CA PHE C 852 -15.51 -20.87 11.65
C PHE C 852 -15.80 -19.75 10.65
N ASN C 853 -14.78 -18.95 10.36
CA ASN C 853 -14.82 -17.94 9.31
C ASN C 853 -13.54 -18.02 8.48
N GLY C 854 -13.20 -19.25 8.07
CA GLY C 854 -11.94 -19.52 7.45
C GLY C 854 -10.84 -19.95 8.39
N LEU C 855 -11.06 -19.83 9.70
CA LEU C 855 -10.09 -20.27 10.68
C LEU C 855 -10.29 -21.75 10.98
N THR C 856 -9.37 -22.31 11.77
CA THR C 856 -9.50 -23.68 12.24
C THR C 856 -8.62 -23.85 13.47
N VAL C 857 -8.92 -24.89 14.24
CA VAL C 857 -8.17 -25.21 15.44
C VAL C 857 -7.82 -26.69 15.40
N LEU C 858 -6.55 -26.99 15.15
CA LEU C 858 -6.08 -28.36 15.13
C LEU C 858 -5.83 -28.82 16.55
N PRO C 859 -6.39 -29.94 16.99
CA PRO C 859 -6.17 -30.39 18.36
C PRO C 859 -4.71 -30.75 18.56
N PRO C 860 -4.20 -30.59 19.78
CA PRO C 860 -2.82 -30.98 20.05
C PRO C 860 -2.64 -32.48 19.92
N LEU C 861 -1.42 -32.90 19.60
CA LEU C 861 -1.13 -34.33 19.46
C LEU C 861 -1.42 -35.07 20.77
N LEU C 862 -0.99 -34.50 21.88
CA LEU C 862 -1.23 -35.09 23.19
C LEU C 862 -2.60 -34.64 23.70
N THR C 863 -3.44 -35.60 24.04
CA THR C 863 -4.76 -35.30 24.56
C THR C 863 -4.69 -35.01 26.06
N ASP C 864 -5.82 -34.57 26.62
CA ASP C 864 -5.86 -34.20 28.02
C ASP C 864 -5.77 -35.40 28.95
N GLU C 865 -5.85 -36.62 28.42
CA GLU C 865 -5.71 -37.80 29.28
C GLU C 865 -4.27 -38.32 29.26
N MET C 866 -3.63 -38.35 28.09
CA MET C 866 -2.26 -38.85 28.02
C MET C 866 -1.30 -37.93 28.75
N ILE C 867 -1.55 -36.62 28.73
CA ILE C 867 -0.67 -35.72 29.47
C ILE C 867 -0.78 -35.97 30.96
N ALA C 868 -2.00 -36.19 31.45
CA ALA C 868 -2.16 -36.55 32.86
C ALA C 868 -1.49 -37.88 33.16
N GLN C 869 -1.53 -38.83 32.22
CA GLN C 869 -0.88 -40.11 32.46
C GLN C 869 0.63 -39.97 32.48
N TYR C 870 1.19 -39.09 31.66
CA TYR C 870 2.60 -38.73 31.77
C TYR C 870 2.92 -38.12 33.13
N THR C 871 2.03 -37.26 33.62
CA THR C 871 2.26 -36.71 34.96
C THR C 871 2.28 -37.82 36.00
N SER C 872 1.38 -38.79 35.86
CA SER C 872 1.39 -39.95 36.74
C SER C 872 2.71 -40.71 36.64
N ALA C 873 3.21 -40.90 35.43
CA ALA C 873 4.47 -41.63 35.25
C ALA C 873 5.64 -40.89 35.89
N LEU C 874 5.73 -39.57 35.67
CA LEU C 874 6.81 -38.80 36.27
C LEU C 874 6.70 -38.76 37.79
N LEU C 875 5.47 -38.62 38.30
CA LEU C 875 5.29 -38.63 39.74
C LEU C 875 5.71 -39.95 40.34
N ALA C 876 5.39 -41.06 39.66
CA ALA C 876 5.87 -42.36 40.11
C ALA C 876 7.39 -42.42 40.07
N GLY C 877 7.99 -41.91 38.99
CA GLY C 877 9.44 -41.93 38.89
C GLY C 877 10.11 -41.19 40.02
N THR C 878 9.55 -40.05 40.42
CA THR C 878 10.11 -39.30 41.54
C THR C 878 9.80 -39.94 42.89
N ILE C 879 8.66 -40.62 43.01
CA ILE C 879 8.25 -41.17 44.31
C ILE C 879 8.95 -42.50 44.57
N THR C 880 8.67 -43.50 43.74
CA THR C 880 9.11 -44.86 44.06
C THR C 880 10.59 -45.08 43.80
N SER C 881 11.17 -44.37 42.81
CA SER C 881 12.51 -44.68 42.36
C SER C 881 13.56 -43.77 43.00
N GLY C 882 13.41 -42.46 42.82
CA GLY C 882 14.41 -41.48 43.19
C GLY C 882 14.74 -40.62 42.00
N TRP C 883 15.94 -40.06 41.98
CA TRP C 883 16.35 -39.29 40.83
C TRP C 883 17.10 -40.14 39.80
N THR C 884 17.28 -41.43 40.07
CA THR C 884 18.04 -42.28 39.17
C THR C 884 17.34 -42.47 37.84
N PHE C 885 16.01 -42.52 37.83
CA PHE C 885 15.29 -42.87 36.61
C PHE C 885 15.48 -41.83 35.52
N GLY C 886 15.99 -40.65 35.86
CA GLY C 886 16.45 -39.73 34.83
C GLY C 886 17.64 -40.28 34.07
N ALA C 887 18.31 -41.28 34.63
CA ALA C 887 19.45 -41.93 34.01
C ALA C 887 19.17 -43.42 33.88
N GLY C 888 18.56 -43.82 32.76
CA GLY C 888 18.37 -45.21 32.43
C GLY C 888 17.44 -45.97 33.37
N PRO C 889 17.97 -46.96 34.07
CA PRO C 889 17.12 -47.86 34.84
C PRO C 889 16.37 -47.13 35.95
N ALA C 890 15.15 -47.61 36.22
CA ALA C 890 14.31 -47.06 37.29
C ALA C 890 14.72 -47.71 38.62
N LEU C 891 15.88 -47.30 39.11
CA LEU C 891 16.41 -47.79 40.37
C LEU C 891 15.44 -47.45 41.50
N GLN C 892 14.95 -48.46 42.21
CA GLN C 892 13.91 -48.24 43.20
C GLN C 892 14.50 -48.00 44.59
N ILE C 893 14.00 -46.97 45.27
CA ILE C 893 14.48 -46.59 46.60
C ILE C 893 13.29 -46.19 47.47
N PRO C 894 13.18 -46.70 48.70
CA PRO C 894 12.10 -46.26 49.58
C PRO C 894 12.21 -44.78 49.88
N PHE C 895 11.07 -44.15 50.10
CA PHE C 895 11.03 -42.68 50.15
C PHE C 895 11.87 -42.06 51.26
N PRO C 896 11.87 -42.54 52.50
CA PRO C 896 12.69 -41.86 53.53
C PRO C 896 14.17 -41.77 53.18
N MET C 897 14.77 -42.83 52.64
CA MET C 897 16.17 -42.72 52.26
C MET C 897 16.35 -41.79 51.07
N GLN C 898 15.36 -41.72 50.19
CA GLN C 898 15.44 -40.78 49.07
C GLN C 898 15.50 -39.36 49.60
N MET C 899 14.65 -39.04 50.56
CA MET C 899 14.69 -37.71 51.18
C MET C 899 15.98 -37.50 51.97
N ALA C 900 16.53 -38.58 52.53
CA ALA C 900 17.81 -38.44 53.24
C ALA C 900 18.92 -38.05 52.29
N TYR C 901 19.00 -38.71 51.13
CA TYR C 901 19.87 -38.22 50.07
C TYR C 901 19.62 -36.75 49.77
N ARG C 902 18.35 -36.37 49.58
CA ARG C 902 18.13 -34.98 49.15
C ARG C 902 18.55 -33.98 50.22
N PHE C 903 18.43 -34.34 51.50
CA PHE C 903 19.06 -33.52 52.53
C PHE C 903 20.57 -33.51 52.43
N ASN C 904 21.18 -34.64 52.05
CA ASN C 904 22.64 -34.67 51.95
C ASN C 904 23.16 -33.63 50.96
N GLY C 905 22.33 -33.23 50.01
CA GLY C 905 22.76 -32.22 49.04
C GLY C 905 22.57 -30.80 49.55
N ILE C 906 21.79 -30.63 50.61
CA ILE C 906 21.47 -29.30 51.12
C ILE C 906 22.53 -28.86 52.12
N GLY C 907 23.33 -29.81 52.60
CA GLY C 907 24.34 -29.50 53.59
C GLY C 907 24.02 -30.00 54.98
N VAL C 908 22.80 -30.48 55.22
CA VAL C 908 22.42 -31.08 56.49
C VAL C 908 22.57 -32.59 56.37
N THR C 909 22.97 -33.22 57.46
CA THR C 909 23.25 -34.66 57.43
C THR C 909 21.95 -35.46 57.45
N GLN C 910 22.09 -36.78 57.39
CA GLN C 910 20.95 -37.69 57.42
C GLN C 910 20.33 -37.80 58.81
N ASN C 911 20.93 -37.19 59.83
CA ASN C 911 20.39 -37.30 61.17
C ASN C 911 19.01 -36.68 61.28
N VAL C 912 18.82 -35.51 60.68
CA VAL C 912 17.61 -34.73 60.90
C VAL C 912 16.38 -35.48 60.40
N LEU C 913 16.49 -36.07 59.21
CA LEU C 913 15.32 -36.73 58.62
C LEU C 913 14.82 -37.87 59.48
N TYR C 914 15.70 -38.80 59.85
CA TYR C 914 15.26 -39.94 60.64
C TYR C 914 14.82 -39.52 62.03
N GLU C 915 15.52 -38.55 62.63
CA GLU C 915 15.12 -38.13 63.97
C GLU C 915 13.84 -37.32 63.95
N ASN C 916 13.46 -36.74 62.81
CA ASN C 916 12.28 -35.92 62.70
C ASN C 916 11.36 -36.39 61.57
N GLN C 917 11.09 -37.69 61.51
CA GLN C 917 10.28 -38.22 60.42
C GLN C 917 8.80 -37.83 60.59
N LYS C 918 8.25 -38.01 61.79
CA LYS C 918 6.83 -37.74 61.97
C LYS C 918 6.52 -36.25 61.82
N LEU C 919 7.38 -35.40 62.39
CA LEU C 919 7.17 -33.96 62.27
C LEU C 919 7.25 -33.51 60.82
N ILE C 920 8.23 -34.02 60.07
CA ILE C 920 8.34 -33.62 58.68
C ILE C 920 7.17 -34.16 57.87
N ALA C 921 6.65 -35.33 58.24
CA ALA C 921 5.48 -35.87 57.56
C ALA C 921 4.27 -34.96 57.77
N ASN C 922 4.05 -34.54 59.01
CA ASN C 922 2.94 -33.63 59.28
C ASN C 922 3.14 -32.29 58.56
N GLN C 923 4.37 -31.79 58.53
CA GLN C 923 4.64 -30.55 57.82
C GLN C 923 4.32 -30.68 56.34
N PHE C 924 4.75 -31.79 55.72
CA PHE C 924 4.48 -31.98 54.30
C PHE C 924 2.98 -32.09 54.03
N ASN C 925 2.26 -32.85 54.85
CA ASN C 925 0.83 -33.02 54.61
C ASN C 925 0.07 -31.71 54.79
N SER C 926 0.40 -30.96 55.84
CA SER C 926 -0.23 -29.66 56.03
C SER C 926 0.11 -28.71 54.89
N ALA C 927 1.35 -28.78 54.39
CA ALA C 927 1.73 -27.94 53.27
C ALA C 927 0.93 -28.27 52.02
N ILE C 928 0.72 -29.57 51.76
CA ILE C 928 -0.07 -29.97 50.59
C ILE C 928 -1.51 -29.49 50.73
N GLY C 929 -2.09 -29.65 51.93
CA GLY C 929 -3.43 -29.13 52.15
C GLY C 929 -3.50 -27.63 51.94
N LYS C 930 -2.50 -26.91 52.43
CA LYS C 930 -2.48 -25.46 52.29
C LYS C 930 -2.36 -25.05 50.83
N ILE C 931 -1.54 -25.76 50.05
CA ILE C 931 -1.39 -25.39 48.64
C ILE C 931 -2.67 -25.68 47.89
N GLN C 932 -3.38 -26.77 48.24
CA GLN C 932 -4.67 -27.02 47.62
C GLN C 932 -5.65 -25.90 47.92
N ASP C 933 -5.71 -25.47 49.19
CA ASP C 933 -6.62 -24.39 49.55
C ASP C 933 -6.25 -23.09 48.85
N SER C 934 -4.95 -22.80 48.75
CA SER C 934 -4.51 -21.56 48.10
C SER C 934 -4.86 -21.56 46.61
N LEU C 935 -4.65 -22.69 45.93
CA LEU C 935 -5.05 -22.77 44.53
C LEU C 935 -6.56 -22.64 44.37
N SER C 936 -7.34 -23.24 45.27
CA SER C 936 -8.79 -23.16 45.15
C SER C 936 -9.31 -21.76 45.40
N SER C 937 -8.77 -21.08 46.41
CA SER C 937 -9.40 -19.84 46.89
C SER C 937 -9.14 -18.68 45.95
N THR C 938 -7.89 -18.44 45.60
CA THR C 938 -7.53 -17.21 44.89
C THR C 938 -7.70 -17.41 43.39
N PRO C 939 -8.62 -16.69 42.74
CA PRO C 939 -8.75 -16.84 41.28
C PRO C 939 -7.58 -16.25 40.50
N SER C 940 -6.83 -15.33 41.10
CA SER C 940 -5.71 -14.70 40.42
C SER C 940 -4.45 -15.56 40.45
N ALA C 941 -4.50 -16.73 41.08
CA ALA C 941 -3.32 -17.58 41.16
C ALA C 941 -2.87 -18.03 39.77
N LEU C 942 -3.82 -18.38 38.91
CA LEU C 942 -3.48 -18.86 37.57
C LEU C 942 -3.34 -17.69 36.60
N GLY C 943 -2.56 -16.70 37.02
CA GLY C 943 -2.47 -15.46 36.25
C GLY C 943 -1.86 -15.67 34.89
N LYS C 944 -0.73 -16.39 34.83
CA LYS C 944 -0.04 -16.55 33.56
C LYS C 944 -0.87 -17.35 32.57
N LEU C 945 -1.44 -18.48 33.00
CA LEU C 945 -2.21 -19.31 32.08
C LEU C 945 -3.48 -18.60 31.63
N GLN C 946 -4.19 -17.95 32.56
CA GLN C 946 -5.40 -17.23 32.17
C GLN C 946 -5.05 -16.08 31.23
N ASP C 947 -3.92 -15.41 31.49
CA ASP C 947 -3.48 -14.34 30.60
C ASP C 947 -3.21 -14.85 29.20
N VAL C 948 -2.51 -15.98 29.09
CA VAL C 948 -2.20 -16.52 27.78
C VAL C 948 -3.47 -16.87 27.02
N VAL C 949 -4.38 -17.61 27.67
CA VAL C 949 -5.57 -18.07 26.97
C VAL C 949 -6.47 -16.88 26.62
N ASN C 950 -6.63 -15.93 27.53
CA ASN C 950 -7.46 -14.77 27.26
C ASN C 950 -6.87 -13.91 26.16
N GLN C 951 -5.55 -13.73 26.15
CA GLN C 951 -4.92 -12.94 25.11
C GLN C 951 -5.09 -13.58 23.74
N ASN C 952 -4.92 -14.90 23.67
CA ASN C 952 -5.13 -15.58 22.39
C ASN C 952 -6.58 -15.48 21.94
N ALA C 953 -7.53 -15.67 22.86
CA ALA C 953 -8.94 -15.55 22.50
C ALA C 953 -9.25 -14.14 22.01
N GLN C 954 -8.70 -13.13 22.67
CA GLN C 954 -8.93 -11.75 22.26
C GLN C 954 -8.34 -11.49 20.89
N ALA C 955 -7.14 -12.02 20.62
CA ALA C 955 -6.52 -11.83 19.32
C ALA C 955 -7.35 -12.45 18.20
N LEU C 956 -7.83 -13.68 18.42
CA LEU C 956 -8.68 -14.32 17.42
C LEU C 956 -9.99 -13.55 17.25
N ASN C 957 -10.55 -13.08 18.36
CA ASN C 957 -11.81 -12.35 18.31
C ASN C 957 -11.67 -11.07 17.49
N THR C 958 -10.58 -10.31 17.73
CA THR C 958 -10.41 -9.08 16.97
C THR C 958 -10.07 -9.38 15.52
N LEU C 959 -9.35 -10.47 15.26
CA LEU C 959 -9.06 -10.84 13.88
C LEU C 959 -10.34 -11.14 13.12
N VAL C 960 -11.27 -11.86 13.74
CA VAL C 960 -12.55 -12.12 13.09
C VAL C 960 -13.37 -10.84 12.96
N LYS C 961 -13.40 -10.04 14.03
CA LYS C 961 -14.24 -8.84 14.03
C LYS C 961 -13.77 -7.81 13.01
N GLN C 962 -12.49 -7.85 12.63
CA GLN C 962 -12.00 -6.89 11.65
C GLN C 962 -12.65 -7.08 10.28
N LEU C 963 -13.31 -8.21 10.05
CA LEU C 963 -13.98 -8.42 8.77
C LEU C 963 -15.08 -7.38 8.54
N SER C 964 -15.80 -7.03 9.59
CA SER C 964 -16.89 -6.04 9.51
C SER C 964 -16.39 -4.63 9.27
N SER C 965 -15.11 -4.44 9.00
CA SER C 965 -14.56 -3.11 8.69
C SER C 965 -14.37 -3.00 7.18
N ASN C 966 -14.87 -1.91 6.60
CA ASN C 966 -14.83 -1.71 5.16
C ASN C 966 -13.47 -1.26 4.66
N PHE C 967 -12.59 -0.79 5.54
CA PHE C 967 -11.25 -0.32 5.15
C PHE C 967 -11.32 0.76 4.09
N GLY C 968 -12.33 1.63 4.20
CA GLY C 968 -12.49 2.71 3.26
C GLY C 968 -13.16 2.33 1.96
N ALA C 969 -13.54 1.07 1.78
CA ALA C 969 -14.26 0.67 0.59
C ALA C 969 -15.73 1.04 0.72
N ILE C 970 -16.50 0.76 -0.35
CA ILE C 970 -17.91 1.09 -0.34
C ILE C 970 -18.65 0.30 0.71
N SER C 971 -18.30 -0.98 0.86
CA SER C 971 -18.95 -1.84 1.86
C SER C 971 -17.95 -2.85 2.38
N SER C 972 -18.24 -3.39 3.55
CA SER C 972 -17.34 -4.34 4.20
C SER C 972 -17.65 -5.79 3.87
N VAL C 973 -18.72 -6.07 3.13
CA VAL C 973 -19.05 -7.42 2.71
C VAL C 973 -18.78 -7.53 1.21
N LEU C 974 -18.16 -8.63 0.80
CA LEU C 974 -17.64 -8.73 -0.56
C LEU C 974 -18.75 -8.96 -1.59
N ASN C 975 -19.85 -9.59 -1.19
CA ASN C 975 -20.93 -9.83 -2.15
C ASN C 975 -21.60 -8.53 -2.58
N ASP C 976 -21.75 -7.58 -1.65
CA ASP C 976 -22.43 -6.33 -1.97
C ASP C 976 -21.66 -5.53 -3.02
N ILE C 977 -20.33 -5.47 -2.90
CA ILE C 977 -19.54 -4.67 -3.82
C ILE C 977 -19.62 -5.24 -5.23
N LEU C 978 -19.67 -6.58 -5.35
CA LEU C 978 -19.86 -7.18 -6.66
C LEU C 978 -21.26 -6.94 -7.19
N SER C 979 -22.28 -7.02 -6.32
CA SER C 979 -23.65 -6.88 -6.80
C SER C 979 -23.95 -5.46 -7.26
N ARG C 980 -23.59 -4.46 -6.45
CA ARG C 980 -23.99 -3.10 -6.74
C ARG C 980 -23.12 -2.45 -7.82
N LEU C 981 -21.83 -2.77 -7.86
CA LEU C 981 -20.90 -2.15 -8.79
C LEU C 981 -20.47 -3.15 -9.87
N ASP C 982 -20.19 -2.63 -11.05
CA ASP C 982 -19.66 -3.46 -12.12
C ASP C 982 -18.24 -3.89 -11.80
N PRO C 983 -17.84 -5.09 -12.21
CA PRO C 983 -16.48 -5.57 -11.92
C PRO C 983 -15.39 -4.66 -12.42
N PRO C 984 -15.51 -4.07 -13.62
CA PRO C 984 -14.44 -3.15 -14.06
C PRO C 984 -14.24 -1.97 -13.12
N GLU C 985 -15.30 -1.49 -12.47
CA GLU C 985 -15.16 -0.43 -11.49
C GLU C 985 -14.89 -0.96 -10.09
N ALA C 986 -15.52 -2.07 -9.72
CA ALA C 986 -15.36 -2.63 -8.39
C ALA C 986 -14.01 -3.30 -8.17
N GLU C 987 -13.20 -3.46 -9.23
CA GLU C 987 -11.90 -4.09 -9.06
C GLU C 987 -11.01 -3.28 -8.13
N VAL C 988 -11.04 -1.96 -8.23
CA VAL C 988 -10.20 -1.13 -7.37
C VAL C 988 -10.69 -1.23 -5.92
N GLN C 989 -12.01 -1.26 -5.71
CA GLN C 989 -12.54 -1.38 -4.35
C GLN C 989 -12.15 -2.71 -3.73
N ILE C 990 -12.29 -3.80 -4.48
CA ILE C 990 -11.93 -5.10 -3.92
C ILE C 990 -10.42 -5.20 -3.73
N ASP C 991 -9.63 -4.51 -4.57
CA ASP C 991 -8.20 -4.48 -4.35
C ASP C 991 -7.85 -3.77 -3.05
N ARG C 992 -8.49 -2.63 -2.79
CA ARG C 992 -8.27 -1.95 -1.52
C ARG C 992 -8.67 -2.84 -0.36
N LEU C 993 -9.81 -3.53 -0.49
CA LEU C 993 -10.28 -4.38 0.60
C LEU C 993 -9.32 -5.54 0.85
N ILE C 994 -8.81 -6.17 -0.21
CA ILE C 994 -7.90 -7.29 0.01
C ILE C 994 -6.59 -6.80 0.58
N THR C 995 -6.13 -5.61 0.17
CA THR C 995 -4.92 -5.07 0.79
C THR C 995 -5.12 -4.84 2.28
N GLY C 996 -6.27 -4.29 2.65
CA GLY C 996 -6.53 -4.06 4.07
C GLY C 996 -6.61 -5.35 4.86
N ARG C 997 -7.35 -6.32 4.34
CA ARG C 997 -7.47 -7.61 5.03
C ARG C 997 -6.12 -8.30 5.13
N LEU C 998 -5.32 -8.23 4.06
CA LEU C 998 -4.01 -8.86 4.06
C LEU C 998 -3.08 -8.21 5.06
N GLN C 999 -3.09 -6.88 5.15
CA GLN C 999 -2.27 -6.21 6.14
C GLN C 999 -2.72 -6.57 7.55
N SER C 1000 -4.02 -6.67 7.77
CA SER C 1000 -4.53 -7.07 9.07
C SER C 1000 -4.04 -8.47 9.44
N LEU C 1001 -4.17 -9.42 8.51
CA LEU C 1001 -3.73 -10.78 8.80
C LEU C 1001 -2.22 -10.83 8.96
N GLN C 1002 -1.51 -9.94 8.26
CA GLN C 1002 -0.05 -9.89 8.38
C GLN C 1002 0.37 -9.45 9.77
N THR C 1003 -0.24 -8.38 10.28
CA THR C 1003 0.12 -7.95 11.63
C THR C 1003 -0.36 -8.98 12.65
N TYR C 1004 -1.48 -9.65 12.37
CA TYR C 1004 -1.94 -10.71 13.27
C TYR C 1004 -0.92 -11.83 13.36
N VAL C 1005 -0.44 -12.32 12.23
CA VAL C 1005 0.50 -13.43 12.26
C VAL C 1005 1.85 -12.98 12.80
N THR C 1006 2.22 -11.72 12.60
CA THR C 1006 3.45 -11.22 13.18
C THR C 1006 3.38 -11.24 14.70
N GLN C 1007 2.29 -10.70 15.26
CA GLN C 1007 2.11 -10.73 16.71
C GLN C 1007 2.01 -12.17 17.22
N GLN C 1008 1.35 -13.03 16.45
CA GLN C 1008 1.24 -14.44 16.81
C GLN C 1008 2.62 -15.07 16.89
N LEU C 1009 3.50 -14.76 15.93
CA LEU C 1009 4.84 -15.33 15.94
C LEU C 1009 5.67 -14.78 17.10
N ILE C 1010 5.49 -13.49 17.42
CA ILE C 1010 6.18 -12.94 18.60
C ILE C 1010 5.79 -13.71 19.85
N ARG C 1011 4.48 -13.88 20.05
CA ARG C 1011 4.03 -14.58 21.25
C ARG C 1011 4.44 -16.05 21.20
N ALA C 1012 4.53 -16.62 20.00
CA ALA C 1012 4.98 -18.00 19.86
C ALA C 1012 6.44 -18.13 20.29
N ALA C 1013 7.28 -17.20 19.87
CA ALA C 1013 8.68 -17.21 20.30
C ALA C 1013 8.78 -17.04 21.81
N GLU C 1014 8.00 -16.13 22.37
CA GLU C 1014 8.03 -15.92 23.81
C GLU C 1014 7.63 -17.19 24.56
N ILE C 1015 6.52 -17.80 24.16
CA ILE C 1015 6.04 -18.99 24.86
C ILE C 1015 7.01 -20.15 24.65
N ARG C 1016 7.64 -20.21 23.47
CA ARG C 1016 8.62 -21.27 23.22
C ARG C 1016 9.82 -21.13 24.14
N ALA C 1017 10.34 -19.91 24.29
CA ALA C 1017 11.46 -19.72 25.20
C ALA C 1017 11.05 -20.03 26.64
N SER C 1018 9.87 -19.57 27.05
CA SER C 1018 9.41 -19.84 28.41
C SER C 1018 9.25 -21.34 28.64
N ALA C 1019 8.73 -22.05 27.66
CA ALA C 1019 8.51 -23.48 27.84
C ALA C 1019 9.81 -24.25 27.78
N ASN C 1020 10.79 -23.79 27.00
CA ASN C 1020 12.10 -24.42 27.04
C ASN C 1020 12.75 -24.23 28.39
N LEU C 1021 12.58 -23.03 28.97
CA LEU C 1021 12.97 -22.84 30.37
C LEU C 1021 12.26 -23.83 31.27
N ALA C 1022 10.97 -24.05 31.02
CA ALA C 1022 10.22 -25.03 31.80
C ALA C 1022 10.76 -26.44 31.57
N ALA C 1023 11.30 -26.70 30.38
CA ALA C 1023 11.85 -28.01 30.09
C ALA C 1023 13.11 -28.25 30.91
N THR C 1024 13.99 -27.26 30.95
CA THR C 1024 15.15 -27.37 31.84
C THR C 1024 14.70 -27.47 33.29
N LYS C 1025 13.64 -26.74 33.64
CA LYS C 1025 13.03 -26.83 34.96
C LYS C 1025 12.69 -28.28 35.30
N MET C 1026 11.94 -28.94 34.40
CA MET C 1026 11.62 -30.35 34.56
C MET C 1026 12.88 -31.18 34.73
N SER C 1027 13.81 -31.02 33.79
CA SER C 1027 14.94 -31.94 33.67
C SER C 1027 15.84 -31.89 34.89
N GLU C 1028 16.10 -30.70 35.41
CA GLU C 1028 17.04 -30.59 36.51
C GLU C 1028 16.40 -30.15 37.82
N CYS C 1029 15.07 -30.21 37.93
CA CYS C 1029 14.47 -30.04 39.24
C CYS C 1029 13.55 -31.21 39.60
N VAL C 1030 12.71 -31.66 38.66
CA VAL C 1030 11.87 -32.82 38.94
C VAL C 1030 12.69 -34.10 38.85
N LEU C 1031 13.52 -34.22 37.83
CA LEU C 1031 14.30 -35.44 37.64
C LEU C 1031 15.37 -35.58 38.71
N GLY C 1032 15.68 -34.49 39.41
CA GLY C 1032 16.70 -34.56 40.45
C GLY C 1032 16.90 -33.23 41.15
N GLN C 1033 17.73 -33.27 42.18
CA GLN C 1033 18.06 -32.07 42.93
C GLN C 1033 18.92 -31.14 42.10
N SER C 1034 18.74 -29.83 42.31
CA SER C 1034 19.57 -28.80 41.68
C SER C 1034 20.11 -27.90 42.78
N LYS C 1035 21.42 -27.98 43.03
CA LYS C 1035 22.00 -27.29 44.17
C LYS C 1035 21.92 -25.78 44.03
N ARG C 1036 21.78 -25.27 42.81
CA ARG C 1036 21.75 -23.83 42.59
C ARG C 1036 20.57 -23.20 43.31
N VAL C 1037 20.81 -22.06 43.95
CA VAL C 1037 19.78 -21.44 44.78
C VAL C 1037 18.81 -20.65 43.91
N ASP C 1038 17.54 -20.67 44.32
CA ASP C 1038 16.49 -19.83 43.74
C ASP C 1038 16.31 -20.07 42.24
N PHE C 1039 16.58 -21.28 41.77
CA PHE C 1039 16.19 -21.62 40.41
C PHE C 1039 14.85 -22.33 40.37
N CYS C 1040 14.56 -23.13 41.40
CA CYS C 1040 13.29 -23.82 41.53
C CYS C 1040 12.77 -23.60 42.94
N GLY C 1041 11.70 -22.84 43.07
CA GLY C 1041 11.14 -22.53 44.37
C GLY C 1041 11.95 -21.47 45.10
N LYS C 1042 11.64 -21.31 46.37
CA LYS C 1042 12.33 -20.36 47.23
C LYS C 1042 13.28 -21.11 48.15
N GLY C 1043 14.45 -20.54 48.38
CA GLY C 1043 15.43 -21.15 49.25
C GLY C 1043 16.09 -22.36 48.62
N TYR C 1044 16.76 -23.15 49.46
CA TYR C 1044 17.40 -24.36 48.99
C TYR C 1044 16.35 -25.30 48.40
N HIS C 1045 16.74 -26.00 47.33
CA HIS C 1045 15.83 -26.88 46.61
C HIS C 1045 15.90 -28.28 47.21
N LEU C 1046 14.74 -28.82 47.58
CA LEU C 1046 14.69 -30.19 48.07
C LEU C 1046 14.19 -31.16 47.02
N MET C 1047 13.00 -30.91 46.47
CA MET C 1047 12.39 -31.85 45.55
C MET C 1047 11.31 -31.13 44.75
N SER C 1048 10.94 -31.71 43.62
CA SER C 1048 9.97 -31.10 42.71
C SER C 1048 8.88 -32.10 42.35
N PHE C 1049 7.63 -31.62 42.30
CA PHE C 1049 6.49 -32.37 41.82
C PHE C 1049 5.90 -31.71 40.58
N PRO C 1050 5.71 -32.45 39.50
CA PRO C 1050 4.97 -31.91 38.35
C PRO C 1050 3.50 -32.30 38.38
N GLN C 1051 2.64 -31.50 37.74
CA GLN C 1051 1.24 -31.85 37.60
C GLN C 1051 0.71 -31.25 36.30
N SER C 1052 -0.37 -31.82 35.80
CA SER C 1052 -0.94 -31.42 34.53
C SER C 1052 -1.79 -30.17 34.69
N ALA C 1053 -2.05 -29.50 33.57
CA ALA C 1053 -2.86 -28.29 33.57
C ALA C 1053 -3.38 -28.00 32.16
N PRO C 1054 -4.54 -27.36 32.02
CA PRO C 1054 -5.05 -27.03 30.69
C PRO C 1054 -4.17 -26.02 29.98
N HIS C 1055 -3.58 -26.42 28.85
CA HIS C 1055 -2.68 -25.58 28.07
C HIS C 1055 -1.53 -25.04 28.92
N GLY C 1056 -1.12 -25.79 29.93
CA GLY C 1056 -0.06 -25.34 30.81
C GLY C 1056 0.48 -26.48 31.65
N VAL C 1057 1.55 -26.18 32.37
CA VAL C 1057 2.15 -27.11 33.32
C VAL C 1057 2.27 -26.42 34.67
N VAL C 1058 1.91 -27.13 35.73
CA VAL C 1058 1.94 -26.60 37.08
C VAL C 1058 2.96 -27.39 37.89
N PHE C 1059 3.68 -26.69 38.75
CA PHE C 1059 4.75 -27.28 39.54
C PHE C 1059 4.43 -27.20 41.02
N LEU C 1060 4.85 -28.20 41.76
CA LEU C 1060 4.90 -28.14 43.22
C LEU C 1060 6.35 -28.34 43.63
N HIS C 1061 6.95 -27.30 44.23
CA HIS C 1061 8.34 -27.34 44.65
C HIS C 1061 8.40 -27.53 46.15
N VAL C 1062 9.14 -28.54 46.59
CA VAL C 1062 9.37 -28.79 48.00
C VAL C 1062 10.74 -28.24 48.33
N THR C 1063 10.79 -27.28 49.26
CA THR C 1063 12.03 -26.62 49.62
C THR C 1063 12.27 -26.75 51.12
N TYR C 1064 13.52 -26.50 51.51
CA TYR C 1064 13.96 -26.60 52.89
C TYR C 1064 14.31 -25.19 53.37
N VAL C 1065 13.46 -24.62 54.21
CA VAL C 1065 13.65 -23.25 54.67
C VAL C 1065 13.73 -23.21 56.19
N PRO C 1066 14.88 -22.86 56.76
CA PRO C 1066 14.98 -22.75 58.22
C PRO C 1066 14.08 -21.63 58.74
N ALA C 1067 13.61 -21.80 59.98
CA ALA C 1067 12.64 -20.87 60.54
C ALA C 1067 13.19 -20.12 61.76
N GLN C 1068 13.61 -20.83 62.81
CA GLN C 1068 13.99 -20.20 64.07
C GLN C 1068 15.50 -20.14 64.17
N GLU C 1069 16.04 -18.93 64.28
CA GLU C 1069 17.47 -18.73 64.40
C GLU C 1069 17.86 -18.61 65.88
N LYS C 1070 19.16 -18.50 66.12
CA LYS C 1070 19.67 -18.36 67.49
C LYS C 1070 21.09 -17.85 67.42
N ASN C 1071 21.35 -16.76 68.14
CA ASN C 1071 22.68 -16.16 68.14
C ASN C 1071 23.67 -17.04 68.90
N PHE C 1072 24.93 -16.96 68.50
CA PHE C 1072 26.01 -17.69 69.17
C PHE C 1072 27.31 -16.94 69.01
N THR C 1073 28.13 -16.96 70.05
CA THR C 1073 29.49 -16.45 69.95
C THR C 1073 30.37 -17.47 69.24
N THR C 1074 31.03 -17.03 68.18
CA THR C 1074 31.78 -17.92 67.30
C THR C 1074 33.24 -17.52 67.24
N ALA C 1075 34.02 -18.38 66.60
CA ALA C 1075 35.44 -18.17 66.40
C ALA C 1075 35.88 -18.88 65.14
N PRO C 1076 36.75 -18.26 64.33
CA PRO C 1076 37.16 -18.91 63.08
C PRO C 1076 37.86 -20.23 63.28
N ALA C 1077 38.59 -20.40 64.38
CA ALA C 1077 39.38 -21.60 64.60
C ALA C 1077 39.67 -21.77 66.07
N ILE C 1078 40.28 -22.90 66.42
CA ILE C 1078 40.66 -23.21 67.79
C ILE C 1078 42.13 -23.56 67.82
N CYS C 1079 42.86 -22.96 68.75
CA CYS C 1079 44.27 -23.29 68.97
C CYS C 1079 44.39 -24.18 70.20
N HIS C 1080 44.93 -25.37 70.00
CA HIS C 1080 45.21 -26.30 71.09
C HIS C 1080 46.61 -26.85 70.92
N ASP C 1081 47.36 -26.92 72.03
CA ASP C 1081 48.70 -27.48 72.03
C ASP C 1081 49.60 -26.79 71.01
N GLY C 1082 49.39 -25.49 70.82
CA GLY C 1082 50.23 -24.73 69.92
C GLY C 1082 50.03 -25.02 68.45
N LYS C 1083 48.96 -25.72 68.08
CA LYS C 1083 48.66 -26.00 66.69
C LYS C 1083 47.20 -25.66 66.41
N ALA C 1084 46.95 -25.19 65.20
CA ALA C 1084 45.60 -24.78 64.84
C ALA C 1084 44.69 -25.99 64.66
N HIS C 1085 43.39 -25.73 64.70
CA HIS C 1085 42.37 -26.75 64.52
C HIS C 1085 41.23 -26.13 63.74
N PHE C 1086 41.01 -26.58 62.52
CA PHE C 1086 39.89 -26.01 61.79
C PHE C 1086 38.75 -27.02 61.69
N PRO C 1087 37.50 -26.55 61.65
CA PRO C 1087 36.38 -27.49 61.56
C PRO C 1087 36.35 -28.18 60.22
N ARG C 1088 36.17 -29.51 60.25
CA ARG C 1088 36.10 -30.27 59.01
C ARG C 1088 34.88 -29.90 58.19
N GLU C 1089 33.74 -29.71 58.84
CA GLU C 1089 32.50 -29.40 58.14
C GLU C 1089 31.64 -28.56 59.06
N GLY C 1090 31.53 -27.27 58.77
CA GLY C 1090 30.78 -26.36 59.62
C GLY C 1090 31.69 -25.35 60.28
N VAL C 1091 31.23 -24.75 61.38
CA VAL C 1091 32.01 -23.76 62.11
C VAL C 1091 31.92 -24.01 63.60
N PHE C 1092 32.88 -23.47 64.33
CA PHE C 1092 32.85 -23.54 65.79
C PHE C 1092 31.84 -22.55 66.34
N VAL C 1093 31.01 -23.01 67.26
CA VAL C 1093 30.01 -22.17 67.91
C VAL C 1093 30.06 -22.42 69.41
N SER C 1094 29.50 -21.47 70.16
CA SER C 1094 29.41 -21.62 71.60
C SER C 1094 28.21 -20.83 72.11
N ASN C 1095 27.52 -21.39 73.10
CA ASN C 1095 26.47 -20.64 73.76
C ASN C 1095 27.05 -19.67 74.79
N GLY C 1096 28.35 -19.76 75.10
CA GLY C 1096 28.98 -18.79 75.97
C GLY C 1096 30.01 -19.37 76.91
N THR C 1097 29.91 -20.66 77.19
CA THR C 1097 30.82 -21.28 78.15
C THR C 1097 31.56 -22.49 77.58
N HIS C 1098 30.90 -23.31 76.78
CA HIS C 1098 31.52 -24.46 76.15
C HIS C 1098 31.47 -24.31 74.64
N TRP C 1099 32.48 -24.86 73.96
CA TRP C 1099 32.64 -24.70 72.52
C TRP C 1099 32.15 -25.95 71.80
N PHE C 1100 31.30 -25.75 70.79
CA PHE C 1100 30.70 -26.83 70.03
C PHE C 1100 30.82 -26.55 68.54
N VAL C 1101 30.80 -27.63 67.75
CA VAL C 1101 30.74 -27.56 66.30
C VAL C 1101 29.41 -28.12 65.84
N THR C 1102 28.80 -27.47 64.85
CA THR C 1102 27.48 -27.86 64.38
C THR C 1102 27.46 -27.87 62.86
N GLN C 1103 26.42 -28.50 62.31
CA GLN C 1103 26.23 -28.53 60.88
C GLN C 1103 25.84 -27.15 60.37
N ARG C 1104 25.95 -26.97 59.05
CA ARG C 1104 25.83 -25.63 58.48
C ARG C 1104 24.40 -25.10 58.51
N ASN C 1105 23.39 -25.96 58.61
CA ASN C 1105 22.02 -25.47 58.50
C ASN C 1105 21.08 -26.15 59.47
N PHE C 1106 21.60 -26.66 60.59
CA PHE C 1106 20.73 -27.21 61.64
C PHE C 1106 21.56 -27.29 62.92
N TYR C 1107 21.15 -26.56 63.95
CA TYR C 1107 21.91 -26.52 65.19
C TYR C 1107 21.91 -27.88 65.87
N GLU C 1108 23.05 -28.56 65.87
CA GLU C 1108 23.20 -29.85 66.54
C GLU C 1108 24.61 -29.92 67.08
N PRO C 1109 24.83 -29.50 68.33
CA PRO C 1109 26.18 -29.42 68.86
C PRO C 1109 26.79 -30.80 69.04
N GLN C 1110 28.04 -30.94 68.61
CA GLN C 1110 28.85 -32.12 68.84
C GLN C 1110 30.14 -31.67 69.51
N ILE C 1111 30.59 -32.41 70.52
CA ILE C 1111 31.83 -32.04 71.20
C ILE C 1111 32.98 -32.11 70.21
N ILE C 1112 33.92 -31.17 70.36
CA ILE C 1112 35.00 -31.05 69.38
C ILE C 1112 35.92 -32.26 69.48
N THR C 1113 36.15 -32.90 68.34
CA THR C 1113 36.98 -34.10 68.28
C THR C 1113 37.85 -34.03 67.02
N THR C 1114 38.94 -34.79 67.05
CA THR C 1114 39.81 -34.84 65.88
C THR C 1114 39.17 -35.59 64.71
N ASP C 1115 38.05 -36.27 64.92
CA ASP C 1115 37.37 -36.93 63.82
C ASP C 1115 36.85 -35.92 62.80
N ASN C 1116 36.32 -34.79 63.27
CA ASN C 1116 35.85 -33.72 62.40
C ASN C 1116 36.71 -32.47 62.54
N THR C 1117 38.02 -32.65 62.64
CA THR C 1117 38.94 -31.53 62.75
C THR C 1117 40.31 -31.96 62.25
N PHE C 1118 40.95 -31.10 61.45
CA PHE C 1118 42.25 -31.42 60.86
C PHE C 1118 43.24 -30.30 61.13
N VAL C 1119 44.44 -30.68 61.58
CA VAL C 1119 45.47 -29.70 61.92
C VAL C 1119 45.97 -29.03 60.65
N SER C 1120 46.29 -27.73 60.76
CA SER C 1120 46.73 -26.95 59.61
C SER C 1120 47.77 -25.91 60.02
N GLY C 1121 48.78 -26.34 60.78
CA GLY C 1121 49.88 -25.46 61.14
C GLY C 1121 49.65 -24.74 62.45
N ASN C 1122 50.63 -23.90 62.79
CA ASN C 1122 50.59 -23.17 64.05
C ASN C 1122 49.51 -22.10 64.02
N CYS C 1123 49.12 -21.66 65.22
CA CYS C 1123 47.99 -20.75 65.41
C CYS C 1123 48.43 -19.31 65.59
N ASP C 1124 49.46 -18.87 64.89
CA ASP C 1124 49.90 -17.49 64.97
C ASP C 1124 49.29 -16.61 63.88
N VAL C 1125 49.35 -17.07 62.62
CA VAL C 1125 48.94 -16.23 61.50
C VAL C 1125 47.42 -16.03 61.50
N VAL C 1126 46.66 -17.06 61.86
CA VAL C 1126 45.20 -16.95 61.84
C VAL C 1126 44.74 -15.89 62.81
N ILE C 1127 43.78 -15.08 62.39
CA ILE C 1127 43.25 -14.00 63.22
C ILE C 1127 41.91 -14.43 63.77
N GLY C 1128 41.59 -13.94 64.97
CA GLY C 1128 40.34 -14.26 65.63
C GLY C 1128 40.31 -15.60 66.33
N ILE C 1129 41.40 -16.35 66.32
CA ILE C 1129 41.40 -17.68 66.92
C ILE C 1129 41.30 -17.56 68.44
N VAL C 1130 40.64 -18.54 69.05
CA VAL C 1130 40.40 -18.53 70.50
C VAL C 1130 40.94 -19.83 71.08
N ASN C 1131 41.39 -19.76 72.34
CA ASN C 1131 41.90 -20.93 73.01
C ASN C 1131 40.76 -21.83 73.47
N ASN C 1132 41.00 -23.14 73.45
CA ASN C 1132 40.01 -24.15 73.79
C ASN C 1132 40.72 -25.50 73.77
N THR C 1133 40.02 -26.53 74.22
CA THR C 1133 40.54 -27.89 74.17
C THR C 1133 39.88 -28.67 73.03
N VAL C 1134 40.52 -29.77 72.65
CA VAL C 1134 39.98 -30.69 71.66
C VAL C 1134 40.15 -32.10 72.19
N TYR C 1135 39.15 -32.95 71.92
CA TYR C 1135 39.11 -34.30 72.46
C TYR C 1135 39.86 -35.27 71.57
N ASP C 1136 40.59 -36.19 72.19
CA ASP C 1136 41.32 -37.24 71.49
C ASP C 1136 40.61 -38.56 71.66
N PRO C 1137 39.97 -39.11 70.62
CA PRO C 1137 39.24 -40.37 70.79
C PRO C 1137 40.11 -41.53 71.23
N LEU C 1138 41.38 -41.58 70.79
CA LEU C 1138 42.25 -42.69 71.12
C LEU C 1138 42.75 -42.65 72.56
N GLN C 1139 42.73 -41.49 73.20
CA GLN C 1139 43.31 -41.36 74.54
C GLN C 1139 42.60 -42.19 75.60
N PRO C 1140 41.26 -42.15 75.74
CA PRO C 1140 40.63 -42.90 76.84
C PRO C 1140 40.85 -44.40 76.80
N GLU C 1141 41.05 -44.99 75.62
CA GLU C 1141 41.27 -46.42 75.54
C GLU C 1141 42.71 -46.83 75.83
N LEU C 1142 43.65 -45.88 75.80
CA LEU C 1142 45.05 -46.24 76.00
C LEU C 1142 45.31 -46.73 77.43
N ASP C 1143 44.88 -45.95 78.42
CA ASP C 1143 45.12 -46.34 79.80
C ASP C 1143 44.15 -47.43 80.26
N SER C 1144 42.90 -47.37 79.79
CA SER C 1144 41.89 -48.35 80.17
C SER C 1144 41.82 -49.47 79.13
N GLN D 1 27.73 20.79 -78.78
CA GLN D 1 26.40 20.23 -78.98
C GLN D 1 25.47 20.59 -77.83
N VAL D 2 25.79 20.07 -76.64
CA VAL D 2 24.97 20.33 -75.47
C VAL D 2 25.25 21.75 -74.97
N GLN D 3 24.21 22.58 -74.95
CA GLN D 3 24.31 23.97 -74.51
C GLN D 3 23.32 24.22 -73.39
N LEU D 4 23.79 24.83 -72.31
CA LEU D 4 22.96 25.17 -71.16
C LEU D 4 23.15 26.65 -70.87
N GLN D 5 22.04 27.39 -70.82
CA GLN D 5 22.09 28.84 -70.73
C GLN D 5 21.28 29.33 -69.53
N GLN D 6 21.75 30.42 -68.93
CA GLN D 6 21.08 31.11 -67.84
C GLN D 6 21.17 32.61 -68.09
N PRO D 7 20.23 33.39 -67.56
CA PRO D 7 20.31 34.84 -67.72
C PRO D 7 21.55 35.41 -67.06
N GLY D 8 22.07 36.50 -67.64
CA GLY D 8 23.33 37.05 -67.16
C GLY D 8 23.26 37.56 -65.74
N ALA D 9 22.22 38.33 -65.43
CA ALA D 9 22.07 38.90 -64.09
C ALA D 9 20.61 39.26 -63.87
N GLU D 10 20.24 39.37 -62.60
CA GLU D 10 18.89 39.75 -62.20
C GLU D 10 18.96 40.66 -60.99
N LEU D 11 18.12 41.70 -60.99
CA LEU D 11 18.01 42.63 -59.88
C LEU D 11 16.58 42.58 -59.34
N VAL D 12 16.45 42.40 -58.03
CA VAL D 12 15.15 42.25 -57.39
C VAL D 12 15.12 43.11 -56.13
N LYS D 13 13.97 43.75 -55.89
CA LYS D 13 13.78 44.52 -54.69
C LYS D 13 13.67 43.58 -53.47
N PRO D 14 14.14 44.02 -52.31
CA PRO D 14 14.00 43.18 -51.11
C PRO D 14 12.53 42.93 -50.78
N GLY D 15 12.24 41.71 -50.34
CA GLY D 15 10.88 41.32 -50.04
C GLY D 15 10.05 40.89 -51.23
N ALA D 16 10.60 40.96 -52.44
CA ALA D 16 9.89 40.57 -53.64
C ALA D 16 10.29 39.15 -54.04
N SER D 17 9.86 38.72 -55.23
CA SER D 17 10.17 37.40 -55.74
C SER D 17 10.78 37.52 -57.13
N VAL D 18 11.71 36.62 -57.44
CA VAL D 18 12.38 36.57 -58.73
C VAL D 18 12.24 35.16 -59.30
N LYS D 19 11.90 35.07 -60.58
CA LYS D 19 11.76 33.79 -61.28
C LYS D 19 12.67 33.82 -62.50
N MET D 20 13.72 33.01 -62.47
CA MET D 20 14.70 32.96 -63.55
C MET D 20 14.66 31.60 -64.23
N SER D 21 15.11 31.57 -65.48
CA SER D 21 15.03 30.38 -66.31
C SER D 21 16.38 29.67 -66.38
N CYS D 22 16.32 28.39 -66.79
CA CYS D 22 17.51 27.55 -67.00
C CYS D 22 17.28 26.80 -68.31
N LYS D 23 17.76 27.38 -69.41
CA LYS D 23 17.50 26.84 -70.73
C LYS D 23 18.58 25.84 -71.11
N ALA D 24 18.17 24.60 -71.37
CA ALA D 24 19.05 23.53 -71.77
C ALA D 24 18.75 23.13 -73.21
N SER D 25 19.80 22.80 -73.96
CA SER D 25 19.66 22.42 -75.36
C SER D 25 20.79 21.47 -75.73
N GLY D 26 20.61 20.80 -76.88
CA GLY D 26 21.57 19.84 -77.37
C GLY D 26 21.38 18.42 -76.88
N TYR D 27 20.41 18.18 -76.01
CA TYR D 27 20.14 16.83 -75.51
C TYR D 27 18.69 16.76 -75.08
N THR D 28 18.22 15.52 -74.89
CA THR D 28 16.84 15.30 -74.46
C THR D 28 16.66 15.82 -73.04
N PHE D 29 15.85 16.87 -72.89
CA PHE D 29 15.70 17.53 -71.61
C PHE D 29 15.08 16.62 -70.56
N ILE D 30 14.08 15.82 -70.95
CA ILE D 30 13.34 15.03 -70.00
C ILE D 30 14.13 13.84 -69.46
N THR D 31 15.16 13.39 -70.18
CA THR D 31 15.91 12.21 -69.79
C THR D 31 17.00 12.50 -68.75
N TYR D 32 17.27 13.76 -68.44
CA TYR D 32 18.33 14.12 -67.50
C TYR D 32 17.76 15.01 -66.41
N TRP D 33 18.18 14.76 -65.18
CA TRP D 33 17.77 15.57 -64.05
C TRP D 33 18.35 16.98 -64.17
N ILE D 34 17.70 17.93 -63.49
CA ILE D 34 18.17 19.30 -63.42
C ILE D 34 18.41 19.62 -61.95
N THR D 35 19.66 19.87 -61.59
CA THR D 35 20.05 20.19 -60.23
C THR D 35 20.47 21.66 -60.14
N TRP D 36 20.45 22.19 -58.92
CA TRP D 36 20.75 23.59 -58.68
C TRP D 36 21.78 23.72 -57.56
N VAL D 37 22.71 24.65 -57.76
CA VAL D 37 23.80 24.87 -56.81
C VAL D 37 23.90 26.37 -56.55
N LYS D 38 23.96 26.75 -55.28
CA LYS D 38 24.12 28.14 -54.87
C LYS D 38 25.56 28.39 -54.45
N GLN D 39 26.15 29.47 -54.96
CA GLN D 39 27.52 29.84 -54.64
C GLN D 39 27.55 31.31 -54.26
N ARG D 40 27.73 31.59 -52.97
CA ARG D 40 27.88 32.96 -52.52
C ARG D 40 29.18 33.55 -53.06
N PRO D 41 29.17 34.84 -53.47
CA PRO D 41 30.41 35.45 -53.96
C PRO D 41 31.59 35.29 -52.99
N GLY D 42 32.62 34.57 -53.42
CA GLY D 42 33.77 34.31 -52.60
C GLY D 42 33.62 33.14 -51.64
N GLN D 43 32.50 32.43 -51.67
CA GLN D 43 32.25 31.30 -50.79
C GLN D 43 32.15 30.02 -51.60
N GLY D 44 31.83 28.93 -50.91
CA GLY D 44 31.74 27.62 -51.53
C GLY D 44 30.41 27.39 -52.23
N LEU D 45 30.18 26.13 -52.58
CA LEU D 45 29.00 25.72 -53.33
C LEU D 45 27.99 25.09 -52.38
N GLU D 46 26.73 25.48 -52.52
CA GLU D 46 25.64 24.97 -51.70
C GLU D 46 24.55 24.41 -52.59
N TRP D 47 24.10 23.19 -52.29
CA TRP D 47 23.06 22.55 -53.08
C TRP D 47 21.68 23.03 -52.64
N ILE D 48 20.81 23.29 -53.62
CA ILE D 48 19.44 23.75 -53.36
C ILE D 48 18.43 22.64 -53.61
N GLY D 49 18.40 22.09 -54.81
CA GLY D 49 17.47 21.03 -55.12
C GLY D 49 17.69 20.51 -56.52
N ASP D 50 17.07 19.36 -56.79
CA ASP D 50 17.13 18.72 -58.09
C ASP D 50 15.72 18.31 -58.51
N ILE D 51 15.48 18.36 -59.82
CA ILE D 51 14.17 18.07 -60.38
C ILE D 51 14.34 17.23 -61.64
N TYR D 52 13.44 16.25 -61.82
CA TYR D 52 13.39 15.48 -63.05
C TYR D 52 12.29 16.04 -63.94
N PRO D 53 12.60 16.48 -65.16
CA PRO D 53 11.55 17.06 -66.02
C PRO D 53 10.41 16.09 -66.32
N GLY D 54 10.69 14.80 -66.39
CA GLY D 54 9.64 13.83 -66.65
C GLY D 54 8.89 13.43 -65.41
N GLY D 55 7.67 13.96 -65.26
CA GLY D 55 6.85 13.70 -64.10
C GLY D 55 6.86 14.82 -63.06
N GLY D 56 7.83 15.73 -63.13
CA GLY D 56 7.89 16.84 -62.20
C GLY D 56 8.31 16.47 -60.79
N ARG D 57 9.01 15.36 -60.62
CA ARG D 57 9.46 14.96 -59.29
C ARG D 57 10.48 15.96 -58.75
N THR D 58 10.32 16.34 -57.49
CA THR D 58 11.16 17.37 -56.88
C THR D 58 11.77 16.84 -55.59
N ASN D 59 12.92 17.40 -55.22
CA ASN D 59 13.59 17.08 -53.97
C ASN D 59 14.30 18.35 -53.50
N TYR D 60 13.73 19.00 -52.49
CA TYR D 60 14.23 20.27 -51.99
C TYR D 60 15.10 20.06 -50.76
N ASN D 61 16.13 20.89 -50.62
CA ASN D 61 16.97 20.85 -49.44
C ASN D 61 16.18 21.31 -48.21
N GLU D 62 16.55 20.77 -47.05
CA GLU D 62 15.87 21.13 -45.81
C GLU D 62 16.06 22.60 -45.47
N LYS D 63 17.23 23.17 -45.79
CA LYS D 63 17.46 24.58 -45.54
C LYS D 63 16.64 25.46 -46.48
N PHE D 64 16.49 25.03 -47.73
CA PHE D 64 15.81 25.83 -48.75
C PHE D 64 14.41 25.30 -49.07
N LYS D 65 13.82 24.50 -48.17
CA LYS D 65 12.49 23.98 -48.42
C LYS D 65 11.45 25.09 -48.48
N SER D 66 11.58 26.09 -47.60
CA SER D 66 10.64 27.21 -47.57
C SER D 66 11.07 28.37 -48.47
N LYS D 67 12.26 28.30 -49.07
CA LYS D 67 12.77 29.36 -49.93
C LYS D 67 12.67 29.03 -51.41
N ALA D 68 12.90 27.77 -51.79
CA ALA D 68 12.95 27.36 -53.19
C ALA D 68 11.61 26.76 -53.61
N THR D 69 11.01 27.34 -54.64
CA THR D 69 9.81 26.80 -55.29
C THR D 69 10.16 26.58 -56.75
N LEU D 70 10.41 25.33 -57.11
CA LEU D 70 11.02 24.99 -58.39
C LEU D 70 10.01 24.30 -59.30
N THR D 71 9.87 24.80 -60.52
CA THR D 71 9.00 24.22 -61.52
C THR D 71 9.73 24.19 -62.86
N VAL D 72 9.32 23.27 -63.72
CA VAL D 72 9.94 23.11 -65.04
C VAL D 72 8.85 23.14 -66.10
N ASP D 73 9.27 23.49 -67.32
CA ASP D 73 8.40 23.54 -68.49
C ASP D 73 9.03 22.68 -69.57
N THR D 74 8.57 21.42 -69.69
CA THR D 74 9.14 20.50 -70.66
C THR D 74 8.84 20.91 -72.11
N SER D 75 7.81 21.73 -72.33
CA SER D 75 7.50 22.16 -73.69
C SER D 75 8.62 23.02 -74.26
N SER D 76 9.18 23.92 -73.45
CA SER D 76 10.28 24.79 -73.87
C SER D 76 11.65 24.25 -73.45
N SER D 77 11.69 23.09 -72.79
CA SER D 77 12.95 22.50 -72.30
C SER D 77 13.70 23.48 -71.41
N THR D 78 12.97 24.20 -70.56
CA THR D 78 13.54 25.20 -69.69
C THR D 78 13.06 24.98 -68.25
N ALA D 79 13.97 25.16 -67.30
CA ALA D 79 13.65 25.03 -65.88
C ALA D 79 13.57 26.40 -65.24
N TYR D 80 12.52 26.63 -64.47
CA TYR D 80 12.27 27.92 -63.83
C TYR D 80 12.56 27.81 -62.34
N MET D 81 13.36 28.73 -61.81
CA MET D 81 13.70 28.79 -60.40
C MET D 81 13.08 30.04 -59.79
N GLN D 82 12.29 29.86 -58.74
CA GLN D 82 11.59 30.96 -58.08
C GLN D 82 12.10 31.08 -56.66
N LEU D 83 12.38 32.32 -56.24
CA LEU D 83 12.85 32.62 -54.89
C LEU D 83 11.87 33.59 -54.24
N ARG D 84 11.60 33.37 -52.95
CA ARG D 84 10.64 34.17 -52.22
C ARG D 84 11.22 34.58 -50.87
N SER D 85 10.69 35.69 -50.35
CA SER D 85 11.13 36.26 -49.07
C SER D 85 12.64 36.51 -49.07
N LEU D 86 13.13 37.11 -50.16
CA LEU D 86 14.56 37.34 -50.32
C LEU D 86 15.06 38.39 -49.34
N THR D 87 16.23 38.14 -48.77
CA THR D 87 16.90 39.06 -47.86
C THR D 87 18.30 39.36 -48.39
N SER D 88 19.09 40.09 -47.60
CA SER D 88 20.44 40.43 -48.00
C SER D 88 21.35 39.20 -48.07
N GLU D 89 21.03 38.15 -47.32
CA GLU D 89 21.85 36.93 -47.35
C GLU D 89 21.61 36.10 -48.61
N ASP D 90 20.58 36.41 -49.39
CA ASP D 90 20.25 35.65 -50.60
C ASP D 90 20.90 36.22 -51.85
N SER D 91 21.72 37.26 -51.73
CA SER D 91 22.40 37.84 -52.88
C SER D 91 23.59 36.96 -53.23
N ALA D 92 23.42 36.12 -54.25
CA ALA D 92 24.47 35.18 -54.66
C ALA D 92 24.21 34.78 -56.10
N VAL D 93 25.12 33.97 -56.64
CA VAL D 93 25.03 33.46 -58.00
C VAL D 93 24.52 32.03 -57.95
N TYR D 94 23.45 31.75 -58.70
CA TYR D 94 22.83 30.43 -58.74
C TYR D 94 23.16 29.75 -60.05
N TYR D 95 23.63 28.51 -59.98
CA TYR D 95 24.00 27.73 -61.14
C TYR D 95 23.10 26.50 -61.25
N CYS D 96 22.56 26.27 -62.45
CA CYS D 96 21.78 25.08 -62.72
C CYS D 96 22.62 24.11 -63.54
N ALA D 97 22.61 22.84 -63.14
CA ALA D 97 23.41 21.81 -63.81
C ALA D 97 22.54 20.58 -64.01
N ARG D 98 23.11 19.59 -64.68
CA ARG D 98 22.41 18.35 -64.99
C ARG D 98 23.22 17.16 -64.52
N TYR D 99 22.51 16.09 -64.16
CA TYR D 99 23.11 14.82 -63.80
C TYR D 99 22.21 13.69 -64.25
N ASP D 100 22.81 12.61 -64.76
CA ASP D 100 22.02 11.48 -65.25
C ASP D 100 21.42 10.66 -64.12
N GLY D 101 21.99 10.72 -62.92
CA GLY D 101 21.44 9.98 -61.79
C GLY D 101 21.46 8.48 -61.97
N ASN D 102 22.53 7.94 -62.55
CA ASN D 102 22.66 6.52 -62.79
C ASN D 102 23.71 5.95 -61.84
N TYR D 103 23.31 4.99 -61.01
CA TYR D 103 24.26 4.36 -60.09
C TYR D 103 25.38 3.69 -60.84
N VAL D 104 25.09 3.16 -62.03
CA VAL D 104 26.12 2.53 -62.85
C VAL D 104 27.08 3.58 -63.41
N GLY D 105 26.56 4.71 -63.87
CA GLY D 105 27.37 5.70 -64.55
C GLY D 105 27.16 7.09 -64.02
N TYR D 106 28.25 7.68 -63.51
CA TYR D 106 28.37 9.09 -63.16
C TYR D 106 27.60 9.46 -61.89
N TYR D 107 26.76 8.57 -61.40
CA TYR D 107 25.93 8.78 -60.19
C TYR D 107 25.40 10.21 -60.21
N TYR D 108 25.84 11.09 -59.32
CA TYR D 108 25.40 12.48 -59.26
C TYR D 108 26.37 13.46 -59.92
N ALA D 109 27.22 13.01 -60.84
CA ALA D 109 28.19 13.91 -61.45
C ALA D 109 27.51 14.99 -62.28
N MET D 110 28.03 16.21 -62.20
CA MET D 110 27.50 17.36 -62.94
C MET D 110 28.49 17.69 -64.05
N ASP D 111 28.30 17.04 -65.20
CA ASP D 111 29.24 17.22 -66.31
C ASP D 111 29.06 18.57 -66.99
N TYR D 112 27.82 19.02 -67.15
CA TYR D 112 27.52 20.26 -67.84
C TYR D 112 26.95 21.28 -66.86
N TRP D 113 27.33 22.54 -67.05
CA TRP D 113 26.92 23.63 -66.18
C TRP D 113 26.41 24.80 -66.99
N GLY D 114 25.50 25.57 -66.40
CA GLY D 114 25.05 26.80 -67.00
C GLY D 114 25.93 27.98 -66.62
N GLN D 115 25.80 29.07 -67.38
CA GLN D 115 26.63 30.25 -67.14
C GLN D 115 26.31 30.91 -65.80
N GLY D 116 25.13 30.68 -65.25
CA GLY D 116 24.78 31.22 -63.95
C GLY D 116 24.18 32.62 -64.05
N THR D 117 23.53 33.01 -62.96
CA THR D 117 22.89 34.33 -62.86
C THR D 117 23.31 34.98 -61.56
N SER D 118 23.84 36.20 -61.66
CA SER D 118 24.23 36.97 -60.48
C SER D 118 23.00 37.68 -59.93
N VAL D 119 22.45 37.17 -58.83
CA VAL D 119 21.25 37.72 -58.22
C VAL D 119 21.69 38.70 -57.13
N THR D 120 21.27 39.95 -57.25
CA THR D 120 21.58 40.99 -56.28
C THR D 120 20.27 41.53 -55.70
N VAL D 121 20.17 41.55 -54.38
CA VAL D 121 18.99 42.04 -53.68
C VAL D 121 19.36 43.35 -53.03
N SER D 122 18.71 44.43 -53.45
CA SER D 122 18.99 45.76 -52.90
C SER D 122 17.83 46.71 -53.18
N ASP E 1 24.21 15.77 -42.31
CA ASP E 1 24.87 16.48 -43.39
C ASP E 1 26.38 16.31 -43.32
N ILE E 2 26.96 15.73 -44.37
CA ILE E 2 28.39 15.49 -44.41
C ILE E 2 29.10 16.78 -44.79
N VAL E 3 30.08 17.18 -43.98
CA VAL E 3 30.87 18.38 -44.22
C VAL E 3 32.23 17.97 -44.77
N LEU E 4 32.67 18.65 -45.82
CA LEU E 4 33.92 18.35 -46.50
C LEU E 4 34.91 19.49 -46.29
N THR E 5 36.12 19.15 -45.87
CA THR E 5 37.18 20.13 -45.62
C THR E 5 38.31 19.89 -46.62
N GLN E 6 38.76 20.97 -47.25
CA GLN E 6 39.81 20.91 -48.26
C GLN E 6 41.06 21.61 -47.75
N SER E 7 42.19 20.90 -47.79
CA SER E 7 43.47 21.45 -47.38
C SER E 7 44.55 21.10 -48.39
N PRO E 8 45.49 22.01 -48.64
CA PRO E 8 45.54 23.37 -48.09
C PRO E 8 44.56 24.32 -48.78
N VAL E 9 44.09 25.33 -48.06
CA VAL E 9 43.18 26.31 -48.65
C VAL E 9 43.89 27.11 -49.73
N SER E 10 45.12 27.54 -49.45
CA SER E 10 45.94 28.28 -50.41
C SER E 10 47.18 27.45 -50.70
N LEU E 11 47.41 27.18 -51.99
CA LEU E 11 48.53 26.36 -52.42
C LEU E 11 49.26 27.03 -53.58
N ALA E 12 50.58 27.03 -53.51
CA ALA E 12 51.43 27.59 -54.56
C ALA E 12 52.30 26.48 -55.13
N VAL E 13 52.23 26.28 -56.44
CA VAL E 13 52.97 25.23 -57.12
C VAL E 13 53.63 25.81 -58.35
N SER E 14 54.92 25.54 -58.52
CA SER E 14 55.67 26.07 -59.65
C SER E 14 55.32 25.32 -60.93
N LEU E 15 55.94 25.74 -62.03
CA LEU E 15 55.67 25.12 -63.32
C LEU E 15 56.22 23.70 -63.35
N GLY E 16 55.38 22.74 -63.75
CA GLY E 16 55.79 21.36 -63.89
C GLY E 16 55.81 20.57 -62.59
N GLN E 17 55.48 21.18 -61.46
CA GLN E 17 55.51 20.49 -60.18
C GLN E 17 54.16 19.81 -59.91
N ARG E 18 54.04 19.20 -58.74
CA ARG E 18 52.86 18.44 -58.35
C ARG E 18 52.08 19.20 -57.30
N ALA E 19 50.77 19.31 -57.52
CA ALA E 19 49.86 19.97 -56.58
C ALA E 19 49.02 18.92 -55.88
N THR E 20 48.96 19.01 -54.55
CA THR E 20 48.23 18.05 -53.73
C THR E 20 47.03 18.73 -53.08
N ILE E 21 45.84 18.18 -53.30
CA ILE E 21 44.60 18.67 -52.71
C ILE E 21 43.93 17.49 -52.01
N SER E 22 43.62 17.67 -50.73
CA SER E 22 43.02 16.63 -49.92
C SER E 22 41.65 17.07 -49.42
N CYS E 23 40.65 16.20 -49.61
CA CYS E 23 39.29 16.44 -49.14
C CYS E 23 38.94 15.41 -48.09
N ARG E 24 38.49 15.87 -46.92
CA ARG E 24 38.16 14.99 -45.80
C ARG E 24 36.65 14.98 -45.60
N ALA E 25 36.09 13.79 -45.43
CA ALA E 25 34.66 13.62 -45.25
C ALA E 25 34.37 13.26 -43.80
N SER E 26 33.41 13.96 -43.20
CA SER E 26 33.04 13.69 -41.82
C SER E 26 32.38 12.33 -41.65
N GLU E 27 31.80 11.78 -42.72
CA GLU E 27 31.18 10.46 -42.69
C GLU E 27 31.63 9.66 -43.90
N SER E 28 31.55 8.35 -43.77
CA SER E 28 32.03 7.46 -44.83
C SER E 28 31.24 7.66 -46.11
N VAL E 29 31.95 7.74 -47.23
CA VAL E 29 31.34 7.89 -48.54
C VAL E 29 31.36 6.59 -49.35
N ASP E 30 32.29 5.69 -49.06
CA ASP E 30 32.37 4.42 -49.78
C ASP E 30 31.08 3.62 -49.60
N PHE E 31 30.61 3.03 -50.69
CA PHE E 31 29.38 2.22 -50.68
C PHE E 31 29.59 1.05 -51.63
N TYR E 32 29.81 -0.14 -51.05
CA TYR E 32 30.05 -1.36 -51.81
C TYR E 32 31.22 -1.20 -52.78
N GLY E 33 32.28 -0.53 -52.33
CA GLY E 33 33.44 -0.27 -53.14
C GLY E 33 33.35 0.94 -54.03
N ASN E 34 32.23 1.66 -54.01
CA ASN E 34 32.04 2.84 -54.83
C ASN E 34 32.15 4.09 -53.95
N SER E 35 33.04 5.00 -54.33
CA SER E 35 33.25 6.26 -53.62
C SER E 35 32.63 7.38 -54.45
N PHE E 36 31.66 8.08 -53.87
CA PHE E 36 30.94 9.13 -54.58
C PHE E 36 31.49 10.50 -54.18
N ILE E 37 32.66 10.82 -54.72
CA ILE E 37 33.32 12.10 -54.50
C ILE E 37 33.71 12.67 -55.85
N TYR E 38 33.37 13.94 -56.08
CA TYR E 38 33.57 14.59 -57.36
C TYR E 38 34.44 15.83 -57.19
N TRP E 39 35.32 16.06 -58.15
CA TRP E 39 36.22 17.21 -58.14
C TRP E 39 35.82 18.17 -59.25
N TYR E 40 35.61 19.43 -58.90
CA TYR E 40 35.20 20.45 -59.84
C TYR E 40 36.22 21.58 -59.87
N GLN E 41 36.49 22.09 -61.06
CA GLN E 41 37.39 23.23 -61.25
C GLN E 41 36.55 24.40 -61.73
N GLN E 42 36.62 25.52 -61.00
CA GLN E 42 35.84 26.71 -61.29
C GLN E 42 36.79 27.85 -61.60
N LYS E 43 36.90 28.20 -62.88
CA LYS E 43 37.66 29.38 -63.27
C LYS E 43 36.91 30.63 -62.83
N PRO E 44 37.64 31.71 -62.52
CA PRO E 44 36.97 32.95 -62.12
C PRO E 44 36.05 33.46 -63.23
N GLY E 45 34.85 33.89 -62.85
CA GLY E 45 33.88 34.38 -63.80
C GLY E 45 33.23 33.32 -64.64
N GLN E 46 33.43 32.04 -64.33
CA GLN E 46 32.89 30.94 -65.11
C GLN E 46 32.36 29.86 -64.18
N ALA E 47 31.47 29.03 -64.71
CA ALA E 47 30.90 27.95 -63.93
C ALA E 47 31.94 26.86 -63.66
N PRO E 48 31.79 26.12 -62.56
CA PRO E 48 32.72 25.02 -62.29
C PRO E 48 32.66 23.95 -63.37
N LYS E 49 33.81 23.35 -63.65
CA LYS E 49 33.94 22.28 -64.62
C LYS E 49 34.34 20.99 -63.91
N LEU E 50 33.59 19.93 -64.15
CA LEU E 50 33.88 18.65 -63.52
C LEU E 50 35.14 18.04 -64.11
N LEU E 51 36.03 17.56 -63.25
CA LEU E 51 37.28 16.94 -63.66
C LEU E 51 37.29 15.45 -63.39
N ILE E 52 37.03 15.04 -62.16
CA ILE E 52 37.05 13.63 -61.76
C ILE E 52 35.70 13.29 -61.15
N TYR E 53 35.08 12.22 -61.63
CA TYR E 53 33.83 11.72 -61.08
C TYR E 53 34.09 10.40 -60.37
N ARG E 54 33.39 10.20 -59.25
CA ARG E 54 33.55 9.02 -58.39
C ARG E 54 34.95 8.93 -57.79
N ALA E 55 35.70 10.03 -57.81
CA ALA E 55 37.00 10.20 -57.17
C ALA E 55 38.10 9.35 -57.79
N SER E 56 37.81 8.54 -58.81
CA SER E 56 38.82 7.68 -59.40
C SER E 56 38.81 7.66 -60.92
N ASN E 57 37.82 8.25 -61.59
CA ASN E 57 37.69 8.16 -63.03
C ASN E 57 37.81 9.55 -63.65
N LEU E 58 38.45 9.62 -64.82
CA LEU E 58 38.66 10.89 -65.51
C LEU E 58 37.48 11.22 -66.41
N GLU E 59 36.93 12.42 -66.24
CA GLU E 59 35.86 12.88 -67.10
C GLU E 59 36.38 13.15 -68.50
N SER E 60 35.53 12.91 -69.49
CA SER E 60 35.91 13.12 -70.89
C SER E 60 36.23 14.58 -71.14
N GLY E 61 37.33 14.83 -71.86
CA GLY E 61 37.78 16.17 -72.13
C GLY E 61 38.70 16.77 -71.09
N ILE E 62 38.90 16.10 -69.97
CA ILE E 62 39.78 16.58 -68.90
C ILE E 62 41.18 16.04 -69.15
N PRO E 63 42.22 16.88 -69.05
CA PRO E 63 43.58 16.38 -69.27
C PRO E 63 43.96 15.34 -68.24
N ALA E 64 44.85 14.43 -68.64
CA ALA E 64 45.28 13.33 -67.79
C ALA E 64 46.09 13.79 -66.58
N ARG E 65 46.50 15.05 -66.54
CA ARG E 65 47.28 15.55 -65.40
C ARG E 65 46.46 15.46 -64.11
N PHE E 66 45.17 15.77 -64.18
CA PHE E 66 44.30 15.67 -63.01
C PHE E 66 44.07 14.21 -62.65
N SER E 67 44.28 13.87 -61.38
CA SER E 67 44.10 12.51 -60.90
C SER E 67 43.67 12.54 -59.45
N GLY E 68 42.76 11.63 -59.10
CA GLY E 68 42.24 11.58 -57.75
C GLY E 68 42.43 10.22 -57.09
N SER E 69 42.35 10.19 -55.76
CA SER E 69 42.51 8.97 -54.99
C SER E 69 41.80 9.14 -53.66
N GLY E 70 42.05 8.24 -52.73
CA GLY E 70 41.44 8.28 -51.41
C GLY E 70 40.13 7.50 -51.36
N SER E 71 39.72 7.20 -50.13
CA SER E 71 38.49 6.44 -49.90
C SER E 71 37.98 6.73 -48.50
N ARG E 72 36.69 6.44 -48.30
CA ARG E 72 36.01 6.58 -47.01
C ARG E 72 36.08 8.04 -46.58
N THR E 73 36.74 8.37 -45.47
CA THR E 73 36.75 9.76 -45.00
C THR E 73 37.70 10.63 -45.80
N ASP E 74 38.85 10.10 -46.18
CA ASP E 74 39.93 10.89 -46.77
C ASP E 74 39.98 10.68 -48.28
N PHE E 75 40.07 11.77 -49.02
CA PHE E 75 40.23 11.74 -50.47
C PHE E 75 41.31 12.73 -50.88
N THR E 76 42.10 12.34 -51.88
CA THR E 76 43.22 13.14 -52.35
C THR E 76 43.16 13.30 -53.86
N LEU E 77 43.34 14.53 -54.33
CA LEU E 77 43.40 14.84 -55.75
C LEU E 77 44.80 15.35 -56.08
N THR E 78 45.43 14.73 -57.08
CA THR E 78 46.79 15.08 -57.49
C THR E 78 46.78 15.57 -58.93
N ILE E 79 47.40 16.71 -59.15
CA ILE E 79 47.55 17.30 -60.49
C ILE E 79 49.02 17.36 -60.82
N HIS E 80 49.41 16.69 -61.92
CA HIS E 80 50.81 16.65 -62.32
C HIS E 80 50.91 16.37 -63.82
N PRO E 81 51.54 17.25 -64.60
CA PRO E 81 52.13 18.51 -64.15
C PRO E 81 51.09 19.63 -63.99
N VAL E 82 51.49 20.72 -63.34
CA VAL E 82 50.61 21.87 -63.13
C VAL E 82 51.00 22.96 -64.11
N GLU E 83 50.04 23.43 -64.91
CA GLU E 83 50.28 24.43 -65.92
C GLU E 83 49.90 25.82 -65.43
N ALA E 84 50.17 26.81 -66.27
CA ALA E 84 49.85 28.20 -65.91
C ALA E 84 48.35 28.43 -65.85
N ASP E 85 47.60 27.79 -66.75
CA ASP E 85 46.15 27.97 -66.83
C ASP E 85 45.40 27.13 -65.81
N ASP E 86 46.06 26.58 -64.81
CA ASP E 86 45.41 25.79 -63.77
C ASP E 86 44.95 26.64 -62.59
N VAL E 87 45.13 27.96 -62.64
CA VAL E 87 44.73 28.84 -61.56
C VAL E 87 43.20 28.89 -61.52
N ALA E 88 42.61 28.23 -60.52
CA ALA E 88 41.16 28.16 -60.36
C ALA E 88 40.88 27.63 -58.96
N THR E 89 39.60 27.44 -58.66
CA THR E 89 39.15 26.93 -57.37
C THR E 89 38.66 25.50 -57.55
N TYR E 90 39.17 24.60 -56.71
CA TYR E 90 38.83 23.18 -56.76
C TYR E 90 37.89 22.84 -55.62
N TYR E 91 36.77 22.20 -55.94
CA TYR E 91 35.77 21.83 -54.96
C TYR E 91 35.53 20.33 -54.98
N CYS E 92 35.42 19.74 -53.79
CA CYS E 92 35.08 18.33 -53.63
C CYS E 92 33.64 18.22 -53.16
N GLN E 93 32.89 17.31 -53.77
CA GLN E 93 31.47 17.13 -53.48
C GLN E 93 31.19 15.67 -53.15
N GLN E 94 30.37 15.45 -52.13
CA GLN E 94 29.93 14.12 -51.74
C GLN E 94 28.46 13.95 -52.09
N SER E 95 28.07 12.73 -52.46
CA SER E 95 26.70 12.49 -52.90
C SER E 95 26.13 11.18 -52.35
N ILE E 96 26.76 10.59 -51.33
CA ILE E 96 26.28 9.31 -50.81
C ILE E 96 24.90 9.47 -50.18
N GLU E 97 24.70 10.54 -49.42
CA GLU E 97 23.42 10.76 -48.74
C GLU E 97 22.99 12.22 -48.94
N ASP E 98 21.68 12.41 -49.07
CA ASP E 98 21.13 13.75 -49.18
C ASP E 98 21.03 14.40 -47.79
N PRO E 99 21.21 15.73 -47.71
CA PRO E 99 21.53 16.63 -48.82
C PRO E 99 23.00 16.58 -49.24
N ARG E 100 23.26 16.72 -50.53
CA ARG E 100 24.63 16.74 -51.02
C ARG E 100 25.30 18.05 -50.66
N THR E 101 26.57 17.97 -50.25
CA THR E 101 27.33 19.13 -49.82
C THR E 101 28.67 19.16 -50.56
N PHE E 102 29.22 20.37 -50.64
CA PHE E 102 30.50 20.60 -51.31
C PHE E 102 31.57 20.96 -50.29
N GLY E 103 32.83 20.87 -50.73
CA GLY E 103 33.94 21.24 -49.89
C GLY E 103 34.12 22.74 -49.79
N GLY E 104 35.05 23.13 -48.91
CA GLY E 104 35.32 24.55 -48.73
C GLY E 104 36.04 25.19 -49.88
N GLY E 105 36.73 24.41 -50.70
CA GLY E 105 37.44 24.96 -51.85
C GLY E 105 38.88 25.29 -51.53
N THR E 106 39.72 25.22 -52.55
CA THR E 106 41.14 25.53 -52.42
C THR E 106 41.55 26.46 -53.55
N LYS E 107 42.55 27.30 -53.27
CA LYS E 107 43.08 28.26 -54.23
C LYS E 107 44.46 27.82 -54.68
N LEU E 108 44.64 27.75 -56.00
CA LEU E 108 45.91 27.35 -56.60
C LEU E 108 46.58 28.56 -57.20
N GLU E 109 47.85 28.76 -56.86
CA GLU E 109 48.63 29.89 -57.33
C GLU E 109 49.88 29.39 -58.06
N ILE E 110 50.20 30.03 -59.18
CA ILE E 110 51.38 29.66 -59.96
C ILE E 110 52.57 30.53 -59.56
N GLN F 1 -62.14 4.02 -43.56
CA GLN F 1 -62.40 4.92 -42.43
C GLN F 1 -61.11 5.31 -41.73
N VAL F 2 -60.54 4.38 -40.97
CA VAL F 2 -59.30 4.65 -40.25
C VAL F 2 -58.14 4.66 -41.26
N GLN F 3 -57.36 5.74 -41.23
CA GLN F 3 -56.24 5.89 -42.15
C GLN F 3 -55.04 6.48 -41.41
N LEU F 4 -53.87 5.90 -41.65
CA LEU F 4 -52.61 6.42 -41.15
C LEU F 4 -51.71 6.70 -42.34
N GLN F 5 -51.41 7.98 -42.55
CA GLN F 5 -50.71 8.43 -43.75
C GLN F 5 -49.30 8.86 -43.41
N GLN F 6 -48.34 8.43 -44.23
CA GLN F 6 -46.93 8.76 -44.08
C GLN F 6 -46.38 9.17 -45.43
N PRO F 7 -45.38 10.06 -45.44
CA PRO F 7 -44.74 10.41 -46.71
C PRO F 7 -44.01 9.23 -47.32
N GLY F 8 -43.90 9.24 -48.65
CA GLY F 8 -43.31 8.10 -49.34
C GLY F 8 -41.84 7.91 -49.00
N ALA F 9 -41.08 8.99 -49.00
CA ALA F 9 -39.65 8.91 -48.74
C ALA F 9 -39.14 10.23 -48.19
N GLU F 10 -38.02 10.16 -47.49
CA GLU F 10 -37.37 11.34 -46.91
C GLU F 10 -35.87 11.23 -47.10
N LEU F 11 -35.24 12.35 -47.45
CA LEU F 11 -33.80 12.42 -47.65
C LEU F 11 -33.21 13.38 -46.64
N VAL F 12 -32.24 12.91 -45.86
CA VAL F 12 -31.59 13.71 -44.82
C VAL F 12 -30.09 13.45 -44.87
N LYS F 13 -29.30 14.51 -44.71
CA LYS F 13 -27.87 14.38 -44.69
C LYS F 13 -27.41 13.71 -43.40
N PRO F 14 -26.30 12.97 -43.43
CA PRO F 14 -25.81 12.32 -42.21
C PRO F 14 -25.45 13.35 -41.16
N GLY F 15 -25.75 13.02 -39.90
CA GLY F 15 -25.50 13.90 -38.79
C GLY F 15 -26.56 14.95 -38.55
N ALA F 16 -27.57 15.04 -39.40
CA ALA F 16 -28.64 16.02 -39.25
C ALA F 16 -29.81 15.40 -38.50
N SER F 17 -30.94 16.09 -38.47
CA SER F 17 -32.15 15.60 -37.82
C SER F 17 -33.32 15.70 -38.79
N VAL F 18 -34.24 14.74 -38.68
CA VAL F 18 -35.42 14.68 -39.52
C VAL F 18 -36.64 14.55 -38.63
N LYS F 19 -37.70 15.26 -38.98
CA LYS F 19 -38.97 15.21 -38.25
C LYS F 19 -40.00 14.47 -39.10
N MET F 20 -40.80 13.64 -38.46
CA MET F 20 -41.74 12.75 -39.12
C MET F 20 -43.16 13.09 -38.71
N SER F 21 -44.11 12.84 -39.62
CA SER F 21 -45.53 13.06 -39.37
C SER F 21 -46.30 11.78 -39.69
N CYS F 22 -47.24 11.44 -38.82
CA CYS F 22 -48.12 10.29 -38.99
C CYS F 22 -49.55 10.77 -38.78
N LYS F 23 -50.20 11.17 -39.86
CA LYS F 23 -51.56 11.69 -39.80
C LYS F 23 -52.53 10.56 -39.48
N ALA F 24 -53.41 10.79 -38.51
CA ALA F 24 -54.41 9.83 -38.11
C ALA F 24 -55.80 10.38 -38.38
N SER F 25 -56.70 9.52 -38.84
CA SER F 25 -58.06 9.92 -39.15
C SER F 25 -58.98 8.71 -39.04
N GLY F 26 -60.28 8.99 -38.93
CA GLY F 26 -61.28 7.94 -38.86
C GLY F 26 -61.51 7.35 -37.49
N TYR F 27 -60.83 7.84 -36.46
CA TYR F 27 -60.97 7.29 -35.12
C TYR F 27 -60.55 8.37 -34.12
N THR F 28 -60.92 8.15 -32.86
CA THR F 28 -60.51 9.04 -31.78
C THR F 28 -59.02 8.85 -31.53
N PHE F 29 -58.23 9.86 -31.92
CA PHE F 29 -56.78 9.72 -31.90
C PHE F 29 -56.25 9.55 -30.47
N ILE F 30 -56.84 10.28 -29.51
CA ILE F 30 -56.31 10.28 -28.15
C ILE F 30 -56.58 8.99 -27.40
N THR F 31 -57.44 8.10 -27.91
CA THR F 31 -57.79 6.87 -27.22
C THR F 31 -56.98 5.67 -27.68
N TYR F 32 -56.04 5.85 -28.60
CA TYR F 32 -55.24 4.74 -29.12
C TYR F 32 -53.77 5.11 -29.09
N TRP F 33 -52.95 4.22 -28.52
CA TRP F 33 -51.51 4.43 -28.51
C TRP F 33 -50.94 4.39 -29.93
N ILE F 34 -49.82 5.08 -30.12
CA ILE F 34 -49.10 5.12 -31.38
C ILE F 34 -47.67 4.68 -31.13
N THR F 35 -47.15 3.82 -31.99
CA THR F 35 -45.78 3.34 -31.89
C THR F 35 -45.10 3.44 -33.24
N TRP F 36 -43.78 3.29 -33.23
CA TRP F 36 -42.97 3.29 -34.43
C TRP F 36 -42.10 2.05 -34.44
N VAL F 37 -42.03 1.39 -35.60
CA VAL F 37 -41.29 0.14 -35.75
C VAL F 37 -40.28 0.30 -36.88
N LYS F 38 -39.01 0.04 -36.60
CA LYS F 38 -37.93 0.18 -37.57
C LYS F 38 -37.68 -1.16 -38.26
N GLN F 39 -37.58 -1.13 -39.58
CA GLN F 39 -37.34 -2.33 -40.39
C GLN F 39 -36.22 -2.03 -41.38
N ARG F 40 -35.04 -2.57 -41.12
CA ARG F 40 -33.94 -2.42 -42.07
C ARG F 40 -34.25 -3.19 -43.35
N PRO F 41 -33.93 -2.62 -44.52
CA PRO F 41 -34.15 -3.34 -45.78
C PRO F 41 -33.54 -4.74 -45.78
N GLY F 42 -34.38 -5.75 -45.95
CA GLY F 42 -33.94 -7.13 -45.91
C GLY F 42 -33.85 -7.73 -44.53
N GLN F 43 -34.23 -7.00 -43.49
CA GLN F 43 -34.18 -7.47 -42.11
C GLN F 43 -35.60 -7.48 -41.52
N GLY F 44 -35.69 -7.76 -40.23
CA GLY F 44 -36.95 -7.85 -39.54
C GLY F 44 -37.42 -6.52 -38.98
N LEU F 45 -38.36 -6.60 -38.06
CA LEU F 45 -38.97 -5.42 -37.44
C LEU F 45 -38.36 -5.18 -36.06
N GLU F 46 -38.22 -3.91 -35.71
CA GLU F 46 -37.63 -3.51 -34.43
C GLU F 46 -38.48 -2.41 -33.81
N TRP F 47 -38.82 -2.58 -32.54
CA TRP F 47 -39.65 -1.62 -31.82
C TRP F 47 -38.80 -0.41 -31.38
N ILE F 48 -39.39 0.78 -31.47
CA ILE F 48 -38.72 2.02 -31.13
C ILE F 48 -39.27 2.63 -29.84
N GLY F 49 -40.59 2.79 -29.77
CA GLY F 49 -41.19 3.37 -28.57
C GLY F 49 -42.70 3.37 -28.66
N ASP F 50 -43.32 3.62 -27.51
CA ASP F 50 -44.77 3.68 -27.38
C ASP F 50 -45.17 5.02 -26.76
N ILE F 51 -46.16 5.68 -27.34
CA ILE F 51 -46.64 6.96 -26.85
C ILE F 51 -48.16 6.98 -26.87
N TYR F 52 -48.75 7.64 -25.87
CA TYR F 52 -50.20 7.80 -25.77
C TYR F 52 -50.56 9.24 -26.07
N PRO F 53 -51.37 9.49 -27.10
CA PRO F 53 -51.72 10.88 -27.45
C PRO F 53 -52.41 11.64 -26.33
N GLY F 54 -53.14 10.95 -25.45
CA GLY F 54 -53.83 11.62 -24.37
C GLY F 54 -52.96 11.83 -23.14
N GLY F 55 -52.41 13.03 -23.00
CA GLY F 55 -51.51 13.36 -21.93
C GLY F 55 -50.05 13.35 -22.31
N GLY F 56 -49.71 12.79 -23.47
CA GLY F 56 -48.33 12.80 -23.93
C GLY F 56 -47.41 11.85 -23.20
N ARG F 57 -47.95 10.81 -22.57
CA ARG F 57 -47.10 9.82 -21.91
C ARG F 57 -46.30 9.05 -22.95
N THR F 58 -45.00 8.95 -22.72
CA THR F 58 -44.07 8.36 -23.69
C THR F 58 -43.31 7.21 -23.07
N ASN F 59 -43.17 6.13 -23.83
CA ASN F 59 -42.34 4.98 -23.46
C ASN F 59 -41.34 4.74 -24.57
N TYR F 60 -40.06 4.65 -24.21
CA TYR F 60 -38.98 4.54 -25.18
C TYR F 60 -38.21 3.25 -24.97
N ASN F 61 -37.79 2.64 -26.08
CA ASN F 61 -36.89 1.50 -26.00
C ASN F 61 -35.51 1.96 -25.55
N GLU F 62 -34.80 1.09 -24.83
CA GLU F 62 -33.48 1.44 -24.33
C GLU F 62 -32.49 1.69 -25.48
N LYS F 63 -32.63 0.97 -26.58
CA LYS F 63 -31.72 1.17 -27.71
C LYS F 63 -32.01 2.47 -28.43
N PHE F 64 -33.29 2.84 -28.56
CA PHE F 64 -33.70 4.03 -29.31
C PHE F 64 -34.04 5.21 -28.41
N LYS F 65 -33.67 5.15 -27.12
CA LYS F 65 -34.01 6.24 -26.21
C LYS F 65 -33.28 7.53 -26.56
N SER F 66 -32.04 7.43 -27.03
CA SER F 66 -31.25 8.61 -27.38
C SER F 66 -31.32 8.95 -28.85
N LYS F 67 -31.84 8.04 -29.68
CA LYS F 67 -31.91 8.27 -31.12
C LYS F 67 -33.24 8.89 -31.54
N ALA F 68 -34.35 8.44 -30.98
CA ALA F 68 -35.67 8.87 -31.39
C ALA F 68 -36.37 9.63 -30.27
N THR F 69 -36.94 10.77 -30.62
CA THR F 69 -37.77 11.56 -29.72
C THR F 69 -39.17 11.64 -30.31
N LEU F 70 -40.18 11.29 -29.51
CA LEU F 70 -41.54 11.14 -30.00
C LEU F 70 -42.44 12.17 -29.34
N THR F 71 -43.23 12.86 -30.17
CA THR F 71 -44.19 13.86 -29.69
C THR F 71 -45.53 13.63 -30.40
N VAL F 72 -46.55 14.33 -29.93
CA VAL F 72 -47.91 14.20 -30.46
C VAL F 72 -48.47 15.58 -30.76
N ASP F 73 -49.46 15.60 -31.65
CA ASP F 73 -50.21 16.81 -31.99
C ASP F 73 -51.69 16.42 -32.03
N THR F 74 -52.35 16.53 -30.87
CA THR F 74 -53.76 16.15 -30.79
C THR F 74 -54.65 17.06 -31.61
N SER F 75 -54.24 18.32 -31.81
CA SER F 75 -55.03 19.24 -32.61
C SER F 75 -55.14 18.77 -34.05
N SER F 76 -54.04 18.30 -34.63
CA SER F 76 -54.02 17.79 -35.99
C SER F 76 -54.11 16.27 -36.07
N SER F 77 -54.20 15.60 -34.94
CA SER F 77 -54.25 14.13 -34.89
C SER F 77 -53.07 13.52 -35.64
N THR F 78 -51.89 14.10 -35.44
CA THR F 78 -50.68 13.67 -36.12
C THR F 78 -49.62 13.29 -35.09
N ALA F 79 -48.97 12.15 -35.32
CA ALA F 79 -47.89 11.68 -34.47
C ALA F 79 -46.54 12.09 -35.06
N TYR F 80 -45.67 12.62 -34.22
CA TYR F 80 -44.37 13.13 -34.65
C TYR F 80 -43.24 12.31 -34.06
N MET F 81 -42.32 11.90 -34.92
CA MET F 81 -41.13 11.14 -34.53
C MET F 81 -39.91 11.87 -35.07
N GLN F 82 -38.97 12.19 -34.19
CA GLN F 82 -37.77 12.92 -34.56
C GLN F 82 -36.53 12.08 -34.29
N LEU F 83 -35.69 11.93 -35.30
CA LEU F 83 -34.44 11.18 -35.20
C LEU F 83 -33.27 12.16 -35.25
N ARG F 84 -32.34 11.99 -34.30
CA ARG F 84 -31.16 12.83 -34.22
C ARG F 84 -29.91 11.97 -34.32
N SER F 85 -28.80 12.61 -34.69
CA SER F 85 -27.52 11.94 -34.89
C SER F 85 -27.66 10.78 -35.89
N LEU F 86 -28.32 11.07 -37.01
CA LEU F 86 -28.55 10.04 -38.02
C LEU F 86 -27.24 9.60 -38.65
N THR F 87 -27.10 8.29 -38.84
CA THR F 87 -25.93 7.69 -39.46
C THR F 87 -26.37 6.79 -40.61
N SER F 88 -25.40 6.08 -41.19
CA SER F 88 -25.70 5.17 -42.29
C SER F 88 -26.56 3.99 -41.84
N GLU F 89 -26.37 3.53 -40.60
CA GLU F 89 -27.12 2.40 -40.08
C GLU F 89 -28.58 2.73 -39.80
N ASP F 90 -28.95 4.01 -39.83
CA ASP F 90 -30.33 4.43 -39.56
C ASP F 90 -31.20 4.43 -40.81
N SER F 91 -30.65 4.07 -41.97
CA SER F 91 -31.44 4.02 -43.20
C SER F 91 -32.32 2.78 -43.17
N ALA F 92 -33.61 2.97 -42.93
CA ALA F 92 -34.56 1.88 -42.81
C ALA F 92 -35.96 2.42 -43.04
N VAL F 93 -36.96 1.54 -42.92
CA VAL F 93 -38.36 1.90 -43.08
C VAL F 93 -39.03 1.82 -41.72
N TYR F 94 -39.66 2.92 -41.31
CA TYR F 94 -40.33 3.02 -40.03
C TYR F 94 -41.84 3.12 -40.25
N TYR F 95 -42.60 2.31 -39.54
CA TYR F 95 -44.05 2.24 -39.68
C TYR F 95 -44.71 2.79 -38.43
N CYS F 96 -45.72 3.65 -38.63
CA CYS F 96 -46.54 4.18 -37.55
C CYS F 96 -47.88 3.47 -37.56
N ALA F 97 -48.34 3.08 -36.37
CA ALA F 97 -49.56 2.28 -36.27
C ALA F 97 -50.13 2.40 -34.87
N ARG F 98 -51.38 1.97 -34.72
CA ARG F 98 -52.13 2.12 -33.49
C ARG F 98 -52.61 0.76 -32.99
N TYR F 99 -52.58 0.60 -31.66
CA TYR F 99 -53.12 -0.58 -31.01
C TYR F 99 -54.03 -0.17 -29.86
N ASP F 100 -55.10 -0.93 -29.66
CA ASP F 100 -56.08 -0.60 -28.64
C ASP F 100 -55.58 -0.85 -27.22
N GLY F 101 -54.62 -1.75 -27.04
CA GLY F 101 -53.99 -1.95 -25.75
C GLY F 101 -54.92 -2.42 -24.64
N ASN F 102 -55.94 -3.21 -24.97
CA ASN F 102 -56.87 -3.72 -23.96
C ASN F 102 -56.47 -5.15 -23.60
N TYR F 103 -56.20 -5.37 -22.30
CA TYR F 103 -55.65 -6.66 -21.88
C TYR F 103 -56.63 -7.80 -22.15
N VAL F 104 -57.91 -7.60 -21.88
CA VAL F 104 -58.92 -8.63 -22.12
C VAL F 104 -59.33 -8.60 -23.58
N GLY F 105 -58.69 -7.73 -24.36
CA GLY F 105 -58.96 -7.64 -25.79
C GLY F 105 -57.74 -7.94 -26.63
N TYR F 106 -57.43 -7.06 -27.58
CA TYR F 106 -56.30 -7.29 -28.46
C TYR F 106 -54.97 -7.10 -27.74
N TYR F 107 -54.92 -6.22 -26.74
CA TYR F 107 -53.69 -5.89 -26.00
C TYR F 107 -52.71 -5.28 -27.01
N TYR F 108 -51.50 -5.80 -27.15
CA TYR F 108 -50.53 -5.25 -28.08
C TYR F 108 -50.70 -5.78 -29.50
N ALA F 109 -51.83 -6.42 -29.80
CA ALA F 109 -52.12 -6.81 -31.17
C ALA F 109 -52.23 -5.57 -32.03
N MET F 110 -51.58 -5.60 -33.19
CA MET F 110 -51.40 -4.40 -34.01
C MET F 110 -52.20 -4.61 -35.29
N ASP F 111 -53.48 -4.23 -35.24
CA ASP F 111 -54.42 -4.58 -36.32
C ASP F 111 -54.09 -3.82 -37.60
N TYR F 112 -53.89 -2.51 -37.50
CA TYR F 112 -53.72 -1.66 -38.67
C TYR F 112 -52.34 -1.03 -38.64
N TRP F 113 -51.76 -0.83 -39.82
CA TRP F 113 -50.40 -0.32 -39.97
C TRP F 113 -50.38 0.85 -40.94
N GLY F 114 -49.45 1.78 -40.70
CA GLY F 114 -49.18 2.81 -41.67
C GLY F 114 -48.30 2.33 -42.80
N GLN F 115 -48.31 3.09 -43.90
CA GLN F 115 -47.59 2.67 -45.10
C GLN F 115 -46.07 2.71 -44.92
N GLY F 116 -45.56 3.54 -44.02
CA GLY F 116 -44.14 3.60 -43.75
C GLY F 116 -43.41 4.57 -44.67
N THR F 117 -42.21 4.94 -44.26
CA THR F 117 -41.37 5.88 -44.99
C THR F 117 -39.93 5.37 -44.98
N SER F 118 -39.29 5.40 -46.15
CA SER F 118 -37.90 4.99 -46.28
C SER F 118 -37.01 6.23 -46.33
N VAL F 119 -35.89 6.18 -45.61
CA VAL F 119 -34.95 7.29 -45.51
C VAL F 119 -33.59 6.84 -46.02
N THR F 120 -32.99 7.65 -46.88
CA THR F 120 -31.62 7.44 -47.37
C THR F 120 -30.71 8.45 -46.70
N VAL F 121 -29.70 7.96 -45.99
CA VAL F 121 -28.76 8.80 -45.27
C VAL F 121 -27.46 8.80 -46.05
N SER F 122 -27.22 9.89 -46.78
CA SER F 122 -26.01 10.02 -47.60
C SER F 122 -25.67 11.48 -47.85
N ASP G 1 -34.29 -9.25 -22.82
CA ASP G 1 -34.85 -9.21 -24.17
C ASP G 1 -35.12 -10.62 -24.68
N ILE G 2 -36.38 -10.90 -24.98
CA ILE G 2 -36.77 -12.22 -25.49
C ILE G 2 -36.40 -12.29 -26.97
N VAL G 3 -35.63 -13.32 -27.33
CA VAL G 3 -35.17 -13.52 -28.69
C VAL G 3 -36.09 -14.51 -29.37
N LEU G 4 -36.69 -14.11 -30.48
CA LEU G 4 -37.61 -14.95 -31.24
C LEU G 4 -36.92 -15.48 -32.49
N THR G 5 -36.91 -16.80 -32.65
CA THR G 5 -36.30 -17.45 -33.80
C THR G 5 -37.41 -18.13 -34.62
N GLN G 6 -37.42 -17.85 -35.91
CA GLN G 6 -38.44 -18.38 -36.81
C GLN G 6 -37.82 -19.39 -37.75
N SER G 7 -38.39 -20.60 -37.80
CA SER G 7 -37.91 -21.66 -38.66
C SER G 7 -39.07 -22.27 -39.43
N PRO G 8 -38.87 -22.63 -40.71
CA PRO G 8 -37.64 -22.39 -41.47
C PRO G 8 -37.50 -20.95 -41.93
N VAL G 9 -36.27 -20.54 -42.27
CA VAL G 9 -36.06 -19.17 -42.76
C VAL G 9 -36.76 -18.96 -44.09
N SER G 10 -36.81 -20.01 -44.93
CA SER G 10 -37.52 -19.97 -46.19
C SER G 10 -38.35 -21.24 -46.34
N LEU G 11 -39.59 -21.09 -46.79
CA LEU G 11 -40.51 -22.21 -46.92
C LEU G 11 -41.16 -22.17 -48.29
N ALA G 12 -41.16 -23.32 -48.97
CA ALA G 12 -41.81 -23.47 -50.27
C ALA G 12 -42.97 -24.45 -50.12
N VAL G 13 -44.17 -24.00 -50.46
CA VAL G 13 -45.38 -24.79 -50.33
C VAL G 13 -46.23 -24.61 -51.58
N SER G 14 -46.66 -25.73 -52.17
CA SER G 14 -47.47 -25.69 -53.38
C SER G 14 -48.92 -25.38 -53.04
N LEU G 15 -49.75 -25.30 -54.09
CA LEU G 15 -51.17 -25.02 -53.91
C LEU G 15 -51.86 -26.17 -53.18
N GLY G 16 -52.73 -25.84 -52.24
CA GLY G 16 -53.50 -26.83 -51.53
C GLY G 16 -52.77 -27.55 -50.42
N GLN G 17 -51.51 -27.21 -50.16
CA GLN G 17 -50.73 -27.89 -49.14
C GLN G 17 -50.78 -27.11 -47.83
N ARG G 18 -50.02 -27.58 -46.85
CA ARG G 18 -49.98 -26.99 -45.51
C ARG G 18 -48.62 -26.34 -45.27
N ALA G 19 -48.64 -25.09 -44.82
CA ALA G 19 -47.42 -24.36 -44.48
C ALA G 19 -47.43 -24.07 -42.98
N THR G 20 -46.35 -24.44 -42.31
CA THR G 20 -46.21 -24.24 -40.87
C THR G 20 -44.98 -23.38 -40.60
N ILE G 21 -45.18 -22.28 -39.88
CA ILE G 21 -44.11 -21.38 -39.48
C ILE G 21 -44.04 -21.40 -37.96
N SER G 22 -42.89 -21.81 -37.43
CA SER G 22 -42.70 -21.97 -35.99
C SER G 22 -41.86 -20.82 -35.45
N CYS G 23 -42.34 -20.21 -34.37
CA CYS G 23 -41.64 -19.13 -33.69
C CYS G 23 -41.25 -19.62 -32.30
N ARG G 24 -39.95 -19.63 -32.02
CA ARG G 24 -39.43 -20.12 -30.74
C ARG G 24 -39.02 -18.93 -29.88
N ALA G 25 -39.43 -18.95 -28.62
CA ALA G 25 -39.15 -17.87 -27.69
C ALA G 25 -38.06 -18.29 -26.72
N SER G 26 -37.08 -17.40 -26.50
CA SER G 26 -36.02 -17.69 -25.55
C SER G 26 -36.52 -17.70 -24.10
N GLU G 27 -37.66 -17.08 -23.84
CA GLU G 27 -38.23 -17.03 -22.50
C GLU G 27 -39.72 -17.34 -22.58
N SER G 28 -40.30 -17.67 -21.43
CA SER G 28 -41.70 -18.04 -21.36
C SER G 28 -42.58 -16.87 -21.78
N VAL G 29 -43.61 -17.17 -22.58
CA VAL G 29 -44.55 -16.16 -23.04
C VAL G 29 -45.91 -16.29 -22.37
N ASP G 30 -46.29 -17.48 -21.91
CA ASP G 30 -47.57 -17.66 -21.24
C ASP G 30 -47.64 -16.85 -19.96
N PHE G 31 -48.79 -16.23 -19.72
CA PHE G 31 -49.01 -15.44 -18.51
C PHE G 31 -50.46 -15.67 -18.07
N TYR G 32 -50.65 -16.52 -17.06
CA TYR G 32 -51.96 -16.85 -16.53
C TYR G 32 -52.88 -17.37 -17.63
N GLY G 33 -52.36 -18.26 -18.47
CA GLY G 33 -53.12 -18.85 -19.55
C GLY G 33 -53.20 -18.03 -20.82
N ASN G 34 -52.59 -16.85 -20.84
CA ASN G 34 -52.60 -15.98 -22.00
C ASN G 34 -51.20 -15.94 -22.60
N SER G 35 -51.11 -16.30 -23.89
CA SER G 35 -49.85 -16.32 -24.61
C SER G 35 -49.79 -15.08 -25.51
N PHE G 36 -48.91 -14.15 -25.19
CA PHE G 36 -48.80 -12.89 -25.94
C PHE G 36 -47.86 -13.06 -27.13
N ILE G 37 -48.37 -13.77 -28.14
CA ILE G 37 -47.66 -13.97 -29.40
C ILE G 37 -48.59 -13.54 -30.53
N TYR G 38 -48.09 -12.69 -31.42
CA TYR G 38 -48.88 -12.17 -32.53
C TYR G 38 -48.20 -12.52 -33.84
N TRP G 39 -49.02 -12.80 -34.85
CA TRP G 39 -48.55 -13.17 -36.18
C TRP G 39 -48.94 -12.09 -37.18
N TYR G 40 -48.00 -11.75 -38.07
CA TYR G 40 -48.22 -10.71 -39.06
C TYR G 40 -47.76 -11.22 -40.43
N GLN G 41 -48.38 -10.67 -41.48
CA GLN G 41 -48.00 -10.96 -42.85
C GLN G 41 -47.60 -9.67 -43.54
N GLN G 42 -46.39 -9.62 -44.06
CA GLN G 42 -45.85 -8.41 -44.68
C GLN G 42 -45.52 -8.72 -46.14
N LYS G 43 -46.40 -8.29 -47.03
CA LYS G 43 -46.13 -8.40 -48.46
C LYS G 43 -45.01 -7.43 -48.84
N PRO G 44 -44.21 -7.77 -49.86
CA PRO G 44 -43.12 -6.87 -50.27
C PRO G 44 -43.67 -5.52 -50.69
N GLY G 45 -42.98 -4.47 -50.24
CA GLY G 45 -43.42 -3.11 -50.53
C GLY G 45 -44.63 -2.65 -49.77
N GLN G 46 -45.07 -3.40 -48.76
CA GLN G 46 -46.26 -3.07 -48.00
C GLN G 46 -46.01 -3.31 -46.53
N ALA G 47 -46.85 -2.70 -45.70
CA ALA G 47 -46.76 -2.85 -44.26
C ALA G 47 -47.29 -4.22 -43.82
N PRO G 48 -46.83 -4.73 -42.69
CA PRO G 48 -47.36 -6.00 -42.19
C PRO G 48 -48.84 -5.90 -41.85
N LYS G 49 -49.54 -7.02 -42.00
CA LYS G 49 -50.96 -7.11 -41.68
C LYS G 49 -51.15 -8.18 -40.60
N LEU G 50 -51.89 -7.82 -39.55
CA LEU G 50 -52.11 -8.73 -38.44
C LEU G 50 -52.96 -9.92 -38.87
N LEU G 51 -52.55 -11.12 -38.48
CA LEU G 51 -53.30 -12.33 -38.76
C LEU G 51 -53.82 -13.00 -37.49
N ILE G 52 -52.94 -13.28 -36.53
CA ILE G 52 -53.29 -13.99 -35.30
C ILE G 52 -52.84 -13.15 -34.12
N TYR G 53 -53.74 -12.97 -33.15
CA TYR G 53 -53.40 -12.31 -31.89
C TYR G 53 -53.66 -13.27 -30.74
N ARG G 54 -52.83 -13.14 -29.70
CA ARG G 54 -52.82 -14.04 -28.54
C ARG G 54 -52.51 -15.48 -28.95
N ALA G 55 -51.88 -15.66 -30.12
CA ALA G 55 -51.35 -16.94 -30.59
C ALA G 55 -52.44 -17.95 -30.89
N SER G 56 -53.71 -17.61 -30.62
CA SER G 56 -54.81 -18.54 -30.87
C SER G 56 -56.02 -17.91 -31.52
N ASN G 57 -56.15 -16.60 -31.58
CA ASN G 57 -57.36 -15.94 -32.06
C ASN G 57 -57.11 -15.31 -33.43
N LEU G 58 -58.04 -15.55 -34.35
CA LEU G 58 -57.94 -15.01 -35.71
C LEU G 58 -58.50 -13.60 -35.76
N GLU G 59 -57.74 -12.68 -36.35
CA GLU G 59 -58.20 -11.32 -36.53
C GLU G 59 -59.35 -11.27 -37.54
N SER G 60 -60.29 -10.35 -37.31
CA SER G 60 -61.43 -10.20 -38.19
C SER G 60 -60.98 -9.81 -39.59
N GLY G 61 -61.59 -10.43 -40.60
CA GLY G 61 -61.25 -10.20 -41.98
C GLY G 61 -60.19 -11.11 -42.54
N ILE G 62 -59.54 -11.92 -41.71
CA ILE G 62 -58.52 -12.86 -42.14
C ILE G 62 -59.20 -14.18 -42.49
N PRO G 63 -58.86 -14.81 -43.63
CA PRO G 63 -59.49 -16.09 -43.97
C PRO G 63 -59.16 -17.17 -42.94
N ALA G 64 -60.08 -18.13 -42.83
CA ALA G 64 -59.96 -19.19 -41.83
C ALA G 64 -58.79 -20.13 -42.10
N ARG G 65 -58.15 -20.05 -43.27
CA ARG G 65 -57.00 -20.90 -43.54
C ARG G 65 -55.86 -20.63 -42.57
N PHE G 66 -55.61 -19.36 -42.24
CA PHE G 66 -54.58 -19.02 -41.27
C PHE G 66 -55.02 -19.44 -39.87
N SER G 67 -54.13 -20.13 -39.15
CA SER G 67 -54.42 -20.57 -37.80
C SER G 67 -53.14 -20.57 -36.99
N GLY G 68 -53.28 -20.30 -35.70
CA GLY G 68 -52.15 -20.26 -34.79
C GLY G 68 -52.26 -21.32 -33.72
N SER G 69 -51.11 -21.81 -33.26
CA SER G 69 -51.07 -22.83 -32.23
C SER G 69 -49.74 -22.75 -31.50
N GLY G 70 -49.67 -23.40 -30.34
CA GLY G 70 -48.48 -23.43 -29.52
C GLY G 70 -48.72 -22.85 -28.15
N SER G 71 -47.75 -23.10 -27.28
CA SER G 71 -47.80 -22.63 -25.90
C SER G 71 -46.39 -22.60 -25.34
N ARG G 72 -46.23 -22.02 -24.15
CA ARG G 72 -44.95 -21.92 -23.45
C ARG G 72 -43.99 -21.13 -24.32
N THR G 73 -42.86 -21.70 -24.75
CA THR G 73 -41.85 -20.98 -25.51
C THR G 73 -41.83 -21.37 -26.99
N ASP G 74 -42.80 -22.16 -27.44
CA ASP G 74 -42.85 -22.59 -28.83
C ASP G 74 -44.24 -22.32 -29.39
N PHE G 75 -44.30 -21.67 -30.54
CA PHE G 75 -45.56 -21.36 -31.19
C PHE G 75 -45.42 -21.59 -32.69
N THR G 76 -46.51 -22.04 -33.31
CA THR G 76 -46.52 -22.36 -34.73
C THR G 76 -47.71 -21.69 -35.40
N LEU G 77 -47.49 -21.21 -36.63
CA LEU G 77 -48.54 -20.62 -37.45
C LEU G 77 -48.79 -21.56 -38.63
N THR G 78 -50.06 -21.95 -38.81
CA THR G 78 -50.45 -22.91 -39.83
C THR G 78 -51.33 -22.25 -40.87
N ILE G 79 -50.97 -22.41 -42.14
CA ILE G 79 -51.76 -21.91 -43.26
C ILE G 79 -52.21 -23.12 -44.08
N HIS G 80 -53.52 -23.34 -44.14
CA HIS G 80 -54.06 -24.47 -44.87
C HIS G 80 -55.49 -24.20 -45.32
N PRO G 81 -55.77 -24.19 -46.63
CA PRO G 81 -54.80 -24.38 -47.71
C PRO G 81 -54.01 -23.11 -48.03
N VAL G 82 -52.88 -23.25 -48.70
CA VAL G 82 -52.03 -22.12 -49.07
C VAL G 82 -52.37 -21.67 -50.48
N GLU G 83 -52.71 -20.40 -50.62
CA GLU G 83 -53.08 -19.83 -51.91
C GLU G 83 -51.90 -19.11 -52.55
N ALA G 84 -52.12 -18.65 -53.79
CA ALA G 84 -51.06 -17.98 -54.54
C ALA G 84 -50.67 -16.65 -53.88
N ASP G 85 -51.64 -15.91 -53.36
CA ASP G 85 -51.40 -14.59 -52.78
C ASP G 85 -50.73 -14.65 -51.41
N ASP G 86 -50.24 -15.81 -51.00
CA ASP G 86 -49.61 -15.97 -49.69
C ASP G 86 -48.11 -15.68 -49.71
N VAL G 87 -47.57 -15.26 -50.85
CA VAL G 87 -46.13 -14.98 -50.95
C VAL G 87 -45.87 -13.68 -50.17
N ALA G 88 -45.24 -13.82 -49.01
CA ALA G 88 -44.90 -12.68 -48.15
C ALA G 88 -43.96 -13.19 -47.07
N THR G 89 -43.58 -12.29 -46.17
CA THR G 89 -42.74 -12.62 -45.02
C THR G 89 -43.58 -12.54 -43.75
N TYR G 90 -43.55 -13.60 -42.95
CA TYR G 90 -44.35 -13.71 -41.74
C TYR G 90 -43.47 -13.46 -40.53
N TYR G 91 -43.94 -12.61 -39.62
CA TYR G 91 -43.20 -12.23 -38.43
C TYR G 91 -44.02 -12.55 -37.18
N CYS G 92 -43.31 -12.98 -36.12
CA CYS G 92 -43.91 -13.25 -34.82
C CYS G 92 -43.44 -12.20 -33.82
N GLN G 93 -44.37 -11.68 -33.03
CA GLN G 93 -44.07 -10.63 -32.06
C GLN G 93 -44.58 -11.05 -30.68
N GLN G 94 -43.76 -10.79 -29.67
CA GLN G 94 -44.11 -11.08 -28.29
C GLN G 94 -44.32 -9.78 -27.52
N SER G 95 -45.25 -9.83 -26.55
CA SER G 95 -45.57 -8.63 -25.78
C SER G 95 -45.75 -8.91 -24.29
N ILE G 96 -45.22 -10.04 -23.79
CA ILE G 96 -45.33 -10.33 -22.37
C ILE G 96 -44.47 -9.35 -21.57
N GLU G 97 -43.29 -9.02 -22.06
CA GLU G 97 -42.39 -8.11 -21.36
C GLU G 97 -41.72 -7.18 -22.37
N ASP G 98 -41.41 -5.97 -21.91
CA ASP G 98 -40.71 -4.99 -22.73
C ASP G 98 -39.21 -5.28 -22.74
N PRO G 99 -38.51 -4.95 -23.84
CA PRO G 99 -39.07 -4.43 -25.08
C PRO G 99 -39.70 -5.51 -25.96
N ARG G 100 -40.72 -5.14 -26.72
CA ARG G 100 -41.35 -6.08 -27.64
C ARG G 100 -40.44 -6.33 -28.83
N THR G 101 -40.22 -7.60 -29.15
CA THR G 101 -39.30 -8.01 -30.20
C THR G 101 -40.04 -8.75 -31.30
N PHE G 102 -39.46 -8.74 -32.49
CA PHE G 102 -40.00 -9.42 -33.65
C PHE G 102 -39.02 -10.49 -34.11
N GLY G 103 -39.56 -11.57 -34.67
CA GLY G 103 -38.74 -12.65 -35.14
C GLY G 103 -37.99 -12.31 -36.42
N GLY G 104 -37.11 -13.22 -36.81
CA GLY G 104 -36.33 -13.03 -38.02
C GLY G 104 -37.15 -13.03 -39.30
N GLY G 105 -38.30 -13.68 -39.28
CA GLY G 105 -39.18 -13.72 -40.43
C GLY G 105 -39.00 -14.98 -41.25
N THR G 106 -40.09 -15.44 -41.85
CA THR G 106 -40.11 -16.61 -42.72
C THR G 106 -40.67 -16.20 -44.07
N LYS G 107 -39.90 -16.43 -45.13
CA LYS G 107 -40.34 -16.12 -46.48
C LYS G 107 -41.05 -17.32 -47.08
N LEU G 108 -42.26 -17.11 -47.58
CA LEU G 108 -43.07 -18.18 -48.15
C LEU G 108 -43.07 -18.07 -49.66
N GLU G 109 -42.77 -19.17 -50.33
CA GLU G 109 -42.69 -19.23 -51.78
C GLU G 109 -43.65 -20.29 -52.31
N ILE G 110 -44.33 -19.96 -53.41
CA ILE G 110 -45.22 -20.92 -54.06
C ILE G 110 -44.44 -21.74 -55.09
N GLN H 1 -37.23 68.66 -14.05
CA GLN H 1 -36.32 68.47 -15.17
C GLN H 1 -36.00 66.99 -15.38
N VAL H 2 -35.42 66.36 -14.35
CA VAL H 2 -35.13 64.95 -14.41
C VAL H 2 -36.41 64.15 -14.14
N GLN H 3 -36.75 63.24 -15.05
CA GLN H 3 -37.99 62.49 -14.98
C GLN H 3 -37.75 61.03 -15.28
N LEU H 4 -38.40 60.16 -14.49
CA LEU H 4 -38.42 58.72 -14.73
C LEU H 4 -39.88 58.28 -14.75
N GLN H 5 -40.29 57.63 -15.82
CA GLN H 5 -41.70 57.35 -16.10
C GLN H 5 -41.98 55.85 -16.06
N GLN H 6 -42.99 55.46 -15.30
CA GLN H 6 -43.47 54.09 -15.27
C GLN H 6 -45.00 54.07 -15.24
N PRO H 7 -45.62 53.06 -15.84
CA PRO H 7 -47.10 53.04 -15.90
C PRO H 7 -47.70 52.55 -14.59
N GLY H 8 -49.04 52.48 -14.57
CA GLY H 8 -49.74 52.03 -13.38
C GLY H 8 -49.46 50.59 -13.04
N ALA H 9 -49.54 49.69 -14.03
CA ALA H 9 -49.40 48.27 -13.76
C ALA H 9 -49.07 47.50 -15.04
N GLU H 10 -48.60 46.27 -14.84
CA GLU H 10 -48.37 45.32 -15.92
C GLU H 10 -48.91 43.96 -15.50
N LEU H 11 -49.52 43.25 -16.45
CA LEU H 11 -50.11 41.94 -16.19
C LEU H 11 -49.38 40.89 -17.02
N VAL H 12 -48.93 39.82 -16.36
CA VAL H 12 -48.22 38.73 -17.00
C VAL H 12 -48.71 37.41 -16.43
N LYS H 13 -48.87 36.42 -17.31
CA LYS H 13 -49.29 35.10 -16.87
C LYS H 13 -48.15 34.41 -16.12
N PRO H 14 -48.48 33.48 -15.21
CA PRO H 14 -47.42 32.75 -14.50
C PRO H 14 -46.57 31.94 -15.47
N GLY H 15 -45.26 31.92 -15.22
CA GLY H 15 -44.31 31.22 -16.05
C GLY H 15 -43.87 31.96 -17.29
N ALA H 16 -44.44 33.13 -17.57
CA ALA H 16 -44.08 33.92 -18.73
C ALA H 16 -43.00 34.93 -18.34
N SER H 17 -42.72 35.88 -19.24
CA SER H 17 -41.69 36.89 -19.03
C SER H 17 -42.27 38.28 -19.26
N VAL H 18 -41.71 39.27 -18.56
CA VAL H 18 -42.11 40.66 -18.69
C VAL H 18 -40.88 41.51 -18.91
N LYS H 19 -41.02 42.56 -19.72
CA LYS H 19 -39.94 43.48 -20.03
C LYS H 19 -40.46 44.91 -19.93
N MET H 20 -39.82 45.72 -19.09
CA MET H 20 -40.26 47.06 -18.76
C MET H 20 -39.10 48.02 -19.04
N SER H 21 -39.42 49.18 -19.59
CA SER H 21 -38.43 50.18 -19.93
C SER H 21 -38.67 51.44 -19.10
N CYS H 22 -37.59 51.98 -18.53
CA CYS H 22 -37.66 53.20 -17.72
C CYS H 22 -37.00 54.34 -18.49
N LYS H 23 -37.82 55.26 -18.99
CA LYS H 23 -37.35 56.36 -19.80
C LYS H 23 -36.72 57.44 -18.92
N ALA H 24 -35.61 58.01 -19.39
CA ALA H 24 -34.90 59.05 -18.68
C ALA H 24 -34.82 60.31 -19.54
N SER H 25 -34.91 61.47 -18.91
CA SER H 25 -34.85 62.74 -19.62
C SER H 25 -34.39 63.84 -18.67
N GLY H 26 -33.95 64.94 -19.26
CA GLY H 26 -33.51 66.11 -18.51
C GLY H 26 -32.10 66.04 -17.98
N TYR H 27 -31.32 65.05 -18.37
CA TYR H 27 -29.95 64.89 -17.88
C TYR H 27 -29.21 63.95 -18.82
N THR H 28 -27.94 63.69 -18.50
CA THR H 28 -27.10 62.78 -19.27
C THR H 28 -27.26 61.38 -18.69
N PHE H 29 -27.92 60.50 -19.44
CA PHE H 29 -28.30 59.18 -18.93
C PHE H 29 -27.08 58.32 -18.63
N ILE H 30 -26.03 58.43 -19.44
CA ILE H 30 -24.91 57.49 -19.37
C ILE H 30 -23.90 57.91 -18.31
N THR H 31 -24.22 58.95 -17.54
CA THR H 31 -23.31 59.47 -16.53
C THR H 31 -23.74 59.14 -15.10
N TYR H 32 -24.88 58.49 -14.90
CA TYR H 32 -25.36 58.15 -13.57
C TYR H 32 -25.73 56.68 -13.51
N TRP H 33 -25.38 56.03 -12.40
CA TRP H 33 -25.68 54.62 -12.23
C TRP H 33 -27.20 54.42 -12.12
N ILE H 34 -27.68 53.30 -12.65
CA ILE H 34 -29.09 52.97 -12.63
C ILE H 34 -29.27 51.66 -11.88
N THR H 35 -30.17 51.66 -10.90
CA THR H 35 -30.51 50.47 -10.15
C THR H 35 -32.03 50.33 -10.10
N TRP H 36 -32.49 49.24 -9.48
CA TRP H 36 -33.91 48.96 -9.39
C TRP H 36 -34.26 48.53 -7.97
N VAL H 37 -35.45 48.91 -7.52
CA VAL H 37 -35.94 48.59 -6.18
C VAL H 37 -37.29 47.89 -6.32
N LYS H 38 -37.45 46.78 -5.60
CA LYS H 38 -38.69 46.02 -5.59
C LYS H 38 -39.33 46.11 -4.21
N GLN H 39 -40.64 46.37 -4.18
CA GLN H 39 -41.38 46.53 -2.93
C GLN H 39 -42.68 45.74 -3.03
N ARG H 40 -42.78 44.68 -2.24
CA ARG H 40 -44.03 43.93 -2.17
C ARG H 40 -45.09 44.76 -1.47
N PRO H 41 -46.34 44.74 -1.96
CA PRO H 41 -47.43 45.47 -1.27
C PRO H 41 -47.53 45.10 0.20
N GLY H 42 -47.35 46.09 1.07
CA GLY H 42 -47.37 45.86 2.50
C GLY H 42 -46.03 45.49 3.11
N GLN H 43 -44.97 45.42 2.32
CA GLN H 43 -43.64 45.07 2.79
C GLN H 43 -42.68 46.23 2.52
N GLY H 44 -41.40 46.00 2.79
CA GLY H 44 -40.36 46.99 2.61
C GLY H 44 -39.78 46.98 1.21
N LEU H 45 -38.64 47.66 1.08
CA LEU H 45 -37.94 47.79 -0.19
C LEU H 45 -36.77 46.81 -0.26
N GLU H 46 -36.53 46.29 -1.46
CA GLU H 46 -35.44 45.34 -1.70
C GLU H 46 -34.69 45.74 -2.96
N TRP H 47 -33.36 45.71 -2.89
CA TRP H 47 -32.53 46.04 -4.05
C TRP H 47 -32.49 44.87 -5.02
N ILE H 48 -32.52 45.18 -6.32
CA ILE H 48 -32.53 44.15 -7.35
C ILE H 48 -31.13 44.01 -7.95
N GLY H 49 -30.65 45.08 -8.59
CA GLY H 49 -29.35 45.04 -9.23
C GLY H 49 -28.91 46.42 -9.66
N ASP H 50 -27.63 46.52 -10.00
CA ASP H 50 -27.01 47.77 -10.41
C ASP H 50 -26.52 47.64 -11.85
N ILE H 51 -26.84 48.64 -12.67
CA ILE H 51 -26.37 48.69 -14.06
C ILE H 51 -25.93 50.11 -14.38
N TYR H 52 -24.78 50.24 -15.04
CA TYR H 52 -24.29 51.53 -15.49
C TYR H 52 -24.60 51.68 -16.98
N PRO H 53 -25.35 52.72 -17.38
CA PRO H 53 -25.72 52.85 -18.80
C PRO H 53 -24.55 52.91 -19.75
N GLY H 54 -23.43 53.51 -19.34
CA GLY H 54 -22.28 53.61 -20.21
C GLY H 54 -21.44 52.36 -20.22
N GLY H 55 -21.55 51.57 -21.29
CA GLY H 55 -20.85 50.31 -21.40
C GLY H 55 -21.65 49.10 -20.99
N GLY H 56 -22.78 49.29 -20.33
CA GLY H 56 -23.62 48.18 -19.95
C GLY H 56 -23.11 47.34 -18.81
N ARG H 57 -22.21 47.88 -17.98
CA ARG H 57 -21.73 47.15 -16.82
C ARG H 57 -22.88 46.88 -15.86
N THR H 58 -22.98 45.63 -15.39
CA THR H 58 -24.10 45.20 -14.57
C THR H 58 -23.61 44.59 -13.26
N ASN H 59 -24.33 44.87 -12.19
CA ASN H 59 -24.12 44.24 -10.89
C ASN H 59 -25.44 43.67 -10.42
N TYR H 60 -25.43 42.41 -10.00
CA TYR H 60 -26.65 41.70 -9.63
C TYR H 60 -26.56 41.20 -8.20
N ASN H 61 -27.67 41.29 -7.48
CA ASN H 61 -27.78 40.65 -6.17
C ASN H 61 -27.85 39.14 -6.33
N GLU H 62 -27.32 38.43 -5.33
CA GLU H 62 -27.32 36.96 -5.38
C GLU H 62 -28.73 36.40 -5.40
N LYS H 63 -29.67 37.04 -4.70
CA LYS H 63 -31.04 36.57 -4.72
C LYS H 63 -31.72 36.84 -6.06
N PHE H 64 -31.37 37.94 -6.72
CA PHE H 64 -32.01 38.33 -7.97
C PHE H 64 -31.10 38.12 -9.18
N LYS H 65 -29.98 37.40 -9.03
CA LYS H 65 -29.08 37.19 -10.16
C LYS H 65 -29.72 36.34 -11.25
N SER H 66 -30.49 35.32 -10.87
CA SER H 66 -31.14 34.45 -11.84
C SER H 66 -32.57 34.87 -12.16
N LYS H 67 -33.07 35.96 -11.55
CA LYS H 67 -34.43 36.39 -11.78
C LYS H 67 -34.52 37.58 -12.73
N ALA H 68 -33.63 38.56 -12.57
CA ALA H 68 -33.67 39.79 -13.37
C ALA H 68 -32.34 39.98 -14.08
N THR H 69 -32.40 40.43 -15.34
CA THR H 69 -31.24 40.80 -16.11
C THR H 69 -31.40 42.25 -16.57
N LEU H 70 -30.39 43.07 -16.35
CA LEU H 70 -30.47 44.50 -16.60
C LEU H 70 -29.84 44.83 -17.94
N THR H 71 -30.61 45.53 -18.79
CA THR H 71 -30.13 46.01 -20.07
C THR H 71 -30.56 47.47 -20.23
N VAL H 72 -29.76 48.24 -20.97
CA VAL H 72 -30.05 49.64 -21.23
C VAL H 72 -29.90 49.92 -22.72
N ASP H 73 -30.53 51.00 -23.17
CA ASP H 73 -30.46 51.46 -24.56
C ASP H 73 -29.99 52.91 -24.52
N THR H 74 -28.73 53.14 -24.89
CA THR H 74 -28.18 54.49 -24.86
C THR H 74 -28.85 55.39 -25.89
N SER H 75 -29.31 54.81 -27.00
CA SER H 75 -29.97 55.62 -28.03
C SER H 75 -31.26 56.24 -27.51
N SER H 76 -32.05 55.47 -26.76
CA SER H 76 -33.31 55.96 -26.21
C SER H 76 -33.17 56.48 -24.78
N SER H 77 -31.97 56.38 -24.19
CA SER H 77 -31.73 56.80 -22.80
C SER H 77 -32.71 56.13 -21.85
N THR H 78 -32.76 54.80 -21.91
CA THR H 78 -33.77 54.02 -21.21
C THR H 78 -33.15 52.74 -20.66
N ALA H 79 -33.66 52.29 -19.52
CA ALA H 79 -33.20 51.07 -18.87
C ALA H 79 -34.27 49.99 -18.93
N TYR H 80 -33.82 48.74 -19.06
CA TYR H 80 -34.72 47.60 -19.24
C TYR H 80 -34.40 46.54 -18.20
N MET H 81 -35.39 45.68 -17.95
CA MET H 81 -35.19 44.42 -17.24
C MET H 81 -35.71 43.28 -18.10
N GLN H 82 -35.47 42.06 -17.64
CA GLN H 82 -36.03 40.86 -18.25
C GLN H 82 -36.24 39.82 -17.15
N LEU H 83 -37.46 39.76 -16.63
CA LEU H 83 -37.81 38.82 -15.57
C LEU H 83 -38.33 37.53 -16.20
N ARG H 84 -37.78 36.40 -15.76
CA ARG H 84 -38.16 35.09 -16.27
C ARG H 84 -38.63 34.20 -15.13
N SER H 85 -39.47 33.22 -15.47
CA SER H 85 -40.05 32.28 -14.51
C SER H 85 -40.79 33.03 -13.40
N LEU H 86 -41.68 33.93 -13.81
CA LEU H 86 -42.43 34.74 -12.85
C LEU H 86 -43.47 33.88 -12.14
N THR H 87 -43.52 34.00 -10.82
CA THR H 87 -44.49 33.30 -9.99
C THR H 87 -45.30 34.34 -9.20
N SER H 88 -46.15 33.84 -8.29
CA SER H 88 -46.95 34.75 -7.46
C SER H 88 -46.08 35.55 -6.51
N GLU H 89 -44.92 35.03 -6.12
CA GLU H 89 -44.04 35.75 -5.21
C GLU H 89 -43.40 36.98 -5.86
N ASP H 90 -43.35 37.01 -7.19
CA ASP H 90 -42.76 38.13 -7.91
C ASP H 90 -43.74 39.29 -8.10
N SER H 91 -44.99 39.13 -7.67
CA SER H 91 -45.97 40.20 -7.79
C SER H 91 -45.65 41.30 -6.79
N ALA H 92 -45.07 42.39 -7.27
CA ALA H 92 -44.67 43.50 -6.42
C ALA H 92 -44.55 44.75 -7.28
N VAL H 93 -44.11 45.84 -6.66
CA VAL H 93 -43.93 47.13 -7.32
C VAL H 93 -42.46 47.28 -7.64
N TYR H 94 -42.16 47.50 -8.92
CA TYR H 94 -40.79 47.66 -9.40
C TYR H 94 -40.53 49.13 -9.68
N TYR H 95 -39.51 49.69 -9.03
CA TYR H 95 -39.13 51.08 -9.18
C TYR H 95 -37.81 51.15 -9.94
N CYS H 96 -37.79 51.97 -10.99
CA CYS H 96 -36.55 52.28 -11.69
C CYS H 96 -35.85 53.43 -10.98
N ALA H 97 -34.54 53.30 -10.78
CA ALA H 97 -33.80 54.15 -9.86
C ALA H 97 -32.51 54.64 -10.49
N ARG H 98 -31.99 55.74 -9.94
CA ARG H 98 -30.80 56.40 -10.48
C ARG H 98 -30.01 57.05 -9.36
N TYR H 99 -28.68 56.92 -9.43
CA TYR H 99 -27.78 57.56 -8.48
C TYR H 99 -26.41 57.70 -9.12
N ASP H 100 -25.57 58.54 -8.52
CA ASP H 100 -24.26 58.84 -9.10
C ASP H 100 -23.16 57.92 -8.57
N GLY H 101 -23.17 57.60 -7.28
CA GLY H 101 -22.14 56.75 -6.73
C GLY H 101 -20.82 57.41 -6.44
N ASN H 102 -20.81 58.73 -6.23
CA ASN H 102 -19.58 59.45 -5.94
C ASN H 102 -19.29 59.40 -4.45
N TYR H 103 -18.17 58.77 -4.07
CA TYR H 103 -17.86 58.55 -2.66
C TYR H 103 -17.78 59.86 -1.89
N VAL H 104 -17.11 60.87 -2.47
CA VAL H 104 -17.02 62.18 -1.82
C VAL H 104 -18.28 63.00 -1.98
N GLY H 105 -19.26 62.52 -2.74
CA GLY H 105 -20.50 63.24 -2.94
C GLY H 105 -21.72 62.47 -2.46
N TYR H 106 -22.71 62.30 -3.33
CA TYR H 106 -23.93 61.61 -2.95
C TYR H 106 -23.68 60.13 -2.64
N TYR H 107 -22.80 59.50 -3.42
CA TYR H 107 -22.50 58.06 -3.30
C TYR H 107 -23.79 57.30 -3.58
N TYR H 108 -24.26 56.43 -2.68
CA TYR H 108 -25.48 55.66 -2.92
C TYR H 108 -26.73 56.43 -2.54
N ALA H 109 -26.66 57.76 -2.47
CA ALA H 109 -27.84 58.56 -2.19
C ALA H 109 -28.83 58.46 -3.34
N MET H 110 -30.09 58.21 -3.02
CA MET H 110 -31.16 58.05 -3.99
C MET H 110 -32.07 59.28 -3.96
N ASP H 111 -31.96 60.12 -4.98
CA ASP H 111 -32.68 61.40 -5.02
C ASP H 111 -33.93 61.34 -5.91
N TYR H 112 -33.76 61.00 -7.18
CA TYR H 112 -34.83 61.09 -8.17
C TYR H 112 -35.40 59.70 -8.45
N TRP H 113 -36.60 59.45 -7.93
CA TRP H 113 -37.24 58.15 -8.05
C TRP H 113 -38.20 58.12 -9.23
N GLY H 114 -38.40 56.91 -9.78
CA GLY H 114 -39.45 56.71 -10.75
C GLY H 114 -40.77 56.37 -10.09
N GLN H 115 -41.85 56.50 -10.87
CA GLN H 115 -43.19 56.28 -10.32
C GLN H 115 -43.46 54.83 -9.95
N GLY H 116 -42.74 53.88 -10.54
CA GLY H 116 -42.93 52.48 -10.18
C GLY H 116 -43.91 51.76 -11.08
N THR H 117 -43.71 50.45 -11.20
CA THR H 117 -44.57 49.58 -11.99
C THR H 117 -45.01 48.42 -11.11
N SER H 118 -46.33 48.21 -11.03
CA SER H 118 -46.89 47.11 -10.24
C SER H 118 -47.15 45.94 -11.17
N VAL H 119 -46.37 44.88 -11.03
CA VAL H 119 -46.47 43.70 -11.87
C VAL H 119 -47.34 42.68 -11.14
N THR H 120 -48.41 42.24 -11.80
CA THR H 120 -49.34 41.27 -11.25
C THR H 120 -49.20 39.96 -12.04
N VAL H 121 -48.95 38.87 -11.32
CA VAL H 121 -48.78 37.56 -11.91
C VAL H 121 -50.00 36.73 -11.55
N SER H 122 -50.81 36.38 -12.54
CA SER H 122 -52.01 35.59 -12.32
C SER H 122 -52.51 34.97 -13.64
N ASP I 1 -24.86 39.42 5.02
CA ASP I 1 -25.92 40.36 4.67
C ASP I 1 -26.40 41.14 5.89
N ILE I 2 -26.17 42.45 5.87
CA ILE I 2 -26.61 43.30 6.98
C ILE I 2 -28.13 43.37 7.00
N VAL I 3 -28.71 43.21 8.18
CA VAL I 3 -30.15 43.31 8.38
C VAL I 3 -30.44 44.61 9.13
N LEU I 4 -31.46 45.33 8.69
CA LEU I 4 -31.85 46.60 9.27
C LEU I 4 -33.20 46.46 9.95
N THR I 5 -33.27 46.83 11.22
CA THR I 5 -34.50 46.77 12.01
C THR I 5 -34.89 48.18 12.41
N GLN I 6 -36.16 48.52 12.19
CA GLN I 6 -36.67 49.86 12.47
C GLN I 6 -37.71 49.78 13.58
N SER I 7 -37.49 50.56 14.65
CA SER I 7 -38.41 50.61 15.77
C SER I 7 -38.60 52.05 16.22
N PRO I 8 -39.81 52.43 16.65
CA PRO I 8 -41.02 51.58 16.64
C PRO I 8 -41.62 51.45 15.25
N VAL I 9 -42.23 50.30 14.95
CA VAL I 9 -42.82 50.10 13.63
C VAL I 9 -43.97 51.07 13.40
N SER I 10 -44.83 51.24 14.40
CA SER I 10 -45.96 52.16 14.34
C SER I 10 -45.79 53.21 15.43
N LEU I 11 -45.89 54.48 15.05
CA LEU I 11 -45.73 55.58 15.98
C LEU I 11 -46.80 56.63 15.71
N ALA I 12 -47.39 57.15 16.79
CA ALA I 12 -48.39 58.21 16.71
C ALA I 12 -47.84 59.46 17.37
N VAL I 13 -47.79 60.55 16.61
CA VAL I 13 -47.22 61.81 17.09
C VAL I 13 -48.19 62.93 16.74
N SER I 14 -48.49 63.77 17.73
CA SER I 14 -49.41 64.88 17.53
C SER I 14 -48.72 66.02 16.78
N LEU I 15 -49.50 67.06 16.51
CA LEU I 15 -48.97 68.22 15.79
C LEU I 15 -47.99 69.00 16.66
N GLY I 16 -46.85 69.35 16.08
CA GLY I 16 -45.83 70.11 16.77
C GLY I 16 -44.93 69.32 17.69
N GLN I 17 -45.11 68.00 17.76
CA GLN I 17 -44.30 67.17 18.64
C GLN I 17 -43.10 66.59 17.86
N ARG I 18 -42.32 65.77 18.55
CA ARG I 18 -41.11 65.18 17.98
C ARG I 18 -41.32 63.68 17.78
N ALA I 19 -40.98 63.21 16.59
CA ALA I 19 -41.08 61.80 16.23
C ALA I 19 -39.68 61.22 16.07
N THR I 20 -39.41 60.12 16.77
CA THR I 20 -38.12 59.46 16.73
C THR I 20 -38.28 58.11 16.06
N ILE I 21 -37.55 57.90 14.96
CA ILE I 21 -37.53 56.62 14.25
C ILE I 21 -36.09 56.11 14.26
N SER I 22 -35.87 54.94 14.84
CA SER I 22 -34.54 54.39 15.01
C SER I 22 -34.32 53.22 14.06
N CYS I 23 -33.11 53.14 13.52
CA CYS I 23 -32.70 52.06 12.63
C CYS I 23 -31.46 51.40 13.21
N ARG I 24 -31.50 50.08 13.35
CA ARG I 24 -30.41 49.31 13.94
C ARG I 24 -29.80 48.40 12.89
N ALA I 25 -28.47 48.40 12.80
CA ALA I 25 -27.74 47.58 11.84
C ALA I 25 -27.01 46.45 12.56
N SER I 26 -27.07 45.26 11.99
CA SER I 26 -26.40 44.10 12.57
C SER I 26 -24.88 44.24 12.55
N GLU I 27 -24.34 45.08 11.67
CA GLU I 27 -22.91 45.29 11.55
C GLU I 27 -22.63 46.78 11.48
N SER I 28 -21.39 47.15 11.80
CA SER I 28 -21.00 48.55 11.81
C SER I 28 -21.13 49.16 10.42
N VAL I 29 -21.69 50.36 10.37
CA VAL I 29 -21.88 51.07 9.11
C VAL I 29 -20.81 52.14 8.88
N ASP I 30 -20.18 52.63 9.95
CA ASP I 30 -19.15 53.65 9.80
C ASP I 30 -17.98 53.10 9.00
N PHE I 31 -17.44 53.95 8.12
CA PHE I 31 -16.29 53.59 7.27
C PHE I 31 -15.41 54.82 7.16
N TYR I 32 -14.33 54.84 7.94
CA TYR I 32 -13.38 55.96 7.96
C TYR I 32 -14.08 57.28 8.25
N GLY I 33 -14.98 57.27 9.23
CA GLY I 33 -15.69 58.46 9.62
C GLY I 33 -16.93 58.76 8.82
N ASN I 34 -17.27 57.92 7.85
CA ASN I 34 -18.46 58.11 7.02
C ASN I 34 -19.48 57.02 7.32
N SER I 35 -20.70 57.43 7.65
CA SER I 35 -21.79 56.51 7.94
C SER I 35 -22.71 56.46 6.72
N PHE I 36 -22.81 55.30 6.09
CA PHE I 36 -23.58 55.15 4.86
C PHE I 36 -24.97 54.62 5.18
N ILE I 37 -25.79 55.51 5.75
CA ILE I 37 -27.18 55.23 6.06
C ILE I 37 -28.03 56.34 5.45
N TYR I 38 -29.06 55.97 4.71
CA TYR I 38 -29.93 56.92 4.02
C TYR I 38 -31.36 56.74 4.51
N TRP I 39 -32.04 57.88 4.72
CA TRP I 39 -33.43 57.89 5.17
C TRP I 39 -34.34 58.31 4.03
N TYR I 40 -35.44 57.59 3.87
CA TYR I 40 -36.39 57.84 2.79
C TYR I 40 -37.79 57.96 3.35
N GLN I 41 -38.65 58.66 2.61
CA GLN I 41 -40.05 58.84 2.98
C GLN I 41 -40.91 58.44 1.79
N GLN I 42 -41.76 57.43 1.99
CA GLN I 42 -42.62 56.90 0.94
C GLN I 42 -44.07 57.13 1.33
N LYS I 43 -44.72 58.08 0.68
CA LYS I 43 -46.15 58.27 0.86
C LYS I 43 -46.91 57.14 0.15
N PRO I 44 -48.09 56.79 0.65
CA PRO I 44 -48.87 55.73 -0.02
C PRO I 44 -49.19 56.10 -1.46
N GLY I 45 -49.03 55.13 -2.36
CA GLY I 45 -49.26 55.37 -3.77
C GLY I 45 -48.20 56.18 -4.45
N GLN I 46 -47.07 56.45 -3.79
CA GLN I 46 -45.99 57.24 -4.37
C GLN I 46 -44.66 56.60 -4.05
N ALA I 47 -43.66 56.92 -4.87
CA ALA I 47 -42.32 56.41 -4.65
C ALA I 47 -41.69 57.05 -3.43
N PRO I 48 -40.74 56.37 -2.79
CA PRO I 48 -40.04 56.99 -1.65
C PRO I 48 -39.31 58.25 -2.06
N LYS I 49 -39.23 59.19 -1.12
CA LYS I 49 -38.54 60.46 -1.32
C LYS I 49 -37.40 60.57 -0.33
N LEU I 50 -36.22 60.95 -0.83
CA LEU I 50 -35.04 61.07 0.01
C LEU I 50 -35.18 62.23 0.99
N LEU I 51 -34.75 62.02 2.23
CA LEU I 51 -34.70 63.07 3.23
C LEU I 51 -33.29 63.35 3.70
N ILE I 52 -32.55 62.32 4.12
CA ILE I 52 -31.20 62.47 4.65
C ILE I 52 -30.31 61.43 3.99
N TYR I 53 -29.14 61.86 3.52
CA TYR I 53 -28.15 60.95 2.96
C TYR I 53 -26.89 61.00 3.82
N ARG I 54 -26.22 59.85 3.91
CA ARG I 54 -25.05 59.66 4.76
C ARG I 54 -25.37 59.86 6.25
N ALA I 55 -26.65 59.76 6.60
CA ALA I 55 -27.13 59.75 7.99
C ALA I 55 -26.90 61.08 8.70
N SER I 56 -26.26 62.04 8.04
CA SER I 56 -26.01 63.34 8.64
C SER I 56 -26.26 64.52 7.72
N ASN I 57 -26.40 64.32 6.41
CA ASN I 57 -26.56 65.43 5.47
C ASN I 57 -27.99 65.46 4.95
N LEU I 58 -28.60 66.65 5.00
CA LEU I 58 -29.96 66.84 4.55
C LEU I 58 -30.00 67.08 3.05
N GLU I 59 -30.89 66.38 2.37
CA GLU I 59 -31.05 66.56 0.93
C GLU I 59 -31.72 67.90 0.63
N SER I 60 -31.33 68.50 -0.50
CA SER I 60 -31.88 69.78 -0.90
C SER I 60 -33.38 69.66 -1.13
N GLY I 61 -34.13 70.66 -0.67
CA GLY I 61 -35.57 70.67 -0.77
C GLY I 61 -36.30 70.04 0.41
N ILE I 62 -35.57 69.43 1.35
CA ILE I 62 -36.18 68.81 2.53
C ILE I 62 -36.16 69.83 3.67
N PRO I 63 -37.27 70.00 4.40
CA PRO I 63 -37.27 70.95 5.51
C PRO I 63 -36.30 70.56 6.60
N ALA I 64 -35.81 71.56 7.33
CA ALA I 64 -34.83 71.35 8.39
C ALA I 64 -35.40 70.59 9.58
N ARG I 65 -36.73 70.40 9.64
CA ARG I 65 -37.31 69.66 10.75
C ARG I 65 -36.79 68.23 10.82
N PHE I 66 -36.44 67.64 9.67
CA PHE I 66 -35.89 66.30 9.65
C PHE I 66 -34.40 66.35 9.95
N SER I 67 -33.98 65.63 10.99
CA SER I 67 -32.58 65.59 11.40
C SER I 67 -32.16 64.15 11.60
N GLY I 68 -30.93 63.85 11.23
CA GLY I 68 -30.38 62.50 11.35
C GLY I 68 -29.19 62.47 12.27
N SER I 69 -29.07 61.40 13.04
CA SER I 69 -27.96 61.24 13.97
C SER I 69 -27.77 59.76 14.26
N GLY I 70 -26.60 59.43 14.80
CA GLY I 70 -26.26 58.05 15.10
C GLY I 70 -25.00 57.59 14.41
N SER I 71 -24.39 56.52 14.93
CA SER I 71 -23.15 56.00 14.37
C SER I 71 -23.05 54.52 14.70
N ARG I 72 -22.19 53.84 13.95
CA ARG I 72 -21.89 52.42 14.12
C ARG I 72 -23.19 51.63 13.92
N THR I 73 -23.64 50.85 14.91
CA THR I 73 -24.81 50.00 14.70
C THR I 73 -26.11 50.77 14.85
N ASP I 74 -26.10 51.91 15.54
CA ASP I 74 -27.31 52.63 15.88
C ASP I 74 -27.44 53.91 15.06
N PHE I 75 -28.63 54.10 14.49
CA PHE I 75 -28.99 55.35 13.83
C PHE I 75 -30.44 55.67 14.15
N THR I 76 -30.77 56.96 14.12
CA THR I 76 -32.11 57.42 14.43
C THR I 76 -32.52 58.53 13.48
N LEU I 77 -33.83 58.66 13.28
CA LEU I 77 -34.42 59.71 12.46
C LEU I 77 -35.35 60.54 13.34
N THR I 78 -35.15 61.85 13.35
CA THR I 78 -35.91 62.75 14.20
C THR I 78 -36.68 63.75 13.33
N ILE I 79 -37.97 63.89 13.62
CA ILE I 79 -38.82 64.87 12.95
C ILE I 79 -39.31 65.86 14.01
N HIS I 80 -38.90 67.12 13.88
CA HIS I 80 -39.27 68.12 14.87
C HIS I 80 -39.26 69.51 14.24
N PRO I 81 -40.42 70.17 14.12
CA PRO I 81 -41.74 69.68 14.54
C PRO I 81 -42.36 68.73 13.51
N VAL I 82 -43.35 67.96 13.94
CA VAL I 82 -44.05 67.02 13.08
C VAL I 82 -45.28 67.70 12.51
N GLU I 83 -45.44 67.64 11.20
CA GLU I 83 -46.54 68.30 10.50
C GLU I 83 -47.55 67.25 10.02
N ALA I 84 -48.67 67.76 9.50
CA ALA I 84 -49.74 66.89 9.05
C ALA I 84 -49.34 66.06 7.84
N ASP I 85 -48.56 66.65 6.93
CA ASP I 85 -48.18 66.00 5.69
C ASP I 85 -47.05 64.98 5.87
N ASP I 86 -46.73 64.61 7.10
CA ASP I 86 -45.65 63.66 7.37
C ASP I 86 -46.13 62.21 7.42
N VAL I 87 -47.41 61.95 7.16
CA VAL I 87 -47.93 60.59 7.19
C VAL I 87 -47.37 59.83 5.98
N ALA I 88 -46.43 58.92 6.24
CA ALA I 88 -45.78 58.13 5.20
C ALA I 88 -44.99 57.02 5.89
N THR I 89 -44.35 56.20 5.07
CA THR I 89 -43.51 55.10 5.56
C THR I 89 -42.05 55.49 5.37
N TYR I 90 -41.27 55.36 6.44
CA TYR I 90 -39.87 55.76 6.45
C TYR I 90 -38.99 54.52 6.46
N TYR I 91 -38.01 54.49 5.55
CA TYR I 91 -37.11 53.36 5.39
C TYR I 91 -35.66 53.81 5.55
N CYS I 92 -34.88 52.99 6.22
CA CYS I 92 -33.44 53.20 6.35
C CYS I 92 -32.71 52.21 5.46
N GLN I 93 -31.69 52.69 4.76
CA GLN I 93 -30.93 51.89 3.82
C GLN I 93 -29.44 52.00 4.12
N GLN I 94 -28.75 50.86 4.08
CA GLN I 94 -27.31 50.80 4.27
C GLN I 94 -26.62 50.45 2.97
N SER I 95 -25.45 51.05 2.72
CA SER I 95 -24.75 50.83 1.47
C SER I 95 -23.23 50.68 1.68
N ILE I 96 -22.79 50.34 2.89
CA ILE I 96 -21.36 50.14 3.11
C ILE I 96 -20.87 48.91 2.34
N GLU I 97 -21.71 47.87 2.25
CA GLU I 97 -21.33 46.63 1.58
C GLU I 97 -22.54 46.05 0.89
N ASP I 98 -22.28 45.26 -0.16
CA ASP I 98 -23.34 44.59 -0.88
C ASP I 98 -23.77 43.32 -0.15
N PRO I 99 -25.04 42.92 -0.27
CA PRO I 99 -26.10 43.64 -0.99
C PRO I 99 -26.71 44.78 -0.17
N ARG I 100 -27.21 45.81 -0.85
CA ARG I 100 -27.87 46.90 -0.16
C ARG I 100 -29.28 46.48 0.25
N THR I 101 -29.64 46.77 1.50
CA THR I 101 -30.92 46.38 2.04
C THR I 101 -31.64 47.60 2.60
N PHE I 102 -32.95 47.45 2.79
CA PHE I 102 -33.79 48.48 3.39
C PHE I 102 -34.45 47.94 4.65
N GLY I 103 -34.76 48.83 5.57
CA GLY I 103 -35.37 48.45 6.82
C GLY I 103 -36.82 48.04 6.65
N GLY I 104 -37.40 47.56 7.76
CA GLY I 104 -38.78 47.11 7.73
C GLY I 104 -39.79 48.21 7.55
N GLY I 105 -39.39 49.46 7.72
CA GLY I 105 -40.31 50.57 7.53
C GLY I 105 -40.98 51.00 8.82
N THR I 106 -41.30 52.28 8.90
CA THR I 106 -41.96 52.87 10.06
C THR I 106 -43.11 53.75 9.58
N LYS I 107 -44.32 53.44 10.04
CA LYS I 107 -45.50 54.22 9.70
C LYS I 107 -45.72 55.30 10.75
N LEU I 108 -45.82 56.55 10.29
CA LEU I 108 -46.04 57.68 11.18
C LEU I 108 -47.50 58.10 11.12
N GLU I 109 -48.13 58.18 12.29
CA GLU I 109 -49.54 58.49 12.40
C GLU I 109 -49.74 59.84 13.10
N ILE I 110 -50.61 60.66 12.53
CA ILE I 110 -50.93 61.96 13.12
C ILE I 110 -52.06 61.81 14.13
C1 NAG J . 25.91 -17.78 -41.02
C2 NAG J . 26.22 -19.21 -40.57
C3 NAG J . 27.67 -19.32 -40.13
C4 NAG J . 28.60 -18.81 -41.23
C5 NAG J . 28.19 -17.40 -41.66
C6 NAG J . 28.99 -16.89 -42.83
C7 NAG J . 24.18 -20.27 -39.73
C8 NAG J . 23.37 -20.63 -38.52
N2 NAG J . 25.32 -19.63 -39.51
O3 NAG J . 27.98 -20.68 -39.82
O4 NAG J . 29.94 -18.78 -40.76
O5 NAG J . 26.81 -17.39 -42.06
O6 NAG J . 29.10 -17.88 -43.85
O7 NAG J . 23.80 -20.55 -40.86
C1 NAG K . 22.11 -13.00 -61.99
C2 NAG K . 21.90 -11.51 -61.72
C3 NAG K . 21.89 -11.23 -60.23
C4 NAG K . 23.16 -11.74 -59.55
C5 NAG K . 23.46 -13.20 -59.90
C6 NAG K . 22.60 -14.19 -59.16
C7 NAG K . 22.61 -9.89 -63.42
C8 NAG K . 23.77 -9.14 -64.00
N2 NAG K . 22.90 -10.70 -62.39
O3 NAG K . 20.73 -11.80 -59.62
O4 NAG K . 24.27 -10.93 -59.92
O5 NAG K . 23.31 -13.46 -61.31
O6 NAG K . 22.66 -15.48 -59.77
O7 NAG K . 21.48 -9.77 -63.85
C1 NAG L . 40.13 10.48 20.74
C2 NAG L . 41.59 10.76 21.11
C3 NAG L . 41.67 11.63 22.37
C4 NAG L . 40.85 12.90 22.17
C5 NAG L . 39.42 12.55 21.78
C6 NAG L . 38.57 13.77 21.47
C7 NAG L . 42.99 8.88 20.37
C8 NAG L . 43.67 7.61 20.77
N2 NAG L . 42.31 9.50 21.34
O3 NAG L . 43.03 11.97 22.62
O4 NAG L . 40.83 13.65 23.38
O5 NAG L . 39.42 11.74 20.59
O6 NAG L . 37.24 13.61 21.95
O7 NAG L . 43.06 9.32 19.23
C1 NAG M . 39.00 -11.96 -11.13
C2 NAG M . 39.83 -12.42 -12.32
C3 NAG M . 40.64 -13.65 -11.95
C4 NAG M . 39.74 -14.77 -11.49
C5 NAG M . 38.73 -14.33 -10.42
C6 NAG M . 39.33 -14.28 -9.03
C7 NAG M . 39.28 -12.35 -14.73
C8 NAG M . 40.59 -11.63 -14.91
N2 NAG M . 38.98 -12.70 -13.47
O3 NAG M . 41.57 -13.32 -10.94
O4 NAG M . 39.01 -15.29 -12.60
O5 NAG M . 38.14 -13.05 -10.69
O6 NAG M . 38.60 -15.11 -8.12
O7 NAG M . 38.54 -12.60 -15.67
C1 NAG N . 54.80 -12.96 2.19
C2 NAG N . 56.24 -12.55 1.86
C3 NAG N . 56.50 -12.68 0.37
C4 NAG N . 56.14 -14.08 -0.12
C5 NAG N . 54.71 -14.42 0.28
C6 NAG N . 54.33 -15.83 -0.07
C7 NAG N . 56.88 -10.90 3.57
C8 NAG N . 57.12 -9.45 3.86
N2 NAG N . 56.51 -11.19 2.31
O3 NAG N . 57.88 -12.41 0.11
O4 NAG N . 56.27 -14.15 -1.53
O5 NAG N . 54.55 -14.28 1.71
O6 NAG N . 55.09 -16.32 -1.16
O7 NAG N . 57.02 -11.76 4.43
C1 NAG O . 53.85 -43.02 29.58
C2 NAG O . 53.98 -44.38 30.28
C3 NAG O . 55.45 -44.68 30.56
C4 NAG O . 56.28 -44.57 29.29
C5 NAG O . 56.05 -43.20 28.65
C6 NAG O . 56.75 -43.06 27.32
C7 NAG O . 52.82 -45.55 32.10
C8 NAG O . 52.03 -45.38 33.37
N2 NAG O . 53.21 -44.41 31.51
O3 NAG O . 55.57 -46.00 31.10
O4 NAG O . 57.66 -44.72 29.59
O5 NAG O . 54.65 -43.00 28.40
O6 NAG O . 56.21 -43.94 26.34
O7 NAG O . 53.08 -46.65 31.64
C1 NAG P . 50.92 -14.52 45.48
C2 NAG P . 52.14 -14.47 46.41
C3 NAG P . 52.25 -13.11 47.09
C4 NAG P . 52.20 -11.99 46.06
C5 NAG P . 50.94 -12.13 45.21
C6 NAG P . 50.84 -11.10 44.12
C7 NAG P . 52.82 -16.64 47.33
C8 NAG P . 52.63 -17.62 48.44
N2 NAG P . 52.08 -15.53 47.40
O3 NAG P . 53.47 -13.04 47.81
O4 NAG P . 52.19 -10.73 46.71
O5 NAG P . 50.95 -13.42 44.57
O6 NAG P . 50.70 -9.79 44.66
O7 NAG P . 53.61 -16.84 46.41
C1 NAG Q . 38.63 1.86 51.81
C2 NAG Q . 39.29 2.75 52.87
C3 NAG Q . 39.02 4.22 52.58
C4 NAG Q . 39.41 4.57 51.16
C5 NAG Q . 38.71 3.61 50.18
C6 NAG Q . 39.13 3.83 48.75
C7 NAG Q . 39.41 1.43 54.93
C8 NAG Q . 38.82 1.19 56.29
N2 NAG Q . 38.85 2.39 54.20
O3 NAG Q . 39.75 5.02 53.50
O4 NAG Q . 39.04 5.91 50.86
O5 NAG Q . 39.05 2.27 50.51
O6 NAG Q . 39.46 2.60 48.12
O7 NAG Q . 40.36 0.76 54.51
C1 NAG R . 56.72 -26.82 33.63
C2 NAG R . 57.00 -27.57 32.31
C3 NAG R . 56.85 -26.61 31.13
C4 NAG R . 55.49 -25.93 31.16
C5 NAG R . 55.27 -25.26 32.51
C6 NAG R . 53.88 -24.67 32.66
C7 NAG R . 58.57 -29.41 32.75
C8 NAG R . 59.99 -29.85 32.69
N2 NAG R . 58.33 -28.16 32.32
O3 NAG R . 57.01 -27.34 29.92
O4 NAG R . 55.41 -24.95 30.13
O5 NAG R . 55.42 -26.22 33.57
O6 NAG R . 52.92 -25.38 31.89
O7 NAG R . 57.67 -30.13 33.17
C1 NAG S . 60.84 -32.44 48.50
C2 NAG S . 62.33 -32.15 48.64
C3 NAG S . 62.85 -32.72 49.96
C4 NAG S . 62.02 -32.19 51.12
C5 NAG S . 60.53 -32.43 50.87
C6 NAG S . 59.65 -31.80 51.92
C7 NAG S . 63.71 -31.94 46.62
C8 NAG S . 64.44 -32.66 45.53
N2 NAG S . 63.08 -32.70 47.52
O3 NAG S . 64.21 -32.35 50.12
O4 NAG S . 62.40 -32.84 52.32
O5 NAG S . 60.14 -31.87 49.60
O6 NAG S . 59.79 -30.37 51.93
O7 NAG S . 63.68 -30.71 46.69
C1 NAG T . 56.62 -52.81 44.61
C2 NAG T . 57.14 -53.21 43.23
C3 NAG T . 56.84 -54.69 42.97
C4 NAG T . 57.39 -55.55 44.10
C5 NAG T . 56.86 -55.05 45.44
C6 NAG T . 57.45 -55.79 46.62
C7 NAG T . 57.07 -51.24 41.78
C8 NAG T . 56.32 -50.52 40.70
N2 NAG T . 56.53 -52.39 42.19
O3 NAG T . 57.43 -55.08 41.74
O4 NAG T . 57.02 -56.91 43.91
O5 NAG T . 57.19 -53.67 45.60
O6 NAG T . 57.31 -55.03 47.81
O7 NAG T . 58.11 -50.80 42.25
C1 NAG U . 42.19 20.61 -10.87
C2 NAG U . 43.65 21.09 -10.85
C3 NAG U . 44.60 19.92 -10.75
C4 NAG U . 44.23 19.03 -9.56
C5 NAG U . 42.76 18.62 -9.65
C6 NAG U . 42.30 17.83 -8.45
C7 NAG U . 43.88 21.49 -13.28
C8 NAG U . 44.24 22.49 -14.33
N2 NAG U . 43.95 21.92 -12.02
O3 NAG U . 45.93 20.40 -10.59
O4 NAG U . 45.04 17.87 -9.55
O5 NAG U . 41.93 19.80 -9.71
O6 NAG U . 42.68 18.45 -7.24
O7 NAG U . 43.54 20.34 -13.57
C1 NAG V . 24.44 56.25 -6.42
C2 NAG V . 24.57 57.77 -6.56
C3 NAG V . 23.34 58.46 -5.97
C4 NAG V . 22.07 57.88 -6.57
C5 NAG V . 22.07 56.35 -6.49
C6 NAG V . 20.89 55.72 -7.20
C7 NAG V . 26.96 58.35 -6.53
C8 NAG V . 28.10 58.86 -5.70
N2 NAG V . 25.78 58.26 -5.90
O3 NAG V . 23.41 59.86 -6.23
O4 NAG V . 20.93 58.38 -5.87
O5 NAG V . 23.26 55.83 -7.08
O6 NAG V . 19.87 55.35 -6.28
O7 NAG V . 27.09 58.05 -7.71
C1 NAG W . 27.64 31.37 21.73
C2 NAG W . 29.15 31.18 21.83
C3 NAG W . 29.60 31.27 23.27
C4 NAG W . 29.12 32.57 23.89
C5 NAG W . 27.62 32.73 23.71
C6 NAG W . 27.10 34.06 24.19
C7 NAG W . 30.08 29.80 20.01
C8 NAG W . 30.43 28.41 19.56
N2 NAG W . 29.55 29.91 21.23
O3 NAG W . 31.02 31.19 23.33
O4 NAG W . 29.43 32.59 25.28
O5 NAG W . 27.28 32.62 22.32
O6 NAG W . 26.80 34.03 25.58
O7 NAG W . 30.26 30.78 19.29
C1 NAG X . -48.60 -19.49 7.56
C2 NAG X . -48.63 -19.52 9.09
C3 NAG X . -48.39 -20.95 9.58
C4 NAG X . -49.39 -21.91 8.94
C5 NAG X . -49.35 -21.77 7.42
C6 NAG X . -50.43 -22.59 6.73
C7 NAG X . -47.92 -17.33 9.92
C8 NAG X . -46.80 -16.53 10.50
N2 NAG X . -47.65 -18.61 9.65
O3 NAG X . -48.53 -20.98 10.99
O4 NAG X . -49.07 -23.25 9.30
O5 NAG X . -49.57 -20.41 7.04
O6 NAG X . -51.47 -22.93 7.64
O7 NAG X . -49.03 -16.84 9.69
C1 NAG Y . -65.63 -10.24 -7.40
C2 NAG Y . -64.68 -9.33 -8.20
C3 NAG Y . -63.86 -10.15 -9.22
C4 NAG Y . -63.19 -11.34 -8.53
C5 NAG Y . -64.23 -12.15 -7.76
C6 NAG Y . -63.61 -13.30 -6.98
C7 NAG Y . -66.29 -8.16 -9.77
C8 NAG Y . -66.81 -9.47 -10.28
N2 NAG Y . -65.33 -8.18 -8.81
O3 NAG Y . -62.88 -9.32 -9.81
O4 NAG Y . -62.57 -12.17 -9.50
O5 NAG Y . -64.90 -11.32 -6.80
O6 NAG Y . -62.64 -13.99 -7.76
O7 NAG Y . -66.74 -7.09 -10.18
C1 NAG Z . 15.32 -44.77 0.86
C2 NAG Z . 15.62 -46.28 0.87
C3 NAG Z . 17.07 -46.54 0.48
C4 NAG Z . 17.38 -45.86 -0.85
C5 NAG Z . 17.04 -44.38 -0.78
C6 NAG Z . 17.23 -43.67 -2.10
C7 NAG Z . 14.15 -47.37 2.52
C8 NAG Z . 14.03 -47.92 3.91
N2 NAG Z . 15.34 -46.86 2.18
O3 NAG Z . 17.28 -47.94 0.37
O4 NAG Z . 18.77 -46.01 -1.15
O5 NAG Z . 15.66 -44.21 -0.42
O6 NAG Z . 16.42 -42.50 -2.19
O7 NAG Z . 13.20 -47.38 1.74
C1 NAG AA . -20.82 -36.46 11.52
C2 NAG AA . -22.21 -36.98 11.80
C3 NAG AA . -22.24 -37.72 13.13
C4 NAG AA . -21.77 -36.82 14.27
C5 NAG AA . -20.44 -36.12 13.96
C6 NAG AA . -19.23 -37.00 14.18
C7 NAG AA . -24.37 -35.97 11.20
C8 NAG AA . -24.68 -37.26 10.50
N2 NAG AA . -23.18 -35.91 11.80
O3 NAG AA . -21.43 -38.89 13.05
O4 NAG AA . -22.76 -35.84 14.55
O5 NAG AA . -20.37 -35.61 12.61
O6 NAG AA . -18.81 -36.98 15.54
O7 NAG AA . -25.17 -35.04 11.21
C1 NAG BA . -11.44 -53.42 18.93
C2 NAG BA . -11.70 -54.68 18.10
C3 NAG BA . -13.15 -54.75 17.66
C4 NAG BA . -14.07 -54.62 18.88
C5 NAG BA . -13.73 -53.37 19.67
C6 NAG BA . -14.53 -53.25 20.96
C7 NAG BA . -9.63 -55.35 16.94
C8 NAG BA . -8.86 -55.29 15.66
N2 NAG BA . -10.82 -54.72 16.94
O3 NAG BA . -13.39 -55.98 16.99
O4 NAG BA . -15.42 -54.56 18.45
O5 NAG BA . -12.34 -53.39 20.05
O6 NAG BA . -15.89 -53.55 20.74
O7 NAG BA . -9.21 -55.93 17.94
C1 NAG CA . 7.28 -51.68 56.02
C2 NAG CA . 7.23 -52.14 57.48
C3 NAG CA . 6.55 -53.49 57.59
C4 NAG CA . 5.18 -53.47 56.91
C5 NAG CA . 5.32 -52.97 55.47
C6 NAG CA . 4.00 -52.80 54.77
C7 NAG CA . 9.17 -51.13 58.59
C8 NAG CA . 10.54 -51.36 59.14
N2 NAG CA . 8.57 -52.19 58.06
O3 NAG CA . 6.40 -53.84 58.96
O4 NAG CA . 4.62 -54.77 56.89
O5 NAG CA . 5.95 -51.67 55.48
O6 NAG CA . 2.99 -53.61 55.37
O7 NAG CA . 8.63 -50.02 58.62
C1 NAG DA . 29.83 -54.79 32.27
C2 NAG DA . 30.54 -56.06 32.75
C3 NAG DA . 31.61 -56.50 31.76
C4 NAG DA . 31.03 -56.61 30.36
C5 NAG DA . 30.36 -55.29 29.97
C6 NAG DA . 29.70 -55.33 28.63
C7 NAG DA . 30.63 -56.42 35.18
C8 NAG DA . 31.35 -56.11 36.45
N2 NAG DA . 31.12 -55.86 34.07
O3 NAG DA . 32.14 -57.75 32.17
O4 NAG DA . 32.05 -56.91 29.42
O5 NAG DA . 29.34 -54.99 30.94
O6 NAG DA . 30.64 -55.62 27.59
O7 NAG DA . 29.64 -57.15 35.16
C1 NAG EA . 42.21 -45.61 17.24
C2 NAG EA . 43.46 -46.33 16.74
C3 NAG EA . 43.65 -46.11 15.24
C4 NAG EA . 42.39 -46.49 14.49
C5 NAG EA . 41.19 -45.75 15.07
C6 NAG EA . 39.89 -46.18 14.44
C7 NAG EA . 45.06 -46.48 18.60
C8 NAG EA . 46.28 -45.89 19.23
N2 NAG EA . 44.64 -45.89 17.47
O3 NAG EA . 44.76 -46.87 14.78
O4 NAG EA . 42.53 -46.17 13.11
O5 NAG EA . 41.08 -46.04 16.47
O6 NAG EA . 38.80 -46.04 15.35
O7 NAG EA . 44.47 -47.44 19.09
C1 NAG FA . 14.29 -57.28 41.44
C2 NAG FA . 12.80 -57.36 41.76
C3 NAG FA . 11.98 -57.35 40.48
C4 NAG FA . 12.35 -56.15 39.62
C5 NAG FA . 13.86 -56.11 39.38
C6 NAG FA . 14.32 -54.87 38.64
C7 NAG FA . 12.56 -58.57 43.88
C8 NAG FA . 12.21 -59.88 44.54
N2 NAG FA . 12.49 -58.54 42.55
O3 NAG FA . 10.59 -57.31 40.79
O4 NAG FA . 11.68 -56.20 38.37
O5 NAG FA . 14.56 -56.12 40.64
O6 NAG FA . 13.61 -53.72 39.06
O7 NAG FA . 12.87 -57.58 44.55
C1 NAG GA . 26.22 -62.24 51.24
C2 NAG GA . 26.22 -63.77 51.16
C3 NAG GA . 27.28 -64.34 52.09
C4 NAG GA . 28.64 -63.72 51.81
C5 NAG GA . 28.54 -62.19 51.83
C6 NAG GA . 29.83 -61.51 51.42
C7 NAG GA . 24.04 -64.69 50.53
C8 NAG GA . 22.74 -65.23 51.02
N2 NAG GA . 24.92 -64.31 51.46
O3 NAG GA . 27.36 -65.75 51.93
O4 NAG GA . 29.59 -64.14 52.78
O5 NAG GA . 27.52 -61.75 50.93
O6 NAG GA . 30.66 -62.39 50.68
O7 NAG GA . 24.29 -64.58 49.33
C1 NAG HA . 17.68 -54.95 69.08
C2 NAG HA . 16.15 -55.08 69.11
C3 NAG HA . 15.60 -54.57 70.45
C4 NAG HA . 16.30 -55.27 71.61
C5 NAG HA . 17.80 -55.12 71.48
C6 NAG HA . 18.57 -55.89 72.54
C7 NAG HA . 15.13 -54.95 66.89
C8 NAG HA . 14.52 -54.05 65.86
N2 NAG HA . 15.54 -54.36 68.01
O3 NAG HA . 14.20 -54.81 70.51
O4 NAG HA . 15.86 -54.72 72.84
O5 NAG HA . 18.24 -55.62 70.21
O6 NAG HA . 19.96 -55.83 72.31
O7 NAG HA . 15.24 -56.16 66.71
C1 NAG IA . -11.79 -46.80 -19.88
C2 NAG IA . -12.73 -47.00 -21.05
C3 NAG IA . -13.51 -48.31 -20.90
C4 NAG IA . -12.54 -49.47 -20.70
C5 NAG IA . -11.59 -49.17 -19.54
C6 NAG IA . -10.53 -50.23 -19.35
C7 NAG IA . -14.52 -45.49 -20.26
C8 NAG IA . -15.36 -44.29 -20.62
N2 NAG IA . -13.64 -45.88 -21.20
O3 NAG IA . -14.31 -48.53 -22.06
O4 NAG IA . -13.27 -50.67 -20.41
O5 NAG IA . -10.91 -47.93 -19.77
O6 NAG IA . -9.43 -49.74 -18.59
O7 NAG IA . -14.63 -46.06 -19.18
C1 NAG JA . 6.28 -37.97 -52.79
C2 NAG JA . 6.77 -37.70 -54.21
C3 NAG JA . 6.68 -36.21 -54.51
C4 NAG JA . 5.28 -35.69 -54.24
C5 NAG JA . 4.83 -36.07 -52.83
C6 NAG JA . 3.39 -35.70 -52.54
C7 NAG JA . 8.51 -38.94 -55.43
C8 NAG JA . 7.43 -39.28 -56.42
N2 NAG JA . 8.13 -38.18 -54.39
O3 NAG JA . 7.02 -35.98 -55.88
O4 NAG JA . 5.24 -34.27 -54.37
O5 NAG JA . 4.93 -37.49 -52.65
O6 NAG JA . 3.32 -34.59 -51.65
O7 NAG JA . 9.66 -39.33 -55.56
C1 NAG KA . 25.26 -35.83 -20.49
C2 NAG KA . 25.26 -37.05 -19.55
C3 NAG KA . 26.70 -37.48 -19.27
C4 NAG KA . 27.45 -37.72 -20.57
C5 NAG KA . 27.35 -36.49 -21.47
C6 NAG KA . 27.97 -36.71 -22.83
C7 NAG KA . 23.73 -37.64 -17.73
C8 NAG KA . 23.55 -38.96 -18.42
N2 NAG KA . 24.55 -36.77 -18.32
O3 NAG KA . 26.69 -38.66 -18.48
O4 NAG KA . 28.81 -38.00 -20.30
O5 NAG KA . 25.99 -36.14 -21.69
O6 NAG KA . 27.32 -37.76 -23.53
O7 NAG KA . 23.15 -37.37 -16.68
C1 NAG LA . 6.79 47.92 14.87
C2 NAG LA . 8.16 48.16 15.53
C3 NAG LA . 7.99 48.30 17.04
C4 NAG LA . 6.96 49.37 17.37
C5 NAG LA . 5.66 49.10 16.64
C6 NAG LA . 4.64 50.20 16.82
C7 NAG LA . 10.04 47.21 14.30
C8 NAG LA . 10.90 46.00 14.09
N2 NAG LA . 9.08 47.09 15.21
O3 NAG LA . 9.24 48.62 17.62
O4 NAG LA . 6.72 49.40 18.78
O5 NAG LA . 5.90 48.99 15.23
O6 NAG LA . 5.02 51.08 17.86
O7 NAG LA . 10.21 48.24 13.66
C1 NAG MA . -0.71 63.44 -1.07
C2 NAG MA . -2.13 63.11 -1.52
C3 NAG MA . -3.14 63.49 -0.45
C4 NAG MA . -2.77 62.87 0.88
C5 NAG MA . -1.33 63.23 1.24
C6 NAG MA . -0.84 62.54 2.50
C7 NAG MA . -3.31 63.28 -3.68
C8 NAG MA . -3.50 64.10 -4.92
N2 NAG MA . -2.44 63.77 -2.78
O3 NAG MA . -4.44 63.06 -0.85
O4 NAG MA . -3.64 63.34 1.90
O5 NAG MA . -0.45 62.81 0.19
O6 NAG MA . -0.94 63.40 3.62
O7 NAG MA . -3.90 62.22 -3.49
C1 NAG NA . -15.65 -10.25 45.13
C2 NAG NA . -16.27 -10.27 46.53
C3 NAG NA . -17.05 -11.56 46.75
C4 NAG NA . -18.07 -11.75 45.64
C5 NAG NA . -17.38 -11.71 44.28
C6 NAG NA . -18.35 -11.80 43.13
C7 NAG NA . -14.87 -8.93 48.05
C8 NAG NA . -13.80 -8.96 49.09
N2 NAG NA . -15.24 -10.11 47.55
O3 NAG NA . -17.70 -11.50 48.01
O4 NAG NA . -18.72 -13.01 45.79
O5 NAG NA . -16.68 -10.46 44.14
O6 NAG NA . -17.72 -11.47 41.89
O7 NAG NA . -15.38 -7.88 47.66
C1 NAG OA . 2.47 22.90 36.44
C2 NAG OA . 2.63 24.37 36.83
C3 NAG OA . 3.65 24.52 37.95
C4 NAG OA . 5.00 23.94 37.53
C5 NAG OA . 4.88 22.52 36.97
C6 NAG OA . 4.75 21.45 38.03
C7 NAG OA . 2.46 26.35 35.38
C8 NAG OA . 1.39 26.83 36.33
N2 NAG OA . 3.00 25.17 35.67
O3 NAG OA . 3.16 23.88 39.12
O4 NAG OA . 5.60 24.78 36.55
O5 NAG OA . 3.77 22.36 36.06
O6 NAG OA . 6.00 21.21 38.68
O7 NAG OA . 2.80 27.00 34.40
C1 NAG PA . 3.72 14.97 56.32
C2 NAG PA . 2.82 15.53 57.41
C3 NAG PA . 2.72 17.05 57.29
C4 NAG PA . 4.11 17.67 57.26
C5 NAG PA . 4.96 17.02 56.17
C6 NAG PA . 6.39 17.50 56.17
C7 NAG PA . 1.20 13.78 57.99
C8 NAG PA . -0.22 13.31 57.84
N2 NAG PA . 1.50 14.93 57.37
O3 NAG PA . 1.98 17.57 58.38
O4 NAG PA . 4.01 19.07 56.99
O5 NAG PA . 5.00 15.60 56.38
O6 NAG PA . 6.48 18.86 56.57
O7 NAG PA . 2.02 13.15 58.63
C1 NAG QA . 36.16 -6.00 66.32
C2 NAG QA . 37.61 -6.06 66.80
C3 NAG QA . 38.01 -4.74 67.45
C4 NAG QA . 37.73 -3.59 66.50
C5 NAG QA . 36.28 -3.63 66.00
C6 NAG QA . 35.97 -2.58 64.97
C7 NAG QA . 38.08 -8.41 67.34
C8 NAG QA . 38.26 -9.42 68.43
N2 NAG QA . 37.80 -7.16 67.73
O3 NAG QA . 39.38 -4.77 67.78
O4 NAG QA . 37.96 -2.34 67.15
O5 NAG QA . 36.00 -4.91 65.40
O6 NAG QA . 35.92 -1.28 65.55
O7 NAG QA . 38.17 -8.71 66.16
C1 NAG RA . 9.60 -26.90 64.73
C2 NAG RA . 9.60 -27.46 66.15
C3 NAG RA . 8.38 -28.34 66.39
C4 NAG RA . 7.11 -27.58 66.04
C5 NAG RA . 7.19 -27.08 64.61
C6 NAG RA . 6.00 -26.26 64.19
C7 NAG RA . 11.79 -27.77 67.22
C8 NAG RA . 12.97 -28.67 67.37
N2 NAG RA . 10.83 -28.21 66.41
O3 NAG RA . 8.35 -28.72 67.76
O4 NAG RA . 5.98 -28.44 66.18
O5 NAG RA . 8.35 -26.24 64.47
O6 NAG RA . 4.79 -26.95 64.45
O7 NAG RA . 11.71 -26.70 67.80
C1 NAG SA . -4.03 -38.54 52.83
C2 NAG SA . -4.83 -39.64 53.53
C3 NAG SA . -6.24 -39.73 52.97
C4 NAG SA . -6.91 -38.37 52.99
C5 NAG SA . -6.02 -37.33 52.30
C6 NAG SA . -6.58 -35.93 52.39
C7 NAG SA . -3.29 -41.37 54.34
C8 NAG SA . -2.69 -42.71 54.07
N2 NAG SA . -4.15 -40.92 53.42
O3 NAG SA . -7.00 -40.66 53.73
O4 NAG SA . -8.17 -38.43 52.34
O5 NAG SA . -4.74 -37.30 52.92
O6 NAG SA . -5.55 -34.99 52.66
O7 NAG SA . -3.01 -40.72 55.35
C1 NAG TA . 19.75 -12.36 68.23
C2 NAG TA . 20.28 -10.93 68.26
C3 NAG TA . 19.24 -9.97 67.71
C4 NAG TA . 18.78 -10.42 66.33
C5 NAG TA . 18.30 -11.86 66.37
C6 NAG TA . 17.95 -12.42 65.01
C7 NAG TA . 21.90 -10.71 70.10
C8 NAG TA . 22.12 -10.25 71.51
N2 NAG TA . 20.67 -10.55 69.61
O3 NAG TA . 19.79 -8.66 67.64
O4 NAG TA . 17.72 -9.58 65.87
O5 NAG TA . 19.35 -12.71 66.90
O6 NAG TA . 19.00 -12.23 64.08
O7 NAG TA . 22.80 -11.21 69.43
C1 NAG UA . 25.89 -24.38 76.94
C2 NAG UA . 25.46 -24.17 78.39
C3 NAG UA . 26.08 -25.25 79.27
C4 NAG UA . 25.74 -26.63 78.75
C5 NAG UA . 26.13 -26.75 77.28
C6 NAG UA . 25.68 -28.05 76.66
C7 NAG UA . 24.94 -21.87 79.04
C8 NAG UA . 25.49 -20.57 79.52
N2 NAG UA . 25.83 -22.84 78.85
O3 NAG UA . 25.59 -25.10 80.61
O4 NAG UA . 26.43 -27.62 79.50
O5 NAG UA . 25.51 -25.69 76.51
O6 NAG UA . 24.48 -28.53 77.25
O7 NAG UA . 23.74 -22.03 78.81
C1 NAG VA . 46.21 -18.99 74.41
C2 NAG VA . 46.32 -17.47 74.47
C3 NAG VA . 47.77 -17.03 74.28
C4 NAG VA . 48.68 -17.75 75.25
C5 NAG VA . 48.48 -19.26 75.15
C6 NAG VA . 49.27 -20.04 76.17
C7 NAG VA . 44.23 -16.41 73.76
C8 NAG VA . 43.47 -15.79 72.62
N2 NAG VA . 45.46 -16.85 73.48
O3 NAG VA . 47.86 -15.62 74.46
O4 NAG VA . 50.04 -17.43 74.99
O5 NAG VA . 47.10 -19.58 75.35
O6 NAG VA . 48.67 -21.30 76.43
O7 NAG VA . 43.73 -16.51 74.87
C1 NAG WA . -30.20 18.68 37.46
C2 NAG WA . -30.96 19.10 38.73
C3 NAG WA . -29.99 19.60 39.80
C4 NAG WA . -28.90 18.57 40.05
C5 NAG WA . -28.23 18.16 38.74
C6 NAG WA . -27.23 17.05 38.91
C7 NAG WA . -31.72 21.32 37.92
C8 NAG WA . -32.90 22.19 37.69
N2 NAG WA . -31.97 20.10 38.43
O3 NAG WA . -30.71 19.86 41.00
O4 NAG WA . -27.93 19.10 40.94
O5 NAG WA . -29.21 17.70 37.80
O6 NAG WA . -27.86 15.85 39.36
O7 NAG WA . -30.58 21.69 37.64
C1 NAG XA . -62.91 3.26 19.94
C2 NAG XA . -62.28 3.16 18.55
C3 NAG XA . -62.77 1.91 17.82
C4 NAG XA . -64.26 1.67 18.06
C5 NAG XA . -64.59 1.65 19.55
C6 NAG XA . -65.07 0.30 20.03
C7 NAG XA . -62.03 4.63 16.59
C8 NAG XA . -62.47 5.91 15.94
N2 NAG XA . -62.59 4.36 17.78
O3 NAG XA . -62.03 0.79 18.26
O4 NAG XA . -65.03 2.70 17.43
O5 NAG XA . -63.42 1.97 20.31
O6 NAG XA . -65.56 -0.48 18.94
O7 NAG XA . -61.22 3.88 16.06
C1 NAG YA . -34.61 -18.44 31.62
C2 NAG YA . -34.39 -18.06 33.07
C3 NAG YA . -34.39 -19.31 33.95
C4 NAG YA . -35.64 -20.12 33.72
C5 NAG YA . -35.82 -20.40 32.23
C6 NAG YA . -37.13 -21.10 31.91
C7 NAG YA . -33.13 -16.01 33.58
C8 NAG YA . -31.76 -15.39 33.71
N2 NAG YA . -33.15 -17.30 33.25
O3 NAG YA . -34.29 -18.92 35.32
O4 NAG YA . -35.57 -21.35 34.42
O5 NAG YA . -35.82 -19.17 31.49
O6 NAG YA . -38.16 -20.71 32.81
O7 NAG YA . -34.15 -15.37 33.76
#